data_7TBA
#
_entry.id   7TBA
#
_cell.length_a   72.568
_cell.length_b   98.172
_cell.length_c   160.400
_cell.angle_alpha   89.080
_cell.angle_beta   89.760
_cell.angle_gamma   87.480
#
_symmetry.space_group_name_H-M   'P 1'
#
loop_
_entity.id
_entity.type
_entity.pdbx_description
1 polymer 'C-reactive protein'
2 non-polymer '[3-(dibutylamino)propyl]phosphonic acid'
3 non-polymer 'CALCIUM ION'
#
_entity_poly.entity_id   1
_entity_poly.type   'polypeptide(L)'
_entity_poly.pdbx_seq_one_letter_code
;QTDMSRKAFVFPKESDTSYVSLKAPLTKPLKAFTVCLHFYTELSSTRGYSIFSYATKRQDNEILIFWSKDIGYSFTVGGS
EILFEVPEVTVAPVHICTSWESASGIVEFWVDGKPRVRKSLKKGYTVGAEASIILGQEQDSFGGNFEGSQSLVGDIGNVN
MWDFVLSPDEINTIYLGGPFSPNVLNWRALKYEVQGEVFTKPQLWP
;
_entity_poly.pdbx_strand_id   A,B,C,D,E,F,G,H,I,J,K,L,M,N,O,P,Q,R,S,T
#
# COMPACT_ATOMS: atom_id res chain seq x y z
N GLN A 1 -73.19 51.08 39.90
CA GLN A 1 -72.07 50.12 40.11
C GLN A 1 -71.67 49.48 38.78
N THR A 2 -70.37 49.53 38.48
CA THR A 2 -69.85 48.90 37.27
C THR A 2 -68.57 48.16 37.63
N ASP A 3 -68.47 46.92 37.16
CA ASP A 3 -67.26 46.13 37.34
C ASP A 3 -66.26 46.53 36.27
N MET A 4 -65.16 47.15 36.68
CA MET A 4 -64.16 47.67 35.77
C MET A 4 -62.94 46.78 35.66
N SER A 5 -63.09 45.49 35.99
CA SER A 5 -61.97 44.56 35.92
C SER A 5 -61.39 44.51 34.51
N ARG A 6 -60.06 44.51 34.44
CA ARG A 6 -59.25 44.38 33.23
C ARG A 6 -59.38 45.58 32.29
N LYS A 7 -60.16 46.59 32.62
CA LYS A 7 -60.25 47.80 31.81
C LYS A 7 -59.68 48.97 32.61
N ALA A 8 -59.32 50.04 31.90
CA ALA A 8 -58.63 51.15 32.52
C ALA A 8 -59.00 52.45 31.80
N PHE A 9 -58.93 53.54 32.56
CA PHE A 9 -59.14 54.88 32.02
C PHE A 9 -57.87 55.39 31.35
N VAL A 10 -58.03 55.98 30.17
CA VAL A 10 -56.91 56.52 29.40
C VAL A 10 -57.19 57.99 29.08
N PHE A 11 -56.24 58.86 29.44
CA PHE A 11 -56.28 60.28 29.10
C PHE A 11 -55.27 60.51 27.98
N PRO A 12 -55.69 60.47 26.72
CA PRO A 12 -54.69 60.41 25.63
C PRO A 12 -53.78 61.62 25.57
N LYS A 13 -54.33 62.83 25.54
CA LYS A 13 -53.55 64.03 25.33
C LYS A 13 -53.81 65.04 26.44
N GLU A 14 -52.85 65.95 26.63
CA GLU A 14 -53.00 67.00 27.63
C GLU A 14 -54.26 67.79 27.36
N SER A 15 -55.01 68.06 28.42
CA SER A 15 -56.26 68.78 28.30
C SER A 15 -56.58 69.42 29.64
N ASP A 16 -57.55 70.34 29.62
CA ASP A 16 -58.01 71.03 30.80
C ASP A 16 -59.37 70.55 31.29
N THR A 17 -60.09 69.76 30.47
CA THR A 17 -61.49 69.46 30.72
C THR A 17 -61.78 67.97 30.71
N SER A 18 -60.76 67.14 30.84
CA SER A 18 -60.91 65.68 30.85
C SER A 18 -60.69 65.16 32.26
N TYR A 19 -61.61 64.33 32.74
CA TYR A 19 -61.54 63.80 34.10
C TYR A 19 -62.70 62.84 34.33
N VAL A 20 -62.53 61.91 35.27
CA VAL A 20 -63.61 61.07 35.73
C VAL A 20 -63.82 61.34 37.21
N SER A 21 -65.08 61.29 37.64
CA SER A 21 -65.47 61.60 39.00
C SER A 21 -65.91 60.30 39.68
N LEU A 22 -65.15 59.88 40.68
CA LEU A 22 -65.50 58.70 41.46
C LEU A 22 -66.45 59.10 42.59
N LYS A 23 -67.50 58.30 42.78
CA LYS A 23 -68.53 58.58 43.76
C LYS A 23 -68.41 57.59 44.91
N ALA A 24 -68.36 58.11 46.14
CA ALA A 24 -68.11 57.29 47.31
C ALA A 24 -69.26 57.40 48.30
N PRO A 25 -69.74 56.28 48.87
CA PRO A 25 -70.83 56.27 49.85
C PRO A 25 -70.37 56.57 51.29
N LEU A 26 -69.80 57.75 51.49
CA LEU A 26 -69.21 58.07 52.79
C LEU A 26 -70.26 58.67 53.72
N THR A 27 -70.15 58.32 55.01
CA THR A 27 -71.03 58.83 56.05
C THR A 27 -70.28 59.29 57.29
N LYS A 28 -69.22 58.58 57.68
CA LYS A 28 -68.39 59.01 58.79
C LYS A 28 -67.11 59.62 58.28
N PRO A 29 -66.56 60.62 58.97
CA PRO A 29 -65.24 61.13 58.57
C PRO A 29 -64.18 60.06 58.78
N LEU A 30 -63.11 60.15 57.97
CA LEU A 30 -62.07 59.14 57.96
C LEU A 30 -61.04 59.45 59.04
N LYS A 31 -60.80 58.49 59.93
CA LYS A 31 -59.70 58.56 60.87
C LYS A 31 -58.44 57.86 60.35
N ALA A 32 -58.52 57.27 59.15
CA ALA A 32 -57.43 56.55 58.51
C ALA A 32 -57.98 56.00 57.21
N PHE A 33 -57.08 55.68 56.27
CA PHE A 33 -57.49 55.16 54.98
C PHE A 33 -56.28 54.51 54.29
N THR A 34 -56.55 53.91 53.13
CA THR A 34 -55.51 53.31 52.30
C THR A 34 -55.97 53.38 50.84
N VAL A 35 -55.07 53.85 49.97
CA VAL A 35 -55.38 54.04 48.56
C VAL A 35 -54.36 53.28 47.73
N CYS A 36 -54.84 52.52 46.75
CA CYS A 36 -54.00 51.76 45.84
C CYS A 36 -54.48 51.98 44.42
N LEU A 37 -53.55 51.95 43.47
CA LEU A 37 -53.92 52.18 42.07
C LEU A 37 -52.74 51.88 41.16
N HIS A 38 -53.04 51.75 39.87
CA HIS A 38 -52.05 51.62 38.81
C HIS A 38 -52.08 52.87 37.94
N PHE A 39 -50.94 53.20 37.34
CA PHE A 39 -50.91 54.27 36.36
C PHE A 39 -49.63 54.17 35.54
N TYR A 40 -49.65 54.83 34.37
CA TYR A 40 -48.58 54.73 33.39
C TYR A 40 -48.52 56.02 32.59
N THR A 41 -47.37 56.68 32.61
CA THR A 41 -47.22 57.94 31.87
C THR A 41 -45.75 58.23 31.66
N GLU A 42 -45.46 58.97 30.58
CA GLU A 42 -44.11 59.44 30.27
C GLU A 42 -43.82 60.84 30.80
N LEU A 43 -44.83 61.52 31.35
CA LEU A 43 -44.66 62.91 31.74
C LEU A 43 -43.59 63.08 32.81
N SER A 44 -43.31 62.04 33.60
CA SER A 44 -42.48 62.18 34.78
C SER A 44 -41.14 62.85 34.49
N SER A 45 -40.67 62.83 33.23
CA SER A 45 -39.43 63.49 32.86
C SER A 45 -39.63 64.89 32.33
N THR A 46 -40.88 65.26 31.99
CA THR A 46 -41.19 66.57 31.44
C THR A 46 -41.75 67.53 32.49
N ARG A 47 -42.76 67.11 33.25
CA ARG A 47 -43.37 67.96 34.26
C ARG A 47 -43.95 67.08 35.35
N GLY A 48 -44.72 67.69 36.25
CA GLY A 48 -45.46 66.97 37.27
C GLY A 48 -46.93 66.86 36.91
N TYR A 49 -47.63 66.02 37.67
CA TYR A 49 -49.03 65.76 37.38
C TYR A 49 -49.74 65.28 38.64
N SER A 50 -51.07 65.40 38.60
CA SER A 50 -51.92 64.91 39.68
C SER A 50 -52.29 63.46 39.39
N ILE A 51 -52.17 62.62 40.40
CA ILE A 51 -52.46 61.19 40.27
C ILE A 51 -53.81 60.85 40.89
N PHE A 52 -54.15 61.47 42.01
CA PHE A 52 -55.37 61.14 42.74
C PHE A 52 -55.75 62.35 43.58
N SER A 53 -56.86 63.00 43.24
CA SER A 53 -57.28 64.26 43.86
C SER A 53 -58.55 64.04 44.65
N TYR A 54 -58.46 64.20 45.97
CA TYR A 54 -59.57 64.06 46.90
C TYR A 54 -59.73 65.39 47.62
N ALA A 55 -60.80 66.12 47.30
CA ALA A 55 -60.98 67.49 47.75
C ALA A 55 -62.23 67.62 48.60
N THR A 56 -62.22 68.66 49.44
CA THR A 56 -63.37 69.02 50.26
C THR A 56 -63.70 70.48 50.03
N LYS A 57 -64.92 70.87 50.40
CA LYS A 57 -65.34 72.25 50.21
C LYS A 57 -64.41 73.21 50.94
N ARG A 58 -63.87 72.78 52.08
CA ARG A 58 -63.00 73.63 52.88
C ARG A 58 -61.52 73.43 52.57
N GLN A 59 -61.15 72.35 51.91
CA GLN A 59 -59.74 72.03 51.71
C GLN A 59 -59.60 71.36 50.35
N ASP A 60 -59.01 72.06 49.39
CA ASP A 60 -58.85 71.53 48.04
C ASP A 60 -57.84 70.39 47.98
N ASN A 61 -57.05 70.17 49.02
CA ASN A 61 -56.05 69.11 49.06
C ASN A 61 -56.25 68.24 50.30
N GLU A 62 -57.47 67.75 50.49
CA GLU A 62 -57.76 66.92 51.66
C GLU A 62 -56.87 65.68 51.68
N ILE A 63 -56.76 65.00 50.54
CA ILE A 63 -55.69 64.02 50.35
C ILE A 63 -55.36 63.95 48.85
N LEU A 64 -54.09 64.19 48.52
CA LEU A 64 -53.65 64.31 47.13
C LEU A 64 -52.36 63.52 46.96
N ILE A 65 -52.30 62.73 45.89
CA ILE A 65 -51.10 62.03 45.48
C ILE A 65 -50.60 62.70 44.20
N PHE A 66 -49.35 63.16 44.21
CA PHE A 66 -48.82 64.04 43.18
C PHE A 66 -47.39 63.65 42.86
N TRP A 67 -47.04 63.74 41.58
CA TRP A 67 -45.67 63.55 41.12
C TRP A 67 -45.08 64.90 40.78
N SER A 68 -44.05 65.32 41.51
CA SER A 68 -43.32 66.55 41.23
C SER A 68 -42.04 66.19 40.49
N LYS A 69 -41.88 66.73 39.29
CA LYS A 69 -40.72 66.42 38.47
C LYS A 69 -39.42 66.66 39.25
N ASP A 70 -38.44 65.80 39.00
CA ASP A 70 -37.07 65.92 39.51
C ASP A 70 -36.98 65.72 41.02
N ILE A 71 -38.10 65.54 41.71
CA ILE A 71 -38.13 65.40 43.16
C ILE A 71 -38.59 63.99 43.55
N GLY A 72 -39.75 63.57 43.05
CA GLY A 72 -40.29 62.26 43.39
C GLY A 72 -41.78 62.30 43.64
N TYR A 73 -42.25 61.47 44.58
CA TYR A 73 -43.67 61.40 44.90
C TYR A 73 -44.02 62.41 45.97
N SER A 74 -45.13 63.13 45.77
CA SER A 74 -45.62 64.11 46.72
C SER A 74 -46.94 63.61 47.31
N PHE A 75 -47.01 63.55 48.63
CA PHE A 75 -48.15 63.00 49.35
C PHE A 75 -48.58 64.02 50.40
N THR A 76 -49.77 64.59 50.22
CA THR A 76 -50.29 65.63 51.11
C THR A 76 -51.71 65.26 51.53
N VAL A 77 -51.96 65.30 52.84
CA VAL A 77 -53.29 65.10 53.41
C VAL A 77 -53.61 66.31 54.28
N GLY A 78 -54.80 66.88 54.08
CA GLY A 78 -55.20 68.04 54.86
C GLY A 78 -54.38 69.29 54.59
N GLY A 79 -53.77 69.39 53.41
CA GLY A 79 -53.00 70.57 53.03
C GLY A 79 -51.54 70.52 53.38
N SER A 80 -51.10 69.58 54.21
CA SER A 80 -49.71 69.46 54.61
C SER A 80 -49.03 68.38 53.79
N GLU A 81 -47.83 68.67 53.29
CA GLU A 81 -47.15 67.83 52.31
C GLU A 81 -46.00 67.06 52.95
N ILE A 82 -45.79 65.85 52.43
CA ILE A 82 -44.61 65.04 52.74
C ILE A 82 -44.11 64.44 51.45
N LEU A 83 -42.79 64.22 51.36
CA LEU A 83 -42.14 63.81 50.13
C LEU A 83 -41.53 62.42 50.28
N PHE A 84 -41.60 61.65 49.21
CA PHE A 84 -40.86 60.40 49.06
C PHE A 84 -39.97 60.57 47.84
N GLU A 85 -38.70 60.91 48.06
CA GLU A 85 -37.81 61.24 46.97
C GLU A 85 -37.56 60.02 46.08
N VAL A 86 -37.42 60.28 44.79
CA VAL A 86 -37.11 59.24 43.81
C VAL A 86 -36.09 59.80 42.84
N PRO A 87 -34.85 59.28 42.80
CA PRO A 87 -33.84 59.87 41.93
C PRO A 87 -33.93 59.37 40.49
N GLU A 88 -33.84 58.06 40.29
CA GLU A 88 -33.92 57.47 38.96
C GLU A 88 -35.39 57.22 38.62
N VAL A 89 -35.80 57.64 37.43
CA VAL A 89 -37.17 57.48 36.95
C VAL A 89 -37.12 56.69 35.65
N THR A 90 -37.75 55.52 35.66
CA THR A 90 -37.86 54.67 34.49
C THR A 90 -39.32 54.57 34.06
N VAL A 91 -39.56 54.70 32.76
CA VAL A 91 -40.92 54.73 32.23
C VAL A 91 -41.46 53.31 32.16
N ALA A 92 -42.49 53.04 32.94
CA ALA A 92 -43.20 51.76 32.91
C ALA A 92 -44.44 51.88 33.79
N PRO A 93 -45.39 50.96 33.64
CA PRO A 93 -46.53 50.94 34.58
C PRO A 93 -46.03 50.77 36.01
N VAL A 94 -46.74 51.41 36.94
CA VAL A 94 -46.35 51.40 38.35
C VAL A 94 -47.60 51.23 39.20
N HIS A 95 -47.42 50.56 40.35
CA HIS A 95 -48.48 50.32 41.30
C HIS A 95 -48.09 50.95 42.63
N ILE A 96 -48.94 51.85 43.13
CA ILE A 96 -48.68 52.56 44.38
C ILE A 96 -49.77 52.20 45.38
N CYS A 97 -49.38 52.03 46.63
CA CYS A 97 -50.31 51.91 47.75
C CYS A 97 -49.84 52.88 48.83
N THR A 98 -50.78 53.62 49.40
CA THR A 98 -50.44 54.62 50.41
C THR A 98 -51.56 54.67 51.45
N SER A 99 -51.16 54.74 52.72
CA SER A 99 -52.10 54.72 53.82
C SER A 99 -51.75 55.81 54.82
N TRP A 100 -52.74 56.23 55.59
CA TRP A 100 -52.57 57.25 56.61
C TRP A 100 -53.41 56.89 57.83
N GLU A 101 -52.87 57.17 59.01
CA GLU A 101 -53.57 56.92 60.27
C GLU A 101 -53.50 58.18 61.14
N SER A 102 -54.63 58.55 61.73
CA SER A 102 -54.69 59.76 62.54
C SER A 102 -54.02 59.57 63.90
N ALA A 103 -54.35 58.48 64.60
CA ALA A 103 -53.86 58.29 65.96
C ALA A 103 -52.34 58.37 66.05
N SER A 104 -51.64 58.04 64.96
CA SER A 104 -50.18 58.00 64.94
C SER A 104 -49.54 58.94 63.93
N GLY A 105 -50.30 59.43 62.94
CA GLY A 105 -49.72 60.21 61.87
C GLY A 105 -48.86 59.42 60.91
N ILE A 106 -48.72 58.12 61.12
CA ILE A 106 -47.86 57.29 60.27
C ILE A 106 -48.48 57.20 58.88
N VAL A 107 -47.64 57.39 57.86
CA VAL A 107 -48.03 57.18 56.47
C VAL A 107 -47.09 56.16 55.87
N GLU A 108 -47.65 55.17 55.18
CA GLU A 108 -46.88 54.18 54.45
C GLU A 108 -47.02 54.45 52.96
N PHE A 109 -45.95 54.18 52.22
CA PHE A 109 -45.94 54.35 50.77
C PHE A 109 -45.27 53.13 50.16
N TRP A 110 -46.06 52.32 49.45
CA TRP A 110 -45.58 51.12 48.79
C TRP A 110 -45.53 51.38 47.28
N VAL A 111 -44.42 51.00 46.65
CA VAL A 111 -44.25 51.12 45.21
C VAL A 111 -43.95 49.74 44.66
N ASP A 112 -44.82 49.25 43.78
CA ASP A 112 -44.68 47.92 43.19
C ASP A 112 -44.42 46.87 44.27
N GLY A 113 -45.21 46.94 45.34
CA GLY A 113 -45.17 45.96 46.41
C GLY A 113 -44.00 46.07 47.36
N LYS A 114 -43.17 47.09 47.23
CA LYS A 114 -42.02 47.28 48.11
C LYS A 114 -42.21 48.54 48.94
N PRO A 115 -42.05 48.48 50.25
CA PRO A 115 -42.43 49.62 51.10
C PRO A 115 -41.33 50.66 51.23
N ARG A 116 -41.74 51.91 51.29
CA ARG A 116 -40.86 52.99 51.67
C ARG A 116 -40.93 53.20 53.17
N VAL A 117 -39.92 53.90 53.71
CA VAL A 117 -39.89 54.11 55.15
C VAL A 117 -41.15 54.85 55.59
N ARG A 118 -41.40 54.80 56.89
CA ARG A 118 -42.61 55.40 57.46
C ARG A 118 -42.32 56.83 57.91
N LYS A 119 -43.26 57.73 57.64
CA LYS A 119 -43.13 59.14 57.97
C LYS A 119 -44.41 59.60 58.66
N SER A 120 -44.35 60.80 59.24
CA SER A 120 -45.47 61.38 59.97
C SER A 120 -46.19 62.43 59.13
N LEU A 121 -47.49 62.59 59.41
CA LEU A 121 -48.27 63.62 58.74
C LEU A 121 -49.64 63.78 59.38
N LYS A 122 -49.94 64.99 59.86
CA LYS A 122 -51.25 65.36 60.38
C LYS A 122 -51.78 64.35 61.39
N LYS A 123 -51.06 64.20 62.50
CA LYS A 123 -51.53 63.38 63.60
C LYS A 123 -52.73 64.04 64.27
N GLY A 124 -53.79 63.26 64.48
CA GLY A 124 -54.99 63.76 65.12
C GLY A 124 -55.98 64.41 64.20
N TYR A 125 -55.66 64.54 62.91
CA TYR A 125 -56.57 65.14 61.95
C TYR A 125 -57.81 64.26 61.75
N THR A 126 -58.80 64.80 61.06
CA THR A 126 -60.03 64.09 60.72
C THR A 126 -60.41 64.49 59.31
N VAL A 127 -60.38 63.53 58.39
CA VAL A 127 -60.61 63.80 56.97
C VAL A 127 -62.11 63.95 56.73
N GLY A 128 -62.47 64.90 55.87
CA GLY A 128 -63.88 65.13 55.58
C GLY A 128 -64.49 63.99 54.79
N ALA A 129 -65.79 63.79 55.00
CA ALA A 129 -66.52 62.71 54.36
C ALA A 129 -67.17 63.15 53.05
N GLU A 130 -67.69 64.37 53.00
CA GLU A 130 -68.34 64.91 51.80
C GLU A 130 -67.26 65.45 50.85
N ALA A 131 -66.72 64.56 50.04
CA ALA A 131 -65.58 64.87 49.19
C ALA A 131 -65.95 64.77 47.71
N SER A 132 -65.03 65.24 46.87
CA SER A 132 -65.11 65.10 45.43
C SER A 132 -63.84 64.44 44.94
N ILE A 133 -63.95 63.27 44.34
CA ILE A 133 -62.80 62.48 43.91
C ILE A 133 -62.69 62.56 42.40
N ILE A 134 -61.52 62.97 41.91
CA ILE A 134 -61.30 63.24 40.50
C ILE A 134 -60.02 62.58 40.04
N LEU A 135 -60.05 62.02 38.83
CA LEU A 135 -58.89 61.39 38.21
C LEU A 135 -58.56 62.12 36.91
N GLY A 136 -57.27 62.39 36.69
CA GLY A 136 -56.82 63.04 35.49
C GLY A 136 -56.67 64.53 35.59
N GLN A 137 -57.04 65.13 36.71
CA GLN A 137 -56.94 66.57 36.90
C GLN A 137 -56.67 66.86 38.36
N GLU A 138 -56.14 68.05 38.62
CA GLU A 138 -55.90 68.51 39.98
C GLU A 138 -57.00 69.50 40.37
N GLN A 139 -57.57 69.31 41.55
CA GLN A 139 -58.67 70.13 42.03
C GLN A 139 -58.14 71.32 42.81
N ASP A 140 -58.59 72.52 42.45
CA ASP A 140 -58.37 73.71 43.25
C ASP A 140 -59.62 74.12 44.03
N SER A 141 -60.77 73.59 43.65
CA SER A 141 -62.02 73.82 44.35
C SER A 141 -62.85 72.55 44.25
N PHE A 142 -63.98 72.53 44.95
CA PHE A 142 -64.85 71.36 44.94
C PHE A 142 -65.22 70.97 43.51
N GLY A 143 -64.54 69.96 42.98
CA GLY A 143 -64.88 69.43 41.66
C GLY A 143 -64.67 70.40 40.52
N GLY A 144 -63.73 71.34 40.64
CA GLY A 144 -63.53 72.31 39.59
C GLY A 144 -62.18 73.00 39.70
N ASN A 145 -61.99 73.98 38.81
CA ASN A 145 -60.77 74.78 38.73
C ASN A 145 -59.56 73.87 38.48
N PHE A 146 -59.50 73.35 37.26
CA PHE A 146 -58.42 72.47 36.85
C PHE A 146 -57.32 73.27 36.18
N GLU A 147 -56.07 72.89 36.46
CA GLU A 147 -54.91 73.44 35.77
C GLU A 147 -54.45 72.44 34.72
N GLY A 148 -54.32 72.89 33.48
CA GLY A 148 -53.91 72.00 32.41
C GLY A 148 -52.50 71.48 32.57
N SER A 149 -51.63 72.27 33.20
CA SER A 149 -50.26 71.85 33.43
C SER A 149 -50.14 70.81 34.53
N GLN A 150 -51.23 70.51 35.25
CA GLN A 150 -51.26 69.43 36.23
C GLN A 150 -52.02 68.22 35.71
N SER A 151 -52.39 68.20 34.43
CA SER A 151 -53.11 67.08 33.87
C SER A 151 -52.27 65.80 33.96
N LEU A 152 -52.96 64.67 34.00
CA LEU A 152 -52.33 63.35 33.89
C LEU A 152 -52.63 62.83 32.49
N VAL A 153 -51.57 62.51 31.74
CA VAL A 153 -51.68 62.02 30.37
C VAL A 153 -51.15 60.60 30.34
N GLY A 154 -52.05 59.64 30.21
CA GLY A 154 -51.67 58.24 30.14
C GLY A 154 -52.81 57.38 30.66
N ASP A 155 -52.43 56.23 31.23
CA ASP A 155 -53.38 55.24 31.71
C ASP A 155 -53.44 55.30 33.23
N ILE A 156 -54.65 55.11 33.76
CA ILE A 156 -54.84 54.98 35.21
C ILE A 156 -55.97 54.01 35.45
N GLY A 157 -55.81 53.17 36.46
CA GLY A 157 -56.83 52.18 36.77
C GLY A 157 -56.50 51.45 38.04
N ASN A 158 -57.34 50.48 38.37
CA ASN A 158 -57.16 49.62 39.53
C ASN A 158 -57.18 50.42 40.82
N VAL A 159 -57.91 51.53 40.84
CA VAL A 159 -57.97 52.37 42.03
C VAL A 159 -58.92 51.72 43.02
N ASN A 160 -58.49 51.61 44.27
CA ASN A 160 -59.28 51.02 45.33
C ASN A 160 -58.96 51.74 46.62
N MET A 161 -59.98 51.99 47.44
CA MET A 161 -59.81 52.75 48.66
C MET A 161 -60.49 52.04 49.82
N TRP A 162 -59.78 51.96 50.95
CA TRP A 162 -60.31 51.43 52.20
C TRP A 162 -60.46 52.57 53.20
N ASP A 163 -61.07 52.25 54.34
CA ASP A 163 -61.20 53.20 55.44
C ASP A 163 -60.40 52.77 56.67
N PHE A 164 -59.45 51.85 56.50
CA PHE A 164 -58.52 51.46 57.55
C PHE A 164 -57.14 51.30 56.91
N VAL A 165 -56.19 50.80 57.70
CA VAL A 165 -54.80 50.66 57.25
C VAL A 165 -54.54 49.19 56.93
N LEU A 166 -54.02 48.93 55.73
CA LEU A 166 -53.73 47.57 55.30
C LEU A 166 -52.37 47.13 55.83
N SER A 167 -52.31 45.88 56.29
CA SER A 167 -51.07 45.32 56.80
C SER A 167 -50.14 44.93 55.65
N PRO A 168 -48.85 44.78 55.92
CA PRO A 168 -47.93 44.30 54.87
C PRO A 168 -48.45 43.07 54.14
N ASP A 169 -48.97 42.08 54.87
CA ASP A 169 -49.47 40.87 54.22
C ASP A 169 -50.62 41.19 53.29
N GLU A 170 -51.48 42.12 53.69
CA GLU A 170 -52.61 42.49 52.85
C GLU A 170 -52.16 43.23 51.61
N ILE A 171 -51.27 44.22 51.77
CA ILE A 171 -50.76 44.96 50.61
C ILE A 171 -50.23 44.01 49.55
N ASN A 172 -49.57 42.93 49.97
CA ASN A 172 -49.01 41.99 49.01
C ASN A 172 -50.08 41.42 48.11
N THR A 173 -51.18 40.92 48.69
CA THR A 173 -52.24 40.33 47.89
C THR A 173 -52.86 41.37 46.95
N ILE A 174 -52.97 42.62 47.40
CA ILE A 174 -53.51 43.67 46.53
C ILE A 174 -52.62 43.84 45.31
N TYR A 175 -51.30 43.86 45.52
CA TYR A 175 -50.37 44.02 44.41
C TYR A 175 -50.40 42.82 43.48
N LEU A 176 -50.45 41.61 44.05
CA LEU A 176 -50.36 40.41 43.23
C LEU A 176 -51.63 40.16 42.44
N GLY A 177 -52.73 40.78 42.82
CA GLY A 177 -53.97 40.65 42.11
C GLY A 177 -54.95 39.69 42.75
N GLY A 178 -54.92 39.57 44.07
CA GLY A 178 -55.74 38.61 44.78
C GLY A 178 -57.04 39.22 45.24
N PRO A 179 -57.95 38.38 45.75
CA PRO A 179 -59.27 38.89 46.13
C PRO A 179 -59.20 39.80 47.35
N PHE A 180 -59.57 41.07 47.15
CA PHE A 180 -59.63 42.06 48.21
C PHE A 180 -60.98 42.74 48.17
N SER A 181 -61.47 43.18 49.33
CA SER A 181 -62.77 43.83 49.44
C SER A 181 -62.62 45.25 49.95
N PRO A 182 -62.56 46.24 49.07
CA PRO A 182 -62.58 47.63 49.52
C PRO A 182 -63.95 48.00 50.08
N ASN A 183 -63.96 49.00 50.97
CA ASN A 183 -65.20 49.48 51.56
C ASN A 183 -65.40 50.98 51.36
N VAL A 184 -64.64 51.59 50.46
CA VAL A 184 -64.83 53.00 50.11
C VAL A 184 -64.95 53.10 48.59
N LEU A 185 -63.89 52.72 47.88
CA LEU A 185 -63.88 52.69 46.42
C LEU A 185 -63.51 51.29 45.97
N ASN A 186 -64.29 50.74 45.04
CA ASN A 186 -64.10 49.37 44.56
C ASN A 186 -64.08 49.38 43.04
N TRP A 187 -62.96 48.95 42.47
CA TRP A 187 -62.85 48.88 41.02
C TRP A 187 -63.92 47.98 40.41
N ARG A 188 -64.23 46.86 41.07
CA ARG A 188 -65.22 45.93 40.54
C ARG A 188 -66.66 46.36 40.80
N ALA A 189 -66.88 47.51 41.41
CA ALA A 189 -68.20 48.03 41.65
C ALA A 189 -68.10 49.55 41.74
N LEU A 190 -67.66 50.16 40.63
CA LEU A 190 -67.33 51.57 40.60
C LEU A 190 -68.54 52.38 40.14
N LYS A 191 -68.93 53.36 40.94
CA LYS A 191 -69.91 54.36 40.56
C LYS A 191 -69.11 55.60 40.19
N TYR A 192 -68.99 55.86 38.88
CA TYR A 192 -68.15 56.94 38.38
C TYR A 192 -68.94 57.77 37.36
N GLU A 193 -68.31 58.83 36.89
CA GLU A 193 -68.94 59.76 35.95
C GLU A 193 -67.86 60.32 35.04
N VAL A 194 -68.00 60.09 33.75
CA VAL A 194 -67.00 60.50 32.77
C VAL A 194 -67.35 61.88 32.25
N GLN A 195 -66.31 62.67 31.94
CA GLN A 195 -66.50 63.99 31.37
C GLN A 195 -65.28 64.31 30.52
N GLY A 196 -65.53 64.78 29.29
CA GLY A 196 -64.45 65.16 28.40
C GLY A 196 -63.91 64.00 27.58
N GLU A 197 -62.69 64.20 27.09
CA GLU A 197 -62.03 63.23 26.22
C GLU A 197 -61.30 62.22 27.09
N VAL A 198 -62.03 61.19 27.51
CA VAL A 198 -61.46 60.07 28.25
C VAL A 198 -62.13 58.81 27.73
N PHE A 199 -61.36 57.72 27.70
CA PHE A 199 -61.83 56.48 27.09
C PHE A 199 -61.58 55.33 28.06
N THR A 200 -62.31 54.24 27.81
CA THR A 200 -62.21 53.02 28.60
C THR A 200 -61.71 51.92 27.68
N LYS A 201 -60.50 51.45 27.93
CA LYS A 201 -59.85 50.45 27.08
C LYS A 201 -59.22 49.40 27.97
N PRO A 202 -58.89 48.23 27.41
CA PRO A 202 -58.24 47.19 28.22
C PRO A 202 -56.93 47.69 28.80
N GLN A 203 -56.63 47.23 30.01
CA GLN A 203 -55.44 47.69 30.70
C GLN A 203 -54.19 47.08 30.05
N LEU A 204 -53.09 47.81 30.15
CA LEU A 204 -51.84 47.42 29.52
C LEU A 204 -51.00 46.52 30.41
N TRP A 205 -51.06 46.75 31.73
CA TRP A 205 -50.33 45.96 32.70
C TRP A 205 -51.03 44.64 32.97
N PRO A 206 -50.31 43.65 33.51
CA PRO A 206 -50.96 42.37 33.86
C PRO A 206 -51.87 42.50 35.08
N GLN B 1 -50.23 34.00 -3.44
CA GLN B 1 -50.09 33.54 -2.02
C GLN B 1 -48.79 32.78 -1.81
N THR B 2 -48.00 33.22 -0.83
CA THR B 2 -46.75 32.54 -0.48
C THR B 2 -46.65 32.43 1.03
N ASP B 3 -46.33 31.24 1.51
CA ASP B 3 -46.08 31.03 2.94
C ASP B 3 -44.65 31.47 3.24
N MET B 4 -44.51 32.56 4.00
CA MET B 4 -43.21 33.14 4.31
C MET B 4 -42.75 32.82 5.73
N SER B 5 -43.28 31.76 6.32
CA SER B 5 -42.86 31.36 7.66
C SER B 5 -41.36 31.16 7.69
N ARG B 6 -40.74 31.60 8.80
CA ARG B 6 -39.32 31.42 9.09
C ARG B 6 -38.39 32.11 8.10
N LYS B 7 -38.94 32.85 7.15
CA LYS B 7 -38.14 33.57 6.18
C LYS B 7 -38.29 35.08 6.40
N ALA B 8 -37.31 35.83 5.90
CA ALA B 8 -37.27 37.27 6.13
C ALA B 8 -36.59 37.96 4.95
N PHE B 9 -36.99 39.20 4.70
CA PHE B 9 -36.36 40.03 3.69
C PHE B 9 -35.12 40.71 4.27
N VAL B 10 -34.05 40.71 3.49
CA VAL B 10 -32.78 41.32 3.89
C VAL B 10 -32.37 42.33 2.83
N PHE B 11 -32.11 43.57 3.28
CA PHE B 11 -31.58 44.63 2.43
C PHE B 11 -30.11 44.80 2.81
N PRO B 12 -29.18 44.12 2.14
CA PRO B 12 -27.81 44.07 2.66
C PRO B 12 -27.13 45.43 2.75
N LYS B 13 -27.18 46.22 1.69
CA LYS B 13 -26.44 47.47 1.63
C LYS B 13 -27.38 48.61 1.29
N GLU B 14 -26.94 49.82 1.63
CA GLU B 14 -27.70 51.03 1.30
C GLU B 14 -27.91 51.11 -0.21
N SER B 15 -29.14 51.45 -0.60
CA SER B 15 -29.47 51.55 -2.02
C SER B 15 -30.67 52.47 -2.19
N ASP B 16 -30.88 52.86 -3.45
CA ASP B 16 -31.99 53.72 -3.83
C ASP B 16 -33.10 52.98 -4.56
N THR B 17 -32.86 51.72 -4.99
CA THR B 17 -33.75 51.02 -5.89
C THR B 17 -34.14 49.64 -5.37
N SER B 18 -33.94 49.38 -4.08
CA SER B 18 -34.25 48.09 -3.48
C SER B 18 -35.47 48.22 -2.59
N TYR B 19 -36.44 47.33 -2.77
CA TYR B 19 -37.70 47.39 -2.03
C TYR B 19 -38.57 46.21 -2.46
N VAL B 20 -39.47 45.82 -1.56
CA VAL B 20 -40.52 44.86 -1.86
C VAL B 20 -41.85 45.58 -1.69
N SER B 21 -42.82 45.23 -2.54
CA SER B 21 -44.13 45.85 -2.56
C SER B 21 -45.16 44.84 -2.08
N LEU B 22 -45.78 45.13 -0.94
CA LEU B 22 -46.84 44.29 -0.40
C LEU B 22 -48.17 44.69 -1.03
N LYS B 23 -48.95 43.69 -1.41
CA LYS B 23 -50.23 43.89 -2.09
C LYS B 23 -51.35 43.53 -1.13
N ALA B 24 -52.32 44.41 -0.97
CA ALA B 24 -53.37 44.25 0.01
C ALA B 24 -54.73 44.20 -0.64
N PRO B 25 -55.60 43.23 -0.28
CA PRO B 25 -56.96 43.12 -0.85
C PRO B 25 -57.98 44.02 -0.17
N LEU B 26 -57.74 45.33 -0.19
CA LEU B 26 -58.59 46.26 0.54
C LEU B 26 -59.78 46.70 -0.31
N THR B 27 -60.92 46.87 0.36
CA THR B 27 -62.15 47.34 -0.29
C THR B 27 -62.82 48.47 0.47
N LYS B 28 -62.79 48.42 1.82
CA LYS B 28 -63.31 49.52 2.60
C LYS B 28 -62.17 50.37 3.12
N PRO B 29 -62.35 51.69 3.26
CA PRO B 29 -61.32 52.50 3.91
C PRO B 29 -61.18 52.09 5.37
N LEU B 30 -59.98 52.28 5.91
CA LEU B 30 -59.66 51.81 7.25
C LEU B 30 -60.09 52.85 8.27
N LYS B 31 -60.94 52.43 9.21
CA LYS B 31 -61.30 53.24 10.37
C LYS B 31 -60.41 52.94 11.57
N ALA B 32 -59.50 51.98 11.44
CA ALA B 32 -58.57 51.54 12.49
C ALA B 32 -57.76 50.42 11.89
N PHE B 33 -56.60 50.15 12.50
CA PHE B 33 -55.73 49.10 11.99
C PHE B 33 -54.73 48.70 13.06
N THR B 34 -53.94 47.67 12.76
CA THR B 34 -52.86 47.22 13.61
C THR B 34 -51.80 46.59 12.73
N VAL B 35 -50.54 47.00 12.92
CA VAL B 35 -49.42 46.52 12.11
C VAL B 35 -48.35 46.00 13.05
N CYS B 36 -47.82 44.82 12.74
CA CYS B 36 -46.77 44.19 13.54
C CYS B 36 -45.69 43.67 12.60
N LEU B 37 -44.45 43.68 13.08
CA LEU B 37 -43.34 43.24 12.25
C LEU B 37 -42.08 43.10 13.10
N HIS B 38 -41.11 42.40 12.53
CA HIS B 38 -39.77 42.27 13.08
C HIS B 38 -38.79 43.02 12.17
N PHE B 39 -37.69 43.49 12.76
CA PHE B 39 -36.62 44.06 11.96
C PHE B 39 -35.36 44.14 12.80
N TYR B 40 -34.23 44.28 12.11
CA TYR B 40 -32.91 44.23 12.75
C TYR B 40 -31.96 45.07 11.92
N THR B 41 -31.36 46.09 12.55
CA THR B 41 -30.43 46.95 11.84
C THR B 41 -29.54 47.69 12.83
N GLU B 42 -28.35 48.06 12.37
CA GLU B 42 -27.42 48.87 13.13
C GLU B 42 -27.53 50.36 12.82
N LEU B 43 -28.37 50.73 11.84
CA LEU B 43 -28.46 52.12 11.40
C LEU B 43 -28.90 53.05 12.52
N SER B 44 -29.63 52.54 13.51
CA SER B 44 -30.28 53.41 14.49
C SER B 44 -29.34 54.41 15.14
N SER B 45 -28.04 54.15 15.15
CA SER B 45 -27.07 55.06 15.73
C SER B 45 -26.42 55.98 14.70
N THR B 46 -26.57 55.69 13.41
CA THR B 46 -25.96 56.48 12.35
C THR B 46 -26.92 57.48 11.72
N ARG B 47 -28.11 57.04 11.33
CA ARG B 47 -29.10 57.92 10.71
C ARG B 47 -30.49 57.37 11.00
N GLY B 48 -31.50 57.94 10.34
CA GLY B 48 -32.85 57.43 10.42
C GLY B 48 -33.24 56.63 9.18
N TYR B 49 -34.36 55.93 9.28
CA TYR B 49 -34.79 55.06 8.19
C TYR B 49 -36.28 54.82 8.27
N SER B 50 -36.85 54.40 7.14
CA SER B 50 -38.25 54.02 7.05
C SER B 50 -38.42 52.54 7.33
N ILE B 51 -39.41 52.21 8.16
CA ILE B 51 -39.68 50.83 8.53
C ILE B 51 -40.88 50.26 7.77
N PHE B 52 -41.91 51.09 7.55
CA PHE B 52 -43.14 50.62 6.92
C PHE B 52 -43.83 51.83 6.32
N SER B 53 -43.90 51.88 4.98
CA SER B 53 -44.41 53.03 4.25
C SER B 53 -45.72 52.65 3.56
N TYR B 54 -46.80 53.31 3.95
CA TYR B 54 -48.14 53.09 3.42
C TYR B 54 -48.61 54.41 2.82
N ALA B 55 -48.69 54.46 1.49
CA ALA B 55 -48.93 55.71 0.77
C ALA B 55 -50.21 55.65 -0.02
N THR B 56 -50.78 56.83 -0.27
CA THR B 56 -51.96 57.00 -1.10
C THR B 56 -51.67 58.06 -2.15
N LYS B 57 -52.47 58.07 -3.21
CA LYS B 57 -52.25 59.07 -4.25
C LYS B 57 -52.36 60.48 -3.71
N ARG B 58 -53.22 60.69 -2.70
CA ARG B 58 -53.42 62.01 -2.13
C ARG B 58 -52.53 62.29 -0.92
N GLN B 59 -51.91 61.26 -0.34
CA GLN B 59 -51.14 61.45 0.88
C GLN B 59 -49.96 60.48 0.87
N ASP B 60 -48.75 61.01 0.73
CA ASP B 60 -47.54 60.20 0.67
C ASP B 60 -47.20 59.57 2.02
N ASN B 61 -47.81 60.02 3.11
CA ASN B 61 -47.55 59.48 4.44
C ASN B 61 -48.87 59.09 5.11
N GLU B 62 -49.66 58.26 4.40
CA GLU B 62 -50.95 57.85 4.95
C GLU B 62 -50.78 57.15 6.30
N ILE B 63 -49.84 56.21 6.38
CA ILE B 63 -49.36 55.70 7.66
C ILE B 63 -47.91 55.23 7.49
N LEU B 64 -47.02 55.77 8.31
CA LEU B 64 -45.58 55.55 8.19
C LEU B 64 -44.99 55.27 9.56
N ILE B 65 -44.16 54.23 9.63
CA ILE B 65 -43.36 53.93 10.83
C ILE B 65 -41.92 54.24 10.51
N PHE B 66 -41.30 55.12 11.30
CA PHE B 66 -40.00 55.70 10.99
C PHE B 66 -39.16 55.83 12.26
N TRP B 67 -37.86 55.58 12.12
CA TRP B 67 -36.91 55.80 13.20
C TRP B 67 -36.11 57.06 12.91
N SER B 68 -36.23 58.06 13.76
CA SER B 68 -35.46 59.29 13.65
C SER B 68 -34.29 59.21 14.63
N LYS B 69 -33.07 59.32 14.10
CA LYS B 69 -31.88 59.21 14.95
C LYS B 69 -31.98 60.18 16.12
N ASP B 70 -31.48 59.74 17.27
CA ASP B 70 -31.32 60.51 18.49
C ASP B 70 -32.67 60.89 19.11
N ILE B 71 -33.79 60.54 18.48
CA ILE B 71 -35.11 60.89 18.98
C ILE B 71 -35.88 59.63 19.35
N GLY B 72 -36.02 58.71 18.41
CA GLY B 72 -36.77 57.49 18.66
C GLY B 72 -37.68 57.08 17.52
N TYR B 73 -38.83 56.51 17.84
CA TYR B 73 -39.78 56.03 16.84
C TYR B 73 -40.73 57.14 16.43
N SER B 74 -40.95 57.25 15.12
CA SER B 74 -41.86 58.24 14.55
C SER B 74 -43.06 57.51 13.93
N PHE B 75 -44.25 57.90 14.36
CA PHE B 75 -45.50 57.26 13.95
C PHE B 75 -46.43 58.36 13.45
N THR B 76 -46.72 58.34 12.15
CA THR B 76 -47.54 59.36 11.52
C THR B 76 -48.62 58.70 10.67
N VAL B 77 -49.86 59.14 10.88
CA VAL B 77 -51.00 58.72 10.06
C VAL B 77 -51.67 59.97 9.50
N GLY B 78 -51.93 59.98 8.21
CA GLY B 78 -52.56 61.12 7.57
C GLY B 78 -51.72 62.37 7.58
N GLY B 79 -50.39 62.24 7.65
CA GLY B 79 -49.49 63.36 7.60
C GLY B 79 -49.14 63.97 8.94
N SER B 80 -49.87 63.61 10.00
CA SER B 80 -49.63 64.15 11.33
C SER B 80 -48.80 63.17 12.15
N GLU B 81 -47.78 63.68 12.83
CA GLU B 81 -46.77 62.87 13.48
C GLU B 81 -46.95 62.83 15.00
N ILE B 82 -46.58 61.69 15.58
CA ILE B 82 -46.45 61.53 17.02
C ILE B 82 -45.17 60.75 17.28
N LEU B 83 -44.53 61.04 18.42
CA LEU B 83 -43.21 60.50 18.73
C LEU B 83 -43.28 59.62 19.97
N PHE B 84 -42.50 58.54 19.96
CA PHE B 84 -42.26 57.72 21.14
C PHE B 84 -40.76 57.74 21.41
N GLU B 85 -40.36 58.60 22.36
CA GLU B 85 -38.95 58.85 22.59
C GLU B 85 -38.24 57.60 23.10
N VAL B 86 -36.98 57.44 22.68
CA VAL B 86 -36.14 56.33 23.14
C VAL B 86 -34.74 56.87 23.39
N PRO B 87 -34.27 56.91 24.64
CA PRO B 87 -32.94 57.49 24.89
C PRO B 87 -31.83 56.49 24.66
N GLU B 88 -31.91 55.35 25.32
CA GLU B 88 -30.92 54.29 25.19
C GLU B 88 -31.30 53.39 24.01
N VAL B 89 -30.34 53.15 23.12
CA VAL B 89 -30.55 52.31 21.95
C VAL B 89 -29.52 51.18 21.98
N THR B 90 -30.01 49.95 22.06
CA THR B 90 -29.16 48.77 22.02
C THR B 90 -29.50 47.99 20.76
N VAL B 91 -28.48 47.54 20.04
CA VAL B 91 -28.67 46.88 18.76
C VAL B 91 -29.03 45.41 19.00
N ALA B 92 -30.23 45.03 18.57
CA ALA B 92 -30.69 43.65 18.67
C ALA B 92 -32.01 43.54 17.89
N PRO B 93 -32.45 42.31 17.57
CA PRO B 93 -33.77 42.17 16.95
C PRO B 93 -34.85 42.79 17.82
N VAL B 94 -35.85 43.39 17.17
CA VAL B 94 -36.92 44.08 17.87
C VAL B 94 -38.24 43.78 17.18
N HIS B 95 -39.31 43.71 17.98
CA HIS B 95 -40.66 43.47 17.49
C HIS B 95 -41.53 44.65 17.88
N ILE B 96 -42.16 45.28 16.89
CA ILE B 96 -43.00 46.44 17.11
C ILE B 96 -44.42 46.10 16.67
N CYS B 97 -45.40 46.55 17.44
CA CYS B 97 -46.80 46.51 17.06
C CYS B 97 -47.41 47.88 17.30
N THR B 98 -48.21 48.35 16.35
CA THR B 98 -48.80 49.67 16.45
C THR B 98 -50.21 49.65 15.87
N SER B 99 -51.12 50.31 16.56
CA SER B 99 -52.53 50.34 16.19
C SER B 99 -53.04 51.76 16.28
N TRP B 100 -54.10 52.04 15.53
CA TRP B 100 -54.72 53.35 15.50
C TRP B 100 -56.23 53.17 15.42
N GLU B 101 -56.96 54.05 16.08
CA GLU B 101 -58.41 54.02 16.08
C GLU B 101 -58.96 55.40 15.72
N SER B 102 -59.96 55.42 14.84
CA SER B 102 -60.52 56.69 14.41
C SER B 102 -61.45 57.28 15.48
N ALA B 103 -62.36 56.47 16.00
CA ALA B 103 -63.35 56.97 16.95
C ALA B 103 -62.71 57.65 18.15
N SER B 104 -61.49 57.25 18.51
CA SER B 104 -60.82 57.76 19.69
C SER B 104 -59.49 58.45 19.41
N GLY B 105 -58.88 58.21 18.26
CA GLY B 105 -57.56 58.72 18.00
C GLY B 105 -56.45 58.06 18.77
N ILE B 106 -56.78 57.07 19.62
CA ILE B 106 -55.78 56.44 20.47
C ILE B 106 -54.84 55.60 19.59
N VAL B 107 -53.54 55.74 19.85
CA VAL B 107 -52.52 54.93 19.20
C VAL B 107 -51.72 54.21 20.28
N GLU B 108 -51.52 52.91 20.09
CA GLU B 108 -50.67 52.11 20.96
C GLU B 108 -49.38 51.76 20.22
N PHE B 109 -48.29 51.69 20.98
CA PHE B 109 -46.99 51.31 20.43
C PHE B 109 -46.37 50.29 21.37
N TRP B 110 -46.26 49.06 20.90
CA TRP B 110 -45.69 47.96 21.66
C TRP B 110 -44.30 47.66 21.13
N VAL B 111 -43.33 47.54 22.04
CA VAL B 111 -41.96 47.20 21.68
C VAL B 111 -41.56 45.96 22.45
N ASP B 112 -41.21 44.89 21.72
CA ASP B 112 -40.85 43.62 22.33
C ASP B 112 -41.89 43.19 23.34
N GLY B 113 -43.16 43.32 22.97
CA GLY B 113 -44.24 42.87 23.83
C GLY B 113 -44.52 43.72 25.04
N LYS B 114 -43.84 44.86 25.18
CA LYS B 114 -44.05 45.77 26.28
C LYS B 114 -44.62 47.08 25.77
N PRO B 115 -45.73 47.58 26.33
CA PRO B 115 -46.42 48.72 25.73
C PRO B 115 -45.89 50.06 26.19
N ARG B 116 -45.92 51.01 25.27
CA ARG B 116 -45.71 52.41 25.61
C ARG B 116 -47.06 53.07 25.89
N VAL B 117 -47.02 54.23 26.55
CA VAL B 117 -48.25 54.90 26.91
C VAL B 117 -49.05 55.22 25.65
N ARG B 118 -50.33 55.52 25.84
CA ARG B 118 -51.24 55.78 24.74
C ARG B 118 -51.30 57.28 24.43
N LYS B 119 -51.32 57.61 23.15
CA LYS B 119 -51.36 58.99 22.67
C LYS B 119 -52.45 59.12 21.63
N SER B 120 -52.78 60.36 21.28
CA SER B 120 -53.82 60.66 20.30
C SER B 120 -53.20 61.03 18.95
N LEU B 121 -53.97 60.79 17.88
CA LEU B 121 -53.54 61.17 16.54
C LEU B 121 -54.67 61.03 15.53
N LYS B 122 -55.02 62.12 14.87
CA LYS B 122 -56.00 62.14 13.78
C LYS B 122 -57.29 61.41 14.19
N LYS B 123 -57.96 61.96 15.20
CA LYS B 123 -59.26 61.44 15.59
C LYS B 123 -60.28 61.73 14.51
N GLY B 124 -61.04 60.70 14.13
CA GLY B 124 -62.05 60.83 13.10
C GLY B 124 -61.55 60.68 11.68
N TYR B 125 -60.25 60.51 11.49
CA TYR B 125 -59.70 60.34 10.16
C TYR B 125 -60.16 59.01 9.55
N THR B 126 -59.93 58.86 8.26
CA THR B 126 -60.25 57.63 7.53
C THR B 126 -59.15 57.37 6.52
N VAL B 127 -58.44 56.26 6.70
CA VAL B 127 -57.27 55.95 5.88
C VAL B 127 -57.73 55.42 4.53
N GLY B 128 -57.02 55.82 3.48
CA GLY B 128 -57.38 55.38 2.14
C GLY B 128 -57.14 53.90 1.94
N ALA B 129 -57.95 53.30 1.07
CA ALA B 129 -57.89 51.87 0.82
C ALA B 129 -56.99 51.53 -0.35
N GLU B 130 -56.99 52.34 -1.41
CA GLU B 130 -56.16 52.10 -2.59
C GLU B 130 -54.76 52.63 -2.30
N ALA B 131 -53.95 51.80 -1.66
CA ALA B 131 -52.65 52.20 -1.16
C ALA B 131 -51.53 51.43 -1.87
N SER B 132 -50.31 51.90 -1.63
CA SER B 132 -49.10 51.23 -2.09
C SER B 132 -48.22 50.99 -0.86
N ILE B 133 -47.96 49.73 -0.54
CA ILE B 133 -47.22 49.35 0.65
C ILE B 133 -45.83 48.89 0.23
N ILE B 134 -44.81 49.50 0.82
CA ILE B 134 -43.42 49.28 0.42
C ILE B 134 -42.58 49.06 1.66
N LEU B 135 -41.62 48.14 1.56
CA LEU B 135 -40.67 47.84 2.63
C LEU B 135 -39.26 48.12 2.11
N GLY B 136 -38.45 48.78 2.94
CA GLY B 136 -37.08 49.08 2.58
C GLY B 136 -36.86 50.46 1.98
N GLN B 137 -37.91 51.23 1.73
CA GLN B 137 -37.77 52.56 1.17
C GLN B 137 -38.88 53.44 1.70
N GLU B 138 -38.67 54.74 1.64
CA GLU B 138 -39.67 55.73 2.06
C GLU B 138 -40.31 56.33 0.82
N GLN B 139 -41.64 56.40 0.82
CA GLN B 139 -42.39 56.88 -0.33
C GLN B 139 -42.63 58.39 -0.21
N ASP B 140 -42.31 59.11 -1.28
CA ASP B 140 -42.71 60.51 -1.44
C ASP B 140 -43.87 60.66 -2.41
N SER B 141 -44.14 59.63 -3.21
CA SER B 141 -45.27 59.60 -4.12
C SER B 141 -45.76 58.17 -4.18
N PHE B 142 -46.88 57.96 -4.87
CA PHE B 142 -47.46 56.62 -4.97
C PHE B 142 -46.43 55.62 -5.49
N GLY B 143 -45.85 54.84 -4.59
CA GLY B 143 -44.94 53.78 -4.99
C GLY B 143 -43.67 54.26 -5.67
N GLY B 144 -43.21 55.47 -5.36
CA GLY B 144 -42.03 55.99 -6.01
C GLY B 144 -41.41 57.14 -5.25
N ASN B 145 -40.38 57.72 -5.85
CA ASN B 145 -39.63 58.84 -5.28
C ASN B 145 -39.01 58.44 -3.94
N PHE B 146 -38.01 57.59 -4.04
CA PHE B 146 -37.30 57.08 -2.87
C PHE B 146 -36.06 57.93 -2.61
N GLU B 147 -35.80 58.20 -1.33
CA GLU B 147 -34.57 58.85 -0.90
C GLU B 147 -33.65 57.80 -0.29
N GLY B 148 -32.40 57.74 -0.77
CA GLY B 148 -31.48 56.73 -0.30
C GLY B 148 -31.10 56.88 1.16
N SER B 149 -31.12 58.10 1.68
CA SER B 149 -30.79 58.33 3.08
C SER B 149 -31.90 57.87 4.03
N GLN B 150 -33.04 57.45 3.50
CA GLN B 150 -34.11 56.86 4.29
C GLN B 150 -34.19 55.35 4.10
N SER B 151 -33.22 54.75 3.41
CA SER B 151 -33.23 53.32 3.18
C SER B 151 -33.14 52.55 4.49
N LEU B 152 -33.67 51.33 4.47
CA LEU B 152 -33.50 50.39 5.57
C LEU B 152 -32.45 49.36 5.17
N VAL B 153 -31.41 49.22 5.98
CA VAL B 153 -30.33 48.28 5.72
C VAL B 153 -30.34 47.25 6.85
N GLY B 154 -30.79 46.05 6.54
CA GLY B 154 -30.84 44.97 7.51
C GLY B 154 -31.93 43.99 7.15
N ASP B 155 -32.49 43.38 8.19
CA ASP B 155 -33.51 42.35 8.06
C ASP B 155 -34.87 42.93 8.44
N ILE B 156 -35.91 42.51 7.73
CA ILE B 156 -37.29 42.82 8.10
C ILE B 156 -38.15 41.63 7.70
N GLY B 157 -39.11 41.30 8.54
CA GLY B 157 -40.00 40.19 8.25
C GLY B 157 -41.11 40.12 9.26
N ASN B 158 -41.93 39.08 9.10
CA ASN B 158 -43.03 38.80 10.02
C ASN B 158 -44.05 39.93 10.03
N VAL B 159 -44.16 40.67 8.93
CA VAL B 159 -45.09 41.80 8.88
C VAL B 159 -46.50 41.26 8.69
N ASN B 160 -47.43 41.75 9.50
CA ASN B 160 -48.82 41.32 9.44
C ASN B 160 -49.69 42.52 9.79
N MET B 161 -50.83 42.63 9.11
CA MET B 161 -51.71 43.78 9.27
C MET B 161 -53.14 43.32 9.46
N TRP B 162 -53.81 43.92 10.44
CA TRP B 162 -55.24 43.73 10.67
C TRP B 162 -55.96 45.02 10.29
N ASP B 163 -57.29 44.95 10.32
CA ASP B 163 -58.14 46.12 10.08
C ASP B 163 -58.92 46.52 11.32
N PHE B 164 -58.51 46.05 12.50
CA PHE B 164 -59.09 46.47 13.76
C PHE B 164 -57.94 46.63 14.77
N VAL B 165 -58.29 46.85 16.04
CA VAL B 165 -57.32 47.11 17.10
C VAL B 165 -57.14 45.84 17.92
N LEU B 166 -55.90 45.41 18.08
CA LEU B 166 -55.58 44.20 18.83
C LEU B 166 -55.49 44.48 20.32
N SER B 167 -56.05 43.57 21.12
CA SER B 167 -56.01 43.70 22.57
C SER B 167 -54.66 43.28 23.13
N PRO B 168 -54.35 43.71 24.36
CA PRO B 168 -53.11 43.24 25.00
C PRO B 168 -52.92 41.73 24.94
N ASP B 169 -53.97 40.95 25.23
CA ASP B 169 -53.83 39.50 25.22
C ASP B 169 -53.44 39.01 23.83
N GLU B 170 -54.00 39.64 22.78
CA GLU B 170 -53.65 39.23 21.42
C GLU B 170 -52.22 39.62 21.09
N ILE B 171 -51.82 40.86 21.38
CA ILE B 171 -50.46 41.31 21.11
C ILE B 171 -49.45 40.35 21.73
N ASN B 172 -49.77 39.83 22.92
CA ASN B 172 -48.84 38.93 23.60
C ASN B 172 -48.55 37.71 22.75
N THR B 173 -49.59 37.03 22.27
CA THR B 173 -49.39 35.82 21.46
C THR B 173 -48.63 36.13 20.17
N ILE B 174 -48.89 37.29 19.57
CA ILE B 174 -48.19 37.65 18.33
C ILE B 174 -46.70 37.79 18.59
N TYR B 175 -46.33 38.43 19.69
CA TYR B 175 -44.91 38.55 20.03
C TYR B 175 -44.32 37.20 20.39
N LEU B 176 -45.06 36.42 21.18
CA LEU B 176 -44.57 35.12 21.64
C LEU B 176 -44.59 34.08 20.54
N GLY B 177 -45.30 34.34 19.44
CA GLY B 177 -45.31 33.47 18.28
C GLY B 177 -46.54 32.61 18.09
N GLY B 178 -47.71 33.10 18.48
CA GLY B 178 -48.92 32.30 18.43
C GLY B 178 -49.68 32.47 17.13
N PRO B 179 -50.70 31.63 16.92
CA PRO B 179 -51.43 31.64 15.64
C PRO B 179 -52.49 32.73 15.58
N PHE B 180 -52.36 33.61 14.60
CA PHE B 180 -53.27 34.72 14.37
C PHE B 180 -53.71 34.70 12.91
N SER B 181 -54.89 35.25 12.64
CA SER B 181 -55.43 35.30 11.28
C SER B 181 -55.53 36.77 10.88
N PRO B 182 -54.51 37.32 10.22
CA PRO B 182 -54.63 38.67 9.70
C PRO B 182 -55.64 38.72 8.56
N ASN B 183 -56.22 39.91 8.36
CA ASN B 183 -57.21 40.10 7.31
C ASN B 183 -56.84 41.23 6.35
N VAL B 184 -55.61 41.71 6.39
CA VAL B 184 -55.12 42.69 5.42
C VAL B 184 -53.81 42.19 4.84
N LEU B 185 -52.81 42.00 5.70
CA LEU B 185 -51.53 41.44 5.31
C LEU B 185 -51.26 40.20 6.16
N ASN B 186 -50.89 39.11 5.50
CA ASN B 186 -50.66 37.83 6.16
C ASN B 186 -49.30 37.30 5.72
N TRP B 187 -48.37 37.17 6.67
CA TRP B 187 -47.06 36.63 6.34
C TRP B 187 -47.16 35.23 5.76
N ARG B 188 -48.10 34.43 6.27
CA ARG B 188 -48.27 33.05 5.83
C ARG B 188 -49.03 32.94 4.52
N ALA B 189 -49.45 34.05 3.94
CA ALA B 189 -50.15 34.09 2.66
C ALA B 189 -49.89 35.45 2.03
N LEU B 190 -48.61 35.71 1.75
CA LEU B 190 -48.17 37.02 1.32
C LEU B 190 -48.16 37.11 -0.20
N LYS B 191 -48.84 38.12 -0.73
CA LYS B 191 -48.74 38.51 -2.13
C LYS B 191 -47.85 39.73 -2.17
N TYR B 192 -46.60 39.55 -2.61
CA TYR B 192 -45.61 40.60 -2.58
C TYR B 192 -44.91 40.70 -3.94
N GLU B 193 -44.04 41.69 -4.06
CA GLU B 193 -43.36 41.97 -5.32
C GLU B 193 -41.98 42.52 -5.00
N VAL B 194 -40.94 41.82 -5.42
CA VAL B 194 -39.56 42.20 -5.07
C VAL B 194 -38.99 43.06 -6.18
N GLN B 195 -38.13 44.00 -5.82
CA GLN B 195 -37.47 44.86 -6.79
C GLN B 195 -36.12 45.30 -6.26
N GLY B 196 -35.09 45.20 -7.10
CA GLY B 196 -33.77 45.65 -6.71
C GLY B 196 -32.97 44.58 -5.99
N GLU B 197 -31.99 45.05 -5.22
CA GLU B 197 -31.06 44.17 -4.51
C GLU B 197 -31.72 43.77 -3.19
N VAL B 198 -32.53 42.72 -3.25
CA VAL B 198 -33.19 42.16 -2.08
C VAL B 198 -33.16 40.64 -2.17
N PHE B 199 -33.04 40.00 -1.01
CA PHE B 199 -32.90 38.56 -0.91
C PHE B 199 -33.84 38.02 0.16
N THR B 200 -34.14 36.73 0.06
CA THR B 200 -34.99 36.03 1.02
C THR B 200 -34.17 34.92 1.66
N LYS B 201 -33.93 35.04 2.96
CA LYS B 201 -33.11 34.10 3.72
C LYS B 201 -33.81 33.77 5.02
N PRO B 202 -33.40 32.70 5.70
CA PRO B 202 -34.02 32.35 6.97
C PRO B 202 -33.88 33.48 7.97
N GLN B 203 -34.89 33.64 8.81
CA GLN B 203 -34.91 34.74 9.76
C GLN B 203 -33.90 34.51 10.88
N LEU B 204 -33.38 35.62 11.41
CA LEU B 204 -32.33 35.57 12.42
C LEU B 204 -32.87 35.50 13.84
N TRP B 205 -34.01 36.14 14.09
CA TRP B 205 -34.65 36.11 15.39
C TRP B 205 -35.41 34.81 15.59
N PRO B 206 -35.71 34.45 16.85
CA PRO B 206 -36.52 33.24 17.07
C PRO B 206 -37.97 33.45 16.66
N GLN C 1 -4.76 12.92 10.21
CA GLN C 1 -6.06 13.02 10.94
C GLN C 1 -5.84 12.99 12.44
N THR C 2 -6.38 13.98 13.15
CA THR C 2 -6.29 14.01 14.60
C THR C 2 -7.62 14.44 15.17
N ASP C 3 -8.12 13.68 16.15
CA ASP C 3 -9.33 14.07 16.88
C ASP C 3 -8.92 15.05 17.96
N MET C 4 -9.33 16.31 17.81
CA MET C 4 -8.94 17.37 18.73
C MET C 4 -10.07 17.73 19.68
N SER C 5 -11.03 16.83 19.88
CA SER C 5 -12.12 17.11 20.80
C SER C 5 -11.55 17.43 22.18
N ARG C 6 -12.09 18.47 22.80
CA ARG C 6 -11.74 18.92 24.15
C ARG C 6 -10.32 19.45 24.25
N LYS C 7 -9.57 19.50 23.14
CA LYS C 7 -8.23 20.04 23.14
C LYS C 7 -8.21 21.35 22.35
N ALA C 8 -7.19 22.16 22.61
CA ALA C 8 -7.10 23.48 22.01
C ALA C 8 -5.65 23.88 21.86
N PHE C 9 -5.39 24.71 20.85
CA PHE C 9 -4.06 25.27 20.67
C PHE C 9 -3.91 26.51 21.54
N VAL C 10 -2.76 26.62 22.21
CA VAL C 10 -2.48 27.73 23.10
C VAL C 10 -1.17 28.38 22.65
N PHE C 11 -1.22 29.69 22.43
CA PHE C 11 -0.04 30.49 22.12
C PHE C 11 0.30 31.31 23.36
N PRO C 12 1.22 30.84 24.21
CA PRO C 12 1.36 31.48 25.53
C PRO C 12 1.77 32.94 25.47
N LYS C 13 2.83 33.28 24.75
CA LYS C 13 3.37 34.62 24.75
C LYS C 13 3.47 35.16 23.33
N GLU C 14 3.52 36.48 23.23
CA GLU C 14 3.69 37.13 21.93
C GLU C 14 4.98 36.65 21.27
N SER C 15 4.89 36.35 19.97
CA SER C 15 6.04 35.85 19.24
C SER C 15 5.84 36.15 17.76
N ASP C 16 6.93 35.98 17.00
CA ASP C 16 6.92 36.23 15.57
C ASP C 16 6.93 34.95 14.74
N THR C 17 7.18 33.79 15.35
CA THR C 17 7.43 32.55 14.61
C THR C 17 6.55 31.39 15.07
N SER C 18 5.47 31.67 15.78
CA SER C 18 4.57 30.64 16.30
C SER C 18 3.26 30.65 15.54
N TYR C 19 2.83 29.47 15.10
CA TYR C 19 1.61 29.32 14.31
C TYR C 19 1.40 27.85 14.02
N VAL C 20 0.15 27.48 13.76
CA VAL C 20 -0.20 26.15 13.26
C VAL C 20 -0.79 26.31 11.86
N SER C 21 -0.50 25.36 10.99
CA SER C 21 -0.91 25.42 9.59
C SER C 21 -1.95 24.32 9.34
N LEU C 22 -3.17 24.74 9.02
CA LEU C 22 -4.25 23.81 8.70
C LEU C 22 -4.21 23.47 7.22
N LYS C 23 -4.39 22.19 6.91
CA LYS C 23 -4.31 21.68 5.55
C LYS C 23 -5.72 21.33 5.08
N ALA C 24 -6.10 21.82 3.91
CA ALA C 24 -7.45 21.65 3.41
C ALA C 24 -7.44 20.92 2.08
N PRO C 25 -8.26 19.88 1.90
CA PRO C 25 -8.34 19.14 0.63
C PRO C 25 -9.27 19.78 -0.40
N LEU C 26 -8.97 21.01 -0.80
CA LEU C 26 -9.86 21.76 -1.67
C LEU C 26 -9.59 21.45 -3.14
N THR C 27 -10.67 21.40 -3.93
CA THR C 27 -10.57 21.16 -5.37
C THR C 27 -11.40 22.14 -6.20
N LYS C 28 -12.57 22.53 -5.70
CA LYS C 28 -13.36 23.56 -6.37
C LYS C 28 -13.22 24.88 -5.63
N PRO C 29 -13.24 26.01 -6.35
CA PRO C 29 -13.27 27.30 -5.65
C PRO C 29 -14.56 27.46 -4.87
N LEU C 30 -14.49 28.25 -3.79
CA LEU C 30 -15.60 28.41 -2.88
C LEU C 30 -16.52 29.51 -3.38
N LYS C 31 -17.80 29.18 -3.58
CA LYS C 31 -18.82 30.17 -3.87
C LYS C 31 -19.54 30.65 -2.62
N ALA C 32 -19.19 30.10 -1.45
CA ALA C 32 -19.77 30.44 -0.16
C ALA C 32 -19.10 29.54 0.87
N PHE C 33 -19.17 29.96 2.13
CA PHE C 33 -18.56 29.19 3.21
C PHE C 33 -19.12 29.65 4.54
N THR C 34 -18.69 28.97 5.60
CA THR C 34 -19.04 29.32 6.98
C THR C 34 -17.90 28.85 7.87
N VAL C 35 -17.42 29.73 8.74
CA VAL C 35 -16.29 29.44 9.61
C VAL C 35 -16.70 29.71 11.05
N CYS C 36 -16.41 28.76 11.94
CA CYS C 36 -16.74 28.86 13.35
C CYS C 36 -15.53 28.45 14.18
N LEU C 37 -15.40 29.04 15.36
CA LEU C 37 -14.26 28.75 16.22
C LEU C 37 -14.49 29.34 17.60
N HIS C 38 -13.67 28.88 18.54
CA HIS C 38 -13.58 29.43 19.88
C HIS C 38 -12.22 30.13 20.02
N PHE C 39 -12.19 31.16 20.87
CA PHE C 39 -10.91 31.76 21.21
C PHE C 39 -11.07 32.61 22.46
N TYR C 40 -9.93 32.89 23.10
CA TYR C 40 -9.91 33.55 24.40
C TYR C 40 -8.60 34.32 24.51
N THR C 41 -8.70 35.62 24.75
CA THR C 41 -7.50 36.44 24.91
C THR C 41 -7.87 37.74 25.61
N GLU C 42 -6.90 38.30 26.32
CA GLU C 42 -7.03 39.60 26.96
C GLU C 42 -6.50 40.72 26.07
N LEU C 43 -5.91 40.37 24.93
CA LEU C 43 -5.27 41.37 24.07
C LEU C 43 -6.26 42.41 23.56
N SER C 44 -7.55 42.05 23.48
CA SER C 44 -8.52 42.91 22.80
C SER C 44 -8.50 44.34 23.34
N SER C 45 -8.02 44.56 24.56
CA SER C 45 -7.94 45.89 25.14
C SER C 45 -6.59 46.55 24.95
N THR C 46 -5.57 45.79 24.53
CA THR C 46 -4.22 46.31 24.32
C THR C 46 -3.94 46.63 22.85
N ARG C 47 -4.22 45.69 21.95
CA ARG C 47 -3.98 45.87 20.54
C ARG C 47 -4.97 45.01 19.76
N GLY C 48 -4.74 44.88 18.45
CA GLY C 48 -5.49 43.98 17.62
C GLY C 48 -4.70 42.72 17.32
N TYR C 49 -5.41 41.72 16.77
CA TYR C 49 -4.79 40.44 16.51
C TYR C 49 -5.55 39.71 15.41
N SER C 50 -4.88 38.73 14.81
CA SER C 50 -5.48 37.88 13.79
C SER C 50 -6.12 36.65 14.42
N ILE C 51 -7.34 36.34 14.00
CA ILE C 51 -8.07 35.19 14.51
C ILE C 51 -8.04 34.02 13.54
N PHE C 52 -8.11 34.30 12.23
CA PHE C 52 -8.19 33.26 11.22
C PHE C 52 -7.69 33.85 9.90
N SER C 53 -6.54 33.36 9.43
CA SER C 53 -5.88 33.90 8.25
C SER C 53 -5.92 32.87 7.13
N TYR C 54 -6.63 33.21 6.06
CA TYR C 54 -6.80 32.35 4.88
C TYR C 54 -6.30 33.13 3.67
N ALA C 55 -5.15 32.73 3.13
CA ALA C 55 -4.47 33.50 2.11
C ALA C 55 -4.34 32.69 0.81
N THR C 56 -4.21 33.43 -0.29
CA THR C 56 -4.00 32.88 -1.62
C THR C 56 -2.77 33.53 -2.23
N LYS C 57 -2.23 32.90 -3.27
CA LYS C 57 -1.04 33.42 -3.93
C LYS C 57 -1.27 34.82 -4.46
N ARG C 58 -2.48 35.10 -4.93
CA ARG C 58 -2.81 36.40 -5.51
C ARG C 58 -3.43 37.36 -4.52
N GLN C 59 -3.87 36.88 -3.35
CA GLN C 59 -4.57 37.72 -2.39
C GLN C 59 -4.20 37.25 -0.98
N ASP C 60 -3.42 38.07 -0.26
CA ASP C 60 -3.00 37.72 1.09
C ASP C 60 -4.13 37.74 2.10
N ASN C 61 -5.28 38.33 1.77
CA ASN C 61 -6.42 38.41 2.67
C ASN C 61 -7.67 37.86 1.98
N GLU C 62 -7.56 36.63 1.47
CA GLU C 62 -8.69 36.02 0.77
C GLU C 62 -9.91 35.93 1.68
N ILE C 63 -9.72 35.50 2.92
CA ILE C 63 -10.73 35.67 3.97
C ILE C 63 -10.03 35.74 5.32
N LEU C 64 -10.25 36.84 6.04
CA LEU C 64 -9.55 37.12 7.29
C LEU C 64 -10.53 37.60 8.33
N ILE C 65 -10.43 37.04 9.54
CA ILE C 65 -11.18 37.48 10.71
C ILE C 65 -10.18 38.15 11.64
N PHE C 66 -10.44 39.41 12.00
CA PHE C 66 -9.47 40.24 12.69
C PHE C 66 -10.17 41.08 13.74
N TRP C 67 -9.52 41.26 14.88
CA TRP C 67 -9.99 42.15 15.94
C TRP C 67 -9.14 43.42 15.93
N SER C 68 -9.78 44.55 15.64
CA SER C 68 -9.12 45.85 15.69
C SER C 68 -9.49 46.54 16.99
N LYS C 69 -8.47 46.87 17.79
CA LYS C 69 -8.70 47.49 19.09
C LYS C 69 -9.60 48.72 18.94
N ASP C 70 -10.47 48.93 19.93
CA ASP C 70 -11.33 50.10 20.06
C ASP C 70 -12.40 50.15 19.00
N ILE C 71 -12.42 49.23 18.04
CA ILE C 71 -13.37 49.23 16.94
C ILE C 71 -14.29 48.02 17.02
N GLY C 72 -13.73 46.81 17.04
CA GLY C 72 -14.51 45.60 17.06
C GLY C 72 -13.97 44.53 16.13
N TYR C 73 -14.87 43.75 15.52
CA TYR C 73 -14.49 42.65 14.66
C TYR C 73 -14.32 43.14 13.22
N SER C 74 -13.24 42.70 12.57
CA SER C 74 -12.95 43.03 11.18
C SER C 74 -13.04 41.77 10.34
N PHE C 75 -13.85 41.83 9.28
CA PHE C 75 -14.12 40.68 8.42
C PHE C 75 -13.85 41.10 6.99
N THR C 76 -12.84 40.49 6.37
CA THR C 76 -12.43 40.85 5.02
C THR C 76 -12.36 39.60 4.16
N VAL C 77 -13.01 39.63 3.01
CA VAL C 77 -12.93 38.58 2.01
C VAL C 77 -12.48 39.22 0.70
N GLY C 78 -11.47 38.64 0.07
CA GLY C 78 -10.98 39.17 -1.19
C GLY C 78 -10.39 40.55 -1.09
N GLY C 79 -9.90 40.94 0.09
CA GLY C 79 -9.27 42.22 0.27
C GLY C 79 -10.20 43.34 0.68
N SER C 80 -11.51 43.13 0.61
CA SER C 80 -12.49 44.14 0.95
C SER C 80 -12.97 43.93 2.38
N GLU C 81 -13.05 45.01 3.15
CA GLU C 81 -13.29 44.94 4.59
C GLU C 81 -14.72 45.32 4.93
N ILE C 82 -15.26 44.65 5.94
CA ILE C 82 -16.52 45.03 6.57
C ILE C 82 -16.34 44.87 8.07
N LEU C 83 -17.01 45.72 8.85
CA LEU C 83 -16.82 45.80 10.28
C LEU C 83 -18.09 45.45 11.02
N PHE C 84 -17.94 44.80 12.16
CA PHE C 84 -19.02 44.59 13.13
C PHE C 84 -18.58 45.27 14.42
N GLU C 85 -19.08 46.49 14.65
CA GLU C 85 -18.61 47.29 15.77
C GLU C 85 -18.95 46.61 17.09
N VAL C 86 -18.06 46.79 18.07
CA VAL C 86 -18.28 46.26 19.41
C VAL C 86 -17.81 47.32 20.41
N PRO C 87 -18.72 47.93 21.19
CA PRO C 87 -18.28 48.99 22.10
C PRO C 87 -17.72 48.43 23.41
N GLU C 88 -18.53 47.61 24.09
CA GLU C 88 -18.12 47.00 25.35
C GLU C 88 -17.39 45.70 25.06
N VAL C 89 -16.21 45.54 25.66
CA VAL C 89 -15.40 44.34 25.50
C VAL C 89 -15.16 43.76 26.89
N THR C 90 -15.62 42.54 27.11
CA THR C 90 -15.42 41.83 28.37
C THR C 90 -14.55 40.60 28.09
N VAL C 91 -13.57 40.37 28.97
CA VAL C 91 -12.61 39.30 28.76
C VAL C 91 -13.25 37.97 29.17
N ALA C 92 -13.44 37.09 28.20
CA ALA C 92 -13.95 35.75 28.43
C ALA C 92 -13.84 34.97 27.11
N PRO C 93 -13.92 33.64 27.18
CA PRO C 93 -13.98 32.86 25.94
C PRO C 93 -15.18 33.28 25.09
N VAL C 94 -15.00 33.23 23.78
CA VAL C 94 -16.02 33.66 22.84
C VAL C 94 -16.09 32.69 21.67
N HIS C 95 -17.30 32.51 21.15
CA HIS C 95 -17.57 31.63 20.03
C HIS C 95 -18.11 32.47 18.88
N ILE C 96 -17.42 32.41 17.74
CA ILE C 96 -17.80 33.19 16.58
C ILE C 96 -18.13 32.24 15.44
N CYS C 97 -19.18 32.58 14.69
CA CYS C 97 -19.51 31.92 13.44
C CYS C 97 -19.73 33.01 12.40
N THR C 98 -19.17 32.82 11.21
CA THR C 98 -19.28 33.82 10.16
C THR C 98 -19.38 33.10 8.81
N SER C 99 -20.28 33.59 7.97
CA SER C 99 -20.56 32.97 6.68
C SER C 99 -20.61 34.04 5.60
N TRP C 100 -20.35 33.61 4.37
CA TRP C 100 -20.36 34.50 3.21
C TRP C 100 -20.96 33.74 2.04
N GLU C 101 -21.72 34.45 1.21
CA GLU C 101 -22.32 33.88 0.00
C GLU C 101 -22.01 34.78 -1.18
N SER C 102 -21.62 34.15 -2.29
CA SER C 102 -21.28 34.91 -3.49
C SER C 102 -22.54 35.41 -4.20
N ALA C 103 -23.52 34.53 -4.40
CA ALA C 103 -24.70 34.90 -5.18
C ALA C 103 -25.38 36.15 -4.63
N SER C 104 -25.22 36.41 -3.33
CA SER C 104 -25.88 37.54 -2.69
C SER C 104 -24.92 38.52 -2.02
N GLY C 105 -23.68 38.13 -1.77
CA GLY C 105 -22.76 38.96 -1.02
C GLY C 105 -23.09 39.09 0.45
N ILE C 106 -24.16 38.44 0.92
CA ILE C 106 -24.58 38.57 2.31
C ILE C 106 -23.55 37.88 3.21
N VAL C 107 -23.18 38.57 4.29
CA VAL C 107 -22.32 38.00 5.32
C VAL C 107 -23.06 38.03 6.64
N GLU C 108 -23.05 36.91 7.35
CA GLU C 108 -23.61 36.79 8.68
C GLU C 108 -22.48 36.64 9.68
N PHE C 109 -22.66 37.21 10.87
CA PHE C 109 -21.65 37.12 11.93
C PHE C 109 -22.36 36.82 13.25
N TRP C 110 -22.12 35.63 13.79
CA TRP C 110 -22.70 35.20 15.05
C TRP C 110 -21.66 35.26 16.16
N VAL C 111 -22.05 35.83 17.30
CA VAL C 111 -21.20 35.88 18.48
C VAL C 111 -21.94 35.21 19.62
N ASP C 112 -21.36 34.15 20.17
CA ASP C 112 -21.96 33.41 21.27
C ASP C 112 -23.42 33.05 20.97
N GLY C 113 -23.64 32.57 19.76
CA GLY C 113 -24.97 32.09 19.39
C GLY C 113 -26.00 33.17 19.12
N LYS C 114 -25.62 34.44 19.14
CA LYS C 114 -26.53 35.53 18.87
C LYS C 114 -26.08 36.26 17.60
N PRO C 115 -26.97 36.47 16.63
CA PRO C 115 -26.53 36.97 15.32
C PRO C 115 -26.46 38.49 15.24
N ARG C 116 -25.49 38.96 14.48
CA ARG C 116 -25.41 40.35 14.08
C ARG C 116 -26.14 40.56 12.77
N VAL C 117 -26.45 41.83 12.47
CA VAL C 117 -27.19 42.13 11.26
C VAL C 117 -26.42 41.65 10.04
N ARG C 118 -27.13 41.58 8.91
CA ARG C 118 -26.54 41.10 7.67
C ARG C 118 -26.02 42.27 6.85
N LYS C 119 -24.85 42.07 6.24
CA LYS C 119 -24.19 43.09 5.45
C LYS C 119 -23.72 42.49 4.12
N SER C 120 -23.30 43.36 3.21
CA SER C 120 -22.80 42.95 1.90
C SER C 120 -21.28 42.98 1.86
N LEU C 121 -20.72 42.13 1.01
CA LEU C 121 -19.28 42.12 0.79
C LEU C 121 -18.93 41.21 -0.39
N LYS C 122 -18.32 41.78 -1.42
CA LYS C 122 -17.80 41.03 -2.56
C LYS C 122 -18.86 40.08 -3.13
N LYS C 123 -19.95 40.67 -3.62
CA LYS C 123 -20.95 39.90 -4.34
C LYS C 123 -20.37 39.44 -5.68
N GLY C 124 -20.55 38.15 -5.98
CA GLY C 124 -20.05 37.59 -7.22
C GLY C 124 -18.62 37.15 -7.18
N TYR C 125 -17.91 37.37 -6.08
CA TYR C 125 -16.53 36.93 -5.97
C TYR C 125 -16.46 35.40 -5.94
N THR C 126 -15.24 34.88 -6.07
CA THR C 126 -14.99 33.45 -6.03
C THR C 126 -13.69 33.23 -5.28
N VAL C 127 -13.78 32.56 -4.14
CA VAL C 127 -12.62 32.38 -3.26
C VAL C 127 -11.72 31.29 -3.82
N GLY C 128 -10.42 31.51 -3.73
CA GLY C 128 -9.47 30.54 -4.26
C GLY C 128 -9.46 29.26 -3.44
N ALA C 129 -9.16 28.16 -4.12
CA ALA C 129 -9.16 26.85 -3.50
C ALA C 129 -7.79 26.47 -2.95
N GLU C 130 -6.72 26.83 -3.66
CA GLU C 130 -5.35 26.51 -3.22
C GLU C 130 -4.93 27.59 -2.23
N ALA C 131 -5.28 27.38 -0.96
CA ALA C 131 -5.09 28.38 0.07
C ALA C 131 -4.09 27.90 1.12
N SER C 132 -3.68 28.83 1.98
CA SER C 132 -2.84 28.56 3.13
C SER C 132 -3.55 29.11 4.36
N ILE C 133 -3.88 28.22 5.29
CA ILE C 133 -4.65 28.55 6.48
C ILE C 133 -3.71 28.52 7.69
N ILE C 134 -3.67 29.62 8.42
CA ILE C 134 -2.72 29.80 9.52
C ILE C 134 -3.46 30.33 10.75
N LEU C 135 -3.10 29.83 11.92
CA LEU C 135 -3.65 30.27 13.19
C LEU C 135 -2.54 30.83 14.06
N GLY C 136 -2.79 31.99 14.68
CA GLY C 136 -1.84 32.62 15.56
C GLY C 136 -0.98 33.69 14.91
N GLN C 137 -1.07 33.87 13.61
CA GLN C 137 -0.30 34.89 12.91
C GLN C 137 -1.11 35.38 11.71
N GLU C 138 -0.75 36.56 11.22
CA GLU C 138 -1.38 37.14 10.04
C GLU C 138 -0.45 36.98 8.84
N GLN C 139 -1.01 36.51 7.73
CA GLN C 139 -0.24 36.25 6.52
C GLN C 139 -0.22 37.48 5.62
N ASP C 140 0.97 37.88 5.19
CA ASP C 140 1.13 38.87 4.14
C ASP C 140 1.51 38.23 2.81
N SER C 141 1.96 36.98 2.83
CA SER C 141 2.27 36.23 1.63
C SER C 141 1.88 34.78 1.90
N PHE C 142 1.97 33.96 0.86
CA PHE C 142 1.60 32.55 0.99
C PHE C 142 2.37 31.90 2.14
N GLY C 143 1.71 31.74 3.29
CA GLY C 143 2.31 31.05 4.41
C GLY C 143 3.51 31.73 5.02
N GLY C 144 3.59 33.05 4.93
CA GLY C 144 4.75 33.74 5.45
C GLY C 144 4.52 35.22 5.67
N ASN C 145 5.58 35.91 6.05
CA ASN C 145 5.58 37.35 6.31
C ASN C 145 4.59 37.71 7.42
N PHE C 146 4.98 37.31 8.63
CA PHE C 146 4.16 37.54 9.82
C PHE C 146 4.60 38.82 10.52
N GLU C 147 3.63 39.56 11.05
CA GLU C 147 3.88 40.71 11.90
C GLU C 147 3.63 40.33 13.36
N GLY C 148 4.63 40.60 14.21
CA GLY C 148 4.51 40.24 15.62
C GLY C 148 3.46 41.04 16.36
N SER C 149 3.20 42.28 15.93
CA SER C 149 2.18 43.09 16.57
C SER C 149 0.77 42.65 16.21
N GLN C 150 0.62 41.70 15.28
CA GLN C 150 -0.66 41.09 14.96
C GLN C 150 -0.80 39.69 15.53
N SER C 151 0.14 39.27 16.38
CA SER C 151 0.09 37.94 16.96
C SER C 151 -1.17 37.74 17.79
N LEU C 152 -1.59 36.49 17.91
CA LEU C 152 -2.65 36.09 18.83
C LEU C 152 -2.01 35.40 20.02
N VAL C 153 -2.28 35.91 21.22
CA VAL C 153 -1.73 35.38 22.45
C VAL C 153 -2.88 34.86 23.29
N GLY C 154 -3.00 33.55 23.37
CA GLY C 154 -4.06 32.93 24.14
C GLY C 154 -4.42 31.56 23.57
N ASP C 155 -5.68 31.21 23.73
CA ASP C 155 -6.21 29.92 23.32
C ASP C 155 -7.06 30.06 22.07
N ILE C 156 -7.00 29.06 21.19
CA ILE C 156 -7.87 28.98 20.04
C ILE C 156 -8.17 27.50 19.79
N GLY C 157 -9.40 27.21 19.41
CA GLY C 157 -9.78 25.83 19.16
C GLY C 157 -11.18 25.74 18.59
N ASN C 158 -11.62 24.51 18.41
CA ASN C 158 -12.98 24.23 17.92
C ASN C 158 -13.21 24.82 16.55
N VAL C 159 -12.16 24.95 15.75
CA VAL C 159 -12.30 25.54 14.42
C VAL C 159 -12.89 24.50 13.48
N ASN C 160 -13.91 24.92 12.73
CA ASN C 160 -14.59 24.04 11.78
C ASN C 160 -15.03 24.91 10.62
N MET C 161 -14.91 24.38 9.40
CA MET C 161 -15.22 25.14 8.19
C MET C 161 -16.09 24.32 7.27
N TRP C 162 -17.14 24.96 6.75
CA TRP C 162 -18.00 24.39 5.72
C TRP C 162 -17.74 25.10 4.39
N ASP C 163 -18.36 24.56 3.34
CA ASP C 163 -18.31 25.18 2.02
C ASP C 163 -19.68 25.67 1.55
N PHE C 164 -20.63 25.81 2.46
CA PHE C 164 -21.93 26.41 2.17
C PHE C 164 -22.31 27.31 3.33
N VAL C 165 -23.52 27.83 3.30
CA VAL C 165 -23.99 28.76 4.32
C VAL C 165 -24.90 28.02 5.28
N LEU C 166 -24.59 28.12 6.57
CA LEU C 166 -25.36 27.44 7.60
C LEU C 166 -26.57 28.28 7.98
N SER C 167 -27.70 27.62 8.18
CA SER C 167 -28.92 28.30 8.57
C SER C 167 -28.86 28.67 10.05
N PRO C 168 -29.66 29.64 10.49
CA PRO C 168 -29.68 29.96 11.93
C PRO C 168 -29.84 28.72 12.79
N ASP C 169 -30.76 27.82 12.43
CA ASP C 169 -30.96 26.61 13.21
C ASP C 169 -29.71 25.75 13.22
N GLU C 170 -28.98 25.71 12.10
CA GLU C 170 -27.75 24.93 12.05
C GLU C 170 -26.70 25.51 12.98
N ILE C 171 -26.51 26.83 12.92
CA ILE C 171 -25.57 27.50 13.81
C ILE C 171 -25.86 27.16 15.26
N ASN C 172 -27.14 27.07 15.61
CA ASN C 172 -27.52 26.82 17.00
C ASN C 172 -26.93 25.51 17.50
N THR C 173 -27.10 24.42 16.74
CA THR C 173 -26.57 23.14 17.19
C THR C 173 -25.07 23.19 17.38
N ILE C 174 -24.36 23.95 16.52
CA ILE C 174 -22.92 24.09 16.67
C ILE C 174 -22.58 24.79 17.98
N TYR C 175 -23.29 25.88 18.29
CA TYR C 175 -23.04 26.59 19.53
C TYR C 175 -23.51 25.81 20.75
N LEU C 176 -24.70 25.22 20.67
CA LEU C 176 -25.30 24.58 21.83
C LEU C 176 -24.62 23.25 22.17
N GLY C 177 -23.82 22.70 21.28
CA GLY C 177 -23.08 21.49 21.56
C GLY C 177 -23.61 20.23 20.91
N GLY C 178 -24.19 20.37 19.72
CA GLY C 178 -24.77 19.24 19.02
C GLY C 178 -23.80 18.63 18.02
N PRO C 179 -24.15 17.44 17.51
CA PRO C 179 -23.28 16.71 16.57
C PRO C 179 -23.46 17.19 15.13
N PHE C 180 -22.39 17.71 14.54
CA PHE C 180 -22.38 18.24 13.17
C PHE C 180 -21.20 17.71 12.38
N SER C 181 -21.31 17.79 11.05
CA SER C 181 -20.27 17.32 10.13
C SER C 181 -19.72 18.47 9.28
N PRO C 182 -18.57 19.06 9.63
CA PRO C 182 -17.96 20.06 8.75
C PRO C 182 -17.49 19.40 7.47
N ASN C 183 -17.41 20.19 6.38
CA ASN C 183 -17.01 19.65 5.08
C ASN C 183 -15.80 20.36 4.45
N VAL C 184 -15.06 21.16 5.21
CA VAL C 184 -13.82 21.74 4.71
C VAL C 184 -12.72 21.47 5.72
N LEU C 185 -12.91 21.98 6.93
CA LEU C 185 -12.01 21.78 8.06
C LEU C 185 -12.80 21.13 9.19
N ASN C 186 -12.24 20.09 9.78
CA ASN C 186 -12.94 19.33 10.83
C ASN C 186 -12.03 19.21 12.04
N TRP C 187 -12.48 19.77 13.17
CA TRP C 187 -11.73 19.65 14.41
C TRP C 187 -11.52 18.19 14.78
N ARG C 188 -12.52 17.34 14.50
CA ARG C 188 -12.43 15.93 14.82
C ARG C 188 -11.59 15.14 13.82
N ALA C 189 -11.06 15.80 12.80
CA ALA C 189 -10.23 15.15 11.79
C ALA C 189 -9.31 16.20 11.18
N LEU C 190 -8.45 16.79 12.01
CA LEU C 190 -7.63 17.91 11.59
C LEU C 190 -6.28 17.41 11.09
N LYS C 191 -5.93 17.81 9.88
CA LYS C 191 -4.59 17.63 9.34
C LYS C 191 -3.88 18.98 9.47
N TYR C 192 -2.97 19.09 10.44
CA TYR C 192 -2.33 20.36 10.76
C TYR C 192 -0.82 20.16 10.88
N GLU C 193 -0.12 21.27 11.09
CA GLU C 193 1.34 21.28 11.17
C GLU C 193 1.74 22.38 12.14
N VAL C 194 2.43 22.00 13.21
CA VAL C 194 2.78 22.93 14.27
C VAL C 194 4.16 23.50 13.98
N GLN C 195 4.36 24.75 14.38
CA GLN C 195 5.64 25.41 14.23
C GLN C 195 5.81 26.45 15.33
N GLY C 196 6.98 26.43 15.97
CA GLY C 196 7.27 27.39 17.01
C GLY C 196 6.78 26.94 18.38
N GLU C 197 6.63 27.93 19.26
CA GLU C 197 6.23 27.69 20.65
C GLU C 197 4.71 27.70 20.72
N VAL C 198 4.12 26.53 20.48
CA VAL C 198 2.68 26.33 20.60
C VAL C 198 2.44 24.97 21.24
N PHE C 199 1.37 24.87 22.02
CA PHE C 199 1.09 23.69 22.82
C PHE C 199 -0.36 23.28 22.65
N THR C 200 -0.63 22.02 22.96
CA THR C 200 -1.98 21.44 22.89
C THR C 200 -2.36 21.01 24.29
N LYS C 201 -3.37 21.67 24.86
CA LYS C 201 -3.81 21.44 26.22
C LYS C 201 -5.33 21.36 26.25
N PRO C 202 -5.91 20.85 27.33
CA PRO C 202 -7.37 20.79 27.41
C PRO C 202 -7.98 22.18 27.28
N GLN C 203 -9.14 22.24 26.64
CA GLN C 203 -9.78 23.52 26.37
C GLN C 203 -10.35 24.12 27.64
N LEU C 204 -10.42 25.44 27.68
CA LEU C 204 -10.86 26.17 28.85
C LEU C 204 -12.37 26.40 28.85
N TRP C 205 -12.97 26.56 27.68
CA TRP C 205 -14.41 26.74 27.58
C TRP C 205 -15.13 25.41 27.71
N PRO C 206 -16.44 25.43 28.04
CA PRO C 206 -17.19 24.16 28.09
C PRO C 206 -17.45 23.60 26.69
N GLN D 1 -0.92 15.57 61.56
CA GLN D 1 -2.15 15.50 60.72
C GLN D 1 -3.33 16.17 61.42
N THR D 2 -3.94 17.14 60.78
CA THR D 2 -5.12 17.81 61.31
C THR D 2 -6.17 17.98 60.23
N ASP D 3 -7.41 17.61 60.55
CA ASP D 3 -8.54 17.86 59.64
C ASP D 3 -8.99 19.29 59.86
N MET D 4 -8.78 20.14 58.87
CA MET D 4 -9.11 21.56 58.95
C MET D 4 -10.37 21.90 58.16
N SER D 5 -11.20 20.91 57.86
CA SER D 5 -12.43 21.15 57.12
C SER D 5 -13.30 22.17 57.83
N ARG D 6 -13.85 23.11 57.06
CA ARG D 6 -14.78 24.15 57.51
C ARG D 6 -14.11 25.16 58.43
N LYS D 7 -12.80 25.07 58.67
CA LYS D 7 -12.08 26.02 59.50
C LYS D 7 -11.12 26.83 58.64
N ALA D 8 -10.70 27.98 59.15
CA ALA D 8 -9.86 28.89 58.39
C ALA D 8 -8.97 29.69 59.35
N PHE D 9 -7.81 30.07 58.86
CA PHE D 9 -6.91 30.93 59.62
C PHE D 9 -7.34 32.38 59.44
N VAL D 10 -7.38 33.12 60.55
CA VAL D 10 -7.79 34.52 60.54
C VAL D 10 -6.68 35.35 61.17
N PHE D 11 -6.23 36.37 60.45
CA PHE D 11 -5.24 37.33 60.94
C PHE D 11 -5.96 38.64 61.24
N PRO D 12 -6.35 38.90 62.49
CA PRO D 12 -7.25 40.04 62.73
C PRO D 12 -6.65 41.39 62.35
N LYS D 13 -5.45 41.70 62.82
CA LYS D 13 -4.85 43.00 62.63
C LYS D 13 -3.46 42.86 62.01
N GLU D 14 -3.02 43.93 61.35
CA GLU D 14 -1.70 43.97 60.76
C GLU D 14 -0.63 43.72 61.82
N SER D 15 0.35 42.89 61.48
CA SER D 15 1.39 42.54 62.43
C SER D 15 2.64 42.12 61.68
N ASP D 16 3.74 42.03 62.43
CA ASP D 16 5.03 41.64 61.90
C ASP D 16 5.42 40.22 62.27
N THR D 17 4.70 39.57 63.19
CA THR D 17 5.12 38.31 63.77
C THR D 17 4.03 37.24 63.72
N SER D 18 3.00 37.42 62.89
CA SER D 18 1.91 36.47 62.79
C SER D 18 1.98 35.73 61.46
N TYR D 19 1.90 34.40 61.52
CA TYR D 19 1.99 33.55 60.34
C TYR D 19 1.84 32.09 60.78
N VAL D 20 1.41 31.25 59.84
CA VAL D 20 1.39 29.81 60.04
C VAL D 20 2.35 29.18 59.02
N SER D 21 3.02 28.11 59.44
CA SER D 21 4.03 27.44 58.62
C SER D 21 3.51 26.07 58.21
N LEU D 22 3.29 25.89 56.91
CA LEU D 22 2.85 24.61 56.36
C LEU D 22 4.06 23.73 56.07
N LYS D 23 3.94 22.45 56.45
CA LYS D 23 5.02 21.49 56.30
C LYS D 23 4.64 20.49 55.20
N ALA D 24 5.55 20.28 54.25
CA ALA D 24 5.28 19.48 53.08
C ALA D 24 6.21 18.29 52.98
N PRO D 25 5.69 17.08 52.68
CA PRO D 25 6.53 15.87 52.55
C PRO D 25 7.20 15.74 51.19
N LEU D 26 8.04 16.72 50.86
CA LEU D 26 8.65 16.77 49.54
C LEU D 26 9.96 15.97 49.51
N THR D 27 10.19 15.29 48.40
CA THR D 27 11.42 14.52 48.18
C THR D 27 12.03 14.75 46.82
N LYS D 28 11.20 14.88 45.77
CA LYS D 28 11.67 15.20 44.43
C LYS D 28 11.40 16.67 44.12
N PRO D 29 12.26 17.32 43.36
CA PRO D 29 11.94 18.68 42.91
C PRO D 29 10.73 18.66 41.99
N LEU D 30 9.99 19.77 42.00
CA LEU D 30 8.72 19.86 41.29
C LEU D 30 8.96 20.30 39.85
N LYS D 31 8.46 19.50 38.91
CA LYS D 31 8.42 19.87 37.50
C LYS D 31 7.09 20.52 37.12
N ALA D 32 6.16 20.65 38.07
CA ALA D 32 4.84 21.24 37.87
C ALA D 32 4.10 21.14 39.18
N PHE D 33 3.06 21.97 39.34
CA PHE D 33 2.27 21.97 40.56
C PHE D 33 0.95 22.68 40.30
N THR D 34 0.10 22.68 41.33
CA THR D 34 -1.18 23.38 41.31
C THR D 34 -1.53 23.76 42.74
N VAL D 35 -1.88 25.03 42.94
CA VAL D 35 -2.19 25.55 44.28
C VAL D 35 -3.57 26.20 44.22
N CYS D 36 -4.41 25.86 45.20
CA CYS D 36 -5.77 26.40 45.30
C CYS D 36 -6.01 26.84 46.73
N LEU D 37 -6.82 27.88 46.90
CA LEU D 37 -7.09 28.38 48.24
C LEU D 37 -8.22 29.41 48.20
N HIS D 38 -8.76 29.68 49.39
CA HIS D 38 -9.73 30.73 49.63
C HIS D 38 -9.08 31.83 50.47
N PHE D 39 -9.56 33.07 50.29
CA PHE D 39 -9.13 34.15 51.16
C PHE D 39 -10.09 35.32 51.02
N TYR D 40 -10.06 36.20 52.02
CA TYR D 40 -11.03 37.30 52.11
C TYR D 40 -10.37 38.45 52.85
N THR D 41 -10.30 39.61 52.22
CA THR D 41 -9.70 40.78 52.84
C THR D 41 -10.16 42.04 52.13
N GLU D 42 -10.15 43.15 52.89
CA GLU D 42 -10.45 44.48 52.34
C GLU D 42 -9.19 45.21 51.90
N LEU D 43 -8.02 44.64 52.16
CA LEU D 43 -6.76 45.35 51.88
C LEU D 43 -6.60 45.68 50.41
N SER D 44 -7.25 44.93 49.53
CA SER D 44 -6.99 45.05 48.09
C SER D 44 -7.13 46.49 47.58
N SER D 45 -7.86 47.34 48.30
CA SER D 45 -8.02 48.74 47.91
C SER D 45 -7.06 49.68 48.63
N THR D 46 -6.40 49.22 49.69
CA THR D 46 -5.48 50.05 50.46
C THR D 46 -4.03 49.82 50.09
N ARG D 47 -3.58 48.57 50.08
CA ARG D 47 -2.20 48.24 49.75
C ARG D 47 -2.16 46.83 49.17
N GLY D 48 -0.95 46.28 49.03
CA GLY D 48 -0.76 44.92 48.61
C GLY D 48 -0.44 44.02 49.79
N TYR D 49 -0.48 42.72 49.53
CA TYR D 49 -0.28 41.74 50.60
C TYR D 49 0.19 40.42 50.00
N SER D 50 0.79 39.60 50.85
CA SER D 50 1.23 38.27 50.47
C SER D 50 0.10 37.27 50.72
N ILE D 51 -0.16 36.43 49.71
CA ILE D 51 -1.22 35.43 49.80
C ILE D 51 -0.65 34.04 50.07
N PHE D 52 0.49 33.71 49.47
CA PHE D 52 1.06 32.37 49.60
C PHE D 52 2.54 32.47 49.30
N SER D 53 3.39 32.24 50.32
CA SER D 53 4.84 32.44 50.22
C SER D 53 5.53 31.08 50.31
N TYR D 54 6.19 30.70 49.22
CA TYR D 54 6.93 29.44 49.10
C TYR D 54 8.37 29.80 48.77
N ALA D 55 9.27 29.63 49.74
CA ALA D 55 10.64 30.11 49.61
C ALA D 55 11.64 28.97 49.71
N THR D 56 12.81 29.21 49.12
CA THR D 56 13.95 28.30 49.18
C THR D 56 15.17 29.10 49.61
N LYS D 57 16.20 28.39 50.09
CA LYS D 57 17.40 29.04 50.56
C LYS D 57 18.08 29.86 49.46
N ARG D 58 17.99 29.40 48.22
CA ARG D 58 18.63 30.09 47.10
C ARG D 58 17.68 31.09 46.43
N GLN D 59 16.39 31.01 46.72
CA GLN D 59 15.40 31.88 46.08
C GLN D 59 14.30 32.16 47.09
N ASP D 60 14.24 33.41 47.56
CA ASP D 60 13.23 33.80 48.54
C ASP D 60 11.82 33.84 47.95
N ASN D 61 11.68 33.79 46.63
CA ASN D 61 10.39 33.83 45.95
C ASN D 61 10.27 32.64 45.00
N GLU D 62 10.49 31.43 45.51
CA GLU D 62 10.45 30.24 44.65
C GLU D 62 9.10 30.12 43.96
N ILE D 63 8.02 30.30 44.70
CA ILE D 63 6.71 30.54 44.09
C ILE D 63 5.87 31.37 45.05
N LEU D 64 5.38 32.52 44.58
CA LEU D 64 4.68 33.48 45.41
C LEU D 64 3.43 33.98 44.70
N ILE D 65 2.31 34.01 45.42
CA ILE D 65 1.08 34.61 44.93
C ILE D 65 0.87 35.91 45.71
N PHE D 66 0.74 37.01 44.98
CA PHE D 66 0.77 38.34 45.56
C PHE D 66 -0.26 39.23 44.89
N TRP D 67 -0.88 40.09 45.69
CA TRP D 67 -1.81 41.10 45.18
C TRP D 67 -1.12 42.45 45.23
N SER D 68 -0.90 43.04 44.05
CA SER D 68 -0.35 44.38 43.94
C SER D 68 -1.49 45.36 43.69
N LYS D 69 -1.66 46.30 44.60
CA LYS D 69 -2.75 47.27 44.48
C LYS D 69 -2.68 47.96 43.12
N ASP D 70 -3.85 48.27 42.57
CA ASP D 70 -4.03 49.05 41.35
C ASP D 70 -3.55 48.32 40.10
N ILE D 71 -2.97 47.13 40.24
CA ILE D 71 -2.47 46.37 39.11
C ILE D 71 -3.25 45.07 38.92
N GLY D 72 -3.33 44.26 39.97
CA GLY D 72 -4.02 42.99 39.91
C GLY D 72 -3.28 41.88 40.62
N TYR D 73 -3.36 40.66 40.10
CA TYR D 73 -2.72 39.51 40.71
C TYR D 73 -1.30 39.37 40.18
N SER D 74 -0.35 39.14 41.08
CA SER D 74 1.05 38.95 40.73
C SER D 74 1.44 37.51 41.04
N PHE D 75 1.99 36.82 40.04
CA PHE D 75 2.33 35.40 40.12
C PHE D 75 3.77 35.25 39.67
N THR D 76 4.65 34.86 40.59
CA THR D 76 6.07 34.74 40.30
C THR D 76 6.58 33.38 40.76
N VAL D 77 7.28 32.68 39.86
CA VAL D 77 7.95 31.42 40.18
C VAL D 77 9.42 31.57 39.79
N GLY D 78 10.31 31.19 40.69
CA GLY D 78 11.73 31.28 40.42
C GLY D 78 12.24 32.69 40.26
N GLY D 79 11.56 33.67 40.85
CA GLY D 79 11.99 35.05 40.81
C GLY D 79 11.46 35.86 39.64
N SER D 80 10.88 35.22 38.64
CA SER D 80 10.34 35.91 37.47
C SER D 80 8.84 36.08 37.62
N GLU D 81 8.35 37.28 37.33
CA GLU D 81 6.99 37.68 37.62
C GLU D 81 6.12 37.71 36.37
N ILE D 82 4.85 37.37 36.54
CA ILE D 82 3.82 37.55 35.53
C ILE D 82 2.58 38.11 36.23
N LEU D 83 1.82 38.93 35.49
CA LEU D 83 0.69 39.65 36.06
C LEU D 83 -0.61 39.21 35.39
N PHE D 84 -1.67 39.16 36.18
CA PHE D 84 -3.03 38.99 35.69
C PHE D 84 -3.81 40.22 36.12
N GLU D 85 -3.98 41.16 35.19
CA GLU D 85 -4.55 42.46 35.51
C GLU D 85 -5.97 42.32 36.01
N VAL D 86 -6.34 43.18 36.96
CA VAL D 86 -7.69 43.22 37.50
C VAL D 86 -8.10 44.67 37.69
N PRO D 87 -9.10 45.18 36.93
CA PRO D 87 -9.46 46.59 37.07
C PRO D 87 -10.44 46.81 38.21
N GLU D 88 -11.59 46.14 38.14
CA GLU D 88 -12.61 46.27 39.18
C GLU D 88 -12.33 45.28 40.30
N VAL D 89 -12.33 45.77 41.53
CA VAL D 89 -12.10 44.97 42.71
C VAL D 89 -13.30 45.14 43.62
N THR D 90 -14.00 44.03 43.90
CA THR D 90 -15.14 44.02 44.80
C THR D 90 -14.79 43.16 46.01
N VAL D 91 -15.13 43.66 47.19
CA VAL D 91 -14.74 43.01 48.44
C VAL D 91 -15.68 41.83 48.67
N ALA D 92 -15.12 40.63 48.64
CA ALA D 92 -15.85 39.40 48.93
C ALA D 92 -14.85 38.25 48.97
N PRO D 93 -15.23 37.11 49.54
CA PRO D 93 -14.36 35.93 49.44
C PRO D 93 -14.09 35.57 47.99
N VAL D 94 -12.88 35.07 47.74
CA VAL D 94 -12.46 34.72 46.39
C VAL D 94 -11.70 33.41 46.43
N HIS D 95 -11.84 32.63 45.37
CA HIS D 95 -11.19 31.32 45.24
C HIS D 95 -10.29 31.35 44.02
N ILE D 96 -9.00 31.07 44.23
CA ILE D 96 -8.01 31.08 43.17
C ILE D 96 -7.39 29.70 43.04
N CYS D 97 -7.16 29.27 41.81
CA CYS D 97 -6.36 28.10 41.50
C CYS D 97 -5.31 28.52 40.47
N THR D 98 -4.08 28.08 40.66
CA THR D 98 -2.99 28.44 39.77
C THR D 98 -2.04 27.28 39.63
N SER D 99 -1.63 27.00 38.39
CA SER D 99 -0.78 25.87 38.06
C SER D 99 0.34 26.31 37.14
N TRP D 100 1.43 25.54 37.17
CA TRP D 100 2.60 25.80 36.35
C TRP D 100 3.18 24.49 35.86
N GLU D 101 3.69 24.49 34.62
CA GLU D 101 4.32 23.32 34.03
C GLU D 101 5.67 23.70 33.46
N SER D 102 6.68 22.86 33.73
CA SER D 102 8.03 23.15 33.26
C SER D 102 8.18 22.87 31.77
N ALA D 103 7.72 21.70 31.32
CA ALA D 103 7.93 21.30 29.93
C ALA D 103 7.40 22.35 28.96
N SER D 104 6.39 23.12 29.38
CA SER D 104 5.77 24.11 28.51
C SER D 104 5.83 25.53 29.05
N GLY D 105 6.11 25.72 30.34
CA GLY D 105 6.08 27.03 30.94
C GLY D 105 4.71 27.64 31.08
N ILE D 106 3.64 26.92 30.67
CA ILE D 106 2.30 27.48 30.72
C ILE D 106 1.87 27.62 32.17
N VAL D 107 1.27 28.76 32.48
CA VAL D 107 0.68 29.01 33.79
C VAL D 107 -0.81 29.29 33.58
N GLU D 108 -1.65 28.62 34.35
CA GLU D 108 -3.08 28.86 34.35
C GLU D 108 -3.46 29.55 35.65
N PHE D 109 -4.44 30.45 35.57
CA PHE D 109 -4.91 31.18 36.74
C PHE D 109 -6.43 31.19 36.72
N TRP D 110 -7.04 30.50 37.67
CA TRP D 110 -8.48 30.42 37.80
C TRP D 110 -8.90 31.30 38.96
N VAL D 111 -9.93 32.13 38.73
CA VAL D 111 -10.49 33.00 39.77
C VAL D 111 -11.97 32.68 39.89
N ASP D 112 -12.37 32.23 41.08
CA ASP D 112 -13.75 31.84 41.35
C ASP D 112 -14.27 30.89 40.28
N GLY D 113 -13.45 29.90 39.95
CA GLY D 113 -13.83 28.86 39.01
C GLY D 113 -13.87 29.25 37.55
N LYS D 114 -13.47 30.48 37.21
CA LYS D 114 -13.45 30.92 35.82
C LYS D 114 -12.02 31.18 35.39
N PRO D 115 -11.58 30.67 34.25
CA PRO D 115 -10.15 30.73 33.92
C PRO D 115 -9.74 32.01 33.23
N ARG D 116 -8.53 32.46 33.55
CA ARG D 116 -7.86 33.51 32.81
C ARG D 116 -7.01 32.91 31.71
N VAL D 117 -6.63 33.76 30.75
CA VAL D 117 -5.84 33.27 29.63
C VAL D 117 -4.53 32.67 30.14
N ARG D 118 -3.89 31.91 29.26
CA ARG D 118 -2.66 31.20 29.60
C ARG D 118 -1.44 32.04 29.22
N LYS D 119 -0.43 32.04 30.08
CA LYS D 119 0.79 32.81 29.87
C LYS D 119 2.00 31.92 30.12
N SER D 120 3.17 32.41 29.73
CA SER D 120 4.42 31.68 29.88
C SER D 120 5.22 32.21 31.07
N LEU D 121 6.01 31.33 31.67
CA LEU D 121 6.89 31.72 32.76
C LEU D 121 7.86 30.59 33.10
N LYS D 122 9.15 30.88 33.03
CA LYS D 122 10.20 29.95 33.45
C LYS D 122 10.01 28.56 32.83
N LYS D 123 10.09 28.52 31.51
CA LYS D 123 10.06 27.24 30.81
C LYS D 123 11.34 26.46 31.13
N GLY D 124 11.18 25.19 31.51
CA GLY D 124 12.31 24.34 31.82
C GLY D 124 12.82 24.45 33.24
N TYR D 125 12.24 25.33 34.05
CA TYR D 125 12.67 25.49 35.44
C TYR D 125 12.32 24.24 36.24
N THR D 126 12.88 24.17 37.44
CA THR D 126 12.61 23.08 38.39
C THR D 126 12.56 23.67 39.78
N VAL D 127 11.40 23.58 40.42
CA VAL D 127 11.17 24.21 41.71
C VAL D 127 11.81 23.36 42.81
N GLY D 128 12.38 24.03 43.80
CA GLY D 128 13.04 23.32 44.88
C GLY D 128 12.05 22.55 45.73
N ALA D 129 12.53 21.44 46.30
CA ALA D 129 11.68 20.57 47.10
C ALA D 129 11.71 20.90 48.59
N GLU D 130 12.88 21.24 49.12
CA GLU D 130 13.04 21.57 50.54
C GLU D 130 12.69 23.05 50.72
N ALA D 131 11.40 23.32 50.92
CA ALA D 131 10.88 24.68 50.95
C ALA D 131 10.34 25.02 52.33
N SER D 132 10.04 26.31 52.51
CA SER D 132 9.38 26.83 53.70
C SER D 132 8.13 27.58 53.25
N ILE D 133 6.97 27.09 53.67
CA ILE D 133 5.68 27.61 53.23
C ILE D 133 5.07 28.40 54.37
N ILE D 134 4.71 29.65 54.10
CA ILE D 134 4.23 30.58 55.11
C ILE D 134 2.98 31.27 54.61
N LEU D 135 2.01 31.45 55.51
CA LEU D 135 0.76 32.13 55.22
C LEU D 135 0.65 33.36 56.11
N GLY D 136 0.25 34.48 55.53
CA GLY D 136 0.11 35.71 56.28
C GLY D 136 1.32 36.62 56.25
N GLN D 137 2.42 36.19 55.63
CA GLN D 137 3.63 36.99 55.55
C GLN D 137 4.36 36.70 54.26
N GLU D 138 5.20 37.64 53.85
CA GLU D 138 6.05 37.48 52.68
C GLU D 138 7.47 37.19 53.13
N GLN D 139 8.08 36.17 52.55
CA GLN D 139 9.42 35.75 52.94
C GLN D 139 10.47 36.48 52.12
N ASP D 140 11.45 37.06 52.81
CA ASP D 140 12.65 37.58 52.18
C ASP D 140 13.85 36.66 52.37
N SER D 141 13.74 35.72 53.31
CA SER D 141 14.75 34.69 53.53
C SER D 141 14.00 33.43 53.94
N PHE D 142 14.75 32.33 54.07
CA PHE D 142 14.12 31.07 54.45
C PHE D 142 13.33 31.22 55.75
N GLY D 143 12.01 31.34 55.65
CA GLY D 143 11.18 31.40 56.83
C GLY D 143 11.40 32.60 57.72
N GLY D 144 11.85 33.72 57.17
CA GLY D 144 12.13 34.87 58.00
C GLY D 144 12.18 36.14 57.17
N ASN D 145 12.51 37.24 57.86
CA ASN D 145 12.63 38.56 57.25
C ASN D 145 11.29 38.97 56.61
N PHE D 146 10.33 39.23 57.49
CA PHE D 146 8.99 39.61 57.09
C PHE D 146 8.86 41.12 57.04
N GLU D 147 8.12 41.61 56.05
CA GLU D 147 7.76 43.02 55.98
C GLU D 147 6.32 43.17 56.43
N GLY D 148 6.09 44.06 57.41
CA GLY D 148 4.76 44.25 57.93
C GLY D 148 3.78 44.81 56.91
N SER D 149 4.29 45.60 55.97
CA SER D 149 3.45 46.17 54.92
C SER D 149 3.04 45.15 53.88
N GLN D 150 3.58 43.94 53.92
CA GLN D 150 3.14 42.84 53.05
C GLN D 150 2.29 41.83 53.79
N SER D 151 1.94 42.10 55.05
CA SER D 151 1.12 41.18 55.83
C SER D 151 -0.24 41.00 55.17
N LEU D 152 -0.87 39.87 55.44
CA LEU D 152 -2.25 39.62 55.06
C LEU D 152 -3.13 39.74 56.31
N VAL D 153 -4.14 40.60 56.21
CA VAL D 153 -5.08 40.85 57.32
C VAL D 153 -6.45 40.38 56.86
N GLY D 154 -6.90 39.25 57.39
CA GLY D 154 -8.20 38.70 57.06
C GLY D 154 -8.20 37.19 57.24
N ASP D 155 -9.02 36.53 56.44
CA ASP D 155 -9.21 35.09 56.52
C ASP D 155 -8.49 34.39 55.38
N ILE D 156 -7.92 33.22 55.68
CA ILE D 156 -7.34 32.37 54.65
C ILE D 156 -7.54 30.91 55.06
N GLY D 157 -7.86 30.08 54.08
CA GLY D 157 -8.09 28.67 54.34
C GLY D 157 -8.30 27.92 53.05
N ASN D 158 -8.60 26.63 53.20
CA ASN D 158 -8.90 25.75 52.07
C ASN D 158 -7.73 25.62 51.11
N VAL D 159 -6.50 25.74 51.63
CA VAL D 159 -5.32 25.66 50.77
C VAL D 159 -5.02 24.20 50.46
N ASN D 160 -4.77 23.91 49.19
CA ASN D 160 -4.46 22.56 48.74
C ASN D 160 -3.48 22.65 47.59
N MET D 161 -2.50 21.73 47.57
CA MET D 161 -1.43 21.75 46.60
C MET D 161 -1.22 20.36 46.01
N TRP D 162 -1.09 20.30 44.69
CA TRP D 162 -0.71 19.09 43.97
C TRP D 162 0.68 19.26 43.40
N ASP D 163 1.21 18.18 42.82
CA ASP D 163 2.49 18.20 42.14
C ASP D 163 2.34 17.95 40.63
N PHE D 164 1.14 18.11 40.10
CA PHE D 164 0.88 18.05 38.67
C PHE D 164 -0.09 19.18 38.33
N VAL D 165 -0.55 19.21 37.08
CA VAL D 165 -1.41 20.27 36.57
C VAL D 165 -2.84 19.76 36.54
N LEU D 166 -3.75 20.52 37.14
CA LEU D 166 -5.15 20.14 37.19
C LEU D 166 -5.88 20.57 35.92
N SER D 167 -6.73 19.68 35.41
CA SER D 167 -7.51 19.97 34.22
C SER D 167 -8.69 20.87 34.57
N PRO D 168 -9.28 21.54 33.58
CA PRO D 168 -10.49 22.33 33.85
C PRO D 168 -11.54 21.58 34.65
N ASP D 169 -11.82 20.32 34.29
CA ASP D 169 -12.84 19.55 34.98
C ASP D 169 -12.49 19.35 36.45
N GLU D 170 -11.21 19.12 36.75
CA GLU D 170 -10.80 18.94 38.15
C GLU D 170 -10.92 20.27 38.91
N ILE D 171 -10.43 21.35 38.31
CA ILE D 171 -10.56 22.66 38.96
C ILE D 171 -12.02 22.93 39.31
N ASN D 172 -12.94 22.55 38.42
CA ASN D 172 -14.35 22.79 38.67
C ASN D 172 -14.81 22.10 39.94
N THR D 173 -14.53 20.80 40.06
CA THR D 173 -14.97 20.06 41.24
C THR D 173 -14.37 20.64 42.51
N ILE D 174 -13.14 21.14 42.44
CA ILE D 174 -12.50 21.74 43.60
C ILE D 174 -13.29 22.96 44.07
N TYR D 175 -13.65 23.83 43.12
CA TYR D 175 -14.40 25.04 43.45
C TYR D 175 -15.84 24.71 43.82
N LEU D 176 -16.47 23.80 43.08
CA LEU D 176 -17.87 23.49 43.28
C LEU D 176 -18.13 22.71 44.57
N GLY D 177 -17.08 22.13 45.16
CA GLY D 177 -17.21 21.41 46.40
C GLY D 177 -17.17 19.90 46.26
N GLY D 178 -16.42 19.42 45.27
CA GLY D 178 -16.33 18.01 44.99
C GLY D 178 -15.12 17.40 45.66
N PRO D 179 -15.03 16.07 45.67
CA PRO D 179 -13.93 15.38 46.38
C PRO D 179 -12.66 15.34 45.56
N PHE D 180 -11.60 15.95 46.10
CA PHE D 180 -10.28 15.96 45.49
C PHE D 180 -9.25 15.53 46.53
N SER D 181 -8.17 14.90 46.07
CA SER D 181 -7.12 14.40 46.96
C SER D 181 -5.77 15.04 46.63
N PRO D 182 -5.35 16.08 47.36
CA PRO D 182 -4.02 16.63 47.15
C PRO D 182 -2.95 15.64 47.57
N ASN D 183 -1.76 15.81 46.96
CA ASN D 183 -0.62 14.95 47.25
C ASN D 183 0.62 15.74 47.69
N VAL D 184 0.46 17.03 48.03
CA VAL D 184 1.55 17.83 48.58
C VAL D 184 1.05 18.49 49.86
N LEU D 185 0.02 19.33 49.74
CA LEU D 185 -0.62 19.97 50.89
C LEU D 185 -2.10 19.59 50.88
N ASN D 186 -2.61 19.15 52.02
CA ASN D 186 -3.98 18.68 52.15
C ASN D 186 -4.63 19.38 53.34
N TRP D 187 -5.67 20.16 53.07
CA TRP D 187 -6.38 20.84 54.16
C TRP D 187 -6.94 19.83 55.15
N ARG D 188 -7.39 18.68 54.67
CA ARG D 188 -7.97 17.65 55.53
C ARG D 188 -6.92 16.83 56.26
N ALA D 189 -5.63 17.12 56.05
CA ALA D 189 -4.54 16.40 56.70
C ALA D 189 -3.33 17.34 56.75
N LEU D 190 -3.49 18.45 57.47
CA LEU D 190 -2.50 19.53 57.47
C LEU D 190 -1.53 19.36 58.63
N LYS D 191 -0.23 19.37 58.32
CA LYS D 191 0.82 19.47 59.32
C LYS D 191 1.30 20.92 59.30
N TYR D 192 0.90 21.70 60.29
CA TYR D 192 1.19 23.14 60.31
C TYR D 192 1.72 23.53 61.69
N GLU D 193 2.10 24.80 61.80
CA GLU D 193 2.71 25.34 63.01
C GLU D 193 2.33 26.81 63.13
N VAL D 194 1.69 27.18 64.23
CA VAL D 194 1.19 28.54 64.41
C VAL D 194 2.26 29.37 65.12
N GLN D 195 2.31 30.66 64.78
CA GLN D 195 3.22 31.60 65.42
C GLN D 195 2.62 32.99 65.35
N GLY D 196 2.62 33.68 66.48
CA GLY D 196 2.11 35.03 66.53
C GLY D 196 0.62 35.10 66.78
N GLU D 197 0.05 36.24 66.41
CA GLU D 197 -1.37 36.52 66.64
C GLU D 197 -2.18 35.99 65.46
N VAL D 198 -2.54 34.71 65.54
CA VAL D 198 -3.40 34.08 64.54
C VAL D 198 -4.37 33.16 65.25
N PHE D 199 -5.57 33.03 64.69
CA PHE D 199 -6.65 32.26 65.30
C PHE D 199 -7.26 31.33 64.27
N THR D 200 -7.94 30.30 64.78
CA THR D 200 -8.63 29.31 63.95
C THR D 200 -10.12 29.38 64.27
N LYS D 201 -10.91 29.80 63.30
CA LYS D 201 -12.34 29.98 63.47
C LYS D 201 -13.07 29.39 62.27
N PRO D 202 -14.37 29.18 62.38
CA PRO D 202 -15.13 28.66 61.24
C PRO D 202 -15.01 29.58 60.03
N GLN D 203 -14.99 28.98 58.84
CA GLN D 203 -14.80 29.75 57.62
C GLN D 203 -16.05 30.56 57.31
N LEU D 204 -15.84 31.69 56.63
CA LEU D 204 -16.92 32.62 56.32
C LEU D 204 -17.60 32.29 55.01
N TRP D 205 -16.86 31.75 54.04
CA TRP D 205 -17.42 31.37 52.75
C TRP D 205 -18.15 30.03 52.86
N PRO D 206 -19.01 29.73 51.89
CA PRO D 206 -19.73 28.44 51.85
C PRO D 206 -18.82 27.27 51.53
N GLN E 1 -42.37 40.15 79.97
CA GLN E 1 -42.19 39.34 78.74
C GLN E 1 -43.24 39.70 77.69
N THR E 2 -42.79 40.02 76.47
CA THR E 2 -43.71 40.31 75.38
C THR E 2 -43.22 39.62 74.12
N ASP E 3 -44.13 38.92 73.44
CA ASP E 3 -43.83 38.32 72.14
C ASP E 3 -44.01 39.38 71.07
N MET E 4 -42.90 39.80 70.45
CA MET E 4 -42.91 40.83 69.44
C MET E 4 -42.76 40.28 68.03
N SER E 5 -43.08 39.01 67.82
CA SER E 5 -42.98 38.42 66.49
C SER E 5 -43.81 39.20 65.49
N ARG E 6 -43.23 39.45 64.31
CA ARG E 6 -43.85 40.12 63.18
C ARG E 6 -44.17 41.58 63.45
N LYS E 7 -43.79 42.12 64.60
CA LYS E 7 -44.01 43.53 64.93
C LYS E 7 -42.67 44.26 64.96
N ALA E 8 -42.74 45.58 64.83
CA ALA E 8 -41.54 46.40 64.76
C ALA E 8 -41.82 47.78 65.34
N PHE E 9 -40.77 48.40 65.89
CA PHE E 9 -40.86 49.76 66.41
C PHE E 9 -40.69 50.76 65.28
N VAL E 10 -41.49 51.82 65.32
CA VAL E 10 -41.48 52.85 64.29
C VAL E 10 -41.22 54.20 64.95
N PHE E 11 -40.19 54.90 64.48
CA PHE E 11 -39.89 56.28 64.88
C PHE E 11 -40.23 57.16 63.69
N PRO E 12 -41.46 57.72 63.63
CA PRO E 12 -41.89 58.35 62.37
C PRO E 12 -41.04 59.55 61.96
N LYS E 13 -40.83 60.51 62.87
CA LYS E 13 -40.15 61.75 62.53
C LYS E 13 -38.99 61.99 63.49
N GLU E 14 -38.04 62.80 63.04
CA GLU E 14 -36.90 63.18 63.86
C GLU E 14 -37.37 63.78 65.17
N SER E 15 -36.76 63.35 66.27
CA SER E 15 -37.15 63.83 67.59
C SER E 15 -35.98 63.68 68.55
N ASP E 16 -36.11 64.33 69.71
CA ASP E 16 -35.11 64.27 70.76
C ASP E 16 -35.52 63.42 71.95
N THR E 17 -36.80 63.02 72.03
CA THR E 17 -37.34 62.41 73.24
C THR E 17 -38.04 61.08 72.96
N SER E 18 -37.80 60.47 71.80
CA SER E 18 -38.41 59.20 71.43
C SER E 18 -37.37 58.09 71.50
N TYR E 19 -37.73 56.99 72.17
CA TYR E 19 -36.82 55.86 72.36
C TYR E 19 -37.52 54.76 73.12
N VAL E 20 -37.05 53.52 72.93
CA VAL E 20 -37.50 52.38 73.73
C VAL E 20 -36.31 51.86 74.51
N SER E 21 -36.56 51.39 75.72
CA SER E 21 -35.53 50.91 76.63
C SER E 21 -35.68 49.41 76.77
N LEU E 22 -34.68 48.67 76.30
CA LEU E 22 -34.68 47.22 76.43
C LEU E 22 -34.04 46.85 77.77
N LYS E 23 -34.67 45.91 78.46
CA LYS E 23 -34.24 45.48 79.79
C LYS E 23 -33.66 44.07 79.68
N ALA E 24 -32.47 43.88 80.23
CA ALA E 24 -31.73 42.64 80.07
C ALA E 24 -31.44 42.00 81.42
N PRO E 25 -31.62 40.67 81.53
CA PRO E 25 -31.35 39.96 82.80
C PRO E 25 -29.87 39.66 83.02
N LEU E 26 -29.06 40.71 83.05
CA LEU E 26 -27.62 40.56 83.14
C LEU E 26 -27.17 40.49 84.59
N THR E 27 -26.17 39.65 84.83
CA THR E 27 -25.58 39.51 86.16
C THR E 27 -24.07 39.51 86.11
N LYS E 28 -23.50 38.89 85.13
CA LYS E 28 -22.09 38.76 84.86
C LYS E 28 -21.67 39.66 83.69
N PRO E 29 -20.46 40.21 83.75
CA PRO E 29 -19.95 40.95 82.58
C PRO E 29 -19.74 40.04 81.39
N LEU E 30 -19.85 40.63 80.20
CA LEU E 30 -19.78 39.88 78.95
C LEU E 30 -18.34 39.74 78.50
N LYS E 31 -17.92 38.50 78.26
CA LYS E 31 -16.64 38.21 77.64
C LYS E 31 -16.74 38.08 76.13
N ALA E 32 -17.95 38.19 75.58
CA ALA E 32 -18.23 38.09 74.16
C ALA E 32 -19.73 38.22 73.99
N PHE E 33 -20.17 38.56 72.78
CA PHE E 33 -21.60 38.69 72.52
C PHE E 33 -21.85 38.67 71.01
N THR E 34 -23.13 38.70 70.65
CA THR E 34 -23.57 38.77 69.26
C THR E 34 -24.92 39.47 69.23
N VAL E 35 -25.06 40.46 68.36
CA VAL E 35 -26.27 41.27 68.27
C VAL E 35 -26.76 41.23 66.83
N CYS E 36 -28.06 41.01 66.66
CA CYS E 36 -28.68 40.97 65.34
C CYS E 36 -29.96 41.80 65.37
N LEU E 37 -30.28 42.41 64.24
CA LEU E 37 -31.47 43.25 64.16
C LEU E 37 -31.74 43.63 62.70
N HIS E 38 -32.96 44.09 62.47
CA HIS E 38 -33.40 44.66 61.21
C HIS E 38 -33.63 46.16 61.39
N PHE E 39 -33.47 46.91 60.31
CA PHE E 39 -33.84 48.32 60.34
C PHE E 39 -33.97 48.85 58.93
N TYR E 40 -34.67 49.97 58.81
CA TYR E 40 -35.02 50.54 57.50
C TYR E 40 -35.17 52.05 57.66
N THR E 41 -34.37 52.81 56.93
CA THR E 41 -34.44 54.26 56.98
C THR E 41 -33.79 54.86 55.74
N GLU E 42 -34.23 56.06 55.39
CA GLU E 42 -33.67 56.82 54.28
C GLU E 42 -32.59 57.80 54.73
N LEU E 43 -32.36 57.93 56.04
CA LEU E 43 -31.44 58.94 56.54
C LEU E 43 -30.02 58.73 56.03
N SER E 44 -29.66 57.49 55.68
CA SER E 44 -28.27 57.16 55.38
C SER E 44 -27.63 58.09 54.36
N SER E 45 -28.43 58.79 53.54
CA SER E 45 -27.89 59.70 52.55
C SER E 45 -27.85 61.15 53.03
N THR E 46 -28.55 61.48 54.11
CA THR E 46 -28.60 62.85 54.62
C THR E 46 -27.65 63.07 55.80
N ARG E 47 -27.68 62.20 56.81
CA ARG E 47 -26.84 62.33 57.97
C ARG E 47 -26.58 60.95 58.55
N GLY E 48 -26.00 60.90 59.75
CA GLY E 48 -25.81 59.66 60.47
C GLY E 48 -26.84 59.47 61.57
N TYR E 49 -26.86 58.26 62.12
CA TYR E 49 -27.85 57.92 63.14
C TYR E 49 -27.33 56.77 64.00
N SER E 50 -27.91 56.65 65.18
CA SER E 50 -27.60 55.56 66.09
C SER E 50 -28.53 54.38 65.83
N ILE E 51 -27.95 53.19 65.76
CA ILE E 51 -28.71 51.98 65.48
C ILE E 51 -28.97 51.17 66.75
N PHE E 52 -27.98 51.11 67.65
CA PHE E 52 -28.07 50.28 68.84
C PHE E 52 -27.10 50.85 69.87
N SER E 53 -27.63 51.42 70.94
CA SER E 53 -26.84 52.13 71.94
C SER E 53 -26.87 51.38 73.26
N TYR E 54 -25.70 50.89 73.67
CA TYR E 54 -25.52 50.14 74.91
C TYR E 54 -24.50 50.87 75.77
N ALA E 55 -24.97 51.47 76.86
CA ALA E 55 -24.15 52.36 77.67
C ALA E 55 -24.01 51.83 79.09
N THR E 56 -22.93 52.24 79.75
CA THR E 56 -22.66 51.91 81.15
C THR E 56 -22.37 53.20 81.89
N LYS E 57 -22.47 53.14 83.23
CA LYS E 57 -22.23 54.34 84.03
C LYS E 57 -20.84 54.89 83.80
N ARG E 58 -19.86 54.02 83.54
CA ARG E 58 -18.49 54.45 83.33
C ARG E 58 -18.16 54.70 81.87
N GLN E 59 -19.00 54.23 80.94
CA GLN E 59 -18.68 54.32 79.52
C GLN E 59 -19.98 54.50 78.75
N ASP E 60 -20.19 55.70 78.20
CA ASP E 60 -21.40 55.98 77.44
C ASP E 60 -21.44 55.24 76.11
N ASN E 61 -20.32 54.66 75.67
CA ASN E 61 -20.23 53.92 74.42
C ASN E 61 -19.67 52.53 74.67
N GLU E 62 -20.25 51.79 75.61
CA GLU E 62 -19.75 50.46 75.92
C GLU E 62 -19.81 49.55 74.69
N ILE E 63 -20.94 49.58 73.98
CA ILE E 63 -21.00 49.00 72.63
C ILE E 63 -22.07 49.73 71.83
N LEU E 64 -21.67 50.29 70.69
CA LEU E 64 -22.53 51.13 69.87
C LEU E 64 -22.40 50.73 68.40
N ILE E 65 -23.55 50.58 67.74
CA ILE E 65 -23.61 50.38 66.30
C ILE E 65 -24.15 51.67 65.69
N PHE E 66 -23.39 52.24 64.76
CA PHE E 66 -23.66 53.58 64.27
C PHE E 66 -23.42 53.64 62.77
N TRP E 67 -24.26 54.38 62.06
CA TRP E 67 -24.06 54.66 60.65
C TRP E 67 -23.59 56.10 60.50
N SER E 68 -22.37 56.29 60.02
CA SER E 68 -21.81 57.61 59.75
C SER E 68 -21.94 57.88 58.25
N LYS E 69 -22.64 58.95 57.90
CA LYS E 69 -22.87 59.27 56.50
C LYS E 69 -21.56 59.30 55.73
N ASP E 70 -21.62 58.85 54.48
CA ASP E 70 -20.54 58.93 53.50
C ASP E 70 -19.37 58.02 53.85
N ILE E 71 -19.40 57.33 54.98
CA ILE E 71 -18.31 56.47 55.42
C ILE E 71 -18.74 55.00 55.44
N GLY E 72 -19.81 54.69 56.16
CA GLY E 72 -20.29 53.33 56.30
C GLY E 72 -20.69 52.99 57.72
N TYR E 73 -20.46 51.74 58.13
CA TYR E 73 -20.85 51.27 59.45
C TYR E 73 -19.73 51.54 60.46
N SER E 74 -20.11 52.07 61.62
CA SER E 74 -19.18 52.32 62.72
C SER E 74 -19.52 51.41 63.90
N PHE E 75 -18.53 50.66 64.36
CA PHE E 75 -18.71 49.66 65.41
C PHE E 75 -17.67 49.90 66.49
N THR E 76 -18.12 50.28 67.69
CA THR E 76 -17.22 50.62 68.77
C THR E 76 -17.60 49.86 70.03
N VAL E 77 -16.61 49.24 70.67
CA VAL E 77 -16.76 48.56 71.95
C VAL E 77 -15.77 49.19 72.93
N GLY E 78 -16.28 49.56 74.11
CA GLY E 78 -15.41 50.15 75.12
C GLY E 78 -14.82 51.49 74.73
N GLY E 79 -15.49 52.23 73.84
CA GLY E 79 -15.03 53.54 73.43
C GLY E 79 -14.11 53.56 72.24
N SER E 80 -13.61 52.41 71.80
CA SER E 80 -12.71 52.31 70.66
C SER E 80 -13.48 51.90 69.43
N GLU E 81 -13.22 52.58 68.31
CA GLU E 81 -14.01 52.43 67.09
C GLU E 81 -13.27 51.63 66.03
N ILE E 82 -14.04 50.88 65.24
CA ILE E 82 -13.56 50.24 64.02
C ILE E 82 -14.64 50.43 62.96
N LEU E 83 -14.21 50.51 61.70
CA LEU E 83 -15.09 50.87 60.60
C LEU E 83 -15.21 49.74 59.60
N PHE E 84 -16.40 49.59 59.03
CA PHE E 84 -16.65 48.73 57.87
C PHE E 84 -17.17 49.66 56.77
N GLU E 85 -16.28 50.06 55.87
CA GLU E 85 -16.61 51.08 54.87
C GLU E 85 -17.69 50.57 53.94
N VAL E 86 -18.55 51.49 53.50
CA VAL E 86 -19.60 51.18 52.53
C VAL E 86 -19.68 52.33 51.55
N PRO E 87 -19.33 52.13 50.27
CA PRO E 87 -19.36 53.25 49.31
C PRO E 87 -20.75 53.47 48.75
N GLU E 88 -21.35 52.44 48.16
CA GLU E 88 -22.68 52.54 47.60
C GLU E 88 -23.72 52.23 48.67
N VAL E 89 -24.71 53.09 48.79
CA VAL E 89 -25.78 52.96 49.77
C VAL E 89 -27.11 52.96 49.02
N THR E 90 -27.86 51.86 49.14
CA THR E 90 -29.17 51.74 48.55
C THR E 90 -30.21 51.61 49.65
N VAL E 91 -31.32 52.33 49.51
CA VAL E 91 -32.34 52.39 50.55
C VAL E 91 -33.22 51.14 50.46
N ALA E 92 -33.18 50.32 51.51
CA ALA E 92 -34.01 49.14 51.63
C ALA E 92 -33.86 48.59 53.04
N PRO E 93 -34.77 47.71 53.48
CA PRO E 93 -34.54 47.04 54.75
C PRO E 93 -33.23 46.29 54.73
N VAL E 94 -32.56 46.25 55.88
CA VAL E 94 -31.26 45.61 55.99
C VAL E 94 -31.20 44.84 57.31
N HIS E 95 -30.48 43.72 57.28
CA HIS E 95 -30.31 42.85 58.45
C HIS E 95 -28.83 42.76 58.78
N ILE E 96 -28.47 43.15 60.00
CA ILE E 96 -27.09 43.15 60.44
C ILE E 96 -26.94 42.21 61.63
N CYS E 97 -25.83 41.49 61.67
CA CYS E 97 -25.39 40.73 62.82
C CYS E 97 -23.94 41.09 63.11
N THR E 98 -23.62 41.28 64.37
CA THR E 98 -22.27 41.66 64.76
C THR E 98 -21.90 41.01 66.08
N SER E 99 -20.68 40.48 66.15
CA SER E 99 -20.21 39.75 67.31
C SER E 99 -18.80 40.20 67.66
N TRP E 100 -18.43 40.01 68.92
CA TRP E 100 -17.11 40.36 69.43
C TRP E 100 -16.66 39.31 70.43
N GLU E 101 -15.36 39.02 70.44
CA GLU E 101 -14.77 38.06 71.36
C GLU E 101 -13.58 38.69 72.06
N SER E 102 -13.49 38.45 73.38
CA SER E 102 -12.42 39.05 74.17
C SER E 102 -11.09 38.32 73.94
N ALA E 103 -11.11 36.99 74.04
CA ALA E 103 -9.86 36.23 73.96
C ALA E 103 -9.07 36.55 72.70
N SER E 104 -9.76 36.96 71.63
CA SER E 104 -9.12 37.21 70.35
C SER E 104 -9.31 38.63 69.84
N GLY E 105 -10.27 39.39 70.36
CA GLY E 105 -10.58 40.69 69.82
C GLY E 105 -11.26 40.66 68.46
N ILE E 106 -11.50 39.48 67.91
CA ILE E 106 -12.08 39.36 66.57
C ILE E 106 -13.52 39.85 66.60
N VAL E 107 -13.89 40.68 65.63
CA VAL E 107 -15.26 41.12 65.44
C VAL E 107 -15.71 40.70 64.04
N GLU E 108 -16.89 40.10 63.96
CA GLU E 108 -17.51 39.75 62.69
C GLU E 108 -18.68 40.69 62.45
N PHE E 109 -18.90 41.04 61.19
CA PHE E 109 -19.99 41.94 60.81
C PHE E 109 -20.68 41.34 59.58
N TRP E 110 -21.91 40.88 59.76
CA TRP E 110 -22.70 40.31 58.69
C TRP E 110 -23.78 41.29 58.27
N VAL E 111 -23.90 41.52 56.96
CA VAL E 111 -24.93 42.39 56.40
C VAL E 111 -25.74 41.57 55.41
N ASP E 112 -27.04 41.46 55.67
CA ASP E 112 -27.94 40.68 54.83
C ASP E 112 -27.38 39.28 54.58
N GLY E 113 -26.91 38.65 55.65
CA GLY E 113 -26.42 37.29 55.61
C GLY E 113 -25.07 37.09 54.98
N LYS E 114 -24.39 38.17 54.58
CA LYS E 114 -23.07 38.06 53.97
C LYS E 114 -22.03 38.71 54.88
N PRO E 115 -20.92 38.04 55.16
CA PRO E 115 -19.98 38.55 56.16
C PRO E 115 -18.96 39.52 55.58
N ARG E 116 -18.60 40.49 56.41
CA ARG E 116 -17.43 41.31 56.13
C ARG E 116 -16.21 40.67 56.77
N VAL E 117 -15.03 41.11 56.32
CA VAL E 117 -13.81 40.50 56.83
C VAL E 117 -13.75 40.69 58.34
N ARG E 118 -12.88 39.91 58.98
CA ARG E 118 -12.75 39.94 60.43
C ARG E 118 -11.66 40.95 60.82
N LYS E 119 -11.95 41.70 61.88
CA LYS E 119 -11.05 42.74 62.36
C LYS E 119 -10.90 42.59 63.88
N SER E 120 -9.92 43.28 64.43
CA SER E 120 -9.63 43.24 65.86
C SER E 120 -10.16 44.48 66.55
N LEU E 121 -10.49 44.33 67.83
CA LEU E 121 -10.95 45.45 68.64
C LEU E 121 -11.02 45.09 70.11
N LYS E 122 -10.30 45.85 70.95
CA LYS E 122 -10.36 45.71 72.40
C LYS E 122 -10.18 44.25 72.82
N LYS E 123 -9.02 43.69 72.49
CA LYS E 123 -8.68 42.36 72.95
C LYS E 123 -8.46 42.41 74.46
N GLY E 124 -9.08 41.48 75.18
CA GLY E 124 -8.94 41.41 76.62
C GLY E 124 -9.89 42.29 77.40
N TYR E 125 -10.70 43.10 76.74
CA TYR E 125 -11.67 43.93 77.43
C TYR E 125 -12.74 43.06 78.08
N THR E 126 -13.55 43.69 78.93
CA THR E 126 -14.68 43.01 79.57
C THR E 126 -15.82 44.01 79.65
N VAL E 127 -16.92 43.70 78.98
CA VAL E 127 -18.04 44.62 78.87
C VAL E 127 -18.86 44.59 80.16
N GLY E 128 -19.33 45.76 80.57
CA GLY E 128 -20.10 45.86 81.80
C GLY E 128 -21.45 45.19 81.68
N ALA E 129 -21.94 44.69 82.82
CA ALA E 129 -23.21 43.97 82.86
C ALA E 129 -24.38 44.87 83.19
N GLU E 130 -24.21 45.83 84.09
CA GLU E 130 -25.28 46.74 84.50
C GLU E 130 -25.36 47.86 83.46
N ALA E 131 -26.11 47.60 82.39
CA ALA E 131 -26.16 48.49 81.24
C ALA E 131 -27.55 49.07 81.04
N SER E 132 -27.61 50.05 80.15
CA SER E 132 -28.86 50.67 79.71
C SER E 132 -28.91 50.56 78.20
N ILE E 133 -29.92 49.86 77.68
CA ILE E 133 -30.03 49.56 76.26
C ILE E 133 -31.15 50.42 75.68
N ILE E 134 -30.83 51.18 74.64
CA ILE E 134 -31.73 52.16 74.06
C ILE E 134 -31.74 52.00 72.54
N LEU E 135 -32.92 52.12 71.95
CA LEU E 135 -33.10 52.07 70.50
C LEU E 135 -33.69 53.39 70.04
N GLY E 136 -33.14 53.94 68.96
CA GLY E 136 -33.63 55.18 68.41
C GLY E 136 -32.92 56.43 68.88
N GLN E 137 -31.98 56.32 69.82
CA GLN E 137 -31.25 57.47 70.31
C GLN E 137 -29.84 57.03 70.69
N GLU E 138 -28.94 58.02 70.73
CA GLU E 138 -27.56 57.79 71.13
C GLU E 138 -27.36 58.30 72.55
N GLN E 139 -26.75 57.47 73.39
CA GLN E 139 -26.56 57.80 74.80
C GLN E 139 -25.21 58.49 74.99
N ASP E 140 -25.23 59.64 75.66
CA ASP E 140 -24.03 60.29 76.14
C ASP E 140 -23.84 60.08 77.64
N SER E 141 -24.88 59.64 78.33
CA SER E 141 -24.83 59.28 79.75
C SER E 141 -25.77 58.10 79.94
N PHE E 142 -25.75 57.53 81.14
CA PHE E 142 -26.59 56.37 81.43
C PHE E 142 -28.06 56.67 81.12
N GLY E 143 -28.53 56.19 79.97
CA GLY E 143 -29.93 56.33 79.62
C GLY E 143 -30.39 57.76 79.40
N GLY E 144 -29.49 58.66 78.99
CA GLY E 144 -29.86 60.04 78.82
C GLY E 144 -28.87 60.79 77.95
N ASN E 145 -29.11 62.11 77.84
CA ASN E 145 -28.28 63.01 77.05
C ASN E 145 -28.28 62.58 75.58
N PHE E 146 -29.44 62.78 74.95
CA PHE E 146 -29.64 62.42 73.56
C PHE E 146 -29.40 63.61 72.65
N GLU E 147 -28.78 63.35 71.49
CA GLU E 147 -28.63 64.35 70.44
C GLU E 147 -29.64 64.07 69.33
N GLY E 148 -30.40 65.09 68.95
CA GLY E 148 -31.43 64.91 67.95
C GLY E 148 -30.89 64.59 66.57
N SER E 149 -29.68 65.08 66.26
CA SER E 149 -29.08 64.78 64.96
C SER E 149 -28.55 63.36 64.87
N GLN E 150 -28.55 62.62 65.98
CA GLN E 150 -28.20 61.20 65.99
C GLN E 150 -29.43 60.31 66.08
N SER E 151 -30.62 60.89 65.98
CA SER E 151 -31.86 60.12 66.04
C SER E 151 -31.94 59.13 64.89
N LEU E 152 -32.69 58.05 65.13
CA LEU E 152 -33.04 57.10 64.08
C LEU E 152 -34.50 57.33 63.70
N VAL E 153 -34.74 57.59 62.41
CA VAL E 153 -36.08 57.86 61.90
C VAL E 153 -36.41 56.74 60.92
N GLY E 154 -37.28 55.83 61.32
CA GLY E 154 -37.68 54.73 60.47
C GLY E 154 -38.09 53.53 61.32
N ASP E 155 -37.85 52.35 60.76
CA ASP E 155 -38.25 51.09 61.38
C ASP E 155 -37.04 50.39 61.98
N ILE E 156 -37.26 49.76 63.13
CA ILE E 156 -36.25 48.89 63.74
C ILE E 156 -36.99 47.77 64.46
N GLY E 157 -36.45 46.57 64.37
CA GLY E 157 -37.09 45.44 65.01
C GLY E 157 -36.22 44.20 64.91
N ASN E 158 -36.74 43.10 65.43
CA ASN E 158 -36.08 41.80 65.37
C ASN E 158 -34.74 41.83 66.08
N VAL E 159 -34.60 42.66 67.11
CA VAL E 159 -33.33 42.77 67.82
C VAL E 159 -33.17 41.57 68.74
N ASN E 160 -32.01 40.94 68.69
CA ASN E 160 -31.73 39.76 69.50
C ASN E 160 -30.27 39.78 69.90
N MET E 161 -29.98 39.40 71.14
CA MET E 161 -28.63 39.46 71.69
C MET E 161 -28.29 38.16 72.39
N TRP E 162 -27.10 37.64 72.11
CA TRP E 162 -26.53 36.50 72.79
C TRP E 162 -25.36 36.95 73.66
N ASP E 163 -24.82 36.02 74.44
CA ASP E 163 -23.62 36.26 75.24
C ASP E 163 -22.44 35.43 74.78
N PHE E 164 -22.49 34.89 73.57
CA PHE E 164 -21.38 34.18 72.95
C PHE E 164 -21.32 34.59 71.48
N VAL E 165 -20.44 33.95 70.72
CA VAL E 165 -20.23 34.28 69.31
C VAL E 165 -20.94 33.24 68.47
N LEU E 166 -21.79 33.72 67.55
CA LEU E 166 -22.53 32.82 66.69
C LEU E 166 -21.68 32.41 65.49
N SER E 167 -21.78 31.13 65.13
CA SER E 167 -21.04 30.60 64.01
C SER E 167 -21.70 31.00 62.69
N PRO E 168 -20.98 30.94 61.58
CA PRO E 168 -21.61 31.21 60.28
C PRO E 168 -22.94 30.49 60.08
N ASP E 169 -23.02 29.20 60.45
CA ASP E 169 -24.26 28.46 60.26
C ASP E 169 -25.38 29.08 61.09
N GLU E 170 -25.08 29.53 62.31
CA GLU E 170 -26.12 30.11 63.15
C GLU E 170 -26.59 31.45 62.59
N ILE E 171 -25.65 32.31 62.18
CA ILE E 171 -26.02 33.58 61.57
C ILE E 171 -26.97 33.36 60.40
N ASN E 172 -26.71 32.31 59.60
CA ASN E 172 -27.53 32.05 58.43
C ASN E 172 -28.99 31.80 58.83
N THR E 173 -29.21 30.86 59.76
CA THR E 173 -30.57 30.55 60.17
C THR E 173 -31.27 31.76 60.78
N ILE E 174 -30.53 32.58 61.52
CA ILE E 174 -31.11 33.79 62.10
C ILE E 174 -31.59 34.73 61.00
N TYR E 175 -30.81 34.85 59.93
CA TYR E 175 -31.23 35.70 58.82
C TYR E 175 -32.51 35.17 58.19
N LEU E 176 -32.56 33.85 57.97
CA LEU E 176 -33.71 33.23 57.32
C LEU E 176 -34.91 33.07 58.24
N GLY E 177 -34.74 33.16 59.56
CA GLY E 177 -35.87 33.00 60.45
C GLY E 177 -35.90 31.65 61.16
N GLY E 178 -34.73 31.17 61.57
CA GLY E 178 -34.61 29.84 62.12
C GLY E 178 -34.92 29.79 63.60
N PRO E 179 -34.93 28.56 64.14
CA PRO E 179 -35.33 28.35 65.55
C PRO E 179 -34.19 28.67 66.52
N PHE E 180 -33.81 29.94 66.56
CA PHE E 180 -32.74 30.41 67.44
C PHE E 180 -33.29 30.80 68.80
N SER E 181 -32.45 30.62 69.82
CA SER E 181 -32.80 30.93 71.21
C SER E 181 -31.83 31.95 71.79
N PRO E 182 -32.16 33.23 71.79
CA PRO E 182 -31.28 34.20 72.47
C PRO E 182 -31.31 33.99 73.98
N ASN E 183 -30.22 34.39 74.63
CA ASN E 183 -30.10 34.27 76.08
C ASN E 183 -29.76 35.58 76.77
N VAL E 184 -29.90 36.71 76.07
CA VAL E 184 -29.74 38.02 76.69
C VAL E 184 -30.95 38.87 76.31
N LEU E 185 -31.15 39.10 75.01
CA LEU E 185 -32.31 39.80 74.49
C LEU E 185 -33.02 38.90 73.50
N ASN E 186 -34.33 38.77 73.65
CA ASN E 186 -35.15 37.88 72.82
C ASN E 186 -36.35 38.66 72.30
N TRP E 187 -36.46 38.78 70.98
CA TRP E 187 -37.60 39.47 70.39
C TRP E 187 -38.92 38.82 70.81
N ARG E 188 -38.94 37.50 70.93
CA ARG E 188 -40.15 36.78 71.28
C ARG E 188 -40.47 36.83 72.77
N ALA E 189 -39.65 37.49 73.57
CA ALA E 189 -39.87 37.61 75.01
C ALA E 189 -39.20 38.89 75.50
N LEU E 190 -39.67 40.02 74.99
CA LEU E 190 -39.02 41.31 75.23
C LEU E 190 -39.65 42.00 76.44
N LYS E 191 -38.80 42.36 77.40
CA LYS E 191 -39.18 43.23 78.51
C LYS E 191 -38.63 44.62 78.16
N TYR E 192 -39.52 45.51 77.72
CA TYR E 192 -39.10 46.82 77.25
C TYR E 192 -39.98 47.90 77.88
N GLU E 193 -39.64 49.15 77.57
CA GLU E 193 -40.32 50.31 78.13
C GLU E 193 -40.30 51.40 77.07
N VAL E 194 -41.48 51.84 76.65
CA VAL E 194 -41.62 52.78 75.55
C VAL E 194 -41.63 54.20 76.09
N GLN E 195 -41.10 55.13 75.30
CA GLN E 195 -41.10 56.52 75.67
C GLN E 195 -41.12 57.41 74.43
N GLY E 196 -42.01 58.40 74.44
CA GLY E 196 -42.10 59.36 73.36
C GLY E 196 -43.00 58.89 72.24
N GLU E 197 -42.80 59.51 71.07
CA GLU E 197 -43.62 59.24 69.89
C GLU E 197 -43.00 58.08 69.13
N VAL E 198 -43.37 56.87 69.54
CA VAL E 198 -42.96 55.64 68.87
C VAL E 198 -44.15 54.69 68.89
N PHE E 199 -44.26 53.89 67.84
CA PHE E 199 -45.43 53.03 67.65
C PHE E 199 -44.99 51.61 67.33
N THR E 200 -45.91 50.67 67.54
CA THR E 200 -45.69 49.25 67.28
C THR E 200 -46.65 48.81 66.19
N LYS E 201 -46.10 48.48 65.04
CA LYS E 201 -46.88 48.11 63.86
C LYS E 201 -46.24 46.88 63.21
N PRO E 202 -46.96 46.20 62.32
CA PRO E 202 -46.38 45.03 61.65
C PRO E 202 -45.13 45.41 60.87
N GLN E 203 -44.18 44.48 60.82
CA GLN E 203 -42.91 44.75 60.17
C GLN E 203 -43.09 44.81 58.66
N LEU E 204 -42.21 45.58 58.01
CA LEU E 204 -42.29 45.80 56.57
C LEU E 204 -41.52 44.77 55.77
N TRP E 205 -40.42 44.27 56.31
CA TRP E 205 -39.62 43.24 55.65
C TRP E 205 -40.24 41.86 55.86
N PRO E 206 -39.88 40.88 55.01
CA PRO E 206 -40.37 39.51 55.21
C PRO E 206 -39.71 38.83 56.40
N GLN F 1 -53.16 33.66 29.20
CA GLN F 1 -51.69 33.48 29.01
C GLN F 1 -50.96 33.27 30.33
N THR F 2 -50.20 32.19 30.42
CA THR F 2 -49.41 31.90 31.62
C THR F 2 -48.02 31.43 31.21
N ASP F 3 -46.99 32.00 31.82
CA ASP F 3 -45.61 31.56 31.62
C ASP F 3 -45.36 30.38 32.55
N MET F 4 -45.19 29.19 31.97
CA MET F 4 -44.98 27.96 32.72
C MET F 4 -43.52 27.49 32.68
N SER F 5 -42.59 28.40 32.39
CA SER F 5 -41.18 28.03 32.35
C SER F 5 -40.74 27.40 33.66
N ARG F 6 -40.00 26.30 33.56
CA ARG F 6 -39.42 25.57 34.69
C ARG F 6 -40.47 24.92 35.58
N LYS F 7 -41.75 24.99 35.21
CA LYS F 7 -42.84 24.38 35.96
C LYS F 7 -43.40 23.20 35.18
N ALA F 8 -44.10 22.32 35.89
CA ALA F 8 -44.62 21.10 35.28
C ALA F 8 -45.89 20.67 35.99
N PHE F 9 -46.78 20.03 35.22
CA PHE F 9 -47.98 19.44 35.79
C PHE F 9 -47.66 18.05 36.34
N VAL F 10 -48.17 17.75 37.53
CA VAL F 10 -47.93 16.47 38.19
C VAL F 10 -49.28 15.85 38.53
N PHE F 11 -49.47 14.61 38.08
CA PHE F 11 -50.65 13.80 38.40
C PHE F 11 -50.23 12.75 39.42
N PRO F 12 -50.41 13.00 40.72
CA PRO F 12 -49.77 12.12 41.72
C PRO F 12 -50.23 10.67 41.65
N LYS F 13 -51.53 10.43 41.66
CA LYS F 13 -52.06 9.08 41.74
C LYS F 13 -53.04 8.82 40.60
N GLU F 14 -53.22 7.54 40.28
CA GLU F 14 -54.17 7.15 39.25
C GLU F 14 -55.55 7.70 39.57
N SER F 15 -56.21 8.26 38.56
CA SER F 15 -57.52 8.84 38.78
C SER F 15 -58.30 8.85 37.47
N ASP F 16 -59.60 9.09 37.58
CA ASP F 16 -60.51 9.16 36.45
C ASP F 16 -60.93 10.58 36.10
N THR F 17 -60.67 11.55 36.97
CA THR F 17 -61.23 12.89 36.85
C THR F 17 -60.15 13.97 36.89
N SER F 18 -58.89 13.61 36.66
CA SER F 18 -57.78 14.54 36.70
C SER F 18 -57.28 14.80 35.30
N TYR F 19 -57.14 16.07 34.93
CA TYR F 19 -56.72 16.45 33.59
C TYR F 19 -56.64 17.97 33.52
N VAL F 20 -55.82 18.44 32.60
CA VAL F 20 -55.77 19.86 32.23
C VAL F 20 -56.21 19.98 30.79
N SER F 21 -56.91 21.06 30.47
CA SER F 21 -57.45 21.29 29.13
C SER F 21 -56.68 22.44 28.50
N LEU F 22 -55.95 22.14 27.45
CA LEU F 22 -55.22 23.17 26.72
C LEU F 22 -56.15 23.78 25.68
N LYS F 23 -56.12 25.10 25.57
CA LYS F 23 -56.99 25.83 24.67
C LYS F 23 -56.14 26.39 23.54
N ALA F 24 -56.54 26.13 22.31
CA ALA F 24 -55.74 26.50 21.16
C ALA F 24 -56.53 27.43 20.25
N PRO F 25 -55.94 28.55 19.82
CA PRO F 25 -56.63 29.50 18.92
C PRO F 25 -56.56 29.10 17.45
N LEU F 26 -57.14 27.94 17.13
CA LEU F 26 -57.04 27.38 15.78
C LEU F 26 -58.16 27.95 14.90
N THR F 27 -57.82 28.19 13.64
CA THR F 27 -58.77 28.71 12.66
C THR F 27 -58.73 27.94 11.34
N LYS F 28 -57.53 27.53 10.90
CA LYS F 28 -57.41 26.72 9.71
C LYS F 28 -57.18 25.25 10.11
N PRO F 29 -57.69 24.29 9.35
CA PRO F 29 -57.32 22.90 9.60
C PRO F 29 -55.84 22.68 9.35
N LEU F 30 -55.28 21.70 10.05
CA LEU F 30 -53.84 21.45 10.02
C LEU F 30 -53.49 20.54 8.86
N LYS F 31 -52.57 21.00 8.01
CA LYS F 31 -51.98 20.17 6.97
C LYS F 31 -50.68 19.50 7.41
N ALA F 32 -50.22 19.78 8.62
CA ALA F 32 -48.99 19.24 9.19
C ALA F 32 -48.82 19.85 10.57
N PHE F 33 -48.01 19.20 11.40
CA PHE F 33 -47.78 19.70 12.75
C PHE F 33 -46.54 19.03 13.33
N THR F 34 -46.16 19.48 14.52
CA THR F 34 -45.07 18.91 15.29
C THR F 34 -45.36 19.16 16.76
N VAL F 35 -45.26 18.12 17.57
CA VAL F 35 -45.58 18.19 19.00
C VAL F 35 -44.37 17.72 19.78
N CYS F 36 -43.99 18.48 20.80
CA CYS F 36 -42.86 18.16 21.66
C CYS F 36 -43.29 18.31 23.12
N LEU F 37 -42.70 17.48 23.98
CA LEU F 37 -43.06 17.50 25.39
C LEU F 37 -42.08 16.67 26.19
N HIS F 38 -42.11 16.88 27.50
CA HIS F 38 -41.40 16.09 28.48
C HIS F 38 -42.41 15.29 29.29
N PHE F 39 -41.99 14.13 29.79
CA PHE F 39 -42.85 13.39 30.71
C PHE F 39 -42.00 12.36 31.44
N TYR F 40 -42.53 11.90 32.58
CA TYR F 40 -41.81 11.01 33.48
C TYR F 40 -42.82 10.16 34.23
N THR F 41 -42.72 8.85 34.10
CA THR F 41 -43.63 7.94 34.79
C THR F 41 -43.01 6.55 34.86
N GLU F 42 -43.42 5.80 35.87
CA GLU F 42 -43.02 4.42 36.04
C GLU F 42 -44.02 3.43 35.45
N LEU F 43 -45.16 3.92 34.96
CA LEU F 43 -46.23 3.04 34.50
C LEU F 43 -45.79 2.15 33.34
N SER F 44 -44.79 2.59 32.57
CA SER F 44 -44.45 1.90 31.32
C SER F 44 -44.21 0.42 31.50
N SER F 45 -43.87 -0.04 32.71
CA SER F 45 -43.66 -1.44 32.98
C SER F 45 -44.88 -2.14 33.56
N THR F 46 -45.88 -1.38 34.01
CA THR F 46 -47.10 -1.94 34.59
C THR F 46 -48.25 -1.99 33.58
N ARG F 47 -48.51 -0.87 32.91
CA ARG F 47 -49.59 -0.79 31.93
C ARG F 47 -49.23 0.28 30.90
N GLY F 48 -50.20 0.64 30.07
CA GLY F 48 -50.05 1.73 29.13
C GLY F 48 -50.77 2.98 29.63
N TYR F 49 -50.50 4.09 28.95
CA TYR F 49 -51.06 5.37 29.37
C TYR F 49 -51.13 6.32 28.18
N SER F 50 -51.99 7.33 28.33
CA SER F 50 -52.12 8.39 27.33
C SER F 50 -51.17 9.52 27.67
N ILE F 51 -50.45 10.00 26.66
CA ILE F 51 -49.48 11.08 26.84
C ILE F 51 -50.03 12.41 26.36
N PHE F 52 -50.76 12.41 25.24
CA PHE F 52 -51.24 13.64 24.63
C PHE F 52 -52.46 13.31 23.78
N SER F 53 -53.63 13.80 24.19
CA SER F 53 -54.90 13.44 23.57
C SER F 53 -55.47 14.66 22.85
N TYR F 54 -55.57 14.56 21.52
CA TYR F 54 -56.10 15.61 20.66
C TYR F 54 -57.29 15.02 19.91
N ALA F 55 -58.50 15.45 20.29
CA ALA F 55 -59.72 14.84 19.80
C ALA F 55 -60.59 15.86 19.07
N THR F 56 -61.43 15.35 18.17
CA THR F 56 -62.41 16.15 17.44
C THR F 56 -63.78 15.50 17.60
N LYS F 57 -64.84 16.27 17.33
CA LYS F 57 -66.19 15.75 17.49
C LYS F 57 -66.43 14.52 16.63
N ARG F 58 -65.81 14.45 15.45
CA ARG F 58 -66.02 13.33 14.54
C ARG F 58 -65.00 12.22 14.71
N GLN F 59 -63.89 12.47 15.41
CA GLN F 59 -62.83 11.48 15.53
C GLN F 59 -62.19 11.67 16.90
N ASP F 60 -62.42 10.69 17.79
CA ASP F 60 -61.88 10.76 19.15
C ASP F 60 -60.36 10.61 19.20
N ASN F 61 -59.73 10.17 18.11
CA ASN F 61 -58.28 9.98 18.05
C ASN F 61 -57.69 10.75 16.86
N GLU F 62 -57.99 12.04 16.79
CA GLU F 62 -57.49 12.84 15.67
C GLU F 62 -55.97 12.82 15.63
N ILE F 63 -55.33 13.03 16.78
CA ILE F 63 -53.90 12.72 16.92
C ILE F 63 -53.62 12.38 18.38
N LEU F 64 -53.07 11.20 18.62
CA LEU F 64 -52.86 10.66 19.97
C LEU F 64 -51.47 10.06 20.06
N ILE F 65 -50.76 10.38 21.13
CA ILE F 65 -49.49 9.75 21.47
C ILE F 65 -49.72 8.87 22.68
N PHE F 66 -49.38 7.59 22.56
CA PHE F 66 -49.76 6.58 23.53
C PHE F 66 -48.62 5.60 23.75
N TRP F 67 -48.44 5.18 25.00
CA TRP F 67 -47.48 4.14 25.35
C TRP F 67 -48.24 2.85 25.64
N SER F 68 -48.00 1.83 24.82
CA SER F 68 -48.57 0.50 25.04
C SER F 68 -47.49 -0.39 25.65
N LYS F 69 -47.78 -0.92 26.84
CA LYS F 69 -46.82 -1.76 27.54
C LYS F 69 -46.32 -2.88 26.64
N ASP F 70 -45.04 -3.21 26.78
CA ASP F 70 -44.38 -4.35 26.13
C ASP F 70 -44.24 -4.17 24.63
N ILE F 71 -44.77 -3.09 24.05
CA ILE F 71 -44.71 -2.84 22.62
C ILE F 71 -43.86 -1.61 22.31
N GLY F 72 -44.18 -0.47 22.91
CA GLY F 72 -43.46 0.75 22.65
C GLY F 72 -44.36 1.96 22.51
N TYR F 73 -43.98 2.90 21.64
CA TYR F 73 -44.74 4.13 21.42
C TYR F 73 -45.81 3.90 20.36
N SER F 74 -47.02 4.38 20.63
CA SER F 74 -48.13 4.28 19.70
C SER F 74 -48.50 5.67 19.21
N PHE F 75 -48.51 5.84 17.89
CA PHE F 75 -48.74 7.13 17.25
C PHE F 75 -49.86 6.97 16.23
N THR F 76 -50.99 7.62 16.47
CA THR F 76 -52.15 7.51 15.60
C THR F 76 -52.65 8.91 15.25
N VAL F 77 -52.86 9.16 13.96
CA VAL F 77 -53.45 10.39 13.47
C VAL F 77 -54.67 10.03 12.63
N GLY F 78 -55.79 10.69 12.91
CA GLY F 78 -57.01 10.41 12.18
C GLY F 78 -57.55 9.02 12.42
N GLY F 79 -57.21 8.40 13.55
CA GLY F 79 -57.70 7.09 13.89
C GLY F 79 -56.82 5.95 13.42
N SER F 80 -55.86 6.22 12.54
CA SER F 80 -54.97 5.19 12.01
C SER F 80 -53.66 5.20 12.78
N GLU F 81 -53.19 4.03 13.17
CA GLU F 81 -52.08 3.87 14.10
C GLU F 81 -50.81 3.42 13.40
N ILE F 82 -49.67 3.88 13.94
CA ILE F 82 -48.35 3.39 13.58
C ILE F 82 -47.56 3.23 14.87
N LEU F 83 -46.65 2.25 14.89
CA LEU F 83 -45.94 1.88 16.11
C LEU F 83 -44.45 2.14 15.96
N PHE F 84 -43.82 2.57 17.06
CA PHE F 84 -42.38 2.66 17.18
C PHE F 84 -41.97 1.77 18.36
N GLU F 85 -41.53 0.55 18.04
CA GLU F 85 -41.24 -0.45 19.05
C GLU F 85 -40.09 -0.03 19.96
N VAL F 86 -40.17 -0.42 21.22
CA VAL F 86 -39.12 -0.16 22.20
C VAL F 86 -38.95 -1.41 23.05
N PRO F 87 -37.80 -2.11 22.98
CA PRO F 87 -37.66 -3.36 23.75
C PRO F 87 -37.28 -3.10 25.20
N GLU F 88 -36.16 -2.42 25.41
CA GLU F 88 -35.70 -2.08 26.76
C GLU F 88 -36.34 -0.78 27.21
N VAL F 89 -36.89 -0.78 28.42
CA VAL F 89 -37.52 0.39 29.01
C VAL F 89 -36.80 0.70 30.30
N THR F 90 -36.20 1.89 30.37
CA THR F 90 -35.51 2.38 31.56
C THR F 90 -36.25 3.60 32.08
N VAL F 91 -36.45 3.63 33.39
CA VAL F 91 -37.24 4.69 34.01
C VAL F 91 -36.40 5.94 34.17
N ALA F 92 -36.79 7.00 33.47
CA ALA F 92 -36.14 8.30 33.59
C ALA F 92 -36.97 9.31 32.81
N PRO F 93 -36.76 10.61 33.06
CA PRO F 93 -37.42 11.62 32.21
C PRO F 93 -37.04 11.43 30.75
N VAL F 94 -38.00 11.71 29.87
CA VAL F 94 -37.81 11.53 28.44
C VAL F 94 -38.43 12.70 27.69
N HIS F 95 -37.83 13.04 26.56
CA HIS F 95 -38.28 14.14 25.71
C HIS F 95 -38.62 13.56 24.34
N ILE F 96 -39.86 13.78 23.91
CA ILE F 96 -40.35 13.26 22.63
C ILE F 96 -40.73 14.43 21.74
N CYS F 97 -40.40 14.31 20.46
CA CYS F 97 -40.90 15.21 19.42
C CYS F 97 -41.40 14.36 18.27
N THR F 98 -42.56 14.73 17.72
CA THR F 98 -43.16 13.97 16.63
C THR F 98 -43.88 14.91 15.68
N SER F 99 -43.73 14.65 14.38
CA SER F 99 -44.28 15.50 13.34
C SER F 99 -44.96 14.64 12.27
N TRP F 100 -45.90 15.25 11.56
CA TRP F 100 -46.66 14.59 10.51
C TRP F 100 -46.90 15.57 9.36
N GLU F 101 -46.86 15.06 8.13
CA GLU F 101 -47.12 15.87 6.95
C GLU F 101 -48.14 15.19 6.05
N SER F 102 -49.06 15.99 5.51
CA SER F 102 -50.13 15.45 4.67
C SER F 102 -49.61 15.08 3.28
N ALA F 103 -48.88 16.00 2.63
CA ALA F 103 -48.47 15.79 1.25
C ALA F 103 -47.70 14.48 1.07
N SER F 104 -47.01 14.02 2.11
CA SER F 104 -46.19 12.83 2.02
C SER F 104 -46.57 11.71 2.97
N GLY F 105 -47.36 11.99 4.01
CA GLY F 105 -47.65 10.99 5.02
C GLY F 105 -46.49 10.66 5.93
N ILE F 106 -45.35 11.30 5.75
CA ILE F 106 -44.16 11.00 6.55
C ILE F 106 -44.39 11.45 7.99
N VAL F 107 -44.07 10.59 8.94
CA VAL F 107 -44.09 10.92 10.36
C VAL F 107 -42.69 10.69 10.92
N GLU F 108 -42.20 11.66 11.69
CA GLU F 108 -40.93 11.54 12.39
C GLU F 108 -41.19 11.38 13.88
N PHE F 109 -40.34 10.61 14.54
CA PHE F 109 -40.42 10.39 15.99
C PHE F 109 -39.03 10.53 16.57
N TRP F 110 -38.83 11.58 17.36
CA TRP F 110 -37.56 11.85 18.02
C TRP F 110 -37.70 11.53 19.50
N VAL F 111 -36.73 10.78 20.03
CA VAL F 111 -36.69 10.45 21.45
C VAL F 111 -35.34 10.93 21.99
N ASP F 112 -35.40 11.82 22.99
CA ASP F 112 -34.19 12.39 23.57
C ASP F 112 -33.27 12.93 22.48
N GLY F 113 -33.86 13.64 21.53
CA GLY F 113 -33.10 14.27 20.47
C GLY F 113 -32.56 13.33 19.41
N LYS F 114 -32.90 12.05 19.47
CA LYS F 114 -32.44 11.09 18.49
C LYS F 114 -33.61 10.57 17.67
N PRO F 115 -33.53 10.58 16.35
CA PRO F 115 -34.70 10.27 15.53
C PRO F 115 -34.87 8.79 15.26
N ARG F 116 -36.12 8.37 15.19
CA ARG F 116 -36.48 7.06 14.69
C ARG F 116 -36.71 7.12 13.18
N VAL F 117 -36.67 5.95 12.54
CA VAL F 117 -36.85 5.91 11.09
C VAL F 117 -38.21 6.49 10.73
N ARG F 118 -38.36 6.83 9.45
CA ARG F 118 -39.57 7.48 8.95
C ARG F 118 -40.56 6.43 8.45
N LYS F 119 -41.84 6.67 8.74
CA LYS F 119 -42.92 5.78 8.36
C LYS F 119 -44.05 6.60 7.74
N SER F 120 -45.00 5.91 7.12
CA SER F 120 -46.14 6.55 6.49
C SER F 120 -47.39 6.43 7.36
N LEU F 121 -48.27 7.42 7.22
CA LEU F 121 -49.55 7.41 7.92
C LEU F 121 -50.46 8.51 7.41
N LYS F 122 -51.63 8.14 6.91
CA LYS F 122 -52.67 9.08 6.51
C LYS F 122 -52.12 10.18 5.59
N LYS F 123 -51.62 9.75 4.43
CA LYS F 123 -51.20 10.70 3.41
C LYS F 123 -52.41 11.42 2.85
N GLY F 124 -52.35 12.74 2.78
CA GLY F 124 -53.44 13.52 2.26
C GLY F 124 -54.53 13.85 3.25
N TYR F 125 -54.43 13.36 4.48
CA TYR F 125 -55.44 13.63 5.48
C TYR F 125 -55.45 15.12 5.83
N THR F 126 -56.47 15.53 6.56
CA THR F 126 -56.61 16.91 7.01
C THR F 126 -57.15 16.91 8.43
N VAL F 127 -56.34 17.40 9.37
CA VAL F 127 -56.68 17.38 10.78
C VAL F 127 -57.63 18.52 11.09
N GLY F 128 -58.61 18.24 11.96
CA GLY F 128 -59.58 19.26 12.31
C GLY F 128 -58.96 20.37 13.15
N ALA F 129 -59.52 21.56 13.02
CA ALA F 129 -59.00 22.73 13.72
C ALA F 129 -59.69 22.96 15.06
N GLU F 130 -61.00 22.78 15.13
CA GLU F 130 -61.74 22.98 16.39
C GLU F 130 -61.64 21.69 17.20
N ALA F 131 -60.57 21.59 17.98
CA ALA F 131 -60.21 20.38 18.69
C ALA F 131 -60.28 20.60 20.20
N SER F 132 -60.18 19.50 20.93
CA SER F 132 -60.10 19.52 22.39
C SER F 132 -58.84 18.77 22.79
N ILE F 133 -57.93 19.48 23.46
CA ILE F 133 -56.61 18.96 23.82
C ILE F 133 -56.60 18.69 25.32
N ILE F 134 -56.24 17.46 25.70
CA ILE F 134 -56.30 17.03 27.09
C ILE F 134 -55.00 16.33 27.45
N LEU F 135 -54.54 16.59 28.67
CA LEU F 135 -53.34 15.97 29.23
C LEU F 135 -53.71 15.19 30.48
N GLY F 136 -53.19 13.98 30.60
CA GLY F 136 -53.45 13.14 31.75
C GLY F 136 -54.60 12.18 31.60
N GLN F 137 -55.32 12.23 30.49
CA GLN F 137 -56.44 11.32 30.25
C GLN F 137 -56.54 11.06 28.76
N GLU F 138 -57.20 9.96 28.42
CA GLU F 138 -57.45 9.60 27.02
C GLU F 138 -58.90 9.92 26.69
N GLN F 139 -59.10 10.59 25.55
CA GLN F 139 -60.43 11.02 25.14
C GLN F 139 -61.09 9.95 24.28
N ASP F 140 -62.32 9.60 24.62
CA ASP F 140 -63.18 8.80 23.74
C ASP F 140 -64.24 9.64 23.06
N SER F 141 -64.48 10.85 23.55
CA SER F 141 -65.40 11.81 22.95
C SER F 141 -64.81 13.20 23.18
N PHE F 142 -65.45 14.19 22.58
CA PHE F 142 -64.96 15.57 22.72
C PHE F 142 -64.85 15.94 24.19
N GLY F 143 -63.63 15.92 24.72
CA GLY F 143 -63.39 16.36 26.09
C GLY F 143 -64.05 15.53 27.17
N GLY F 144 -64.27 14.25 26.92
CA GLY F 144 -64.93 13.42 27.92
C GLY F 144 -64.70 11.95 27.67
N ASN F 145 -65.34 11.13 28.52
CA ASN F 145 -65.27 9.67 28.46
C ASN F 145 -63.83 9.19 28.60
N PHE F 146 -63.31 9.36 29.82
CA PHE F 146 -61.95 8.99 30.16
C PHE F 146 -61.93 7.59 30.77
N GLU F 147 -60.90 6.83 30.45
CA GLU F 147 -60.65 5.52 31.06
C GLU F 147 -59.55 5.66 32.10
N GLY F 148 -59.82 5.20 33.32
CA GLY F 148 -58.83 5.32 34.39
C GLY F 148 -57.60 4.47 34.14
N SER F 149 -57.77 3.36 33.43
CA SER F 149 -56.64 2.49 33.11
C SER F 149 -55.73 3.08 32.03
N GLN F 150 -56.14 4.18 31.40
CA GLN F 150 -55.30 4.90 30.46
C GLN F 150 -54.74 6.19 31.07
N SER F 151 -54.94 6.41 32.36
CA SER F 151 -54.46 7.61 33.03
C SER F 151 -52.94 7.68 32.97
N LEU F 152 -52.41 8.91 33.04
CA LEU F 152 -50.99 9.14 33.19
C LEU F 152 -50.73 9.55 34.64
N VAL F 153 -49.85 8.82 35.32
CA VAL F 153 -49.51 9.09 36.71
C VAL F 153 -48.04 9.49 36.74
N GLY F 154 -47.78 10.77 36.94
CA GLY F 154 -46.42 11.28 36.99
C GLY F 154 -46.40 12.74 36.55
N ASP F 155 -45.26 13.11 35.97
CA ASP F 155 -45.00 14.49 35.56
C ASP F 155 -45.11 14.62 34.04
N ILE F 156 -45.63 15.76 33.59
CA ILE F 156 -45.65 16.11 32.17
C ILE F 156 -45.51 17.61 32.06
N GLY F 157 -44.76 18.07 31.07
CA GLY F 157 -44.55 19.49 30.89
C GLY F 157 -43.80 19.79 29.61
N ASN F 158 -43.52 21.07 29.42
CA ASN F 158 -42.75 21.56 28.28
C ASN F 158 -43.44 21.25 26.95
N VAL F 159 -44.76 21.19 26.95
CA VAL F 159 -45.50 20.86 25.73
C VAL F 159 -45.56 22.07 24.82
N ASN F 160 -45.25 21.87 23.55
CA ASN F 160 -45.26 22.93 22.55
C ASN F 160 -45.67 22.33 21.21
N MET F 161 -46.47 23.08 20.45
CA MET F 161 -47.03 22.59 19.19
C MET F 161 -46.84 23.63 18.10
N TRP F 162 -46.39 23.17 16.94
CA TRP F 162 -46.31 23.97 15.72
C TRP F 162 -47.36 23.49 14.72
N ASP F 163 -47.47 24.23 13.62
CA ASP F 163 -48.35 23.86 12.52
C ASP F 163 -47.57 23.52 11.24
N PHE F 164 -46.27 23.27 11.37
CA PHE F 164 -45.46 22.80 10.25
C PHE F 164 -44.51 21.73 10.78
N VAL F 165 -43.60 21.27 9.93
CA VAL F 165 -42.69 20.18 10.25
C VAL F 165 -41.33 20.76 10.60
N LEU F 166 -40.81 20.38 11.77
CA LEU F 166 -39.53 20.88 12.22
C LEU F 166 -38.39 20.06 11.60
N SER F 167 -37.33 20.76 11.20
CA SER F 167 -36.17 20.10 10.64
C SER F 167 -35.32 19.49 11.74
N PRO F 168 -34.45 18.53 11.40
CA PRO F 168 -33.54 17.99 12.42
C PRO F 168 -32.83 19.05 13.24
N ASP F 169 -32.30 20.07 12.57
CA ASP F 169 -31.58 21.13 13.29
C ASP F 169 -32.48 21.87 14.26
N GLU F 170 -33.74 22.08 13.88
CA GLU F 170 -34.68 22.78 14.76
C GLU F 170 -35.00 21.92 15.98
N ILE F 171 -35.30 20.64 15.78
CA ILE F 171 -35.55 19.76 16.90
C ILE F 171 -34.40 19.81 17.89
N ASN F 172 -33.17 19.89 17.37
CA ASN F 172 -31.99 19.90 18.23
C ASN F 172 -32.03 21.08 19.20
N THR F 173 -32.28 22.29 18.70
CA THR F 173 -32.30 23.46 19.57
C THR F 173 -33.36 23.33 20.66
N ILE F 174 -34.52 22.75 20.32
CA ILE F 174 -35.56 22.56 21.32
C ILE F 174 -35.07 21.62 22.42
N TYR F 175 -34.42 20.53 22.03
CA TYR F 175 -33.90 19.57 22.99
C TYR F 175 -32.74 20.16 23.79
N LEU F 176 -31.81 20.83 23.10
CA LEU F 176 -30.60 21.32 23.74
C LEU F 176 -30.86 22.53 24.64
N GLY F 177 -32.02 23.17 24.52
CA GLY F 177 -32.37 24.27 25.39
C GLY F 177 -32.28 25.64 24.74
N GLY F 178 -32.56 25.71 23.44
CA GLY F 178 -32.46 26.95 22.70
C GLY F 178 -33.80 27.67 22.63
N PRO F 179 -33.77 28.93 22.18
CA PRO F 179 -34.99 29.75 22.12
C PRO F 179 -35.81 29.47 20.87
N PHE F 180 -37.05 29.03 21.07
CA PHE F 180 -37.97 28.71 19.98
C PHE F 180 -39.33 29.37 20.21
N SER F 181 -40.03 29.64 19.10
CA SER F 181 -41.35 30.28 19.14
C SER F 181 -42.41 29.36 18.54
N PRO F 182 -43.15 28.60 19.35
CA PRO F 182 -44.25 27.79 18.81
C PRO F 182 -45.38 28.66 18.28
N ASN F 183 -46.16 28.10 17.35
CA ASN F 183 -47.27 28.83 16.74
C ASN F 183 -48.60 28.11 16.87
N VAL F 184 -48.70 27.12 17.75
CA VAL F 184 -50.00 26.51 18.06
C VAL F 184 -50.17 26.48 19.58
N LEU F 185 -49.27 25.78 20.26
CA LEU F 185 -49.25 25.69 21.72
C LEU F 185 -47.89 26.16 22.21
N ASN F 186 -47.89 27.04 23.21
CA ASN F 186 -46.66 27.64 23.73
C ASN F 186 -46.62 27.49 25.24
N TRP F 187 -45.60 26.78 25.74
CA TRP F 187 -45.43 26.61 27.18
C TRP F 187 -45.29 27.95 27.88
N ARG F 188 -44.62 28.92 27.24
CA ARG F 188 -44.40 30.23 27.83
C ARG F 188 -45.63 31.13 27.76
N ALA F 189 -46.73 30.65 27.20
CA ALA F 189 -47.96 31.42 27.11
C ALA F 189 -49.16 30.48 27.01
N LEU F 190 -49.37 29.69 28.06
CA LEU F 190 -50.35 28.62 28.03
C LEU F 190 -51.69 29.11 28.56
N LYS F 191 -52.73 28.94 27.75
CA LYS F 191 -54.12 29.14 28.17
C LYS F 191 -54.70 27.76 28.43
N TYR F 192 -54.84 27.40 29.71
CA TYR F 192 -55.25 26.06 30.11
C TYR F 192 -56.33 26.16 31.18
N GLU F 193 -56.85 24.98 31.56
CA GLU F 193 -57.92 24.87 32.55
C GLU F 193 -57.73 23.56 33.29
N VAL F 194 -57.57 23.64 34.60
CA VAL F 194 -57.27 22.48 35.44
C VAL F 194 -58.57 21.90 35.98
N GLN F 195 -58.57 20.58 36.17
CA GLN F 195 -59.71 19.88 36.74
C GLN F 195 -59.20 18.67 37.49
N GLY F 196 -59.69 18.50 38.72
CA GLY F 196 -59.33 17.35 39.53
C GLY F 196 -58.06 17.58 40.33
N GLU F 197 -57.47 16.46 40.76
CA GLU F 197 -56.28 16.46 41.60
C GLU F 197 -55.03 16.50 40.72
N VAL F 198 -54.62 17.72 40.36
CA VAL F 198 -53.38 17.93 39.62
C VAL F 198 -52.72 19.18 40.20
N PHE F 199 -51.40 19.19 40.19
CA PHE F 199 -50.63 20.24 40.84
C PHE F 199 -49.55 20.76 39.91
N THR F 200 -49.06 21.95 40.23
CA THR F 200 -48.01 22.63 39.46
C THR F 200 -46.80 22.82 40.37
N LYS F 201 -45.72 22.13 40.06
CA LYS F 201 -44.50 22.13 40.85
C LYS F 201 -43.31 22.30 39.94
N PRO F 202 -42.14 22.66 40.50
CA PRO F 202 -40.95 22.80 39.65
C PRO F 202 -40.63 21.50 38.93
N GLN F 203 -40.15 21.62 37.70
CA GLN F 203 -39.88 20.44 36.89
C GLN F 203 -38.65 19.71 37.41
N LEU F 204 -38.64 18.40 37.17
CA LEU F 204 -37.58 17.53 37.68
C LEU F 204 -36.39 17.44 36.71
N TRP F 205 -36.67 17.50 35.42
CA TRP F 205 -35.62 17.45 34.40
C TRP F 205 -34.95 18.80 34.25
N PRO F 206 -33.75 18.84 33.66
CA PRO F 206 -33.07 20.13 33.41
C PRO F 206 -33.73 20.93 32.29
N GLN G 1 -25.47 20.76 70.93
CA GLN G 1 -25.03 21.09 69.55
C GLN G 1 -23.68 20.44 69.25
N THR G 2 -23.62 19.65 68.18
CA THR G 2 -22.39 19.00 67.78
C THR G 2 -22.21 19.07 66.27
N ASP G 3 -21.02 19.45 65.82
CA ASP G 3 -20.68 19.42 64.41
C ASP G 3 -20.22 18.01 64.04
N MET G 4 -21.05 17.29 63.26
CA MET G 4 -20.74 15.93 62.86
C MET G 4 -20.28 15.85 61.41
N SER G 5 -19.79 16.96 60.86
CA SER G 5 -19.29 16.96 59.50
C SER G 5 -18.18 15.94 59.34
N ARG G 6 -18.21 15.19 58.24
CA ARG G 6 -17.22 14.18 57.88
C ARG G 6 -17.24 12.98 58.80
N LYS G 7 -18.16 12.91 59.78
CA LYS G 7 -18.28 11.77 60.67
C LYS G 7 -19.61 11.07 60.40
N ALA G 8 -19.68 9.81 60.83
CA ALA G 8 -20.86 9.00 60.57
C ALA G 8 -21.02 7.96 61.67
N PHE G 9 -22.28 7.56 61.92
CA PHE G 9 -22.56 6.50 62.85
C PHE G 9 -22.43 5.14 62.18
N VAL G 10 -21.80 4.19 62.87
CA VAL G 10 -21.56 2.86 62.34
C VAL G 10 -22.14 1.84 63.31
N PHE G 11 -23.00 0.95 62.79
CA PHE G 11 -23.57 -0.17 63.53
C PHE G 11 -22.88 -1.44 63.04
N PRO G 12 -21.82 -1.91 63.72
CA PRO G 12 -21.00 -2.97 63.12
C PRO G 12 -21.76 -4.27 62.88
N LYS G 13 -22.46 -4.78 63.89
CA LYS G 13 -23.09 -6.09 63.81
C LYS G 13 -24.57 -5.97 64.17
N GLU G 14 -25.35 -6.93 63.69
CA GLU G 14 -26.76 -7.00 64.01
C GLU G 14 -26.94 -7.07 65.52
N SER G 15 -27.87 -6.28 66.04
CA SER G 15 -28.12 -6.25 67.48
C SER G 15 -29.53 -5.75 67.73
N ASP G 16 -29.98 -5.92 68.96
CA ASP G 16 -31.32 -5.51 69.38
C ASP G 16 -31.33 -4.24 70.21
N THR G 17 -30.16 -3.77 70.66
CA THR G 17 -30.10 -2.69 71.65
C THR G 17 -29.19 -1.54 71.20
N SER G 18 -28.87 -1.47 69.91
CA SER G 18 -28.00 -0.42 69.37
C SER G 18 -28.83 0.55 68.55
N TYR G 19 -28.65 1.84 68.81
CA TYR G 19 -29.42 2.88 68.13
C TYR G 19 -28.94 4.24 68.65
N VAL G 20 -29.15 5.27 67.84
CA VAL G 20 -28.95 6.65 68.27
C VAL G 20 -30.30 7.35 68.19
N SER G 21 -30.55 8.26 69.14
CA SER G 21 -31.81 8.97 69.25
C SER G 21 -31.56 10.44 68.92
N LEU G 22 -32.15 10.90 67.81
CA LEU G 22 -32.03 12.29 67.41
C LEU G 22 -33.10 13.13 68.09
N LYS G 23 -32.69 14.30 68.58
CA LYS G 23 -33.58 15.18 69.33
C LYS G 23 -33.91 16.39 68.46
N ALA G 24 -35.20 16.68 68.32
CA ALA G 24 -35.67 17.71 67.40
C ALA G 24 -36.40 18.80 68.17
N PRO G 25 -36.12 20.08 67.89
CA PRO G 25 -36.79 21.22 68.57
C PRO G 25 -38.14 21.56 67.96
N LEU G 26 -39.07 20.61 67.97
CA LEU G 26 -40.36 20.80 67.32
C LEU G 26 -41.37 21.43 68.25
N THR G 27 -42.19 22.31 67.70
CA THR G 27 -43.25 22.97 68.44
C THR G 27 -44.56 22.99 67.67
N LYS G 28 -44.50 23.17 66.35
CA LYS G 28 -45.69 23.10 65.51
C LYS G 28 -45.75 21.75 64.81
N PRO G 29 -46.94 21.21 64.58
CA PRO G 29 -47.04 20.00 63.75
C PRO G 29 -46.58 20.28 62.33
N LEU G 30 -46.07 19.24 61.68
CA LEU G 30 -45.48 19.37 60.36
C LEU G 30 -46.56 19.23 59.30
N LYS G 31 -46.68 20.25 58.45
CA LYS G 31 -47.54 20.19 57.27
C LYS G 31 -46.78 19.74 56.03
N ALA G 32 -45.47 19.50 56.15
CA ALA G 32 -44.61 19.07 55.07
C ALA G 32 -43.20 18.96 55.65
N PHE G 33 -42.34 18.21 54.96
CA PHE G 33 -40.98 18.04 55.43
C PHE G 33 -40.12 17.52 54.29
N THR G 34 -38.82 17.41 54.58
CA THR G 34 -37.85 16.82 53.65
C THR G 34 -36.75 16.21 54.50
N VAL G 35 -36.39 14.97 54.21
CA VAL G 35 -35.38 14.24 54.96
C VAL G 35 -34.33 13.72 53.99
N CYS G 36 -33.06 13.94 54.33
CA CYS G 36 -31.94 13.50 53.50
C CYS G 36 -30.91 12.83 54.40
N LEU G 37 -30.18 11.87 53.84
CA LEU G 37 -29.18 11.14 54.62
C LEU G 37 -28.34 10.27 53.68
N HIS G 38 -27.20 9.83 54.21
CA HIS G 38 -26.35 8.85 53.56
C HIS G 38 -26.40 7.54 54.34
N PHE G 39 -26.20 6.43 53.64
CA PHE G 39 -26.08 5.15 54.32
C PHE G 39 -25.45 4.14 53.37
N TYR G 40 -24.92 3.07 53.95
CA TYR G 40 -24.15 2.07 53.21
C TYR G 40 -24.28 0.74 53.93
N THR G 41 -24.79 -0.27 53.22
CA THR G 41 -24.93 -1.59 53.81
C THR G 41 -25.07 -2.64 52.72
N GLU G 42 -24.67 -3.87 53.06
CA GLU G 42 -24.83 -5.01 52.18
C GLU G 42 -26.11 -5.79 52.44
N LEU G 43 -26.87 -5.41 53.47
CA LEU G 43 -28.06 -6.16 53.85
C LEU G 43 -29.08 -6.20 52.72
N SER G 44 -29.06 -5.22 51.82
CA SER G 44 -30.12 -5.07 50.83
C SER G 44 -30.37 -6.36 50.04
N SER G 45 -29.39 -7.26 49.98
CA SER G 45 -29.55 -8.53 49.28
C SER G 45 -29.95 -9.67 50.19
N THR G 46 -29.82 -9.51 51.52
CA THR G 46 -30.16 -10.54 52.48
C THR G 46 -31.54 -10.36 53.11
N ARG G 47 -31.83 -9.17 53.61
CA ARG G 47 -33.12 -8.90 54.26
C ARG G 47 -33.44 -7.43 54.11
N GLY G 48 -34.46 -6.97 54.84
CA GLY G 48 -34.81 -5.57 54.92
C GLY G 48 -34.32 -4.95 56.22
N TYR G 49 -34.40 -3.61 56.26
CA TYR G 49 -33.87 -2.88 57.40
C TYR G 49 -34.57 -1.53 57.51
N SER G 50 -34.48 -0.94 58.70
CA SER G 50 -34.99 0.40 58.96
C SER G 50 -33.91 1.43 58.66
N ILE G 51 -34.29 2.47 57.93
CA ILE G 51 -33.35 3.53 57.56
C ILE G 51 -33.53 4.77 58.42
N PHE G 52 -34.77 5.13 58.72
CA PHE G 52 -35.05 6.35 59.46
C PHE G 52 -36.41 6.20 60.11
N SER G 53 -36.45 6.13 61.44
CA SER G 53 -37.66 5.82 62.19
C SER G 53 -38.08 7.06 62.97
N TYR G 54 -39.24 7.61 62.61
CA TYR G 54 -39.83 8.80 63.23
C TYR G 54 -41.20 8.41 63.78
N ALA G 55 -41.31 8.31 65.10
CA ALA G 55 -42.49 7.76 65.73
C ALA G 55 -43.17 8.77 66.64
N THR G 56 -44.47 8.58 66.84
CA THR G 56 -45.28 9.37 67.76
C THR G 56 -46.00 8.42 68.69
N LYS G 57 -46.48 8.96 69.81
CA LYS G 57 -47.15 8.11 70.80
C LYS G 57 -48.38 7.42 70.19
N ARG G 58 -49.07 8.07 69.26
CA ARG G 58 -50.27 7.52 68.65
C ARG G 58 -49.99 6.74 67.37
N GLN G 59 -48.81 6.89 66.78
CA GLN G 59 -48.51 6.26 65.48
C GLN G 59 -47.04 5.88 65.47
N ASP G 60 -46.76 4.57 65.52
CA ASP G 60 -45.39 4.07 65.53
C ASP G 60 -44.68 4.28 64.20
N ASN G 61 -45.39 4.59 63.13
CA ASN G 61 -44.82 4.81 61.81
C ASN G 61 -45.25 6.16 61.25
N GLU G 62 -45.04 7.21 62.05
CA GLU G 62 -45.45 8.54 61.63
C GLU G 62 -44.78 8.93 60.31
N ILE G 63 -43.47 8.69 60.21
CA ILE G 63 -42.81 8.70 58.92
C ILE G 63 -41.61 7.76 59.00
N LEU G 64 -41.57 6.77 58.12
CA LEU G 64 -40.56 5.72 58.14
C LEU G 64 -40.05 5.50 56.72
N ILE G 65 -38.73 5.45 56.60
CA ILE G 65 -38.07 5.07 55.35
C ILE G 65 -37.49 3.69 55.56
N PHE G 66 -37.87 2.75 54.70
CA PHE G 66 -37.59 1.34 54.92
C PHE G 66 -37.20 0.69 53.61
N TRP G 67 -36.25 -0.23 53.68
CA TRP G 67 -35.84 -1.04 52.55
C TRP G 67 -36.41 -2.45 52.71
N SER G 68 -37.31 -2.84 51.81
CA SER G 68 -37.87 -4.18 51.80
C SER G 68 -37.13 -4.99 50.73
N LYS G 69 -36.51 -6.09 51.15
CA LYS G 69 -35.74 -6.92 50.24
C LYS G 69 -36.58 -7.31 49.02
N ASP G 70 -35.93 -7.36 47.86
CA ASP G 70 -36.49 -7.86 46.61
C ASP G 70 -37.58 -6.95 46.04
N ILE G 71 -37.96 -5.88 46.75
CA ILE G 71 -39.01 -4.97 46.30
C ILE G 71 -38.44 -3.58 46.02
N GLY G 72 -37.75 -2.99 46.98
CA GLY G 72 -37.20 -1.65 46.83
C GLY G 72 -37.36 -0.78 48.05
N TYR G 73 -37.56 0.52 47.84
CA TYR G 73 -37.68 1.47 48.94
C TYR G 73 -39.13 1.57 49.39
N SER G 74 -39.33 1.55 50.70
CA SER G 74 -40.65 1.68 51.30
C SER G 74 -40.74 2.98 52.08
N PHE G 75 -41.73 3.80 51.76
CA PHE G 75 -41.89 5.13 52.33
C PHE G 75 -43.31 5.23 52.86
N THR G 76 -43.45 5.33 54.18
CA THR G 76 -44.76 5.38 54.81
C THR G 76 -44.81 6.57 55.77
N VAL G 77 -45.85 7.37 55.63
CA VAL G 77 -46.12 8.49 56.53
C VAL G 77 -47.52 8.31 57.10
N GLY G 78 -47.65 8.40 58.42
CA GLY G 78 -48.93 8.22 59.05
C GLY G 78 -49.48 6.82 58.93
N GLY G 79 -48.62 5.82 58.73
CA GLY G 79 -49.05 4.45 58.64
C GLY G 79 -49.38 3.96 57.25
N SER G 80 -49.50 4.86 56.27
CA SER G 80 -49.84 4.49 54.91
C SER G 80 -48.57 4.40 54.07
N GLU G 81 -48.45 3.35 53.28
CA GLU G 81 -47.21 3.02 52.58
C GLU G 81 -47.31 3.33 51.09
N ILE G 82 -46.17 3.72 50.53
CA ILE G 82 -45.98 3.85 49.09
C ILE G 82 -44.61 3.26 48.75
N LEU G 83 -44.49 2.69 47.56
CA LEU G 83 -43.29 1.95 47.17
C LEU G 83 -42.60 2.63 45.99
N PHE G 84 -41.27 2.60 46.01
CA PHE G 84 -40.44 2.97 44.87
C PHE G 84 -39.61 1.74 44.51
N GLU G 85 -40.08 0.98 43.51
CA GLU G 85 -39.48 -0.30 43.19
C GLU G 85 -38.04 -0.13 42.70
N VAL G 86 -37.20 -1.10 43.03
CA VAL G 86 -35.81 -1.12 42.57
C VAL G 86 -35.46 -2.56 42.18
N PRO G 87 -35.20 -2.84 40.90
CA PRO G 87 -34.93 -4.24 40.51
C PRO G 87 -33.48 -4.63 40.72
N GLU G 88 -32.56 -3.88 40.13
CA GLU G 88 -31.13 -4.15 40.27
C GLU G 88 -30.60 -3.42 41.51
N VAL G 89 -29.90 -4.15 42.35
CA VAL G 89 -29.34 -3.60 43.59
C VAL G 89 -27.83 -3.82 43.57
N THR G 90 -27.08 -2.74 43.61
CA THR G 90 -25.62 -2.78 43.68
C THR G 90 -25.18 -2.18 45.00
N VAL G 91 -24.22 -2.83 45.64
CA VAL G 91 -23.78 -2.44 46.98
C VAL G 91 -22.82 -1.26 46.85
N ALA G 92 -23.21 -0.12 47.42
CA ALA G 92 -22.37 1.06 47.50
C ALA G 92 -23.07 2.08 48.40
N PRO G 93 -22.34 3.07 48.89
CA PRO G 93 -23.02 4.16 49.62
C PRO G 93 -24.05 4.82 48.72
N VAL G 94 -25.16 5.23 49.32
CA VAL G 94 -26.27 5.81 48.58
C VAL G 94 -26.82 7.01 49.36
N HIS G 95 -27.29 8.00 48.62
CA HIS G 95 -27.85 9.22 49.19
C HIS G 95 -29.29 9.36 48.75
N ILE G 96 -30.20 9.44 49.71
CA ILE G 96 -31.63 9.54 49.44
C ILE G 96 -32.15 10.83 50.04
N CYS G 97 -33.05 11.48 49.31
CA CYS G 97 -33.82 12.61 49.80
C CYS G 97 -35.29 12.36 49.51
N THR G 98 -36.15 12.64 50.49
CA THR G 98 -37.58 12.42 50.34
C THR G 98 -38.34 13.52 51.06
N SER G 99 -39.39 14.02 50.41
CA SER G 99 -40.17 15.13 50.93
C SER G 99 -41.65 14.80 50.77
N TRP G 100 -42.47 15.43 51.62
CA TRP G 100 -43.91 15.24 51.60
C TRP G 100 -44.60 16.56 51.88
N GLU G 101 -45.75 16.78 51.23
CA GLU G 101 -46.55 17.98 51.42
C GLU G 101 -47.99 17.58 51.69
N SER G 102 -48.61 18.25 52.67
CA SER G 102 -49.98 17.92 53.03
C SER G 102 -50.97 18.46 52.01
N ALA G 103 -50.83 19.73 51.64
CA ALA G 103 -51.80 20.37 50.76
C ALA G 103 -52.02 19.59 49.47
N SER G 104 -51.02 18.83 49.04
CA SER G 104 -51.10 18.10 47.78
C SER G 104 -50.92 16.60 47.91
N GLY G 105 -50.39 16.11 49.03
CA GLY G 105 -50.08 14.70 49.16
C GLY G 105 -48.91 14.23 48.33
N ILE G 106 -48.28 15.12 47.57
CA ILE G 106 -47.18 14.73 46.69
C ILE G 106 -45.97 14.35 47.53
N VAL G 107 -45.33 13.24 47.17
CA VAL G 107 -44.09 12.80 47.78
C VAL G 107 -43.03 12.71 46.68
N GLU G 108 -41.87 13.28 46.93
CA GLU G 108 -40.73 13.19 46.03
C GLU G 108 -39.69 12.26 46.66
N PHE G 109 -39.01 11.48 45.81
CA PHE G 109 -37.97 10.57 46.30
C PHE G 109 -36.77 10.68 45.36
N TRP G 110 -35.67 11.22 45.89
CA TRP G 110 -34.43 11.38 45.15
C TRP G 110 -33.42 10.36 45.63
N VAL G 111 -32.77 9.67 44.69
CA VAL G 111 -31.71 8.72 45.00
C VAL G 111 -30.46 9.13 44.24
N ASP G 112 -29.39 9.40 44.98
CA ASP G 112 -28.11 9.82 44.41
C ASP G 112 -28.33 10.98 43.42
N GLY G 113 -29.13 11.95 43.86
CA GLY G 113 -29.35 13.17 43.09
C GLY G 113 -30.24 13.04 41.88
N LYS G 114 -30.84 11.87 41.66
CA LYS G 114 -31.73 11.68 40.52
C LYS G 114 -33.14 11.38 41.02
N PRO G 115 -34.17 12.08 40.53
CA PRO G 115 -35.50 11.96 41.11
C PRO G 115 -36.31 10.82 40.54
N ARG G 116 -37.12 10.24 41.42
CA ARG G 116 -38.16 9.31 41.00
C ARG G 116 -39.47 10.06 40.77
N VAL G 117 -40.39 9.39 40.06
CA VAL G 117 -41.66 10.03 39.75
C VAL G 117 -42.37 10.40 41.04
N ARG G 118 -43.36 11.27 40.92
CA ARG G 118 -44.09 11.77 42.06
C ARG G 118 -45.34 10.92 42.31
N LYS G 119 -45.61 10.64 43.58
CA LYS G 119 -46.74 9.83 44.00
C LYS G 119 -47.49 10.55 45.10
N SER G 120 -48.69 10.05 45.42
CA SER G 120 -49.55 10.64 46.43
C SER G 120 -49.48 9.82 47.72
N LEU G 121 -49.72 10.51 48.84
CA LEU G 121 -49.79 9.84 50.13
C LEU G 121 -50.32 10.77 51.21
N LYS G 122 -51.42 10.39 51.85
CA LYS G 122 -51.97 11.09 53.01
C LYS G 122 -52.10 12.60 52.73
N LYS G 123 -52.93 12.93 51.74
CA LYS G 123 -53.24 14.33 51.49
C LYS G 123 -54.07 14.89 52.63
N GLY G 124 -53.66 16.04 53.15
CA GLY G 124 -54.35 16.68 54.25
C GLY G 124 -53.93 16.21 55.63
N TYR G 125 -53.03 15.24 55.72
CA TYR G 125 -52.57 14.75 57.02
C TYR G 125 -51.77 15.84 57.75
N THR G 126 -51.51 15.58 59.03
CA THR G 126 -50.72 16.47 59.87
C THR G 126 -49.84 15.63 60.78
N VAL G 127 -48.52 15.76 60.61
CA VAL G 127 -47.57 14.94 61.34
C VAL G 127 -47.40 15.48 62.76
N GLY G 128 -47.27 14.57 63.72
CA GLY G 128 -47.11 15.00 65.09
C GLY G 128 -45.76 15.66 65.33
N ALA G 129 -45.74 16.57 66.31
CA ALA G 129 -44.53 17.32 66.61
C ALA G 129 -43.69 16.66 67.71
N GLU G 130 -44.33 16.09 68.73
CA GLU G 130 -43.61 15.44 69.82
C GLU G 130 -43.30 14.01 69.39
N ALA G 131 -42.18 13.84 68.71
CA ALA G 131 -41.78 12.57 68.12
C ALA G 131 -40.50 12.06 68.75
N SER G 132 -40.18 10.80 68.44
CA SER G 132 -38.92 10.18 68.82
C SER G 132 -38.28 9.65 67.55
N ILE G 133 -37.09 10.16 67.23
CA ILE G 133 -36.39 9.87 65.99
C ILE G 133 -35.23 8.94 66.31
N ILE G 134 -35.17 7.79 65.63
CA ILE G 134 -34.20 6.75 65.93
C ILE G 134 -33.54 6.28 64.64
N LEU G 135 -32.23 6.03 64.74
CA LEU G 135 -31.42 5.51 63.64
C LEU G 135 -30.81 4.18 64.06
N GLY G 136 -30.87 3.19 63.17
CA GLY G 136 -30.31 1.88 63.44
C GLY G 136 -31.31 0.87 63.96
N GLN G 137 -32.55 1.29 64.23
CA GLN G 137 -33.59 0.38 64.70
C GLN G 137 -34.93 0.87 64.19
N GLU G 138 -35.90 -0.03 64.17
CA GLU G 138 -37.26 0.29 63.78
C GLU G 138 -38.12 0.38 65.04
N GLN G 139 -38.89 1.46 65.16
CA GLN G 139 -39.70 1.68 66.35
C GLN G 139 -41.07 1.04 66.16
N ASP G 140 -41.48 0.23 67.14
CA ASP G 140 -42.85 -0.26 67.25
C ASP G 140 -43.61 0.48 68.34
N SER G 141 -42.91 1.21 69.20
CA SER G 141 -43.51 2.06 70.22
C SER G 141 -42.61 3.27 70.36
N PHE G 142 -43.06 4.26 71.13
CA PHE G 142 -42.29 5.48 71.31
C PHE G 142 -40.89 5.17 71.81
N GLY G 143 -39.91 5.20 70.91
CA GLY G 143 -38.53 5.01 71.29
C GLY G 143 -38.21 3.64 71.85
N GLY G 144 -38.97 2.62 71.46
CA GLY G 144 -38.76 1.30 71.99
C GLY G 144 -39.39 0.24 71.12
N ASN G 145 -39.32 -1.00 71.61
CA ASN G 145 -39.86 -2.17 70.90
C ASN G 145 -39.16 -2.31 69.55
N PHE G 146 -37.90 -2.71 69.64
CA PHE G 146 -37.05 -2.87 68.46
C PHE G 146 -37.07 -4.32 67.99
N GLU G 147 -37.07 -4.49 66.68
CA GLU G 147 -36.96 -5.81 66.06
C GLU G 147 -35.53 -6.00 65.55
N GLY G 148 -34.90 -7.09 65.97
CA GLY G 148 -33.53 -7.33 65.56
C GLY G 148 -33.41 -7.60 64.07
N SER G 149 -34.45 -8.17 63.47
CA SER G 149 -34.46 -8.42 62.03
C SER G 149 -34.69 -7.16 61.21
N GLN G 150 -35.01 -6.04 61.86
CA GLN G 150 -35.13 -4.75 61.19
C GLN G 150 -33.93 -3.86 61.48
N SER G 151 -32.90 -4.38 62.14
CA SER G 151 -31.71 -3.58 62.44
C SER G 151 -31.04 -3.11 61.16
N LEU G 152 -30.32 -2.00 61.26
CA LEU G 152 -29.44 -1.52 60.21
C LEU G 152 -28.00 -1.84 60.61
N VAL G 153 -27.30 -2.58 59.74
CA VAL G 153 -25.93 -2.97 59.98
C VAL G 153 -25.07 -2.31 58.92
N GLY G 154 -24.32 -1.30 59.32
CA GLY G 154 -23.45 -0.59 58.41
C GLY G 154 -23.27 0.84 58.86
N ASP G 155 -23.07 1.71 57.88
CA ASP G 155 -22.79 3.13 58.11
C ASP G 155 -24.02 3.95 57.75
N ILE G 156 -24.25 5.01 58.53
CA ILE G 156 -25.29 6.00 58.22
C ILE G 156 -24.83 7.35 58.75
N GLY G 157 -25.11 8.41 58.00
CA GLY G 157 -24.72 9.74 58.43
C GLY G 157 -25.30 10.80 57.53
N ASN G 158 -24.94 12.05 57.83
CA ASN G 158 -25.35 13.21 57.03
C ASN G 158 -26.87 13.39 57.03
N VAL G 159 -27.54 13.02 58.12
CA VAL G 159 -29.00 13.14 58.19
C VAL G 159 -29.37 14.58 58.45
N ASN G 160 -30.34 15.09 57.69
CA ASN G 160 -30.79 16.48 57.82
C ASN G 160 -32.29 16.51 57.51
N MET G 161 -33.03 17.32 58.27
CA MET G 161 -34.49 17.38 58.17
C MET G 161 -34.96 18.82 58.13
N TRP G 162 -35.89 19.11 57.21
CA TRP G 162 -36.55 20.39 57.11
C TRP G 162 -38.02 20.28 57.52
N ASP G 163 -38.67 21.45 57.55
CA ASP G 163 -40.11 21.54 57.76
C ASP G 163 -40.83 22.10 56.53
N PHE G 164 -40.17 22.09 55.37
CA PHE G 164 -40.78 22.45 54.11
C PHE G 164 -40.26 21.50 53.03
N VAL G 165 -40.63 21.76 51.78
CA VAL G 165 -40.28 20.91 50.63
C VAL G 165 -39.16 21.56 49.85
N LEU G 166 -38.09 20.81 49.60
CA LEU G 166 -36.95 21.33 48.85
C LEU G 166 -37.18 21.21 47.35
N SER G 167 -36.80 22.26 46.62
CA SER G 167 -36.93 22.26 45.17
C SER G 167 -35.80 21.47 44.53
N PRO G 168 -35.97 21.05 43.27
CA PRO G 168 -34.86 20.38 42.58
C PRO G 168 -33.52 21.08 42.72
N ASP G 169 -33.49 22.41 42.55
CA ASP G 169 -32.22 23.12 42.67
C ASP G 169 -31.61 22.96 44.06
N GLU G 170 -32.45 22.96 45.10
CA GLU G 170 -31.93 22.80 46.46
C GLU G 170 -31.41 21.39 46.66
N ILE G 171 -32.19 20.38 46.26
CA ILE G 171 -31.73 18.99 46.39
C ILE G 171 -30.39 18.80 45.70
N ASN G 172 -30.20 19.45 44.54
CA ASN G 172 -28.95 19.29 43.80
C ASN G 172 -27.75 19.73 44.63
N THR G 173 -27.82 20.94 45.19
CA THR G 173 -26.69 21.44 45.98
C THR G 173 -26.41 20.54 47.17
N ILE G 174 -27.46 19.96 47.77
CA ILE G 174 -27.27 19.05 48.90
C ILE G 174 -26.46 17.83 48.47
N TYR G 175 -26.78 17.28 47.30
CA TYR G 175 -26.06 16.10 46.82
C TYR G 175 -24.60 16.43 46.52
N LEU G 176 -24.36 17.57 45.87
CA LEU G 176 -23.01 17.92 45.46
C LEU G 176 -22.14 18.37 46.64
N GLY G 177 -22.75 18.72 47.77
CA GLY G 177 -22.00 19.09 48.96
C GLY G 177 -21.96 20.56 49.28
N GLY G 178 -23.01 21.31 48.95
CA GLY G 178 -23.03 22.74 49.20
C GLY G 178 -23.71 23.06 50.51
N PRO G 179 -23.51 24.30 51.00
CA PRO G 179 -24.08 24.69 52.30
C PRO G 179 -25.50 25.21 52.26
N PHE G 180 -26.37 24.49 52.97
CA PHE G 180 -27.79 24.80 53.13
C PHE G 180 -28.11 24.67 54.61
N SER G 181 -29.17 25.35 55.05
CA SER G 181 -29.49 25.41 56.49
C SER G 181 -30.78 24.69 56.83
N PRO G 182 -30.71 23.45 57.33
CA PRO G 182 -31.93 22.79 57.83
C PRO G 182 -32.41 23.47 59.10
N ASN G 183 -33.72 23.34 59.36
CA ASN G 183 -34.35 23.95 60.52
C ASN G 183 -35.08 22.94 61.41
N VAL G 184 -34.79 21.65 61.25
CA VAL G 184 -35.34 20.63 62.14
C VAL G 184 -34.20 19.77 62.69
N LEU G 185 -33.49 19.10 61.81
CA LEU G 185 -32.31 18.30 62.17
C LEU G 185 -31.12 18.80 61.37
N ASN G 186 -30.01 19.05 62.06
CA ASN G 186 -28.81 19.59 61.42
C ASN G 186 -27.62 18.74 61.80
N TRP G 187 -26.98 18.13 60.79
CA TRP G 187 -25.79 17.32 61.05
C TRP G 187 -24.69 18.16 61.70
N ARG G 188 -24.58 19.42 61.32
CA ARG G 188 -23.56 20.31 61.85
C ARG G 188 -23.89 20.83 63.25
N ALA G 189 -25.03 20.44 63.83
CA ALA G 189 -25.44 20.87 65.16
C ALA G 189 -26.38 19.83 65.75
N LEU G 190 -25.88 18.62 65.95
CA LEU G 190 -26.73 17.49 66.33
C LEU G 190 -26.81 17.32 67.84
N LYS G 191 -28.03 17.29 68.35
CA LYS G 191 -28.30 16.89 69.73
C LYS G 191 -28.84 15.46 69.69
N TYR G 192 -27.99 14.50 70.06
CA TYR G 192 -28.32 13.09 69.95
C TYR G 192 -27.98 12.36 71.24
N GLU G 193 -28.32 11.07 71.27
CA GLU G 193 -28.10 10.23 72.45
C GLU G 193 -27.85 8.81 71.97
N VAL G 194 -26.68 8.28 72.30
CA VAL G 194 -26.23 6.97 71.84
C VAL G 194 -26.58 5.92 72.87
N GLN G 195 -26.84 4.69 72.39
CA GLN G 195 -27.11 3.56 73.25
C GLN G 195 -26.66 2.29 72.55
N GLY G 196 -25.93 1.44 73.30
CA GLY G 196 -25.47 0.17 72.77
C GLY G 196 -24.14 0.25 72.06
N GLU G 197 -23.89 -0.75 71.22
CA GLU G 197 -22.63 -0.88 70.50
C GLU G 197 -22.74 -0.12 69.17
N VAL G 198 -22.43 1.18 69.23
CA VAL G 198 -22.38 2.02 68.05
C VAL G 198 -21.16 2.94 68.21
N PHE G 199 -20.54 3.28 67.09
CA PHE G 199 -19.30 4.02 67.10
C PHE G 199 -19.39 5.18 66.12
N THR G 200 -18.51 6.17 66.33
CA THR G 200 -18.43 7.35 65.48
C THR G 200 -17.05 7.39 64.84
N LYS G 201 -17.01 7.22 63.53
CA LYS G 201 -15.77 7.16 62.77
C LYS G 201 -15.91 8.02 61.52
N PRO G 202 -14.79 8.35 60.87
CA PRO G 202 -14.87 9.15 59.64
C PRO G 202 -15.71 8.46 58.58
N GLN G 203 -16.43 9.27 57.81
CA GLN G 203 -17.35 8.75 56.81
C GLN G 203 -16.60 8.15 55.63
N LEU G 204 -17.22 7.16 54.98
CA LEU G 204 -16.61 6.44 53.88
C LEU G 204 -16.88 7.06 52.53
N TRP G 205 -18.05 7.66 52.35
CA TRP G 205 -18.41 8.31 51.10
C TRP G 205 -17.77 9.69 50.99
N PRO G 206 -17.68 10.24 49.77
CA PRO G 206 -17.17 11.60 49.57
C PRO G 206 -18.14 12.68 50.05
N GLN H 1 17.86 -2.42 55.10
CA GLN H 1 16.85 -1.55 54.41
C GLN H 1 17.13 -1.45 52.91
N THR H 2 16.09 -1.66 52.11
CA THR H 2 16.20 -1.55 50.66
C THR H 2 14.99 -0.80 50.12
N ASP H 3 15.24 0.17 49.24
CA ASP H 3 14.16 0.90 48.57
C ASP H 3 13.65 0.07 47.41
N MET H 4 12.41 -0.42 47.53
CA MET H 4 11.78 -1.27 46.54
C MET H 4 10.75 -0.52 45.68
N SER H 5 10.86 0.81 45.62
CA SER H 5 9.92 1.58 44.82
C SER H 5 9.93 1.11 43.37
N ARG H 6 8.75 1.00 42.79
CA ARG H 6 8.52 0.61 41.40
C ARG H 6 8.89 -0.84 41.14
N LYS H 7 9.31 -1.60 42.16
CA LYS H 7 9.65 -3.00 42.02
C LYS H 7 8.63 -3.85 42.78
N ALA H 8 8.60 -5.14 42.43
CA ALA H 8 7.61 -6.05 42.99
C ALA H 8 8.18 -7.46 43.05
N PHE H 9 7.69 -8.25 44.01
CA PHE H 9 8.04 -9.66 44.09
C PHE H 9 7.14 -10.45 43.15
N VAL H 10 7.74 -11.39 42.42
CA VAL H 10 7.03 -12.22 41.46
C VAL H 10 7.29 -13.68 41.77
N PHE H 11 6.21 -14.45 41.93
CA PHE H 11 6.28 -15.91 42.10
C PHE H 11 5.78 -16.55 40.81
N PRO H 12 6.67 -16.92 39.88
CA PRO H 12 6.19 -17.30 38.53
C PRO H 12 5.29 -18.52 38.51
N LYS H 13 5.70 -19.63 39.11
CA LYS H 13 4.99 -20.89 39.02
C LYS H 13 4.69 -21.42 40.41
N GLU H 14 3.68 -22.29 40.47
CA GLU H 14 3.31 -22.91 41.73
C GLU H 14 4.48 -23.66 42.34
N SER H 15 4.68 -23.46 43.64
CA SER H 15 5.76 -24.11 44.37
C SER H 15 5.37 -24.18 45.83
N ASP H 16 6.12 -24.97 46.59
CA ASP H 16 5.89 -25.15 48.01
C ASP H 16 6.92 -24.45 48.88
N THR H 17 8.02 -23.96 48.29
CA THR H 17 9.18 -23.50 49.07
C THR H 17 9.60 -22.09 48.70
N SER H 18 8.74 -21.32 48.04
CA SER H 18 9.05 -19.96 47.64
C SER H 18 8.28 -18.97 48.49
N TYR H 19 8.98 -17.96 49.02
CA TYR H 19 8.36 -16.96 49.90
C TYR H 19 9.39 -15.91 50.33
N VAL H 20 8.90 -14.71 50.68
CA VAL H 20 9.74 -13.66 51.27
C VAL H 20 9.23 -13.36 52.67
N SER H 21 10.15 -13.03 53.57
CA SER H 21 9.85 -12.80 54.98
C SER H 21 10.05 -11.32 55.30
N LEU H 22 8.96 -10.63 55.66
CA LEU H 22 9.02 -9.22 56.03
C LEU H 22 9.34 -9.05 57.51
N LYS H 23 10.26 -8.13 57.80
CA LYS H 23 10.74 -7.87 59.15
C LYS H 23 10.57 -6.39 59.50
N ALA H 24 10.17 -6.12 60.76
CA ALA H 24 9.85 -4.78 61.24
C ALA H 24 10.88 -4.34 62.28
N PRO H 25 11.35 -3.09 62.23
CA PRO H 25 12.39 -2.67 63.16
C PRO H 25 12.01 -2.79 64.63
N LEU H 26 10.74 -2.58 64.97
CA LEU H 26 10.26 -2.57 66.36
C LEU H 26 9.13 -3.56 66.50
N THR H 27 9.01 -4.17 67.69
CA THR H 27 7.99 -5.20 67.96
C THR H 27 7.23 -4.97 69.26
N LYS H 28 6.16 -4.16 69.19
CA LYS H 28 5.23 -3.96 70.30
C LYS H 28 3.90 -4.61 69.94
N PRO H 29 3.10 -5.05 70.91
CA PRO H 29 1.80 -5.62 70.56
C PRO H 29 0.93 -4.60 69.83
N LEU H 30 0.21 -5.07 68.83
CA LEU H 30 -0.65 -4.21 68.05
C LEU H 30 -2.05 -4.23 68.66
N LYS H 31 -2.56 -3.07 69.03
CA LYS H 31 -3.96 -2.92 69.43
C LYS H 31 -4.83 -2.53 68.25
N ALA H 32 -4.23 -2.38 67.07
CA ALA H 32 -4.88 -2.00 65.82
C ALA H 32 -3.80 -1.92 64.76
N PHE H 33 -4.21 -1.99 63.50
CA PHE H 33 -3.26 -1.94 62.40
C PHE H 33 -4.00 -1.61 61.11
N THR H 34 -3.22 -1.46 60.04
CA THR H 34 -3.75 -1.24 58.70
C THR H 34 -2.73 -1.84 57.75
N VAL H 35 -3.20 -2.65 56.80
CA VAL H 35 -2.33 -3.32 55.84
C VAL H 35 -2.82 -2.99 54.45
N CYS H 36 -1.90 -2.58 53.58
CA CYS H 36 -2.20 -2.22 52.21
C CYS H 36 -1.18 -2.88 51.29
N LEU H 37 -1.61 -3.21 50.07
CA LEU H 37 -0.72 -3.89 49.14
C LEU H 37 -1.36 -3.95 47.76
N HIS H 38 -0.53 -4.25 46.77
CA HIS H 38 -0.96 -4.55 45.41
C HIS H 38 -0.70 -6.02 45.14
N PHE H 39 -1.50 -6.62 44.26
CA PHE H 39 -1.22 -7.98 43.82
C PHE H 39 -1.97 -8.27 42.54
N TYR H 40 -1.52 -9.31 41.84
CA TYR H 40 -2.02 -9.65 40.51
C TYR H 40 -1.85 -11.14 40.29
N THR H 41 -2.95 -11.85 40.02
CA THR H 41 -2.88 -13.28 39.77
C THR H 41 -4.14 -13.73 39.04
N GLU H 42 -3.99 -14.82 38.27
CA GLU H 42 -5.11 -15.45 37.59
C GLU H 42 -5.74 -16.58 38.39
N LEU H 43 -5.14 -16.95 39.53
CA LEU H 43 -5.61 -18.11 40.28
C LEU H 43 -7.03 -17.95 40.77
N SER H 44 -7.50 -16.71 40.95
CA SER H 44 -8.76 -16.46 41.63
C SER H 44 -9.93 -17.27 41.07
N SER H 45 -9.84 -17.73 39.82
CA SER H 45 -10.91 -18.51 39.23
C SER H 45 -10.68 -20.02 39.34
N THR H 46 -9.48 -20.45 39.70
CA THR H 46 -9.15 -21.87 39.81
C THR H 46 -9.22 -22.37 41.26
N ARG H 47 -8.59 -21.67 42.19
CA ARG H 47 -8.58 -22.06 43.59
C ARG H 47 -8.43 -20.82 44.45
N GLY H 48 -8.18 -21.02 45.74
CA GLY H 48 -7.86 -19.94 46.64
C GLY H 48 -6.36 -19.88 46.94
N TYR H 49 -5.94 -18.77 47.53
CA TYR H 49 -4.52 -18.56 47.80
C TYR H 49 -4.38 -17.58 48.96
N SER H 50 -3.19 -17.59 49.56
CA SER H 50 -2.84 -16.68 50.64
C SER H 50 -2.23 -15.40 50.06
N ILE H 51 -2.68 -14.26 50.56
CA ILE H 51 -2.21 -12.96 50.10
C ILE H 51 -1.19 -12.37 51.08
N PHE H 52 -1.40 -12.54 52.37
CA PHE H 52 -0.56 -11.92 53.40
C PHE H 52 -0.68 -12.75 54.66
N SER H 53 0.41 -13.40 55.06
CA SER H 53 0.40 -14.34 56.18
C SER H 53 1.24 -13.77 57.31
N TYR H 54 0.57 -13.47 58.43
CA TYR H 54 1.19 -12.92 59.64
C TYR H 54 0.89 -13.89 60.77
N ALA H 55 1.91 -14.61 61.23
CA ALA H 55 1.71 -15.71 62.17
C ALA H 55 2.44 -15.44 63.48
N THR H 56 1.94 -16.09 64.53
CA THR H 56 2.55 -16.05 65.86
C THR H 56 2.78 -17.47 66.34
N LYS H 57 3.66 -17.60 67.34
CA LYS H 57 3.96 -18.93 67.88
C LYS H 57 2.71 -19.59 68.43
N ARG H 58 1.78 -18.82 68.99
CA ARG H 58 0.56 -19.36 69.56
C ARG H 58 -0.61 -19.39 68.60
N GLN H 59 -0.53 -18.68 67.47
CA GLN H 59 -1.65 -18.58 66.54
C GLN H 59 -1.09 -18.46 65.13
N ASP H 60 -1.26 -19.51 64.33
CA ASP H 60 -0.74 -19.50 62.96
C ASP H 60 -1.48 -18.54 62.04
N ASN H 61 -2.63 -18.01 62.45
CA ASN H 61 -3.41 -17.07 61.65
C ASN H 61 -3.71 -15.81 62.45
N GLU H 62 -2.65 -15.20 63.01
CA GLU H 62 -2.83 -14.00 63.81
C GLU H 62 -3.50 -12.89 63.00
N ILE H 63 -3.04 -12.68 61.77
CA ILE H 63 -3.80 -11.88 60.80
C ILE H 63 -3.44 -12.38 59.40
N LEU H 64 -4.46 -12.77 58.64
CA LEU H 64 -4.30 -13.41 57.35
C LEU H 64 -5.29 -12.82 56.35
N ILE H 65 -4.80 -12.47 55.17
CA ILE H 65 -5.63 -12.04 54.05
C ILE H 65 -5.61 -13.15 53.01
N PHE H 66 -6.79 -13.65 52.64
CA PHE H 66 -6.92 -14.86 51.86
C PHE H 66 -8.04 -14.70 50.85
N TRP H 67 -7.84 -15.27 49.66
CA TRP H 67 -8.87 -15.35 48.64
C TRP H 67 -9.38 -16.79 48.59
N SER H 68 -10.66 -16.98 48.92
CA SER H 68 -11.30 -18.28 48.83
C SER H 68 -12.11 -18.31 47.54
N LYS H 69 -11.80 -19.28 46.66
CA LYS H 69 -12.46 -19.36 45.37
C LYS H 69 -13.98 -19.37 45.54
N ASP H 70 -14.66 -18.72 44.61
CA ASP H 70 -16.11 -18.72 44.48
C ASP H 70 -16.81 -17.99 45.62
N ILE H 71 -16.06 -17.50 46.61
CA ILE H 71 -16.62 -16.84 47.78
C ILE H 71 -16.23 -15.37 47.82
N GLY H 72 -14.93 -15.09 47.77
CA GLY H 72 -14.45 -13.73 47.86
C GLY H 72 -13.23 -13.58 48.74
N TYR H 73 -13.14 -12.45 49.44
CA TYR H 73 -12.01 -12.16 50.31
C TYR H 73 -12.26 -12.70 51.71
N SER H 74 -11.24 -13.35 52.27
CA SER H 74 -11.29 -13.91 53.62
C SER H 74 -10.33 -13.13 54.52
N PHE H 75 -10.85 -12.63 55.63
CA PHE H 75 -10.10 -11.78 56.55
C PHE H 75 -10.19 -12.36 57.95
N THR H 76 -9.06 -12.80 58.48
CA THR H 76 -9.01 -13.45 59.78
C THR H 76 -7.96 -12.76 60.64
N VAL H 77 -8.35 -12.36 61.85
CA VAL H 77 -7.42 -11.85 62.85
C VAL H 77 -7.63 -12.69 64.10
N GLY H 78 -6.54 -13.20 64.66
CA GLY H 78 -6.64 -14.03 65.84
C GLY H 78 -7.39 -15.32 65.63
N GLY H 79 -7.45 -15.82 64.39
CA GLY H 79 -8.09 -17.08 64.09
C GLY H 79 -9.56 -17.02 63.75
N SER H 80 -10.22 -15.88 63.96
CA SER H 80 -11.64 -15.73 63.70
C SER H 80 -11.85 -15.05 62.34
N GLU H 81 -12.77 -15.59 61.55
CA GLU H 81 -12.92 -15.21 60.15
C GLU H 81 -14.14 -14.32 59.92
N ILE H 82 -13.99 -13.40 58.96
CA ILE H 82 -15.08 -12.61 58.40
C ILE H 82 -14.86 -12.56 56.90
N LEU H 83 -15.96 -12.49 56.14
CA LEU H 83 -15.91 -12.58 54.70
C LEU H 83 -16.42 -11.29 54.06
N PHE H 84 -15.80 -10.92 52.94
CA PHE H 84 -16.30 -9.85 52.07
C PHE H 84 -16.59 -10.50 50.73
N GLU H 85 -17.86 -10.82 50.50
CA GLU H 85 -18.25 -11.60 49.34
C GLU H 85 -17.97 -10.83 48.05
N VAL H 86 -17.59 -11.58 47.01
CA VAL H 86 -17.33 -11.01 45.69
C VAL H 86 -17.92 -11.96 44.65
N PRO H 87 -18.96 -11.55 43.91
CA PRO H 87 -19.56 -12.48 42.94
C PRO H 87 -18.82 -12.45 41.61
N GLU H 88 -18.69 -11.27 41.03
CA GLU H 88 -17.99 -11.11 39.76
C GLU H 88 -16.50 -10.90 40.04
N VAL H 89 -15.66 -11.66 39.36
CA VAL H 89 -14.21 -11.60 39.51
C VAL H 89 -13.61 -11.33 38.14
N THR H 90 -12.89 -10.22 38.01
CA THR H 90 -12.20 -9.85 36.78
C THR H 90 -10.69 -9.85 37.04
N VAL H 91 -9.94 -10.42 36.10
CA VAL H 91 -8.51 -10.59 36.27
C VAL H 91 -7.82 -9.27 35.96
N ALA H 92 -7.18 -8.69 36.98
CA ALA H 92 -6.39 -7.48 36.82
C ALA H 92 -5.67 -7.21 38.13
N PRO H 93 -4.63 -6.36 38.11
CA PRO H 93 -4.03 -5.92 39.38
C PRO H 93 -5.08 -5.24 40.24
N VAL H 94 -4.94 -5.42 41.56
CA VAL H 94 -5.89 -4.89 42.52
C VAL H 94 -5.14 -4.34 43.73
N HIS H 95 -5.71 -3.31 44.34
CA HIS H 95 -5.13 -2.66 45.51
C HIS H 95 -6.12 -2.80 46.67
N ILE H 96 -5.69 -3.42 47.75
CA ILE H 96 -6.53 -3.66 48.92
C ILE H 96 -5.90 -2.98 50.12
N CYS H 97 -6.75 -2.40 50.98
CA CYS H 97 -6.36 -1.88 52.28
C CYS H 97 -7.32 -2.45 53.31
N THR H 98 -6.78 -2.87 54.45
CA THR H 98 -7.60 -3.46 55.50
C THR H 98 -7.07 -3.04 56.87
N SER H 99 -7.99 -2.69 57.77
CA SER H 99 -7.66 -2.18 59.09
C SER H 99 -8.51 -2.87 60.13
N TRP H 100 -7.99 -2.91 61.37
CA TRP H 100 -8.70 -3.51 62.49
C TRP H 100 -8.41 -2.69 63.74
N GLU H 101 -9.43 -2.56 64.60
CA GLU H 101 -9.31 -1.85 65.87
C GLU H 101 -9.84 -2.71 67.00
N SER H 102 -9.12 -2.74 68.11
CA SER H 102 -9.52 -3.58 69.23
C SER H 102 -10.68 -2.97 70.00
N ALA H 103 -10.56 -1.68 70.37
CA ALA H 103 -11.57 -1.05 71.22
C ALA H 103 -12.97 -1.20 70.64
N SER H 104 -13.09 -1.32 69.32
CA SER H 104 -14.38 -1.39 68.65
C SER H 104 -14.59 -2.66 67.85
N GLY H 105 -13.55 -3.40 67.52
CA GLY H 105 -13.67 -4.56 66.66
C GLY H 105 -13.97 -4.25 65.21
N ILE H 106 -14.09 -2.97 64.85
CA ILE H 106 -14.46 -2.61 63.49
C ILE H 106 -13.31 -2.96 62.54
N VAL H 107 -13.65 -3.57 61.42
CA VAL H 107 -12.70 -3.85 60.35
C VAL H 107 -13.18 -3.17 59.08
N GLU H 108 -12.28 -2.47 58.40
CA GLU H 108 -12.56 -1.86 57.11
C GLU H 108 -11.82 -2.64 56.02
N PHE H 109 -12.43 -2.73 54.85
CA PHE H 109 -11.83 -3.41 53.70
C PHE H 109 -12.05 -2.55 52.48
N TRP H 110 -10.95 -2.00 51.95
CA TRP H 110 -10.97 -1.15 50.77
C TRP H 110 -10.42 -1.93 49.59
N VAL H 111 -11.11 -1.87 48.45
CA VAL H 111 -10.67 -2.51 47.22
C VAL H 111 -10.59 -1.43 46.14
N ASP H 112 -9.40 -1.25 45.58
CA ASP H 112 -9.17 -0.23 44.55
C ASP H 112 -9.72 1.13 44.99
N GLY H 113 -9.42 1.49 46.24
CA GLY H 113 -9.80 2.78 46.76
C GLY H 113 -11.27 2.95 47.08
N LYS H 114 -12.07 1.89 46.98
CA LYS H 114 -13.49 1.95 47.30
C LYS H 114 -13.79 1.07 48.50
N PRO H 115 -14.49 1.58 49.51
CA PRO H 115 -14.63 0.82 50.76
C PRO H 115 -15.82 -0.13 50.75
N ARG H 116 -15.63 -1.26 51.42
CA ARG H 116 -16.73 -2.14 51.73
C ARG H 116 -17.31 -1.77 53.09
N VAL H 117 -18.52 -2.26 53.36
CA VAL H 117 -19.18 -1.92 54.61
C VAL H 117 -18.30 -2.38 55.79
N ARG H 118 -18.61 -1.84 56.97
CA ARG H 118 -17.83 -2.13 58.16
C ARG H 118 -18.46 -3.29 58.94
N LYS H 119 -17.60 -4.17 59.44
CA LYS H 119 -18.01 -5.35 60.17
C LYS H 119 -17.19 -5.45 61.45
N SER H 120 -17.61 -6.35 62.35
CA SER H 120 -16.92 -6.56 63.60
C SER H 120 -16.07 -7.83 63.55
N LEU H 121 -14.99 -7.85 64.32
CA LEU H 121 -14.14 -9.02 64.42
C LEU H 121 -13.15 -8.87 65.55
N LYS H 122 -13.18 -9.82 66.49
CA LYS H 122 -12.22 -9.89 67.59
C LYS H 122 -12.09 -8.55 68.32
N LYS H 123 -13.21 -8.10 68.88
CA LYS H 123 -13.20 -6.93 69.75
C LYS H 123 -12.50 -7.28 71.06
N GLY H 124 -11.56 -6.43 71.48
CA GLY H 124 -10.82 -6.65 72.70
C GLY H 124 -9.59 -7.53 72.57
N TYR H 125 -9.34 -8.09 71.39
CA TYR H 125 -8.16 -8.92 71.19
C TYR H 125 -6.88 -8.06 71.25
N THR H 126 -5.74 -8.75 71.30
CA THR H 126 -4.44 -8.10 71.32
C THR H 126 -3.50 -8.93 70.45
N VAL H 127 -3.03 -8.33 69.35
CA VAL H 127 -2.23 -9.06 68.37
C VAL H 127 -0.80 -9.17 68.87
N GLY H 128 -0.19 -10.34 68.64
CA GLY H 128 1.17 -10.55 69.10
C GLY H 128 2.18 -9.73 68.32
N ALA H 129 3.27 -9.39 69.00
CA ALA H 129 4.31 -8.56 68.41
C ALA H 129 5.41 -9.40 67.75
N GLU H 130 5.78 -10.52 68.37
CA GLU H 130 6.82 -11.40 67.83
C GLU H 130 6.17 -12.32 66.80
N ALA H 131 6.11 -11.83 65.56
CA ALA H 131 5.38 -12.49 64.50
C ALA H 131 6.32 -12.95 63.39
N SER H 132 5.76 -13.75 62.49
CA SER H 132 6.44 -14.19 61.28
C SER H 132 5.55 -13.80 60.11
N ILE H 133 6.05 -12.91 59.26
CA ILE H 133 5.28 -12.35 58.15
C ILE H 133 5.82 -12.94 56.87
N ILE H 134 4.93 -13.55 56.08
CA ILE H 134 5.32 -14.29 54.89
C ILE H 134 4.43 -13.90 53.73
N LEU H 135 5.04 -13.78 52.55
CA LEU H 135 4.34 -13.46 51.31
C LEU H 135 4.55 -14.62 50.34
N GLY H 136 3.48 -15.05 49.68
CA GLY H 136 3.56 -16.12 48.70
C GLY H 136 3.26 -17.49 49.24
N GLN H 137 3.05 -17.63 50.55
CA GLN H 137 2.75 -18.91 51.16
C GLN H 137 1.84 -18.67 52.35
N GLU H 138 1.13 -19.72 52.76
CA GLU H 138 0.28 -19.68 53.94
C GLU H 138 1.00 -20.40 55.08
N GLN H 139 1.03 -19.77 56.25
CA GLN H 139 1.73 -20.31 57.40
C GLN H 139 0.78 -21.16 58.25
N ASP H 140 1.23 -22.37 58.57
CA ASP H 140 0.56 -23.21 59.56
C ASP H 140 1.29 -23.23 60.89
N SER H 141 2.56 -22.82 60.90
CA SER H 141 3.35 -22.68 62.11
C SER H 141 4.29 -21.50 61.90
N PHE H 142 5.03 -21.13 62.94
CA PHE H 142 5.94 -20.01 62.85
C PHE H 142 6.91 -20.17 61.68
N GLY H 143 6.63 -19.47 60.57
CA GLY H 143 7.53 -19.45 59.44
C GLY H 143 7.73 -20.78 58.74
N GLY H 144 6.73 -21.66 58.79
CA GLY H 144 6.90 -22.96 58.16
C GLY H 144 5.56 -23.64 57.93
N ASN H 145 5.65 -24.88 57.44
CA ASN H 145 4.48 -25.71 57.16
C ASN H 145 3.56 -25.03 56.14
N PHE H 146 4.07 -24.97 54.91
CA PHE H 146 3.36 -24.35 53.80
C PHE H 146 2.60 -25.41 53.01
N GLU H 147 1.40 -25.05 52.57
CA GLU H 147 0.63 -25.89 51.66
C GLU H 147 0.73 -25.31 50.25
N GLY H 148 1.11 -26.17 49.30
CA GLY H 148 1.28 -25.71 47.93
C GLY H 148 -0.01 -25.26 47.27
N SER H 149 -1.14 -25.84 47.68
CA SER H 149 -2.42 -25.44 47.13
C SER H 149 -2.90 -24.09 47.64
N GLN H 150 -2.19 -23.51 48.61
CA GLN H 150 -2.46 -22.16 49.08
C GLN H 150 -1.42 -21.16 48.55
N SER H 151 -0.55 -21.60 47.65
CA SER H 151 0.47 -20.73 47.10
C SER H 151 -0.16 -19.57 46.33
N LEU H 152 0.58 -18.46 46.27
CA LEU H 152 0.25 -17.33 45.42
C LEU H 152 1.16 -17.36 44.21
N VAL H 153 0.57 -17.39 43.02
CA VAL H 153 1.31 -17.42 41.76
C VAL H 153 1.01 -16.12 41.04
N GLY H 154 1.96 -15.21 41.02
CA GLY H 154 1.81 -13.95 40.34
C GLY H 154 2.68 -12.88 40.99
N ASP H 155 2.19 -11.65 40.92
CA ASP H 155 2.93 -10.48 41.39
C ASP H 155 2.34 -9.99 42.71
N ILE H 156 3.20 -9.51 43.60
CA ILE H 156 2.78 -8.84 44.82
C ILE H 156 3.80 -7.77 45.16
N GLY H 157 3.31 -6.63 45.64
CA GLY H 157 4.20 -5.54 45.99
C GLY H 157 3.44 -4.41 46.66
N ASN H 158 4.17 -3.34 46.96
CA ASN H 158 3.61 -2.14 47.54
C ASN H 158 2.98 -2.41 48.91
N VAL H 159 3.50 -3.41 49.63
CA VAL H 159 2.95 -3.77 50.93
C VAL H 159 3.42 -2.78 51.97
N ASN H 160 2.49 -2.28 52.79
CA ASN H 160 2.80 -1.32 53.83
C ASN H 160 1.89 -1.58 55.02
N MET H 161 2.43 -1.44 56.23
CA MET H 161 1.71 -1.76 57.46
C MET H 161 1.85 -0.63 58.47
N TRP H 162 0.73 -0.26 59.09
CA TRP H 162 0.70 0.68 60.20
C TRP H 162 0.32 -0.04 61.49
N ASP H 163 0.37 0.70 62.58
CA ASP H 163 -0.09 0.23 63.89
C ASP H 163 -1.29 1.04 64.39
N PHE H 164 -1.96 1.78 63.50
CA PHE H 164 -3.20 2.48 63.80
C PHE H 164 -4.13 2.34 62.60
N VAL H 165 -5.26 3.05 62.64
CA VAL H 165 -6.28 2.96 61.62
C VAL H 165 -6.19 4.18 60.71
N LEU H 166 -6.13 3.93 59.40
CA LEU H 166 -6.05 5.00 58.42
C LEU H 166 -7.44 5.54 58.10
N SER H 167 -7.54 6.86 57.98
CA SER H 167 -8.80 7.50 57.66
C SER H 167 -9.11 7.40 56.17
N PRO H 168 -10.38 7.58 55.79
CA PRO H 168 -10.71 7.59 54.35
C PRO H 168 -9.79 8.47 53.51
N ASP H 169 -9.51 9.70 53.97
CA ASP H 169 -8.64 10.58 53.20
C ASP H 169 -7.25 9.98 53.05
N GLU H 170 -6.75 9.32 54.10
CA GLU H 170 -5.44 8.71 54.03
C GLU H 170 -5.43 7.53 53.06
N ILE H 171 -6.42 6.64 53.17
CA ILE H 171 -6.51 5.51 52.25
C ILE H 171 -6.50 6.00 50.81
N ASN H 172 -7.20 7.10 50.53
CA ASN H 172 -7.25 7.62 49.17
C ASN H 172 -5.87 7.97 48.65
N THR H 173 -5.10 8.73 49.41
CA THR H 173 -3.78 9.13 48.95
C THR H 173 -2.89 7.93 48.69
N ILE H 174 -3.04 6.86 49.48
CA ILE H 174 -2.28 5.64 49.22
C ILE H 174 -2.66 5.04 47.88
N TYR H 175 -3.96 5.02 47.57
CA TYR H 175 -4.38 4.44 46.30
C TYR H 175 -3.90 5.28 45.13
N LEU H 176 -4.01 6.61 45.23
CA LEU H 176 -3.61 7.46 44.11
C LEU H 176 -2.10 7.57 43.99
N GLY H 177 -1.35 7.22 45.02
CA GLY H 177 0.10 7.22 44.95
C GLY H 177 0.78 8.39 45.64
N GLY H 178 0.22 8.89 46.73
CA GLY H 178 0.78 10.04 47.40
C GLY H 178 1.73 9.65 48.52
N PRO H 179 2.49 10.60 49.04
CA PRO H 179 3.52 10.27 50.06
C PRO H 179 2.99 10.21 51.49
N PHE H 180 3.07 9.02 52.08
CA PHE H 180 2.69 8.74 53.44
C PHE H 180 3.77 7.88 54.07
N SER H 181 3.87 7.90 55.40
CA SER H 181 4.93 7.20 56.12
C SER H 181 4.42 6.06 56.98
N PRO H 182 4.50 4.81 56.53
CA PRO H 182 4.14 3.67 57.40
C PRO H 182 5.13 3.55 58.56
N ASN H 183 4.65 2.91 59.64
CA ASN H 183 5.44 2.76 60.86
C ASN H 183 5.60 1.31 61.32
N VAL H 184 5.30 0.32 60.47
CA VAL H 184 5.56 -1.07 60.81
C VAL H 184 6.34 -1.71 59.67
N LEU H 185 5.75 -1.71 58.48
CA LEU H 185 6.39 -2.21 57.27
C LEU H 185 6.41 -1.08 56.24
N ASN H 186 7.56 -0.86 55.62
CA ASN H 186 7.73 0.23 54.67
C ASN H 186 8.33 -0.32 53.38
N TRP H 187 7.58 -0.20 52.28
CA TRP H 187 8.08 -0.67 50.99
C TRP H 187 9.35 0.05 50.57
N ARG H 188 9.45 1.35 50.87
CA ARG H 188 10.62 2.12 50.49
C ARG H 188 11.80 1.89 51.43
N ALA H 189 11.65 1.04 52.43
CA ALA H 189 12.73 0.72 53.36
C ALA H 189 12.50 -0.66 53.97
N LEU H 190 12.52 -1.68 53.10
CA LEU H 190 12.13 -3.04 53.48
C LEU H 190 13.33 -3.87 53.91
N LYS H 191 13.22 -4.47 55.09
CA LYS H 191 14.14 -5.52 55.53
C LYS H 191 13.43 -6.85 55.31
N TYR H 192 13.85 -7.58 54.28
CA TYR H 192 13.20 -8.82 53.89
C TYR H 192 14.24 -9.91 53.71
N GLU H 193 13.77 -11.12 53.43
CA GLU H 193 14.63 -12.28 53.27
C GLU H 193 14.00 -13.19 52.25
N VAL H 194 14.71 -13.46 51.18
CA VAL H 194 14.18 -14.22 50.05
C VAL H 194 14.52 -15.69 50.23
N GLN H 195 13.62 -16.55 49.77
CA GLN H 195 13.84 -17.99 49.80
C GLN H 195 13.06 -18.63 48.65
N GLY H 196 13.74 -19.48 47.90
CA GLY H 196 13.11 -20.19 46.81
C GLY H 196 13.16 -19.41 45.51
N GLU H 197 12.27 -19.80 44.59
CA GLU H 197 12.22 -19.21 43.26
C GLU H 197 11.32 -17.99 43.28
N VAL H 198 11.89 -16.84 43.61
CA VAL H 198 11.19 -15.56 43.57
C VAL H 198 12.16 -14.53 43.02
N PHE H 199 11.62 -13.56 42.28
CA PHE H 199 12.42 -12.59 41.56
C PHE H 199 11.92 -11.18 41.85
N THR H 200 12.77 -10.20 41.58
CA THR H 200 12.47 -8.79 41.77
C THR H 200 12.56 -8.08 40.42
N LYS H 201 11.42 -7.58 39.94
CA LYS H 201 11.31 -6.92 38.65
C LYS H 201 10.46 -5.67 38.81
N PRO H 202 10.51 -4.76 37.85
CA PRO H 202 9.66 -3.56 37.95
C PRO H 202 8.19 -3.95 38.03
N GLN H 203 7.42 -3.16 38.77
CA GLN H 203 6.02 -3.48 38.98
C GLN H 203 5.22 -3.23 37.71
N LEU H 204 4.14 -3.98 37.56
CA LEU H 204 3.32 -3.95 36.35
C LEU H 204 2.23 -2.88 36.40
N TRP H 205 1.67 -2.63 37.58
CA TRP H 205 0.65 -1.62 37.76
C TRP H 205 1.25 -0.23 37.86
N PRO H 206 0.45 0.82 37.62
CA PRO H 206 0.94 2.20 37.80
C PRO H 206 1.12 2.59 39.26
N GLN I 1 17.06 -2.17 3.51
CA GLN I 1 16.37 -1.29 4.50
C GLN I 1 15.14 -0.63 3.88
N THR I 2 13.98 -0.80 4.52
CA THR I 2 12.75 -0.17 4.06
C THR I 2 11.99 0.42 5.23
N ASP I 3 11.57 1.67 5.10
CA ASP I 3 10.72 2.32 6.10
C ASP I 3 9.27 1.91 5.82
N MET I 4 8.71 1.12 6.72
CA MET I 4 7.35 0.60 6.56
C MET I 4 6.34 1.32 7.45
N SER I 5 6.63 2.55 7.86
CA SER I 5 5.70 3.29 8.69
C SER I 5 4.35 3.43 8.01
N ARG I 6 3.28 3.24 8.78
CA ARG I 6 1.89 3.37 8.37
C ARG I 6 1.44 2.29 7.39
N LYS I 7 2.31 1.33 7.06
CA LYS I 7 1.96 0.23 6.18
C LYS I 7 1.91 -1.08 6.95
N ALA I 8 1.24 -2.07 6.38
CA ALA I 8 1.03 -3.35 7.05
C ALA I 8 0.90 -4.45 6.01
N PHE I 9 1.29 -5.66 6.40
CA PHE I 9 1.12 -6.82 5.54
C PHE I 9 -0.29 -7.38 5.71
N VAL I 10 -0.92 -7.72 4.59
CA VAL I 10 -2.28 -8.26 4.57
C VAL I 10 -2.28 -9.59 3.84
N PHE I 11 -2.81 -10.62 4.49
CA PHE I 11 -3.00 -11.93 3.90
C PHE I 11 -4.48 -12.15 3.59
N PRO I 12 -4.93 -11.88 2.37
CA PRO I 12 -6.39 -11.85 2.14
C PRO I 12 -7.09 -13.17 2.41
N LYS I 13 -6.61 -14.27 1.83
CA LYS I 13 -7.29 -15.56 1.93
C LYS I 13 -6.32 -16.62 2.44
N GLU I 14 -6.89 -17.68 3.01
CA GLU I 14 -6.11 -18.81 3.47
C GLU I 14 -5.29 -19.40 2.32
N SER I 15 -4.03 -19.70 2.61
CA SER I 15 -3.13 -20.26 1.60
C SER I 15 -2.02 -21.03 2.30
N ASP I 16 -1.28 -21.79 1.50
CA ASP I 16 -0.17 -22.58 1.97
C ASP I 16 1.19 -21.98 1.62
N THR I 17 1.22 -20.98 0.73
CA THR I 17 2.46 -20.50 0.14
C THR I 17 2.62 -18.99 0.31
N SER I 18 1.88 -18.37 1.21
CA SER I 18 1.95 -16.92 1.44
C SER I 18 2.63 -16.66 2.78
N TYR I 19 3.62 -15.78 2.76
CA TYR I 19 4.40 -15.44 3.96
C TYR I 19 5.44 -14.41 3.57
N VAL I 20 5.88 -13.64 4.57
CA VAL I 20 7.02 -12.73 4.42
C VAL I 20 8.12 -13.21 5.36
N SER I 21 9.36 -13.07 4.91
CA SER I 21 10.52 -13.54 5.66
C SER I 21 11.30 -12.31 6.13
N LEU I 22 11.35 -12.11 7.44
CA LEU I 22 12.10 -11.01 8.03
C LEU I 22 13.55 -11.43 8.23
N LYS I 23 14.48 -10.56 7.87
CA LYS I 23 15.90 -10.85 7.92
C LYS I 23 16.52 -10.02 9.05
N ALA I 24 17.25 -10.69 9.94
CA ALA I 24 17.77 -10.07 11.15
C ALA I 24 19.29 -10.19 11.23
N PRO I 25 19.99 -9.10 11.60
CA PRO I 25 21.46 -9.09 11.72
C PRO I 25 21.99 -9.64 13.05
N LEU I 26 21.74 -10.92 13.32
CA LEU I 26 22.13 -11.52 14.59
C LEU I 26 23.55 -12.06 14.53
N THR I 27 24.27 -11.93 15.65
CA THR I 27 25.62 -12.45 15.79
C THR I 27 25.82 -13.22 17.08
N LYS I 28 25.24 -12.75 18.20
CA LYS I 28 25.28 -13.46 19.46
C LYS I 28 23.94 -14.14 19.72
N PRO I 29 23.94 -15.30 20.39
CA PRO I 29 22.67 -15.88 20.81
C PRO I 29 21.97 -15.00 21.83
N LEU I 30 20.64 -15.07 21.85
CA LEU I 30 19.82 -14.20 22.67
C LEU I 30 19.69 -14.75 24.08
N LYS I 31 20.07 -13.95 25.06
CA LYS I 31 19.80 -14.25 26.46
C LYS I 31 18.50 -13.63 26.94
N ALA I 32 17.81 -12.87 26.09
CA ALA I 32 16.55 -12.20 26.39
C ALA I 32 16.16 -11.39 25.16
N PHE I 33 14.89 -11.04 25.08
CA PHE I 33 14.38 -10.29 23.94
C PHE I 33 13.01 -9.74 24.28
N THR I 34 12.44 -8.98 23.34
CA THR I 34 11.09 -8.44 23.46
C THR I 34 10.53 -8.28 22.06
N VAL I 35 9.31 -8.77 21.83
CA VAL I 35 8.68 -8.73 20.51
C VAL I 35 7.34 -8.03 20.65
N CYS I 36 7.08 -7.10 19.74
CA CYS I 36 5.84 -6.35 19.70
C CYS I 36 5.33 -6.30 18.26
N LEU I 37 4.01 -6.27 18.11
CA LEU I 37 3.43 -6.25 16.77
C LEU I 37 1.94 -5.96 16.85
N HIS I 38 1.38 -5.59 15.70
CA HIS I 38 -0.05 -5.43 15.50
C HIS I 38 -0.56 -6.53 14.59
N PHE I 39 -1.82 -6.91 14.75
CA PHE I 39 -2.45 -7.82 13.80
C PHE I 39 -3.96 -7.75 13.97
N TYR I 40 -4.66 -8.22 12.94
CA TYR I 40 -6.12 -8.11 12.88
C TYR I 40 -6.65 -9.26 12.05
N THR I 41 -7.50 -10.09 12.66
CA THR I 41 -8.09 -11.22 11.95
C THR I 41 -9.33 -11.69 12.71
N GLU I 42 -10.26 -12.28 11.98
CA GLU I 42 -11.46 -12.88 12.56
C GLU I 42 -11.28 -14.37 12.82
N LEU I 43 -10.15 -14.96 12.44
CA LEU I 43 -9.96 -16.40 12.55
C LEU I 43 -10.10 -16.89 13.98
N SER I 44 -9.85 -16.02 14.96
CA SER I 44 -9.77 -16.46 16.36
C SER I 44 -11.00 -17.26 16.79
N SER I 45 -12.13 -17.11 16.11
CA SER I 45 -13.34 -17.84 16.44
C SER I 45 -13.54 -19.10 15.61
N THR I 46 -12.81 -19.25 14.50
CA THR I 46 -12.94 -20.42 13.64
C THR I 46 -11.85 -21.46 13.90
N ARG I 47 -10.59 -21.04 13.94
CA ARG I 47 -9.48 -21.95 14.18
C ARG I 47 -8.35 -21.18 14.85
N GLY I 48 -7.19 -21.82 14.95
CA GLY I 48 -5.99 -21.17 15.42
C GLY I 48 -5.08 -20.81 14.25
N TYR I 49 -4.06 -20.01 14.55
CA TYR I 49 -3.16 -19.55 13.52
C TYR I 49 -1.83 -19.16 14.16
N SER I 50 -0.80 -19.09 13.32
CA SER I 50 0.52 -18.64 13.74
C SER I 50 0.60 -17.13 13.57
N ILE I 51 1.10 -16.45 14.60
CA ILE I 51 1.22 -15.00 14.60
C ILE I 51 2.65 -14.56 14.30
N PHE I 52 3.63 -15.30 14.83
CA PHE I 52 5.04 -14.92 14.68
C PHE I 52 5.86 -16.20 14.85
N SER I 53 6.49 -16.65 13.76
CA SER I 53 7.21 -17.92 13.74
C SER I 53 8.70 -17.63 13.59
N TYR I 54 9.46 -17.98 14.63
CA TYR I 54 10.90 -17.78 14.68
C TYR I 54 11.52 -19.17 14.87
N ALA I 55 12.17 -19.68 13.82
CA ALA I 55 12.64 -21.05 13.80
C ALA I 55 14.15 -21.11 13.67
N THR I 56 14.71 -22.21 14.17
CA THR I 56 16.13 -22.50 14.09
C THR I 56 16.29 -23.89 13.50
N LYS I 57 17.48 -24.19 12.99
CA LYS I 57 17.71 -25.49 12.40
C LYS I 57 17.49 -26.61 13.41
N ARG I 58 17.79 -26.36 14.69
CA ARG I 58 17.66 -27.38 15.73
C ARG I 58 16.29 -27.38 16.39
N GLN I 59 15.49 -26.33 16.20
CA GLN I 59 14.21 -26.21 16.89
C GLN I 59 13.25 -25.48 15.97
N ASP I 60 12.24 -26.19 15.45
CA ASP I 60 11.27 -25.59 14.57
C ASP I 60 10.37 -24.59 15.28
N ASN I 61 10.37 -24.60 16.61
CA ASN I 61 9.60 -23.68 17.44
C ASN I 61 10.53 -22.99 18.42
N GLU I 62 11.61 -22.41 17.89
CA GLU I 62 12.56 -21.74 18.77
C GLU I 62 11.85 -20.69 19.59
N ILE I 63 11.04 -19.87 18.93
CA ILE I 63 10.10 -18.98 19.60
C ILE I 63 8.90 -18.75 18.70
N LEU I 64 7.71 -19.06 19.21
CA LEU I 64 6.49 -19.02 18.42
C LEU I 64 5.40 -18.35 19.24
N ILE I 65 4.71 -17.39 18.63
CA ILE I 65 3.52 -16.78 19.19
C ILE I 65 2.34 -17.28 18.37
N PHE I 66 1.38 -17.89 19.06
CA PHE I 66 0.31 -18.65 18.43
C PHE I 66 -0.99 -18.38 19.16
N TRP I 67 -2.07 -18.30 18.41
CA TRP I 67 -3.41 -18.22 18.99
C TRP I 67 -4.05 -19.58 18.84
N SER I 68 -4.33 -20.24 19.97
CA SER I 68 -5.02 -21.52 19.97
C SER I 68 -6.49 -21.27 20.23
N LYS I 69 -7.33 -21.66 19.28
CA LYS I 69 -8.75 -21.41 19.39
C LYS I 69 -9.29 -21.93 20.70
N ASP I 70 -10.26 -21.23 21.27
CA ASP I 70 -11.01 -21.61 22.45
C ASP I 70 -10.15 -21.61 23.71
N ILE I 71 -8.85 -21.33 23.59
CA ILE I 71 -7.92 -21.33 24.71
C ILE I 71 -7.34 -19.94 24.95
N GLY I 72 -6.75 -19.33 23.92
CA GLY I 72 -6.12 -18.04 24.05
C GLY I 72 -4.79 -17.96 23.33
N TYR I 73 -3.84 -17.22 23.90
CA TYR I 73 -2.52 -17.04 23.30
C TYR I 73 -1.60 -18.17 23.73
N SER I 74 -0.88 -18.73 22.78
CA SER I 74 0.11 -19.78 23.04
C SER I 74 1.50 -19.23 22.76
N PHE I 75 2.37 -19.31 23.76
CA PHE I 75 3.71 -18.72 23.69
C PHE I 75 4.71 -19.80 24.06
N THR I 76 5.54 -20.20 23.09
CA THR I 76 6.50 -21.27 23.30
C THR I 76 7.89 -20.82 22.86
N VAL I 77 8.87 -21.02 23.73
CA VAL I 77 10.28 -20.76 23.43
C VAL I 77 11.04 -22.06 23.68
N GLY I 78 11.87 -22.46 22.72
CA GLY I 78 12.64 -23.67 22.86
C GLY I 78 11.82 -24.93 22.91
N GLY I 79 10.61 -24.91 22.34
CA GLY I 79 9.76 -26.08 22.29
C GLY I 79 8.83 -26.25 23.47
N SER I 80 9.02 -25.50 24.55
CA SER I 80 8.18 -25.60 25.74
C SER I 80 7.13 -24.49 25.73
N GLU I 81 5.90 -24.87 26.04
CA GLU I 81 4.75 -23.98 25.88
C GLU I 81 4.27 -23.43 27.21
N ILE I 82 3.74 -22.21 27.16
CA ILE I 82 3.01 -21.59 28.26
C ILE I 82 1.79 -20.91 27.67
N LEU I 83 0.70 -20.87 28.44
CA LEU I 83 -0.59 -20.41 27.96
C LEU I 83 -1.03 -19.17 28.72
N PHE I 84 -1.69 -18.25 28.00
CA PHE I 84 -2.38 -17.11 28.59
C PHE I 84 -3.85 -17.20 28.20
N GLU I 85 -4.68 -17.73 29.11
CA GLU I 85 -6.06 -18.00 28.78
C GLU I 85 -6.82 -16.70 28.50
N VAL I 86 -7.75 -16.77 27.56
CA VAL I 86 -8.62 -15.63 27.23
C VAL I 86 -10.02 -16.17 26.97
N PRO I 87 -11.02 -15.85 27.80
CA PRO I 87 -12.36 -16.42 27.58
C PRO I 87 -13.16 -15.69 26.52
N GLU I 88 -13.30 -14.37 26.67
CA GLU I 88 -14.04 -13.57 25.72
C GLU I 88 -13.12 -13.11 24.60
N VAL I 89 -13.56 -13.32 23.37
CA VAL I 89 -12.79 -12.94 22.17
C VAL I 89 -13.66 -12.03 21.32
N THR I 90 -13.21 -10.79 21.14
CA THR I 90 -13.87 -9.80 20.29
C THR I 90 -12.95 -9.43 19.13
N VAL I 91 -13.52 -9.37 17.93
CA VAL I 91 -12.73 -9.12 16.73
C VAL I 91 -12.43 -7.63 16.62
N ALA I 92 -11.15 -7.28 16.69
CA ALA I 92 -10.67 -5.91 16.52
C ALA I 92 -9.15 -5.95 16.43
N PRO I 93 -8.53 -4.88 15.95
CA PRO I 93 -7.06 -4.83 15.99
C PRO I 93 -6.55 -5.00 17.41
N VAL I 94 -5.41 -5.67 17.54
CA VAL I 94 -4.82 -5.96 18.85
C VAL I 94 -3.32 -5.75 18.78
N HIS I 95 -2.76 -5.28 19.90
CA HIS I 95 -1.34 -5.02 20.02
C HIS I 95 -0.78 -5.87 21.15
N ILE I 96 0.19 -6.71 20.85
CA ILE I 96 0.81 -7.60 21.83
C ILE I 96 2.29 -7.28 21.94
N CYS I 97 2.80 -7.35 23.16
CA CYS I 97 4.24 -7.31 23.43
C CYS I 97 4.57 -8.48 24.34
N THR I 98 5.69 -9.16 24.07
CA THR I 98 6.08 -10.31 24.85
C THR I 98 7.59 -10.36 24.98
N SER I 99 8.07 -10.66 26.19
CA SER I 99 9.49 -10.67 26.51
C SER I 99 9.84 -11.92 27.30
N TRP I 100 11.11 -12.31 27.23
CA TRP I 100 11.62 -13.48 27.92
C TRP I 100 13.02 -13.17 28.45
N GLU I 101 13.34 -13.73 29.62
CA GLU I 101 14.64 -13.55 30.24
C GLU I 101 15.21 -14.91 30.63
N SER I 102 16.50 -15.11 30.34
CA SER I 102 17.13 -16.39 30.63
C SER I 102 17.43 -16.54 32.12
N ALA I 103 18.06 -15.53 32.72
CA ALA I 103 18.50 -15.63 34.11
C ALA I 103 17.34 -15.99 35.04
N SER I 104 16.10 -15.63 34.67
CA SER I 104 14.94 -15.85 35.52
C SER I 104 13.86 -16.71 34.89
N GLY I 105 13.86 -16.88 33.57
CA GLY I 105 12.78 -17.59 32.91
C GLY I 105 11.47 -16.84 32.85
N ILE I 106 11.42 -15.62 33.41
CA ILE I 106 10.18 -14.86 33.46
C ILE I 106 9.77 -14.44 32.06
N VAL I 107 8.49 -14.62 31.73
CA VAL I 107 7.92 -14.15 30.48
C VAL I 107 6.78 -13.20 30.81
N GLU I 108 6.77 -12.04 30.15
CA GLU I 108 5.68 -11.08 30.27
C GLU I 108 4.88 -11.08 28.97
N PHE I 109 3.57 -10.88 29.10
CA PHE I 109 2.68 -10.81 27.95
C PHE I 109 1.74 -9.63 28.15
N TRP I 110 1.90 -8.61 27.30
CA TRP I 110 1.09 -7.41 27.34
C TRP I 110 0.10 -7.45 26.19
N VAL I 111 -1.16 -7.14 26.48
CA VAL I 111 -2.21 -7.08 25.46
C VAL I 111 -2.82 -5.68 25.49
N ASP I 112 -2.71 -4.98 24.37
CA ASP I 112 -3.22 -3.60 24.25
C ASP I 112 -2.75 -2.75 25.42
N GLY I 113 -1.46 -2.86 25.74
CA GLY I 113 -0.85 -2.05 26.77
C GLY I 113 -1.17 -2.42 28.20
N LYS I 114 -1.91 -3.50 28.42
CA LYS I 114 -2.25 -3.95 29.76
C LYS I 114 -1.59 -5.30 30.03
N PRO I 115 -0.90 -5.47 31.15
CA PRO I 115 -0.08 -6.67 31.33
C PRO I 115 -0.84 -7.86 31.90
N ARG I 116 -0.46 -9.03 31.44
CA ARG I 116 -0.88 -10.28 32.07
C ARG I 116 0.17 -10.69 33.10
N VAL I 117 -0.23 -11.59 34.00
CA VAL I 117 0.67 -11.99 35.07
C VAL I 117 1.94 -12.60 34.47
N ARG I 118 2.98 -12.69 35.29
CA ARG I 118 4.27 -13.19 34.87
C ARG I 118 4.36 -14.69 35.11
N LYS I 119 4.97 -15.39 34.16
CA LYS I 119 5.12 -16.85 34.23
C LYS I 119 6.56 -17.22 33.90
N SER I 120 6.90 -18.48 34.18
CA SER I 120 8.24 -18.99 33.92
C SER I 120 8.25 -19.86 32.67
N LEU I 121 9.41 -19.90 32.02
CA LEU I 121 9.60 -20.76 30.86
C LEU I 121 11.06 -20.84 30.47
N LYS I 122 11.61 -22.05 30.45
CA LYS I 122 12.98 -22.31 29.99
C LYS I 122 13.97 -21.35 30.65
N LYS I 123 14.07 -21.47 31.98
CA LYS I 123 15.06 -20.71 32.71
C LYS I 123 16.46 -21.20 32.36
N GLY I 124 17.36 -20.26 32.05
CA GLY I 124 18.72 -20.58 31.70
C GLY I 124 18.94 -20.93 30.25
N TYR I 125 17.88 -20.95 29.44
CA TYR I 125 18.01 -21.28 28.03
C TYR I 125 18.80 -20.20 27.29
N THR I 126 19.18 -20.52 26.05
CA THR I 126 19.89 -19.60 25.17
C THR I 126 19.37 -19.79 23.76
N VAL I 127 18.75 -18.76 23.21
CA VAL I 127 18.09 -18.86 21.92
C VAL I 127 19.13 -18.76 20.80
N GLY I 128 18.93 -19.54 19.74
CA GLY I 128 19.86 -19.54 18.63
C GLY I 128 19.83 -18.24 17.85
N ALA I 129 20.98 -17.92 17.26
CA ALA I 129 21.13 -16.66 16.52
C ALA I 129 20.82 -16.81 15.03
N GLU I 130 21.24 -17.91 14.41
CA GLU I 130 21.01 -18.12 12.98
C GLU I 130 19.59 -18.66 12.80
N ALA I 131 18.62 -17.75 12.72
CA ALA I 131 17.22 -18.10 12.72
C ALA I 131 16.55 -17.71 11.41
N SER I 132 15.33 -18.19 11.24
CA SER I 132 14.48 -17.84 10.11
C SER I 132 13.15 -17.32 10.66
N ILE I 133 12.83 -16.07 10.37
CA ILE I 133 11.66 -15.40 10.91
C ILE I 133 10.62 -15.29 9.82
N ILE I 134 9.41 -15.78 10.09
CA ILE I 134 8.35 -15.89 9.09
C ILE I 134 7.06 -15.34 9.66
N LEU I 135 6.32 -14.63 8.80
CA LEU I 135 5.01 -14.07 9.15
C LEU I 135 3.95 -14.67 8.25
N GLY I 136 2.82 -15.06 8.84
CA GLY I 136 1.72 -15.60 8.09
C GLY I 136 1.68 -17.11 7.96
N GLN I 137 2.70 -17.81 8.46
CA GLN I 137 2.75 -19.26 8.38
C GLN I 137 3.47 -19.79 9.61
N GLU I 138 3.22 -21.07 9.91
CA GLU I 138 3.89 -21.76 11.00
C GLU I 138 4.97 -22.66 10.43
N GLN I 139 6.18 -22.57 11.00
CA GLN I 139 7.32 -23.33 10.51
C GLN I 139 7.43 -24.66 11.22
N ASP I 140 7.58 -25.74 10.44
CA ASP I 140 7.95 -27.03 10.96
C ASP I 140 9.41 -27.37 10.71
N SER I 141 10.05 -26.64 9.80
CA SER I 141 11.47 -26.78 9.52
C SER I 141 12.01 -25.39 9.18
N PHE I 142 13.33 -25.31 9.02
CA PHE I 142 13.96 -24.02 8.72
C PHE I 142 13.34 -23.39 7.48
N GLY I 143 12.47 -22.41 7.67
CA GLY I 143 11.90 -21.66 6.56
C GLY I 143 11.04 -22.48 5.63
N GLY I 144 10.41 -23.54 6.12
CA GLY I 144 9.62 -24.39 5.25
C GLY I 144 8.68 -25.27 6.04
N ASN I 145 7.99 -26.15 5.31
CA ASN I 145 7.03 -27.10 5.88
C ASN I 145 5.90 -26.35 6.59
N PHE I 146 5.07 -25.72 5.77
CA PHE I 146 3.94 -24.92 6.25
C PHE I 146 2.68 -25.76 6.29
N GLU I 147 1.86 -25.53 7.31
CA GLU I 147 0.53 -26.12 7.39
C GLU I 147 -0.50 -25.04 7.03
N GLY I 148 -1.37 -25.35 6.07
CA GLY I 148 -2.36 -24.39 5.64
C GLY I 148 -3.38 -24.07 6.72
N SER I 149 -3.66 -25.03 7.60
CA SER I 149 -4.60 -24.80 8.69
C SER I 149 -4.01 -23.94 9.80
N GLN I 150 -2.72 -23.62 9.74
CA GLN I 150 -2.10 -22.69 10.66
C GLN I 150 -1.86 -21.32 10.04
N SER I 151 -2.38 -21.09 8.83
CA SER I 151 -2.19 -19.81 8.17
C SER I 151 -2.84 -18.69 8.98
N LEU I 152 -2.31 -17.49 8.80
CA LEU I 152 -2.93 -16.28 9.33
C LEU I 152 -3.61 -15.53 8.20
N VAL I 153 -4.90 -15.25 8.36
CA VAL I 153 -5.68 -14.54 7.36
C VAL I 153 -6.12 -13.22 7.98
N GLY I 154 -5.50 -12.14 7.52
CA GLY I 154 -5.81 -10.81 8.01
C GLY I 154 -4.61 -9.89 7.87
N ASP I 155 -4.53 -8.93 8.78
CA ASP I 155 -3.50 -7.90 8.76
C ASP I 155 -2.48 -8.17 9.85
N ILE I 156 -1.21 -7.88 9.55
CA ILE I 156 -0.15 -7.90 10.55
C ILE I 156 0.88 -6.84 10.19
N GLY I 157 1.41 -6.17 11.21
CA GLY I 157 2.39 -5.14 10.96
C GLY I 157 2.96 -4.61 12.25
N ASN I 158 3.83 -3.60 12.12
CA ASN I 158 4.42 -2.92 13.26
C ASN I 158 5.24 -3.88 14.12
N VAL I 159 5.81 -4.91 13.51
CA VAL I 159 6.58 -5.90 14.25
C VAL I 159 7.94 -5.31 14.59
N ASN I 160 8.33 -5.44 15.85
CA ASN I 160 9.61 -4.92 16.32
C ASN I 160 10.15 -5.86 17.39
N MET I 161 11.46 -6.08 17.36
CA MET I 161 12.10 -7.03 18.25
C MET I 161 13.34 -6.39 18.86
N TRP I 162 13.49 -6.54 20.17
CA TRP I 162 14.69 -6.14 20.89
C TRP I 162 15.43 -7.40 21.34
N ASP I 163 16.63 -7.19 21.89
CA ASP I 163 17.42 -8.27 22.46
C ASP I 163 17.57 -8.14 23.98
N PHE I 164 16.73 -7.33 24.61
CA PHE I 164 16.66 -7.24 26.07
C PHE I 164 15.19 -7.15 26.45
N VAL I 165 14.92 -6.92 27.73
CA VAL I 165 13.56 -6.89 28.26
C VAL I 165 13.11 -5.46 28.45
N LEU I 166 11.94 -5.12 27.91
CA LEU I 166 11.42 -3.76 28.02
C LEU I 166 10.69 -3.60 29.35
N SER I 167 10.90 -2.45 29.98
CA SER I 167 10.24 -2.15 31.24
C SER I 167 8.80 -1.71 30.99
N PRO I 168 7.95 -1.76 32.02
CA PRO I 168 6.58 -1.25 31.85
C PRO I 168 6.52 0.12 31.21
N ASP I 169 7.38 1.06 31.65
CA ASP I 169 7.35 2.40 31.08
C ASP I 169 7.66 2.38 29.59
N GLU I 170 8.58 1.51 29.17
CA GLU I 170 8.91 1.43 27.75
C GLU I 170 7.76 0.84 26.94
N ILE I 171 7.18 -0.27 27.41
CA ILE I 171 6.06 -0.88 26.70
C ILE I 171 4.96 0.13 26.43
N ASN I 172 4.69 1.01 27.40
CA ASN I 172 3.62 1.98 27.23
C ASN I 172 3.85 2.84 26.00
N THR I 173 5.05 3.40 25.86
CA THR I 173 5.34 4.26 24.71
C THR I 173 5.18 3.50 23.40
N ILE I 174 5.54 2.21 23.38
CA ILE I 174 5.38 1.43 22.15
C ILE I 174 3.90 1.34 21.79
N TYR I 175 3.03 1.10 22.77
CA TYR I 175 1.60 1.02 22.50
C TYR I 175 1.06 2.38 22.09
N LEU I 176 1.49 3.44 22.78
CA LEU I 176 0.93 4.76 22.54
C LEU I 176 1.37 5.37 21.22
N GLY I 177 2.43 4.88 20.61
CA GLY I 177 2.92 5.42 19.36
C GLY I 177 4.11 6.32 19.57
N GLY I 178 4.94 6.00 20.55
CA GLY I 178 6.05 6.81 20.95
C GLY I 178 7.34 6.42 20.23
N PRO I 179 8.41 7.18 20.48
CA PRO I 179 9.67 6.93 19.76
C PRO I 179 10.46 5.81 20.41
N PHE I 180 10.67 4.71 19.69
CA PHE I 180 11.45 3.59 20.17
C PHE I 180 12.46 3.15 19.12
N SER I 181 13.57 2.59 19.59
CA SER I 181 14.65 2.11 18.72
C SER I 181 14.86 0.61 18.91
N PRO I 182 14.25 -0.23 18.08
CA PRO I 182 14.58 -1.66 18.13
C PRO I 182 16.01 -1.92 17.70
N ASN I 183 16.58 -3.02 18.18
CA ASN I 183 17.94 -3.40 17.82
C ASN I 183 18.03 -4.82 17.24
N VAL I 184 16.92 -5.42 16.87
CA VAL I 184 16.92 -6.72 16.18
C VAL I 184 16.06 -6.60 14.93
N LEU I 185 14.78 -6.28 15.11
CA LEU I 185 13.84 -6.06 14.02
C LEU I 185 13.27 -4.66 14.15
N ASN I 186 13.29 -3.89 13.06
CA ASN I 186 12.83 -2.51 13.06
C ASN I 186 11.85 -2.31 11.92
N TRP I 187 10.61 -1.96 12.25
CA TRP I 187 9.61 -1.68 11.23
C TRP I 187 10.05 -0.55 10.31
N ARG I 188 10.69 0.47 10.88
CA ARG I 188 11.13 1.62 10.09
C ARG I 188 12.39 1.34 9.28
N ALA I 189 12.95 0.14 9.36
CA ALA I 189 14.15 -0.22 8.61
C ALA I 189 14.15 -1.73 8.42
N LEU I 190 13.14 -2.22 7.70
CA LEU I 190 12.91 -3.66 7.57
C LEU I 190 13.59 -4.19 6.31
N LYS I 191 14.41 -5.21 6.47
CA LYS I 191 14.95 -6.00 5.36
C LYS I 191 14.13 -7.28 5.33
N TYR I 192 13.19 -7.38 4.39
CA TYR I 192 12.25 -8.49 4.34
C TYR I 192 12.18 -9.03 2.91
N GLU I 193 11.40 -10.10 2.74
CA GLU I 193 11.27 -10.80 1.47
C GLU I 193 9.85 -11.34 1.38
N VAL I 194 9.12 -10.92 0.36
CA VAL I 194 7.72 -11.27 0.21
C VAL I 194 7.61 -12.54 -0.63
N GLN I 195 6.61 -13.36 -0.34
CA GLN I 195 6.39 -14.59 -1.09
C GLN I 195 4.92 -14.96 -1.11
N GLY I 196 4.41 -15.29 -2.29
CA GLY I 196 3.04 -15.72 -2.40
C GLY I 196 2.08 -14.55 -2.56
N GLU I 197 0.83 -14.81 -2.20
CA GLU I 197 -0.23 -13.80 -2.31
C GLU I 197 -0.18 -12.98 -1.03
N VAL I 198 0.65 -11.93 -1.05
CA VAL I 198 0.75 -10.98 0.05
C VAL I 198 0.87 -9.59 -0.55
N PHE I 199 0.28 -8.62 0.14
CA PHE I 199 0.21 -7.26 -0.35
C PHE I 199 0.61 -6.30 0.76
N THR I 200 1.00 -5.10 0.35
CA THR I 200 1.38 -4.03 1.26
C THR I 200 0.42 -2.87 1.05
N LYS I 201 -0.39 -2.59 2.06
CA LYS I 201 -1.42 -1.55 2.00
C LYS I 201 -1.37 -0.75 3.28
N PRO I 202 -2.00 0.43 3.30
CA PRO I 202 -2.00 1.22 4.54
C PRO I 202 -2.63 0.45 5.69
N GLN I 203 -2.10 0.67 6.89
CA GLN I 203 -2.58 -0.06 8.05
C GLN I 203 -3.96 0.42 8.46
N LEU I 204 -4.72 -0.49 9.08
CA LEU I 204 -6.09 -0.21 9.46
C LEU I 204 -6.20 0.41 10.84
N TRP I 205 -5.31 0.04 11.75
CA TRP I 205 -5.27 0.61 13.10
C TRP I 205 -4.63 1.98 13.09
N PRO I 206 -4.85 2.78 14.15
CA PRO I 206 -4.18 4.09 14.22
C PRO I 206 -2.69 3.98 14.50
N GLN J 1 -27.81 17.37 -13.23
CA GLN J 1 -27.05 17.65 -11.98
C GLN J 1 -27.94 18.19 -10.87
N THR J 2 -27.92 17.53 -9.71
CA THR J 2 -28.65 17.99 -8.55
C THR J 2 -27.78 17.86 -7.31
N ASP J 3 -27.67 18.95 -6.53
CA ASP J 3 -26.96 18.93 -5.27
C ASP J 3 -27.88 18.42 -4.17
N MET J 4 -27.57 17.25 -3.64
CA MET J 4 -28.39 16.62 -2.60
C MET J 4 -27.77 16.75 -1.21
N SER J 5 -26.89 17.74 -1.02
CA SER J 5 -26.28 17.92 0.29
C SER J 5 -27.34 18.11 1.36
N ARG J 6 -27.16 17.44 2.49
CA ARG J 6 -28.04 17.48 3.66
C ARG J 6 -29.42 16.88 3.37
N LYS J 7 -29.64 16.33 2.18
CA LYS J 7 -30.90 15.69 1.84
C LYS J 7 -30.70 14.19 1.67
N ALA J 8 -31.80 13.45 1.79
CA ALA J 8 -31.75 12.00 1.74
C ALA J 8 -33.07 11.45 1.21
N PHE J 9 -33.00 10.29 0.57
CA PHE J 9 -34.20 9.61 0.10
C PHE J 9 -34.81 8.78 1.22
N VAL J 10 -36.13 8.82 1.31
CA VAL J 10 -36.88 8.10 2.34
C VAL J 10 -37.89 7.19 1.65
N PHE J 11 -37.84 5.90 1.98
CA PHE J 11 -38.82 4.91 1.53
C PHE J 11 -39.73 4.58 2.70
N PRO J 12 -40.88 5.24 2.83
CA PRO J 12 -41.64 5.13 4.09
C PRO J 12 -42.10 3.73 4.41
N LYS J 13 -42.77 3.06 3.48
CA LYS J 13 -43.38 1.76 3.73
C LYS J 13 -42.90 0.75 2.70
N GLU J 14 -43.00 -0.53 3.08
CA GLU J 14 -42.61 -1.60 2.16
C GLU J 14 -43.44 -1.53 0.89
N SER J 15 -42.77 -1.69 -0.25
CA SER J 15 -43.44 -1.61 -1.54
C SER J 15 -42.63 -2.38 -2.56
N ASP J 16 -43.26 -2.62 -3.72
CA ASP J 16 -42.65 -3.32 -4.82
C ASP J 16 -42.26 -2.40 -5.97
N THR J 17 -42.70 -1.14 -5.96
CA THR J 17 -42.58 -0.26 -7.12
C THR J 17 -41.93 1.07 -6.78
N SER J 18 -41.26 1.18 -5.63
CA SER J 18 -40.59 2.40 -5.22
C SER J 18 -39.08 2.21 -5.32
N TYR J 19 -38.42 3.16 -5.96
CA TYR J 19 -36.98 3.08 -6.18
C TYR J 19 -36.52 4.33 -6.92
N VAL J 20 -35.24 4.66 -6.76
CA VAL J 20 -34.59 5.70 -7.55
C VAL J 20 -33.47 5.03 -8.36
N SER J 21 -33.27 5.53 -9.57
CA SER J 21 -32.28 4.99 -10.49
C SER J 21 -31.15 6.00 -10.64
N LEU J 22 -29.96 5.63 -10.16
CA LEU J 22 -28.79 6.49 -10.27
C LEU J 22 -28.10 6.24 -11.61
N LYS J 23 -27.70 7.34 -12.25
CA LYS J 23 -27.09 7.30 -13.58
C LYS J 23 -25.62 7.67 -13.46
N ALA J 24 -24.75 6.84 -14.04
CA ALA J 24 -23.32 6.99 -13.89
C ALA J 24 -22.66 7.21 -15.26
N PRO J 25 -21.74 8.19 -15.39
CA PRO J 25 -21.06 8.46 -16.67
C PRO J 25 -19.89 7.54 -16.95
N LEU J 26 -20.16 6.25 -17.03
CA LEU J 26 -19.10 5.24 -17.16
C LEU J 26 -18.74 5.01 -18.61
N THR J 27 -17.45 4.81 -18.86
CA THR J 27 -16.93 4.52 -20.19
C THR J 27 -15.97 3.33 -20.21
N LYS J 28 -15.13 3.20 -19.18
CA LYS J 28 -14.24 2.06 -19.05
C LYS J 28 -14.79 1.10 -18.01
N PRO J 29 -14.57 -0.21 -18.19
CA PRO J 29 -14.94 -1.14 -17.12
C PRO J 29 -14.08 -0.87 -15.89
N LEU J 30 -14.64 -1.19 -14.71
CA LEU J 30 -14.00 -0.87 -13.45
C LEU J 30 -13.03 -1.97 -13.05
N LYS J 31 -11.78 -1.59 -12.79
CA LYS J 31 -10.78 -2.47 -12.23
C LYS J 31 -10.73 -2.39 -10.70
N ALA J 32 -11.53 -1.51 -10.11
CA ALA J 32 -11.61 -1.30 -8.66
C ALA J 32 -12.60 -0.18 -8.43
N PHE J 33 -13.13 -0.09 -7.21
CA PHE J 33 -14.08 0.95 -6.88
C PHE J 33 -14.19 1.08 -5.36
N THR J 34 -14.97 2.07 -4.93
CA THR J 34 -15.25 2.31 -3.52
C THR J 34 -16.63 2.94 -3.43
N VAL J 35 -17.47 2.42 -2.54
CA VAL J 35 -18.84 2.90 -2.38
C VAL J 35 -19.05 3.27 -0.92
N CYS J 36 -19.63 4.44 -0.69
CA CYS J 36 -19.92 4.93 0.66
C CYS J 36 -21.35 5.48 0.69
N LEU J 37 -22.00 5.34 1.84
CA LEU J 37 -23.36 5.81 1.96
C LEU J 37 -23.81 5.78 3.41
N HIS J 38 -24.89 6.49 3.67
CA HIS J 38 -25.61 6.47 4.94
C HIS J 38 -26.95 5.78 4.74
N PHE J 39 -27.47 5.15 5.79
CA PHE J 39 -28.83 4.62 5.74
C PHE J 39 -29.30 4.35 7.15
N TYR J 40 -30.62 4.23 7.28
CA TYR J 40 -31.26 4.09 8.60
C TYR J 40 -32.54 3.31 8.41
N THR J 41 -32.66 2.18 9.12
CA THR J 41 -33.87 1.37 9.04
C THR J 41 -33.94 0.45 10.25
N GLU J 42 -35.17 0.10 10.62
CA GLU J 42 -35.42 -0.86 11.69
C GLU J 42 -35.59 -2.28 11.18
N LEU J 43 -35.60 -2.47 9.85
CA LEU J 43 -35.89 -3.79 9.28
C LEU J 43 -34.85 -4.82 9.69
N SER J 44 -33.63 -4.40 10.02
CA SER J 44 -32.53 -5.33 10.22
C SER J 44 -32.87 -6.44 11.22
N SER J 45 -33.85 -6.23 12.10
CA SER J 45 -34.25 -7.24 13.07
C SER J 45 -35.43 -8.09 12.60
N THR J 46 -36.13 -7.67 11.55
CA THR J 46 -37.29 -8.39 11.03
C THR J 46 -36.95 -9.25 9.83
N ARG J 47 -36.27 -8.67 8.84
CA ARG J 47 -35.89 -9.40 7.62
C ARG J 47 -34.63 -8.77 7.06
N GLY J 48 -34.27 -9.16 5.83
CA GLY J 48 -33.16 -8.55 5.14
C GLY J 48 -33.64 -7.57 4.08
N TYR J 49 -32.69 -6.80 3.55
CA TYR J 49 -33.03 -5.77 2.58
C TYR J 49 -31.82 -5.47 1.71
N SER J 50 -32.10 -4.88 0.54
CA SER J 50 -31.06 -4.45 -0.38
C SER J 50 -30.65 -3.02 -0.05
N ILE J 51 -29.34 -2.79 0.00
CA ILE J 51 -28.79 -1.48 0.35
C ILE J 51 -28.33 -0.73 -0.90
N PHE J 52 -27.73 -1.44 -1.85
CA PHE J 52 -27.18 -0.81 -3.04
C PHE J 52 -27.09 -1.87 -4.12
N SER J 53 -27.87 -1.72 -5.19
CA SER J 53 -27.99 -2.74 -6.23
C SER J 53 -27.36 -2.18 -7.50
N TYR J 54 -26.27 -2.79 -7.93
CA TYR J 54 -25.54 -2.42 -9.14
C TYR J 54 -25.56 -3.63 -10.05
N ALA J 55 -26.34 -3.55 -11.12
CA ALA J 55 -26.63 -4.68 -11.98
C ALA J 55 -26.16 -4.40 -13.40
N THR J 56 -25.92 -5.48 -14.13
CA THR J 56 -25.56 -5.45 -15.54
C THR J 56 -26.55 -6.33 -16.29
N LYS J 57 -26.64 -6.14 -17.60
CA LYS J 57 -27.58 -6.93 -18.38
C LYS J 57 -27.31 -8.42 -18.19
N ARG J 58 -26.04 -8.78 -18.03
CA ARG J 58 -25.62 -10.17 -17.91
C ARG J 58 -25.47 -10.65 -16.48
N GLN J 59 -25.46 -9.75 -15.50
CA GLN J 59 -25.19 -10.12 -14.11
C GLN J 59 -26.06 -9.23 -13.23
N ASP J 60 -27.09 -9.82 -12.63
CA ASP J 60 -28.02 -9.08 -11.78
C ASP J 60 -27.39 -8.63 -10.47
N ASN J 61 -26.23 -9.17 -10.11
CA ASN J 61 -25.53 -8.82 -8.88
C ASN J 61 -24.08 -8.44 -9.18
N GLU J 62 -23.89 -7.51 -10.11
CA GLU J 62 -22.53 -7.12 -10.50
C GLU J 62 -21.77 -6.61 -9.28
N ILE J 63 -22.40 -5.75 -8.48
CA ILE J 63 -21.91 -5.47 -7.14
C ILE J 63 -23.13 -5.08 -6.29
N LEU J 64 -23.33 -5.83 -5.19
CA LEU J 64 -24.51 -5.69 -4.35
C LEU J 64 -24.10 -5.68 -2.89
N ILE J 65 -24.65 -4.72 -2.14
CA ILE J 65 -24.49 -4.65 -0.70
C ILE J 65 -25.83 -5.00 -0.08
N PHE J 66 -25.84 -5.98 0.81
CA PHE J 66 -27.06 -6.58 1.30
C PHE J 66 -26.94 -6.89 2.79
N TRP J 67 -28.03 -6.68 3.52
CA TRP J 67 -28.11 -7.08 4.92
C TRP J 67 -28.99 -8.32 5.03
N SER J 68 -28.39 -9.43 5.45
CA SER J 68 -29.11 -10.67 5.70
C SER J 68 -29.38 -10.79 7.19
N LYS J 69 -30.65 -10.88 7.55
CA LYS J 69 -31.03 -10.95 8.96
C LYS J 69 -30.26 -12.06 9.67
N ASP J 70 -29.89 -11.79 10.93
CA ASP J 70 -29.28 -12.75 11.83
C ASP J 70 -27.87 -13.18 11.40
N ILE J 71 -27.38 -12.71 10.26
CA ILE J 71 -26.07 -13.07 9.74
C ILE J 71 -25.14 -11.86 9.72
N GLY J 72 -25.56 -10.78 9.08
CA GLY J 72 -24.74 -9.59 8.97
C GLY J 72 -24.77 -8.96 7.59
N TYR J 73 -23.65 -8.38 7.17
CA TYR J 73 -23.54 -7.71 5.88
C TYR J 73 -23.12 -8.71 4.81
N SER J 74 -23.80 -8.66 3.66
CA SER J 74 -23.48 -9.52 2.52
C SER J 74 -22.95 -8.63 1.40
N PHE J 75 -21.76 -8.95 0.91
CA PHE J 75 -21.07 -8.14 -0.09
C PHE J 75 -20.66 -9.06 -1.23
N THR J 76 -21.27 -8.86 -2.40
CA THR J 76 -21.03 -9.70 -3.56
C THR J 76 -20.72 -8.85 -4.77
N VAL J 77 -19.63 -9.19 -5.46
CA VAL J 77 -19.26 -8.56 -6.73
C VAL J 77 -19.11 -9.67 -7.76
N GLY J 78 -19.72 -9.47 -8.93
CA GLY J 78 -19.65 -10.46 -9.98
C GLY J 78 -20.34 -11.76 -9.67
N GLY J 79 -21.33 -11.75 -8.78
CA GLY J 79 -22.10 -12.92 -8.45
C GLY J 79 -21.57 -13.74 -7.29
N SER J 80 -20.35 -13.48 -6.84
CA SER J 80 -19.75 -14.24 -5.74
C SER J 80 -19.90 -13.43 -4.45
N GLU J 81 -20.31 -14.10 -3.38
CA GLU J 81 -20.69 -13.44 -2.14
C GLU J 81 -19.60 -13.60 -1.08
N ILE J 82 -19.47 -12.57 -0.25
CA ILE J 82 -18.64 -12.61 0.95
C ILE J 82 -19.42 -11.94 2.08
N LEU J 83 -19.19 -12.39 3.31
CA LEU J 83 -19.96 -11.97 4.46
C LEU J 83 -19.08 -11.24 5.48
N PHE J 84 -19.67 -10.25 6.13
CA PHE J 84 -19.08 -9.60 7.31
C PHE J 84 -20.06 -9.78 8.46
N GLU J 85 -19.79 -10.77 9.32
CA GLU J 85 -20.73 -11.14 10.36
C GLU J 85 -20.93 -10.01 11.35
N VAL J 86 -22.15 -9.90 11.86
CA VAL J 86 -22.49 -8.90 12.87
C VAL J 86 -23.39 -9.56 13.91
N PRO J 87 -22.95 -9.72 15.16
CA PRO J 87 -23.80 -10.40 16.14
C PRO J 87 -24.80 -9.46 16.77
N GLU J 88 -24.31 -8.38 17.38
CA GLU J 88 -25.16 -7.38 18.01
C GLU J 88 -25.59 -6.35 16.98
N VAL J 89 -26.89 -6.08 16.91
CA VAL J 89 -27.48 -5.13 15.99
C VAL J 89 -28.25 -4.10 16.80
N THR J 90 -27.82 -2.85 16.72
CA THR J 90 -28.49 -1.73 17.39
C THR J 90 -29.04 -0.78 16.33
N VAL J 91 -30.28 -0.33 16.55
CA VAL J 91 -30.97 0.51 15.57
C VAL J 91 -30.44 1.94 15.68
N ALA J 92 -29.81 2.42 14.62
CA ALA J 92 -29.34 3.79 14.52
C ALA J 92 -28.84 4.02 13.11
N PRO J 93 -28.68 5.27 12.69
CA PRO J 93 -28.02 5.53 11.40
C PRO J 93 -26.65 4.91 11.38
N VAL J 94 -26.25 4.42 10.20
CA VAL J 94 -24.98 3.76 10.02
C VAL J 94 -24.36 4.23 8.70
N HIS J 95 -23.03 4.31 8.70
CA HIS J 95 -22.27 4.72 7.53
C HIS J 95 -21.33 3.58 7.15
N ILE J 96 -21.45 3.09 5.91
CA ILE J 96 -20.64 1.99 5.42
C ILE J 96 -19.81 2.49 4.26
N CYS J 97 -18.55 2.05 4.21
CA CYS J 97 -17.70 2.24 3.05
C CYS J 97 -17.09 0.90 2.70
N THR J 98 -17.08 0.58 1.41
CA THR J 98 -16.57 -0.70 0.93
C THR J 98 -15.87 -0.50 -0.40
N SER J 99 -14.72 -1.13 -0.55
CA SER J 99 -13.90 -0.98 -1.75
C SER J 99 -13.44 -2.36 -2.21
N TRP J 100 -13.14 -2.44 -3.49
CA TRP J 100 -12.69 -3.69 -4.09
C TRP J 100 -11.59 -3.38 -5.11
N GLU J 101 -10.60 -4.26 -5.18
CA GLU J 101 -9.49 -4.12 -6.11
C GLU J 101 -9.31 -5.43 -6.85
N SER J 102 -9.14 -5.35 -8.16
CA SER J 102 -8.99 -6.54 -8.97
C SER J 102 -7.59 -7.14 -8.83
N ALA J 103 -6.56 -6.31 -8.95
CA ALA J 103 -5.18 -6.80 -8.94
C ALA J 103 -4.89 -7.65 -7.71
N SER J 104 -5.60 -7.39 -6.61
CA SER J 104 -5.37 -8.10 -5.36
C SER J 104 -6.59 -8.84 -4.84
N GLY J 105 -7.80 -8.51 -5.32
CA GLY J 105 -9.00 -9.08 -4.79
C GLY J 105 -9.35 -8.64 -3.39
N ILE J 106 -8.55 -7.75 -2.79
CA ILE J 106 -8.79 -7.33 -1.42
C ILE J 106 -10.06 -6.52 -1.34
N VAL J 107 -10.88 -6.81 -0.33
CA VAL J 107 -12.10 -6.06 -0.05
C VAL J 107 -12.00 -5.51 1.37
N GLU J 108 -12.26 -4.22 1.51
CA GLU J 108 -12.34 -3.57 2.81
C GLU J 108 -13.80 -3.22 3.09
N PHE J 109 -14.19 -3.30 4.36
CA PHE J 109 -15.54 -2.96 4.78
C PHE J 109 -15.44 -2.09 6.04
N TRP J 110 -15.81 -0.83 5.91
CA TRP J 110 -15.76 0.14 7.00
C TRP J 110 -17.18 0.41 7.47
N VAL J 111 -17.39 0.35 8.79
CA VAL J 111 -18.67 0.65 9.40
C VAL J 111 -18.47 1.76 10.41
N ASP J 112 -19.15 2.89 10.20
CA ASP J 112 -19.03 4.06 11.06
C ASP J 112 -17.55 4.39 11.30
N GLY J 113 -16.79 4.39 10.21
CA GLY J 113 -15.39 4.77 10.26
C GLY J 113 -14.45 3.75 10.88
N LYS J 114 -14.92 2.56 11.21
CA LYS J 114 -14.07 1.54 11.80
C LYS J 114 -13.94 0.35 10.86
N PRO J 115 -12.73 -0.12 10.56
CA PRO J 115 -12.57 -1.13 9.51
C PRO J 115 -12.71 -2.56 10.00
N ARG J 116 -13.27 -3.39 9.12
CA ARG J 116 -13.27 -4.83 9.30
C ARG J 116 -12.04 -5.44 8.62
N VAL J 117 -11.73 -6.67 9.00
CA VAL J 117 -10.56 -7.33 8.43
C VAL J 117 -10.72 -7.41 6.91
N ARG J 118 -9.61 -7.65 6.24
CA ARG J 118 -9.59 -7.71 4.79
C ARG J 118 -9.76 -9.15 4.32
N LYS J 119 -10.55 -9.32 3.26
CA LYS J 119 -10.85 -10.62 2.70
C LYS J 119 -10.66 -10.56 1.19
N SER J 120 -10.66 -11.73 0.55
CA SER J 120 -10.48 -11.82 -0.89
C SER J 120 -11.82 -12.08 -1.57
N LEU J 121 -11.93 -11.61 -2.82
CA LEU J 121 -13.15 -11.84 -3.60
C LEU J 121 -12.97 -11.43 -5.06
N LYS J 122 -13.18 -12.37 -5.97
CA LYS J 122 -13.17 -12.11 -7.41
C LYS J 122 -11.93 -11.32 -7.81
N LYS J 123 -10.78 -11.94 -7.55
CA LYS J 123 -9.50 -11.38 -7.97
C LYS J 123 -9.37 -11.49 -9.49
N GLY J 124 -8.98 -10.38 -10.12
CA GLY J 124 -8.84 -10.34 -11.56
C GLY J 124 -10.11 -10.03 -12.33
N TYR J 125 -11.23 -9.89 -11.64
CA TYR J 125 -12.50 -9.57 -12.29
C TYR J 125 -12.45 -8.15 -12.86
N THR J 126 -13.46 -7.84 -13.67
CA THR J 126 -13.63 -6.51 -14.23
C THR J 126 -15.12 -6.20 -14.27
N VAL J 127 -15.53 -5.16 -13.53
CA VAL J 127 -16.95 -4.85 -13.37
C VAL J 127 -17.45 -4.16 -14.64
N GLY J 128 -18.68 -4.49 -15.04
CA GLY J 128 -19.23 -3.90 -16.24
C GLY J 128 -19.50 -2.42 -16.07
N ALA J 129 -19.39 -1.69 -17.18
CA ALA J 129 -19.55 -0.25 -17.15
C ALA J 129 -20.98 0.19 -17.44
N GLU J 130 -21.65 -0.47 -18.38
CA GLU J 130 -23.03 -0.14 -18.75
C GLU J 130 -23.97 -0.81 -17.75
N ALA J 131 -24.18 -0.13 -16.62
CA ALA J 131 -24.89 -0.69 -15.48
C ALA J 131 -26.17 0.09 -15.21
N SER J 132 -26.99 -0.48 -14.34
CA SER J 132 -28.20 0.15 -13.83
C SER J 132 -28.12 0.12 -12.31
N ILE J 133 -28.07 1.29 -11.69
CA ILE J 133 -27.88 1.43 -10.25
C ILE J 133 -29.20 1.83 -9.62
N ILE J 134 -29.64 1.06 -8.62
CA ILE J 134 -30.96 1.23 -8.02
C ILE J 134 -30.83 1.24 -6.51
N LEU J 135 -31.60 2.10 -5.86
CA LEU J 135 -31.64 2.21 -4.41
C LEU J 135 -33.05 1.89 -3.93
N GLY J 136 -33.16 1.07 -2.88
CA GLY J 136 -34.44 0.72 -2.32
C GLY J 136 -35.04 -0.56 -2.86
N GLN J 137 -34.41 -1.19 -3.85
CA GLN J 137 -34.91 -2.44 -4.42
C GLN J 137 -33.73 -3.30 -4.84
N GLU J 138 -33.98 -4.60 -4.95
CA GLU J 138 -32.99 -5.55 -5.41
C GLU J 138 -33.29 -5.93 -6.86
N GLN J 139 -32.28 -5.88 -7.71
CA GLN J 139 -32.45 -6.15 -9.13
C GLN J 139 -32.20 -7.63 -9.43
N ASP J 140 -33.14 -8.25 -10.14
CA ASP J 140 -32.94 -9.56 -10.74
C ASP J 140 -32.68 -9.47 -12.23
N SER J 141 -32.97 -8.33 -12.84
CA SER J 141 -32.69 -8.07 -14.25
C SER J 141 -32.33 -6.60 -14.38
N PHE J 142 -31.89 -6.22 -15.57
CA PHE J 142 -31.49 -4.83 -15.81
C PHE J 142 -32.63 -3.87 -15.46
N GLY J 143 -32.53 -3.24 -14.30
CA GLY J 143 -33.50 -2.24 -13.91
C GLY J 143 -34.91 -2.76 -13.71
N GLY J 144 -35.06 -4.02 -13.34
CA GLY J 144 -36.38 -4.60 -13.19
C GLY J 144 -36.36 -5.86 -12.36
N ASN J 145 -37.53 -6.48 -12.26
CA ASN J 145 -37.72 -7.72 -11.49
C ASN J 145 -37.38 -7.50 -10.01
N PHE J 146 -38.24 -6.73 -9.35
CA PHE J 146 -38.06 -6.40 -7.95
C PHE J 146 -38.83 -7.37 -7.06
N GLU J 147 -38.21 -7.72 -5.94
CA GLU J 147 -38.87 -8.50 -4.89
C GLU J 147 -39.26 -7.57 -3.76
N GLY J 148 -40.53 -7.62 -3.36
CA GLY J 148 -40.99 -6.74 -2.29
C GLY J 148 -40.37 -7.06 -0.95
N SER J 149 -40.03 -8.33 -0.72
CA SER J 149 -39.41 -8.75 0.53
C SER J 149 -37.94 -8.35 0.65
N GLN J 150 -37.33 -7.83 -0.42
CA GLN J 150 -35.98 -7.30 -0.37
C GLN J 150 -35.95 -5.78 -0.36
N SER J 151 -37.10 -5.13 -0.25
CA SER J 151 -37.16 -3.67 -0.24
C SER J 151 -36.43 -3.11 0.97
N LEU J 152 -35.98 -1.88 0.85
CA LEU J 152 -35.44 -1.11 1.97
C LEU J 152 -36.48 -0.11 2.43
N VAL J 153 -36.83 -0.16 3.71
CA VAL J 153 -37.81 0.73 4.30
C VAL J 153 -37.09 1.58 5.33
N GLY J 154 -36.89 2.85 5.01
CA GLY J 154 -36.21 3.77 5.89
C GLY J 154 -35.54 4.86 5.09
N ASP J 155 -34.42 5.35 5.61
CA ASP J 155 -33.68 6.46 5.03
C ASP J 155 -32.43 5.94 4.34
N ILE J 156 -32.08 6.56 3.21
CA ILE J 156 -30.81 6.30 2.55
C ILE J 156 -30.36 7.59 1.87
N GLY J 157 -29.07 7.86 1.93
CA GLY J 157 -28.52 9.06 1.33
C GLY J 157 -27.02 9.05 1.42
N ASN J 158 -26.42 10.16 0.96
CA ASN J 158 -24.99 10.38 1.04
C ASN J 158 -24.20 9.32 0.26
N VAL J 159 -24.80 8.78 -0.80
CA VAL J 159 -24.13 7.75 -1.59
C VAL J 159 -23.11 8.40 -2.51
N ASN J 160 -21.90 7.83 -2.54
CA ASN J 160 -20.81 8.34 -3.36
C ASN J 160 -19.99 7.17 -3.83
N MET J 161 -19.53 7.23 -5.08
CA MET J 161 -18.78 6.14 -5.70
C MET J 161 -17.52 6.67 -6.38
N TRP J 162 -16.41 5.99 -6.13
CA TRP J 162 -15.15 6.24 -6.81
C TRP J 162 -14.83 5.07 -7.75
N ASP J 163 -13.77 5.22 -8.53
CA ASP J 163 -13.27 4.16 -9.38
C ASP J 163 -11.90 3.65 -8.95
N PHE J 164 -11.50 3.96 -7.72
CA PHE J 164 -10.27 3.44 -7.15
C PHE J 164 -10.55 3.07 -5.69
N VAL J 165 -9.49 2.72 -4.96
CA VAL J 165 -9.59 2.27 -3.58
C VAL J 165 -9.20 3.42 -2.66
N LEU J 166 -10.06 3.75 -1.72
CA LEU J 166 -9.80 4.84 -0.77
C LEU J 166 -8.95 4.33 0.38
N SER J 167 -7.98 5.14 0.79
CA SER J 167 -7.11 4.81 1.90
C SER J 167 -7.84 5.06 3.22
N PRO J 168 -7.35 4.46 4.32
CA PRO J 168 -7.94 4.75 5.64
C PRO J 168 -8.12 6.24 5.89
N ASP J 169 -7.12 7.05 5.57
CA ASP J 169 -7.22 8.48 5.84
C ASP J 169 -8.36 9.12 5.05
N GLU J 170 -8.57 8.69 3.80
CA GLU J 170 -9.67 9.23 3.01
C GLU J 170 -11.01 8.79 3.58
N ILE J 171 -11.14 7.50 3.93
CA ILE J 171 -12.37 7.01 4.53
C ILE J 171 -12.71 7.82 5.77
N ASN J 172 -11.70 8.17 6.57
CA ASN J 172 -11.95 8.90 7.82
C ASN J 172 -12.61 10.24 7.52
N THR J 173 -12.04 11.02 6.61
CA THR J 173 -12.63 12.32 6.29
C THR J 173 -14.03 12.14 5.74
N ILE J 174 -14.28 11.06 5.00
CA ILE J 174 -15.61 10.83 4.45
C ILE J 174 -16.62 10.64 5.56
N TYR J 175 -16.30 9.80 6.55
CA TYR J 175 -17.23 9.56 7.65
C TYR J 175 -17.34 10.77 8.57
N LEU J 176 -16.21 11.35 8.94
CA LEU J 176 -16.22 12.48 9.86
C LEU J 176 -16.73 13.74 9.17
N GLY J 177 -16.82 13.71 7.84
CA GLY J 177 -17.42 14.76 7.04
C GLY J 177 -16.53 15.66 6.21
N GLY J 178 -15.38 15.19 5.72
CA GLY J 178 -14.49 16.06 5.00
C GLY J 178 -14.81 16.09 3.51
N PRO J 179 -14.20 17.03 2.77
CA PRO J 179 -14.55 17.22 1.36
C PRO J 179 -13.81 16.29 0.42
N PHE J 180 -14.58 15.53 -0.35
CA PHE J 180 -14.07 14.61 -1.35
C PHE J 180 -14.77 14.89 -2.67
N SER J 181 -14.09 14.58 -3.78
CA SER J 181 -14.63 14.78 -5.11
C SER J 181 -14.75 13.41 -5.76
N PRO J 182 -15.91 12.77 -5.70
CA PRO J 182 -16.09 11.49 -6.38
C PRO J 182 -16.03 11.64 -7.89
N ASN J 183 -15.69 10.53 -8.54
CA ASN J 183 -15.56 10.49 -10.00
C ASN J 183 -16.45 9.43 -10.63
N VAL J 184 -17.41 8.89 -9.91
CA VAL J 184 -18.40 7.97 -10.48
C VAL J 184 -19.79 8.46 -10.10
N LEU J 185 -20.09 8.48 -8.80
CA LEU J 185 -21.34 8.99 -8.27
C LEU J 185 -21.03 10.08 -7.26
N ASN J 186 -21.71 11.22 -7.38
CA ASN J 186 -21.46 12.38 -6.52
C ASN J 186 -22.78 12.87 -5.96
N TRP J 187 -22.91 12.84 -4.62
CA TRP J 187 -24.12 13.34 -3.98
C TRP J 187 -24.35 14.80 -4.30
N ARG J 188 -23.27 15.58 -4.37
CA ARG J 188 -23.37 17.01 -4.67
C ARG J 188 -23.58 17.30 -6.14
N ALA J 189 -23.66 16.28 -6.98
CA ALA J 189 -23.90 16.45 -8.40
C ALA J 189 -24.56 15.18 -8.95
N LEU J 190 -25.75 14.88 -8.43
CA LEU J 190 -26.41 13.62 -8.70
C LEU J 190 -27.39 13.73 -9.86
N LYS J 191 -27.22 12.85 -10.84
CA LYS J 191 -28.20 12.63 -11.90
C LYS J 191 -28.97 11.36 -11.55
N TYR J 192 -30.20 11.51 -11.08
CA TYR J 192 -30.99 10.39 -10.59
C TYR J 192 -32.38 10.44 -11.20
N GLU J 193 -33.18 9.42 -10.91
CA GLU J 193 -34.51 9.28 -11.48
C GLU J 193 -35.40 8.58 -10.46
N VAL J 194 -36.47 9.25 -10.06
CA VAL J 194 -37.36 8.76 -9.01
C VAL J 194 -38.51 8.00 -9.64
N GLN J 195 -39.00 6.99 -8.92
CA GLN J 195 -40.15 6.20 -9.37
C GLN J 195 -40.87 5.68 -8.14
N GLY J 196 -42.20 5.85 -8.12
CA GLY J 196 -43.01 5.34 -7.04
C GLY J 196 -43.14 6.31 -5.89
N GLU J 197 -43.48 5.75 -4.72
CA GLU J 197 -43.72 6.53 -3.50
C GLU J 197 -42.39 6.71 -2.80
N VAL J 198 -41.68 7.77 -3.17
CA VAL J 198 -40.41 8.14 -2.55
C VAL J 198 -40.37 9.65 -2.41
N PHE J 199 -39.73 10.11 -1.32
CA PHE J 199 -39.70 11.52 -0.98
C PHE J 199 -38.28 11.96 -0.69
N THR J 200 -38.05 13.27 -0.80
CA THR J 200 -36.75 13.88 -0.56
C THR J 200 -36.91 14.85 0.61
N LYS J 201 -36.27 14.55 1.72
CA LYS J 201 -36.40 15.33 2.94
C LYS J 201 -35.03 15.54 3.54
N PRO J 202 -34.89 16.51 4.46
CA PRO J 202 -33.58 16.71 5.12
C PRO J 202 -33.14 15.45 5.84
N GLN J 203 -31.83 15.23 5.85
CA GLN J 203 -31.29 14.01 6.43
C GLN J 203 -31.39 14.04 7.94
N LEU J 204 -31.51 12.85 8.54
CA LEU J 204 -31.69 12.71 9.97
C LEU J 204 -30.37 12.65 10.73
N TRP J 205 -29.35 12.06 10.11
CA TRP J 205 -28.03 12.00 10.70
C TRP J 205 -27.31 13.33 10.52
N PRO J 206 -26.26 13.59 11.32
CA PRO J 206 -25.50 14.83 11.13
C PRO J 206 -24.66 14.78 9.85
N GLN K 1 57.27 -37.90 -22.69
CA GLN K 1 55.84 -37.48 -22.59
C GLN K 1 55.58 -36.57 -21.40
N THR K 2 55.01 -35.39 -21.66
CA THR K 2 54.65 -34.46 -20.60
C THR K 2 53.28 -33.88 -20.89
N ASP K 3 52.40 -33.92 -19.90
CA ASP K 3 51.10 -33.27 -20.00
C ASP K 3 51.28 -31.79 -19.67
N MET K 4 51.14 -30.93 -20.67
CA MET K 4 51.35 -29.50 -20.52
C MET K 4 50.03 -28.74 -20.45
N SER K 5 48.94 -29.41 -20.10
CA SER K 5 47.65 -28.74 -20.01
C SER K 5 47.74 -27.57 -19.04
N ARG K 6 47.16 -26.44 -19.44
CA ARG K 6 47.08 -25.23 -18.66
C ARG K 6 48.43 -24.57 -18.43
N LYS K 7 49.51 -25.11 -19.01
CA LYS K 7 50.83 -24.52 -18.89
C LYS K 7 51.28 -23.98 -20.25
N ALA K 8 52.25 -23.07 -20.20
CA ALA K 8 52.71 -22.38 -21.41
C ALA K 8 54.16 -21.95 -21.24
N PHE K 9 54.85 -21.85 -22.38
CA PHE K 9 56.21 -21.33 -22.39
C PHE K 9 56.18 -19.81 -22.41
N VAL K 10 57.03 -19.19 -21.59
CA VAL K 10 57.11 -17.74 -21.50
C VAL K 10 58.55 -17.31 -21.76
N PHE K 11 58.72 -16.38 -22.69
CA PHE K 11 60.02 -15.78 -22.98
C PHE K 11 60.05 -14.36 -22.43
N PRO K 12 60.57 -14.14 -21.22
CA PRO K 12 60.39 -12.83 -20.58
C PRO K 12 60.99 -11.67 -21.36
N LYS K 13 62.25 -11.77 -21.76
CA LYS K 13 62.97 -10.67 -22.39
C LYS K 13 63.56 -11.11 -23.72
N GLU K 14 63.84 -10.11 -24.56
CA GLU K 14 64.49 -10.38 -25.84
C GLU K 14 65.82 -11.09 -25.63
N SER K 15 66.08 -12.11 -26.44
CA SER K 15 67.31 -12.86 -26.32
C SER K 15 67.63 -13.52 -27.66
N ASP K 16 68.86 -14.00 -27.76
CA ASP K 16 69.35 -14.70 -28.94
C ASP K 16 69.49 -16.20 -28.72
N THR K 17 69.39 -16.68 -27.48
CA THR K 17 69.74 -18.05 -27.13
C THR K 17 68.63 -18.75 -26.37
N SER K 18 67.41 -18.22 -26.42
CA SER K 18 66.27 -18.80 -25.71
C SER K 18 65.31 -19.43 -26.72
N TYR K 19 64.91 -20.67 -26.47
CA TYR K 19 64.06 -21.42 -27.37
C TYR K 19 63.78 -22.79 -26.77
N VAL K 20 62.65 -23.38 -27.18
CA VAL K 20 62.31 -24.75 -26.86
C VAL K 20 62.24 -25.55 -28.17
N SER K 21 62.65 -26.81 -28.11
CA SER K 21 62.74 -27.67 -29.28
C SER K 21 61.67 -28.75 -29.16
N LEU K 22 60.70 -28.72 -30.08
CA LEU K 22 59.65 -29.73 -30.14
C LEU K 22 60.10 -30.90 -30.99
N LYS K 23 59.83 -32.12 -30.50
CA LYS K 23 60.26 -33.35 -31.16
C LYS K 23 59.02 -34.07 -31.71
N ALA K 24 59.08 -34.45 -32.98
CA ALA K 24 57.93 -35.03 -33.67
C ALA K 24 58.22 -36.44 -34.17
N PRO K 25 57.30 -37.40 -33.96
CA PRO K 25 57.48 -38.80 -34.42
C PRO K 25 57.11 -39.02 -35.88
N LEU K 26 57.80 -38.32 -36.78
CA LEU K 26 57.47 -38.37 -38.20
C LEU K 26 58.20 -39.51 -38.91
N THR K 27 57.50 -40.14 -39.85
CA THR K 27 58.06 -41.20 -40.68
C THR K 27 57.78 -41.01 -42.15
N LYS K 28 56.58 -40.53 -42.50
CA LYS K 28 56.27 -40.17 -43.87
C LYS K 28 56.31 -38.66 -44.02
N PRO K 29 56.74 -38.13 -45.16
CA PRO K 29 56.62 -36.69 -45.39
C PRO K 29 55.16 -36.27 -45.42
N LEU K 30 54.92 -35.00 -45.08
CA LEU K 30 53.57 -34.51 -44.91
C LEU K 30 53.00 -34.09 -46.27
N LYS K 31 51.86 -34.66 -46.63
CA LYS K 31 51.08 -34.25 -47.78
C LYS K 31 50.03 -33.21 -47.42
N ALA K 32 49.92 -32.87 -46.13
CA ALA K 32 48.97 -31.90 -45.60
C ALA K 32 49.16 -31.86 -44.09
N PHE K 33 48.73 -30.77 -43.48
CA PHE K 33 48.84 -30.64 -42.04
C PHE K 33 47.93 -29.50 -41.56
N THR K 34 47.89 -29.32 -40.25
CA THR K 34 47.16 -28.25 -39.60
C THR K 34 47.87 -27.91 -38.29
N VAL K 35 48.11 -26.63 -38.06
CA VAL K 35 48.83 -26.17 -36.88
C VAL K 35 47.97 -25.16 -36.14
N CYS K 36 47.86 -25.33 -34.82
CA CYS K 36 47.09 -24.43 -33.97
C CYS K 36 47.92 -24.10 -32.73
N LEU K 37 47.73 -22.89 -32.21
CA LEU K 37 48.51 -22.47 -31.05
C LEU K 37 47.96 -21.16 -30.49
N HIS K 38 48.37 -20.86 -29.27
CA HIS K 38 48.11 -19.59 -28.60
C HIS K 38 49.43 -18.83 -28.45
N PHE K 39 49.34 -17.51 -28.41
CA PHE K 39 50.50 -16.68 -28.09
C PHE K 39 50.03 -15.28 -27.72
N TYR K 40 50.93 -14.56 -27.04
CA TYR K 40 50.60 -13.26 -26.47
C TYR K 40 51.86 -12.42 -26.42
N THR K 41 51.86 -11.26 -27.08
CA THR K 41 53.02 -10.38 -27.07
C THR K 41 52.62 -8.97 -27.48
N GLU K 42 53.40 -7.99 -27.02
CA GLU K 42 53.23 -6.60 -27.39
C GLU K 42 54.12 -6.19 -28.57
N LEU K 43 55.00 -7.09 -29.02
CA LEU K 43 55.98 -6.74 -30.06
C LEU K 43 55.31 -6.32 -31.37
N SER K 44 54.07 -6.78 -31.61
CA SER K 44 53.46 -6.62 -32.93
C SER K 44 53.48 -5.19 -33.43
N SER K 45 53.59 -4.20 -32.54
CA SER K 45 53.64 -2.80 -32.95
C SER K 45 55.05 -2.26 -33.07
N THR K 46 56.05 -2.95 -32.53
CA THR K 46 57.44 -2.51 -32.56
C THR K 46 58.22 -3.18 -33.68
N ARG K 47 58.14 -4.50 -33.80
CA ARG K 47 58.85 -5.22 -34.84
C ARG K 47 58.06 -6.48 -35.17
N GLY K 48 58.68 -7.36 -35.96
CA GLY K 48 58.12 -8.66 -36.26
C GLY K 48 58.82 -9.76 -35.48
N TYR K 49 58.23 -10.95 -35.50
CA TYR K 49 58.77 -12.06 -34.72
C TYR K 49 58.34 -13.38 -35.34
N SER K 50 59.08 -14.42 -34.99
CA SER K 50 58.77 -15.77 -35.43
C SER K 50 57.82 -16.42 -34.44
N ILE K 51 56.77 -17.06 -34.98
CA ILE K 51 55.75 -17.70 -34.17
C ILE K 51 55.95 -19.21 -34.11
N PHE K 52 56.35 -19.82 -35.22
CA PHE K 52 56.48 -21.28 -35.30
C PHE K 52 57.44 -21.59 -36.43
N SER K 53 58.62 -22.12 -36.09
CA SER K 53 59.69 -22.34 -37.05
C SER K 53 59.92 -23.84 -37.24
N TYR K 54 59.64 -24.33 -38.44
CA TYR K 54 59.76 -25.74 -38.83
C TYR K 54 60.74 -25.79 -39.99
N ALA K 55 61.93 -26.33 -39.75
CA ALA K 55 63.02 -26.27 -40.71
C ALA K 55 63.46 -27.67 -41.12
N THR K 56 64.04 -27.75 -42.32
CA THR K 56 64.62 -28.98 -42.85
C THR K 56 66.05 -28.68 -43.29
N LYS K 57 66.85 -29.74 -43.45
CA LYS K 57 68.24 -29.55 -43.84
C LYS K 57 68.36 -28.83 -45.17
N ARG K 58 67.42 -29.07 -46.09
CA ARG K 58 67.46 -28.46 -47.41
C ARG K 58 66.67 -27.16 -47.51
N GLN K 59 65.82 -26.85 -46.53
CA GLN K 59 64.95 -25.69 -46.62
C GLN K 59 64.77 -25.13 -45.23
N ASP K 60 65.35 -23.95 -44.98
CA ASP K 60 65.29 -23.31 -43.67
C ASP K 60 63.89 -22.79 -43.32
N ASN K 61 62.98 -22.72 -44.28
CA ASN K 61 61.61 -22.25 -44.05
C ASN K 61 60.61 -23.27 -44.58
N GLU K 62 60.75 -24.52 -44.13
CA GLU K 62 59.87 -25.58 -44.62
C GLU K 62 58.40 -25.24 -44.32
N ILE K 63 58.11 -24.79 -43.10
CA ILE K 63 56.83 -24.15 -42.81
C ILE K 63 57.05 -23.18 -41.65
N LEU K 64 56.70 -21.91 -41.86
CA LEU K 64 56.98 -20.85 -40.90
C LEU K 64 55.76 -19.97 -40.72
N ILE K 65 55.41 -19.68 -39.48
CA ILE K 65 54.39 -18.69 -39.14
C ILE K 65 55.10 -17.48 -38.56
N PHE K 66 54.89 -16.32 -39.17
CA PHE K 66 55.68 -15.13 -38.89
C PHE K 66 54.77 -13.91 -38.91
N TRP K 67 55.04 -12.97 -38.01
CA TRP K 67 54.37 -11.67 -38.00
C TRP K 67 55.33 -10.62 -38.53
N SER K 68 54.99 -10.01 -39.66
CA SER K 68 55.77 -8.91 -40.22
C SER K 68 55.07 -7.61 -39.85
N LYS K 69 55.78 -6.73 -39.15
CA LYS K 69 55.21 -5.49 -38.68
C LYS K 69 54.58 -4.71 -39.83
N ASP K 70 53.48 -4.03 -39.53
CA ASP K 70 52.78 -3.11 -40.42
C ASP K 70 52.10 -3.82 -41.59
N ILE K 71 52.26 -5.13 -41.72
CA ILE K 71 51.69 -5.89 -42.83
C ILE K 71 50.62 -6.86 -42.34
N GLY K 72 50.97 -7.73 -41.40
CA GLY K 72 50.07 -8.74 -40.91
C GLY K 72 50.75 -10.08 -40.73
N TYR K 73 50.03 -11.17 -41.00
CA TYR K 73 50.56 -12.51 -40.83
C TYR K 73 51.27 -12.99 -42.09
N SER K 74 52.43 -13.59 -41.90
CA SER K 74 53.23 -14.16 -43.00
C SER K 74 53.27 -15.68 -42.84
N PHE K 75 52.88 -16.38 -43.90
CA PHE K 75 52.75 -17.83 -43.89
C PHE K 75 53.53 -18.38 -45.08
N THR K 76 54.60 -19.12 -44.81
CA THR K 76 55.46 -19.65 -45.86
C THR K 76 55.67 -21.14 -45.66
N VAL K 77 55.47 -21.92 -46.73
CA VAL K 77 55.78 -23.34 -46.76
C VAL K 77 56.73 -23.58 -47.92
N GLY K 78 57.83 -24.28 -47.65
CA GLY K 78 58.80 -24.56 -48.69
C GLY K 78 59.50 -23.33 -49.23
N GLY K 79 59.58 -22.26 -48.45
CA GLY K 79 60.27 -21.06 -48.85
C GLY K 79 59.42 -20.03 -49.56
N SER K 80 58.19 -20.36 -49.96
CA SER K 80 57.31 -19.47 -50.68
C SER K 80 56.32 -18.82 -49.72
N GLU K 81 56.13 -17.51 -49.86
CA GLU K 81 55.39 -16.70 -48.89
C GLU K 81 54.00 -16.32 -49.43
N ILE K 82 53.04 -16.26 -48.50
CA ILE K 82 51.71 -15.71 -48.74
C ILE K 82 51.35 -14.86 -47.52
N LEU K 83 50.55 -13.82 -47.76
CA LEU K 83 50.25 -12.84 -46.71
C LEU K 83 48.76 -12.82 -46.38
N PHE K 84 48.47 -12.62 -45.10
CA PHE K 84 47.13 -12.33 -44.61
C PHE K 84 47.20 -10.96 -43.93
N GLU K 85 46.79 -9.93 -44.64
CA GLU K 85 46.96 -8.55 -44.18
C GLU K 85 46.16 -8.28 -42.91
N VAL K 86 46.70 -7.44 -42.04
CA VAL K 86 46.01 -7.02 -40.82
C VAL K 86 46.24 -5.53 -40.63
N PRO K 87 45.21 -4.68 -40.73
CA PRO K 87 45.43 -3.24 -40.59
C PRO K 87 45.47 -2.82 -39.13
N GLU K 88 44.39 -3.05 -38.40
CA GLU K 88 44.32 -2.73 -36.99
C GLU K 88 44.86 -3.90 -36.17
N VAL K 89 45.76 -3.61 -35.25
CA VAL K 89 46.39 -4.62 -34.41
C VAL K 89 46.10 -4.25 -32.96
N THR K 90 45.43 -5.14 -32.24
CA THR K 90 45.13 -4.95 -30.83
C THR K 90 45.87 -6.00 -30.01
N VAL K 91 46.49 -5.55 -28.93
CA VAL K 91 47.31 -6.43 -28.11
C VAL K 91 46.41 -7.24 -27.20
N ALA K 92 46.41 -8.55 -27.38
CA ALA K 92 45.67 -9.48 -26.54
C ALA K 92 46.08 -10.90 -26.92
N PRO K 93 45.79 -11.89 -26.09
CA PRO K 93 46.02 -13.28 -26.50
C PRO K 93 45.26 -13.57 -27.78
N VAL K 94 45.87 -14.39 -28.64
CA VAL K 94 45.32 -14.70 -29.94
C VAL K 94 45.52 -16.18 -30.23
N HIS K 95 44.55 -16.76 -30.94
CA HIS K 95 44.57 -18.16 -31.31
C HIS K 95 44.51 -18.25 -32.83
N ILE K 96 45.52 -18.89 -33.43
CA ILE K 96 45.61 -19.04 -34.87
C ILE K 96 45.60 -20.53 -35.21
N CYS K 97 44.89 -20.87 -36.27
CA CYS K 97 44.93 -22.21 -36.85
C CYS K 97 45.16 -22.05 -38.36
N THR K 98 46.05 -22.87 -38.90
CA THR K 98 46.39 -22.81 -40.32
C THR K 98 46.67 -24.21 -40.84
N SER K 99 46.14 -24.49 -42.03
CA SER K 99 46.25 -25.80 -42.64
C SER K 99 46.68 -25.66 -44.10
N TRP K 100 47.29 -26.72 -44.62
CA TRP K 100 47.76 -26.75 -46.00
C TRP K 100 47.50 -28.13 -46.59
N GLU K 101 47.16 -28.16 -47.88
CA GLU K 101 46.92 -29.40 -48.60
C GLU K 101 47.72 -29.39 -49.89
N SER K 102 48.36 -30.53 -50.18
CA SER K 102 49.18 -30.63 -51.38
C SER K 102 48.33 -30.76 -52.64
N ALA K 103 47.34 -31.66 -52.62
CA ALA K 103 46.56 -31.93 -53.81
C ALA K 103 45.95 -30.66 -54.41
N SER K 104 45.69 -29.65 -53.58
CA SER K 104 45.05 -28.43 -54.02
C SER K 104 45.86 -27.17 -53.81
N GLY K 105 46.89 -27.19 -52.96
CA GLY K 105 47.61 -25.98 -52.62
C GLY K 105 46.85 -25.01 -51.75
N ILE K 106 45.61 -25.33 -51.37
CA ILE K 106 44.80 -24.42 -50.59
C ILE K 106 45.36 -24.29 -49.18
N VAL K 107 45.42 -23.06 -48.69
CA VAL K 107 45.82 -22.76 -47.31
C VAL K 107 44.68 -22.01 -46.64
N GLU K 108 44.32 -22.46 -45.43
CA GLU K 108 43.34 -21.78 -44.60
C GLU K 108 44.05 -21.13 -43.43
N PHE K 109 43.56 -19.96 -43.00
CA PHE K 109 44.13 -19.26 -41.86
C PHE K 109 42.98 -18.76 -40.98
N TRP K 110 42.86 -19.34 -39.79
CA TRP K 110 41.82 -19.00 -38.84
C TRP K 110 42.41 -18.16 -37.71
N VAL K 111 41.75 -17.06 -37.37
CA VAL K 111 42.15 -16.20 -36.25
C VAL K 111 40.99 -16.10 -35.29
N ASP K 112 41.20 -16.53 -34.05
CA ASP K 112 40.16 -16.51 -33.02
C ASP K 112 38.87 -17.12 -33.53
N GLY K 113 38.99 -18.27 -34.19
CA GLY K 113 37.84 -19.01 -34.64
C GLY K 113 37.11 -18.43 -35.84
N LYS K 114 37.62 -17.36 -36.44
CA LYS K 114 36.99 -16.77 -37.62
C LYS K 114 37.92 -16.92 -38.81
N PRO K 115 37.45 -17.46 -39.93
CA PRO K 115 38.37 -17.82 -41.01
C PRO K 115 38.66 -16.67 -41.96
N ARG K 116 39.89 -16.67 -42.44
CA ARG K 116 40.29 -15.81 -43.54
C ARG K 116 40.09 -16.55 -44.86
N VAL K 117 40.05 -15.77 -45.95
CA VAL K 117 39.81 -16.37 -47.25
C VAL K 117 40.88 -17.40 -47.58
N ARG K 118 40.58 -18.24 -48.55
CA ARG K 118 41.48 -19.32 -48.95
C ARG K 118 42.38 -18.86 -50.10
N LYS K 119 43.65 -19.23 -50.02
CA LYS K 119 44.64 -18.85 -51.02
C LYS K 119 45.45 -20.09 -51.41
N SER K 120 46.25 -19.94 -52.47
CA SER K 120 47.07 -21.04 -52.98
C SER K 120 48.51 -20.87 -52.53
N LEU K 121 49.21 -22.00 -52.42
CA LEU K 121 50.63 -21.99 -52.09
C LEU K 121 51.21 -23.40 -52.27
N LYS K 122 52.20 -23.52 -53.15
CA LYS K 122 52.96 -24.75 -53.36
C LYS K 122 52.03 -25.95 -53.52
N LYS K 123 51.24 -25.92 -54.59
CA LYS K 123 50.42 -27.08 -54.96
C LYS K 123 51.32 -28.21 -55.44
N GLY K 124 51.08 -29.41 -54.91
CA GLY K 124 51.86 -30.57 -55.27
C GLY K 124 53.15 -30.76 -54.49
N TYR K 125 53.47 -29.83 -53.58
CA TYR K 125 54.67 -29.94 -52.77
C TYR K 125 54.56 -31.14 -51.82
N THR K 126 55.69 -31.46 -51.19
CA THR K 126 55.75 -32.53 -50.19
C THR K 126 56.71 -32.07 -49.09
N VAL K 127 56.18 -31.89 -47.88
CA VAL K 127 56.96 -31.34 -46.78
C VAL K 127 57.85 -32.43 -46.19
N GLY K 128 59.07 -32.04 -45.83
CA GLY K 128 60.00 -33.01 -45.28
C GLY K 128 59.60 -33.50 -43.91
N ALA K 129 59.99 -34.75 -43.62
CA ALA K 129 59.61 -35.39 -42.37
C ALA K 129 60.66 -35.23 -41.27
N GLU K 130 61.94 -35.31 -41.61
CA GLU K 130 63.01 -35.18 -40.63
C GLU K 130 63.27 -33.68 -40.44
N ALA K 131 62.50 -33.07 -39.55
CA ALA K 131 62.51 -31.63 -39.37
C ALA K 131 62.98 -31.26 -37.96
N SER K 132 63.22 -29.96 -37.80
CA SER K 132 63.56 -29.38 -36.50
C SER K 132 62.57 -28.25 -36.24
N ILE K 133 61.78 -28.40 -35.18
CA ILE K 133 60.70 -27.47 -34.85
C ILE K 133 61.14 -26.67 -33.63
N ILE K 134 61.08 -25.35 -33.74
CA ILE K 134 61.61 -24.44 -32.71
C ILE K 134 60.58 -23.38 -32.39
N LEU K 135 60.47 -23.04 -31.10
CA LEU K 135 59.57 -22.00 -30.62
C LEU K 135 60.40 -20.91 -29.95
N GLY K 136 60.08 -19.64 -30.26
CA GLY K 136 60.76 -18.51 -29.68
C GLY K 136 61.90 -17.96 -30.50
N GLN K 137 62.27 -18.61 -31.60
CA GLN K 137 63.34 -18.14 -32.46
C GLN K 137 63.03 -18.54 -33.90
N GLU K 138 63.67 -17.86 -34.83
CA GLU K 138 63.55 -18.16 -36.25
C GLU K 138 64.78 -18.92 -36.71
N GLN K 139 64.56 -20.01 -37.42
CA GLN K 139 65.65 -20.88 -37.87
C GLN K 139 66.14 -20.42 -39.24
N ASP K 140 67.47 -20.23 -39.35
CA ASP K 140 68.11 -20.01 -40.64
C ASP K 140 68.83 -21.26 -41.13
N SER K 141 69.07 -22.22 -40.24
CA SER K 141 69.68 -23.49 -40.58
C SER K 141 69.03 -24.55 -39.68
N PHE K 142 69.36 -25.81 -39.95
CA PHE K 142 68.76 -26.88 -39.16
C PHE K 142 69.01 -26.66 -37.67
N GLY K 143 68.01 -26.17 -36.96
CA GLY K 143 68.10 -25.99 -35.52
C GLY K 143 69.14 -24.99 -35.07
N GLY K 144 69.45 -24.00 -35.89
CA GLY K 144 70.48 -23.04 -35.51
C GLY K 144 70.38 -21.76 -36.32
N ASN K 145 71.35 -20.88 -36.08
CA ASN K 145 71.46 -19.59 -36.76
C ASN K 145 70.22 -18.73 -36.48
N PHE K 146 70.14 -18.26 -35.24
CA PHE K 146 69.03 -17.45 -34.79
C PHE K 146 69.37 -15.96 -34.93
N GLU K 147 68.40 -15.17 -35.35
CA GLU K 147 68.50 -13.71 -35.36
C GLU K 147 67.71 -13.16 -34.18
N GLY K 148 68.35 -12.33 -33.36
CA GLY K 148 67.70 -11.81 -32.17
C GLY K 148 66.51 -10.90 -32.47
N SER K 149 66.54 -10.21 -33.61
CA SER K 149 65.44 -9.34 -33.98
C SER K 149 64.21 -10.11 -34.45
N GLN K 150 64.32 -11.43 -34.61
CA GLN K 150 63.18 -12.29 -34.92
C GLN K 150 62.69 -13.05 -33.70
N SER K 151 63.23 -12.75 -32.52
CA SER K 151 62.82 -13.41 -31.29
C SER K 151 61.35 -13.13 -31.00
N LEU K 152 60.72 -14.05 -30.29
CA LEU K 152 59.38 -13.85 -29.73
C LEU K 152 59.52 -13.58 -28.23
N VAL K 153 58.96 -12.45 -27.79
CA VAL K 153 59.02 -12.03 -26.39
C VAL K 153 57.60 -12.05 -25.86
N GLY K 154 57.28 -13.04 -25.04
CA GLY K 154 55.97 -13.16 -24.46
C GLY K 154 55.64 -14.61 -24.16
N ASP K 155 54.35 -14.93 -24.27
CA ASP K 155 53.83 -16.25 -23.96
C ASP K 155 53.49 -16.98 -25.25
N ILE K 156 53.71 -18.29 -25.25
CA ILE K 156 53.28 -19.16 -26.35
C ILE K 156 52.92 -20.52 -25.76
N GLY K 157 51.85 -21.12 -26.28
CA GLY K 157 51.43 -22.41 -25.79
C GLY K 157 50.30 -22.96 -26.62
N ASN K 158 49.82 -24.13 -26.20
CA ASN K 158 48.68 -24.80 -26.83
C ASN K 158 48.97 -25.17 -28.27
N VAL K 159 50.24 -25.44 -28.60
CA VAL K 159 50.61 -25.77 -29.97
C VAL K 159 50.22 -27.21 -30.24
N ASN K 160 49.56 -27.45 -31.37
CA ASN K 160 49.11 -28.78 -31.75
C ASN K 160 49.18 -28.91 -33.26
N MET K 161 49.60 -30.09 -33.74
CA MET K 161 49.81 -30.32 -35.15
C MET K 161 49.18 -31.64 -35.57
N TRP K 162 48.46 -31.62 -36.68
CA TRP K 162 47.91 -32.81 -37.33
C TRP K 162 48.66 -33.07 -38.62
N ASP K 163 48.34 -34.19 -39.27
CA ASP K 163 48.86 -34.53 -40.58
C ASP K 163 47.77 -34.54 -41.65
N PHE K 164 46.62 -33.95 -41.35
CA PHE K 164 45.55 -33.75 -42.33
C PHE K 164 44.97 -32.36 -42.09
N VAL K 165 43.88 -32.04 -42.80
CA VAL K 165 43.26 -30.73 -42.74
C VAL K 165 42.02 -30.79 -41.87
N LEU K 166 41.93 -29.88 -40.91
CA LEU K 166 40.79 -29.83 -40.02
C LEU K 166 39.63 -29.09 -40.66
N SER K 167 38.43 -29.62 -40.49
CA SER K 167 37.24 -29.00 -41.04
C SER K 167 36.81 -27.81 -40.19
N PRO K 168 35.99 -26.91 -40.74
CA PRO K 168 35.47 -25.82 -39.92
C PRO K 168 34.91 -26.28 -38.59
N ASP K 169 34.12 -27.36 -38.59
CA ASP K 169 33.54 -27.85 -37.35
C ASP K 169 34.63 -28.28 -36.36
N GLU K 170 35.70 -28.88 -36.87
CA GLU K 170 36.79 -29.30 -35.98
C GLU K 170 37.53 -28.10 -35.42
N ILE K 171 37.85 -27.13 -36.28
CA ILE K 171 38.53 -25.91 -35.82
C ILE K 171 37.74 -25.26 -34.69
N ASN K 172 36.41 -25.24 -34.82
CA ASN K 172 35.59 -24.58 -33.81
C ASN K 172 35.79 -25.21 -32.43
N THR K 173 35.69 -26.54 -32.34
CA THR K 173 35.81 -27.19 -31.05
C THR K 173 37.16 -26.87 -30.40
N ILE K 174 38.21 -26.74 -31.21
CA ILE K 174 39.52 -26.36 -30.69
C ILE K 174 39.45 -24.98 -30.07
N TYR K 175 38.72 -24.06 -30.69
CA TYR K 175 38.66 -22.68 -30.19
C TYR K 175 37.99 -22.61 -28.83
N LEU K 176 36.84 -23.28 -28.65
CA LEU K 176 36.13 -23.15 -27.38
C LEU K 176 36.84 -23.94 -26.29
N GLY K 177 37.34 -25.13 -26.62
CA GLY K 177 38.06 -25.93 -25.67
C GLY K 177 37.80 -27.41 -25.83
N GLY K 178 36.77 -27.79 -26.58
CA GLY K 178 36.45 -29.19 -26.73
C GLY K 178 37.70 -29.93 -27.17
N PRO K 179 37.80 -31.22 -26.88
CA PRO K 179 39.03 -31.94 -27.16
C PRO K 179 39.16 -32.49 -28.57
N PHE K 180 40.42 -32.52 -28.98
CA PHE K 180 40.87 -33.00 -30.29
C PHE K 180 42.04 -33.93 -30.05
N SER K 181 42.29 -34.85 -30.98
CA SER K 181 43.37 -35.82 -30.84
C SER K 181 44.39 -35.57 -31.94
N PRO K 182 45.44 -34.80 -31.66
CA PRO K 182 46.52 -34.64 -32.65
C PRO K 182 47.29 -35.93 -32.85
N ASN K 183 47.89 -36.03 -34.04
CA ASN K 183 48.68 -37.20 -34.42
C ASN K 183 50.09 -36.84 -34.88
N VAL K 184 50.54 -35.61 -34.62
CA VAL K 184 51.92 -35.21 -34.91
C VAL K 184 52.50 -34.56 -33.67
N LEU K 185 51.91 -33.46 -33.23
CA LEU K 185 52.30 -32.77 -32.01
C LEU K 185 51.09 -32.70 -31.08
N ASN K 186 51.29 -33.07 -29.82
CA ASN K 186 50.21 -33.10 -28.84
C ASN K 186 50.65 -32.35 -27.60
N TRP K 187 49.95 -31.27 -27.28
CA TRP K 187 50.27 -30.49 -26.09
C TRP K 187 50.17 -31.35 -24.83
N ARG K 188 49.19 -32.26 -24.79
CA ARG K 188 48.98 -33.11 -23.63
C ARG K 188 49.97 -34.27 -23.56
N ALA K 189 50.88 -34.39 -24.52
CA ALA K 189 51.87 -35.46 -24.54
C ALA K 189 53.09 -34.95 -25.32
N LEU K 190 53.72 -33.90 -24.79
CA LEU K 190 54.77 -33.19 -25.50
C LEU K 190 56.14 -33.74 -25.11
N LYS K 191 56.93 -34.11 -26.12
CA LYS K 191 58.35 -34.41 -25.98
C LYS K 191 59.10 -33.19 -26.47
N TYR K 192 59.65 -32.40 -25.54
CA TYR K 192 60.27 -31.13 -25.87
C TYR K 192 61.62 -31.04 -25.18
N GLU K 193 62.33 -29.95 -25.46
CA GLU K 193 63.67 -29.72 -24.93
C GLU K 193 63.86 -28.22 -24.76
N VAL K 194 64.11 -27.78 -23.53
CA VAL K 194 64.23 -26.37 -23.20
C VAL K 194 65.69 -25.95 -23.28
N GLN K 195 65.92 -24.70 -23.69
CA GLN K 195 67.26 -24.15 -23.74
C GLN K 195 67.20 -22.64 -23.57
N GLY K 196 68.04 -22.11 -22.69
CA GLY K 196 68.11 -20.68 -22.48
C GLY K 196 67.14 -20.18 -21.42
N GLU K 197 66.86 -18.89 -21.50
CA GLU K 197 66.00 -18.21 -20.53
C GLU K 197 64.54 -18.35 -20.97
N VAL K 198 63.93 -19.46 -20.59
CA VAL K 198 62.51 -19.70 -20.82
C VAL K 198 61.95 -20.41 -19.60
N PHE K 199 60.68 -20.15 -19.31
CA PHE K 199 60.06 -20.65 -18.09
C PHE K 199 58.72 -21.29 -18.45
N THR K 200 58.24 -22.14 -17.54
CA THR K 200 56.96 -22.84 -17.68
C THR K 200 56.05 -22.39 -16.54
N LYS K 201 54.98 -21.69 -16.88
CA LYS K 201 54.04 -21.14 -15.91
C LYS K 201 52.64 -21.41 -16.41
N PRO K 202 51.64 -21.28 -15.52
CA PRO K 202 50.25 -21.47 -15.97
C PRO K 202 49.92 -20.46 -17.06
N GLN K 203 49.07 -20.90 -18.00
CA GLN K 203 48.74 -20.07 -19.14
C GLN K 203 47.88 -18.89 -18.72
N LEU K 204 48.01 -17.79 -19.47
CA LEU K 204 47.33 -16.54 -19.14
C LEU K 204 45.94 -16.46 -19.75
N TRP K 205 45.75 -17.04 -20.92
CA TRP K 205 44.45 -17.04 -21.57
C TRP K 205 43.54 -18.09 -20.96
N PRO K 206 42.22 -17.97 -21.17
CA PRO K 206 41.30 -18.99 -20.66
C PRO K 206 41.41 -20.31 -21.40
N GLN L 1 43.87 -5.35 14.14
CA GLN L 1 43.03 -6.10 13.16
C GLN L 1 41.74 -5.34 12.87
N THR L 2 41.47 -5.03 11.61
CA THR L 2 40.24 -4.35 11.25
C THR L 2 39.63 -4.96 10.00
N ASP L 3 38.34 -5.26 10.05
CA ASP L 3 37.61 -5.72 8.87
C ASP L 3 37.19 -4.49 8.06
N MET L 4 37.81 -4.33 6.88
CA MET L 4 37.55 -3.19 6.01
C MET L 4 36.69 -3.58 4.81
N SER L 5 35.98 -4.69 4.89
CA SER L 5 35.12 -5.11 3.79
C SER L 5 34.10 -4.01 3.47
N ARG L 6 33.92 -3.75 2.18
CA ARG L 6 32.96 -2.79 1.63
C ARG L 6 33.30 -1.36 1.96
N LYS L 7 34.43 -1.09 2.63
CA LYS L 7 34.87 0.26 2.94
C LYS L 7 36.14 0.56 2.16
N ALA L 8 36.42 1.86 2.00
CA ALA L 8 37.55 2.28 1.18
C ALA L 8 38.11 3.59 1.71
N PHE L 9 39.41 3.78 1.49
CA PHE L 9 40.06 5.04 1.84
C PHE L 9 39.87 6.05 0.73
N VAL L 10 39.54 7.28 1.11
CA VAL L 10 39.32 8.37 0.17
C VAL L 10 40.20 9.54 0.55
N PHE L 11 40.99 10.03 -0.40
CA PHE L 11 41.81 11.22 -0.25
C PHE L 11 41.16 12.33 -1.06
N PRO L 12 40.32 13.17 -0.44
CA PRO L 12 39.47 14.07 -1.25
C PRO L 12 40.25 15.05 -2.11
N LYS L 13 41.19 15.79 -1.52
CA LYS L 13 41.86 16.87 -2.21
C LYS L 13 43.37 16.67 -2.16
N GLU L 14 44.04 17.27 -3.13
CA GLU L 14 45.50 17.22 -3.18
C GLU L 14 46.08 17.79 -1.89
N SER L 15 47.07 17.09 -1.35
CA SER L 15 47.69 17.49 -0.09
C SER L 15 49.09 16.92 -0.03
N ASP L 16 49.86 17.42 0.93
CA ASP L 16 51.23 16.97 1.15
C ASP L 16 51.39 16.08 2.38
N THR L 17 50.37 16.01 3.24
CA THR L 17 50.51 15.38 4.55
C THR L 17 49.45 14.34 4.83
N SER L 18 48.74 13.86 3.81
CA SER L 18 47.68 12.87 3.98
C SER L 18 48.16 11.54 3.44
N TYR L 19 47.99 10.49 4.23
CA TYR L 19 48.46 9.16 3.89
C TYR L 19 48.06 8.20 4.99
N VAL L 20 47.96 6.92 4.64
CA VAL L 20 47.79 5.85 5.61
C VAL L 20 49.00 4.93 5.50
N SER L 21 49.44 4.40 6.64
CA SER L 21 50.62 3.55 6.71
C SER L 21 50.18 2.13 7.07
N LEU L 22 50.38 1.20 6.16
CA LEU L 22 50.04 -0.21 6.40
C LEU L 22 51.17 -0.92 7.11
N LYS L 23 50.81 -1.74 8.09
CA LYS L 23 51.77 -2.47 8.92
C LYS L 23 51.70 -3.94 8.55
N ALA L 24 52.86 -4.54 8.29
CA ALA L 24 52.94 -5.90 7.79
C ALA L 24 53.75 -6.78 8.74
N PRO L 25 53.27 -8.01 9.03
CA PRO L 25 53.99 -8.93 9.93
C PRO L 25 55.11 -9.70 9.25
N LEU L 26 56.08 -8.96 8.71
CA LEU L 26 57.17 -9.58 7.94
C LEU L 26 58.33 -9.97 8.85
N THR L 27 58.93 -11.13 8.56
CA THR L 27 60.09 -11.61 9.28
C THR L 27 61.19 -12.11 8.36
N LYS L 28 60.83 -12.77 7.26
CA LYS L 28 61.76 -13.23 6.25
C LYS L 28 61.72 -12.28 5.05
N PRO L 29 62.84 -12.09 4.35
CA PRO L 29 62.79 -11.32 3.11
C PRO L 29 61.95 -12.05 2.07
N LEU L 30 61.36 -11.27 1.17
CA LEU L 30 60.42 -11.79 0.18
C LEU L 30 61.19 -12.28 -1.04
N LYS L 31 60.97 -13.55 -1.39
CA LYS L 31 61.47 -14.10 -2.64
C LYS L 31 60.46 -13.99 -3.78
N ALA L 32 59.26 -13.48 -3.49
CA ALA L 32 58.19 -13.31 -4.45
C ALA L 32 56.99 -12.75 -3.68
N PHE L 33 56.06 -12.14 -4.41
CA PHE L 33 54.86 -11.59 -3.79
C PHE L 33 53.81 -11.32 -4.85
N THR L 34 52.64 -10.88 -4.40
CA THR L 34 51.53 -10.52 -5.28
C THR L 34 50.72 -9.44 -4.58
N VAL L 35 50.40 -8.36 -5.30
CA VAL L 35 49.68 -7.22 -4.75
C VAL L 35 48.45 -6.95 -5.61
N CYS L 36 47.31 -6.78 -4.95
CA CYS L 36 46.05 -6.49 -5.63
C CYS L 36 45.33 -5.37 -4.90
N LEU L 37 44.59 -4.56 -5.65
CA LEU L 37 43.89 -3.44 -5.04
C LEU L 37 42.93 -2.81 -6.05
N HIS L 38 42.02 -2.01 -5.51
CA HIS L 38 41.10 -1.18 -6.28
C HIS L 38 41.49 0.28 -6.10
N PHE L 39 41.21 1.10 -7.11
CA PHE L 39 41.39 2.54 -6.96
C PHE L 39 40.60 3.25 -8.05
N TYR L 40 40.35 4.55 -7.82
CA TYR L 40 39.50 5.34 -8.69
C TYR L 40 39.94 6.79 -8.61
N THR L 41 40.35 7.36 -9.73
CA THR L 41 40.75 8.77 -9.78
C THR L 41 40.73 9.24 -11.22
N GLU L 42 40.52 10.54 -11.39
CA GLU L 42 40.56 11.19 -12.70
C GLU L 42 41.92 11.78 -13.02
N LEU L 43 42.87 11.74 -12.08
CA LEU L 43 44.14 12.40 -12.27
C LEU L 43 44.89 11.86 -13.48
N SER L 44 44.61 10.61 -13.87
CA SER L 44 45.41 9.94 -14.88
C SER L 44 45.56 10.75 -16.16
N SER L 45 44.65 11.71 -16.40
CA SER L 45 44.73 12.56 -17.58
C SER L 45 45.44 13.88 -17.32
N THR L 46 45.63 14.25 -16.04
CA THR L 46 46.27 15.50 -15.68
C THR L 46 47.74 15.32 -15.30
N ARG L 47 48.04 14.37 -14.43
CA ARG L 47 49.42 14.12 -14.00
C ARG L 47 49.56 12.65 -13.61
N GLY L 48 50.69 12.32 -12.98
CA GLY L 48 50.91 11.00 -12.44
C GLY L 48 50.73 11.00 -10.92
N TYR L 49 50.68 9.79 -10.35
CA TYR L 49 50.43 9.64 -8.93
C TYR L 49 51.00 8.31 -8.45
N SER L 50 51.20 8.21 -7.14
CA SER L 50 51.66 6.99 -6.51
C SER L 50 50.44 6.15 -6.10
N ILE L 51 50.49 4.86 -6.44
CA ILE L 51 49.40 3.94 -6.14
C ILE L 51 49.73 3.08 -4.92
N PHE L 52 50.97 2.64 -4.80
CA PHE L 52 51.35 1.73 -3.72
C PHE L 52 52.85 1.88 -3.49
N SER L 53 53.22 2.40 -2.33
CA SER L 53 54.60 2.74 -2.01
C SER L 53 55.10 1.81 -0.92
N TYR L 54 56.09 0.99 -1.25
CA TYR L 54 56.70 0.02 -0.34
C TYR L 54 58.18 0.35 -0.25
N ALA L 55 58.62 0.87 0.89
CA ALA L 55 59.96 1.42 1.03
C ALA L 55 60.77 0.65 2.06
N THR L 56 62.09 0.69 1.88
CA THR L 56 63.06 0.13 2.80
C THR L 56 64.10 1.20 3.12
N LYS L 57 64.83 1.03 4.23
CA LYS L 57 65.81 2.03 4.63
C LYS L 57 66.88 2.23 3.56
N ARG L 58 67.26 1.17 2.84
CA ARG L 58 68.31 1.24 1.84
C ARG L 58 67.79 1.52 0.43
N GLN L 59 66.48 1.41 0.21
CA GLN L 59 65.93 1.55 -1.14
C GLN L 59 64.56 2.20 -1.02
N ASP L 60 64.43 3.46 -1.44
CA ASP L 60 63.17 4.19 -1.34
C ASP L 60 62.12 3.66 -2.31
N ASN L 61 62.50 2.84 -3.28
CA ASN L 61 61.58 2.26 -4.26
C ASN L 61 61.72 0.74 -4.30
N GLU L 62 61.61 0.12 -3.12
CA GLU L 62 61.77 -1.34 -3.05
C GLU L 62 60.75 -2.03 -3.93
N ILE L 63 59.48 -1.62 -3.85
CA ILE L 63 58.49 -1.99 -4.85
C ILE L 63 57.43 -0.90 -4.91
N LEU L 64 57.23 -0.32 -6.10
CA LEU L 64 56.35 0.82 -6.29
C LEU L 64 55.49 0.58 -7.52
N ILE L 65 54.20 0.84 -7.38
CA ILE L 65 53.26 0.84 -8.51
C ILE L 65 52.90 2.29 -8.76
N PHE L 66 53.12 2.75 -9.99
CA PHE L 66 53.05 4.16 -10.30
C PHE L 66 52.38 4.38 -11.65
N TRP L 67 51.57 5.43 -11.73
CA TRP L 67 50.97 5.86 -12.98
C TRP L 67 51.70 7.10 -13.47
N SER L 68 52.37 6.99 -14.62
CA SER L 68 53.04 8.11 -15.25
C SER L 68 52.13 8.60 -16.38
N LYS L 69 51.74 9.88 -16.30
CA LYS L 69 50.82 10.43 -17.28
C LYS L 69 51.35 10.19 -18.70
N ASP L 70 50.41 9.92 -19.61
CA ASP L 70 50.66 9.82 -21.05
C ASP L 70 51.49 8.60 -21.42
N ILE L 71 51.95 7.81 -20.46
CA ILE L 71 52.78 6.65 -20.70
C ILE L 71 52.05 5.36 -20.33
N GLY L 72 51.54 5.29 -19.09
CA GLY L 72 50.86 4.11 -18.62
C GLY L 72 51.23 3.73 -17.20
N TYR L 73 51.28 2.43 -16.93
CA TYR L 73 51.59 1.93 -15.60
C TYR L 73 53.10 1.78 -15.45
N SER L 74 53.63 2.24 -14.32
CA SER L 74 55.04 2.13 -13.99
C SER L 74 55.19 1.17 -12.83
N PHE L 75 56.00 0.13 -13.01
CA PHE L 75 56.18 -0.93 -12.03
C PHE L 75 57.67 -1.10 -11.80
N THR L 76 58.13 -0.78 -10.59
CA THR L 76 59.54 -0.83 -10.26
C THR L 76 59.73 -1.62 -8.97
N VAL L 77 60.64 -2.59 -9.02
CA VAL L 77 61.05 -3.36 -7.83
C VAL L 77 62.56 -3.26 -7.72
N GLY L 78 63.04 -2.94 -6.51
CA GLY L 78 64.47 -2.82 -6.30
C GLY L 78 65.13 -1.68 -7.03
N GLY L 79 64.37 -0.63 -7.38
CA GLY L 79 64.91 0.54 -8.03
C GLY L 79 64.92 0.49 -9.54
N SER L 80 64.71 -0.67 -10.14
CA SER L 80 64.71 -0.83 -11.59
C SER L 80 63.26 -0.85 -12.08
N GLU L 81 63.00 -0.11 -13.16
CA GLU L 81 61.65 0.16 -13.60
C GLU L 81 61.28 -0.68 -14.83
N ILE L 82 60.00 -1.04 -14.90
CA ILE L 82 59.40 -1.64 -16.08
C ILE L 82 58.06 -0.98 -16.30
N LEU L 83 57.66 -0.85 -17.56
CA LEU L 83 56.48 -0.12 -17.95
C LEU L 83 55.47 -1.05 -18.62
N PHE L 84 54.18 -0.80 -18.35
CA PHE L 84 53.09 -1.42 -19.08
C PHE L 84 52.32 -0.29 -19.74
N GLU L 85 52.60 -0.06 -21.02
CA GLU L 85 52.05 1.08 -21.73
C GLU L 85 50.54 0.99 -21.81
N VAL L 86 49.89 2.16 -21.75
CA VAL L 86 48.43 2.23 -21.90
C VAL L 86 48.13 3.47 -22.74
N PRO L 87 47.60 3.32 -23.95
CA PRO L 87 47.35 4.51 -24.79
C PRO L 87 46.06 5.22 -24.42
N GLU L 88 44.93 4.52 -24.52
CA GLU L 88 43.64 5.09 -24.19
C GLU L 88 43.36 4.91 -22.71
N VAL L 89 42.95 5.99 -22.05
CA VAL L 89 42.67 6.00 -20.62
C VAL L 89 41.23 6.46 -20.43
N THR L 90 40.42 5.61 -19.81
CA THR L 90 39.03 5.93 -19.48
C THR L 90 38.87 5.97 -17.97
N VAL L 91 38.16 7.00 -17.49
CA VAL L 91 38.02 7.23 -16.05
C VAL L 91 36.93 6.31 -15.51
N ALA L 92 37.33 5.39 -14.65
CA ALA L 92 36.40 4.48 -13.96
C ALA L 92 37.18 3.71 -12.90
N PRO L 93 36.49 3.08 -11.96
CA PRO L 93 37.19 2.20 -11.02
C PRO L 93 37.95 1.11 -11.76
N VAL L 94 39.11 0.76 -11.23
CA VAL L 94 39.98 -0.22 -11.86
C VAL L 94 40.59 -1.12 -10.80
N HIS L 95 40.80 -2.38 -11.16
CA HIS L 95 41.39 -3.38 -10.27
C HIS L 95 42.67 -3.89 -10.90
N ILE L 96 43.78 -3.76 -10.19
CA ILE L 96 45.08 -4.18 -10.68
C ILE L 96 45.64 -5.26 -9.76
N CYS L 97 46.27 -6.27 -10.36
CA CYS L 97 47.03 -7.27 -9.63
C CYS L 97 48.40 -7.38 -10.28
N THR L 98 49.44 -7.43 -9.45
CA THR L 98 50.80 -7.52 -9.95
C THR L 98 51.63 -8.39 -9.02
N SER L 99 52.45 -9.25 -9.61
CA SER L 99 53.26 -10.21 -8.86
C SER L 99 54.67 -10.21 -9.42
N TRP L 100 55.61 -10.65 -8.59
CA TRP L 100 57.01 -10.72 -8.97
C TRP L 100 57.63 -11.98 -8.37
N GLU L 101 58.54 -12.60 -9.12
CA GLU L 101 59.24 -13.80 -8.67
C GLU L 101 60.73 -13.60 -8.86
N SER L 102 61.51 -14.00 -7.84
CA SER L 102 62.95 -13.81 -7.89
C SER L 102 63.63 -14.84 -8.79
N ALA L 103 63.30 -16.11 -8.61
CA ALA L 103 63.98 -17.17 -9.35
C ALA L 103 63.93 -16.94 -10.85
N SER L 104 62.91 -16.23 -11.34
CA SER L 104 62.72 -16.00 -12.75
C SER L 104 62.71 -14.54 -13.15
N GLY L 105 62.50 -13.62 -12.21
CA GLY L 105 62.33 -12.23 -12.54
C GLY L 105 61.03 -11.88 -13.24
N ILE L 106 60.16 -12.86 -13.47
CA ILE L 106 58.91 -12.62 -14.18
C ILE L 106 58.01 -11.75 -13.34
N VAL L 107 57.41 -10.74 -13.96
CA VAL L 107 56.42 -9.88 -13.32
C VAL L 107 55.13 -9.99 -14.13
N GLU L 108 54.02 -10.17 -13.43
CA GLU L 108 52.70 -10.19 -14.04
C GLU L 108 51.97 -8.90 -13.70
N PHE L 109 51.19 -8.40 -14.64
CA PHE L 109 50.39 -7.19 -14.42
C PHE L 109 49.00 -7.45 -14.99
N TRP L 110 48.01 -7.56 -14.11
CA TRP L 110 46.63 -7.79 -14.50
C TRP L 110 45.83 -6.52 -14.30
N VAL L 111 45.03 -6.15 -15.30
CA VAL L 111 44.15 -5.00 -15.22
C VAL L 111 42.73 -5.48 -15.49
N ASP L 112 41.84 -5.26 -14.52
CA ASP L 112 40.45 -5.70 -14.61
C ASP L 112 40.37 -7.17 -15.00
N GLY L 113 41.19 -7.99 -14.35
CA GLY L 113 41.15 -9.42 -14.54
C GLY L 113 41.68 -9.91 -15.87
N LYS L 114 42.23 -9.04 -16.69
CA LYS L 114 42.78 -9.44 -17.98
C LYS L 114 44.29 -9.23 -17.97
N PRO L 115 45.08 -10.22 -18.32
CA PRO L 115 46.52 -10.12 -18.10
C PRO L 115 47.28 -9.40 -19.20
N ARG L 116 48.30 -8.69 -18.79
CA ARG L 116 49.29 -8.14 -19.71
C ARG L 116 50.41 -9.15 -19.89
N VAL L 117 51.20 -8.95 -20.96
CA VAL L 117 52.25 -9.89 -21.25
C VAL L 117 53.22 -9.95 -20.07
N ARG L 118 54.03 -11.01 -20.04
CA ARG L 118 54.98 -11.23 -18.96
C ARG L 118 56.31 -10.60 -19.33
N LYS L 119 56.94 -9.96 -18.35
CA LYS L 119 58.21 -9.28 -18.54
C LYS L 119 59.15 -9.68 -17.41
N SER L 120 60.43 -9.37 -17.59
CA SER L 120 61.46 -9.68 -16.61
C SER L 120 61.83 -8.43 -15.82
N LEU L 121 62.27 -8.65 -14.58
CA LEU L 121 62.74 -7.54 -13.75
C LEU L 121 63.43 -8.06 -12.50
N LYS L 122 64.69 -7.66 -12.30
CA LYS L 122 65.46 -7.96 -11.10
C LYS L 122 65.38 -9.45 -10.75
N LYS L 123 65.90 -10.27 -11.67
CA LYS L 123 66.02 -11.70 -11.40
C LYS L 123 67.07 -11.91 -10.31
N GLY L 124 66.72 -12.73 -9.32
CA GLY L 124 67.63 -13.02 -8.23
C GLY L 124 67.61 -12.01 -7.10
N TYR L 125 66.82 -10.95 -7.21
CA TYR L 125 66.74 -9.96 -6.15
C TYR L 125 66.10 -10.56 -4.90
N THR L 126 66.19 -9.82 -3.80
CA THR L 126 65.59 -10.22 -2.54
C THR L 126 65.06 -8.96 -1.86
N VAL L 127 63.74 -8.89 -1.70
CA VAL L 127 63.09 -7.69 -1.17
C VAL L 127 63.24 -7.65 0.34
N GLY L 128 63.47 -6.46 0.88
CA GLY L 128 63.64 -6.31 2.31
C GLY L 128 62.34 -6.55 3.07
N ALA L 129 62.48 -7.04 4.29
CA ALA L 129 61.34 -7.39 5.12
C ALA L 129 60.89 -6.25 6.02
N GLU L 130 61.82 -5.49 6.59
CA GLU L 130 61.48 -4.37 7.46
C GLU L 130 61.18 -3.16 6.60
N ALA L 131 59.93 -3.07 6.15
CA ALA L 131 59.53 -2.07 5.18
C ALA L 131 58.51 -1.11 5.79
N SER L 132 58.25 -0.02 5.06
CA SER L 132 57.22 0.94 5.39
C SER L 132 56.30 1.10 4.19
N ILE L 133 55.03 0.75 4.36
CA ILE L 133 54.05 0.73 3.28
C ILE L 133 53.11 1.91 3.47
N ILE L 134 52.96 2.72 2.43
CA ILE L 134 52.21 3.97 2.50
C ILE L 134 51.26 4.05 1.32
N LEU L 135 50.05 4.57 1.58
CA LEU L 135 49.03 4.77 0.57
C LEU L 135 48.69 6.25 0.49
N GLY L 136 48.60 6.78 -0.75
CA GLY L 136 48.25 8.16 -0.97
C GLY L 136 49.42 9.10 -1.15
N GLN L 137 50.65 8.62 -1.00
CA GLN L 137 51.83 9.45 -1.16
C GLN L 137 52.96 8.59 -1.69
N GLU L 138 53.96 9.25 -2.29
CA GLU L 138 55.16 8.58 -2.77
C GLU L 138 56.29 8.82 -1.77
N GLN L 139 56.98 7.76 -1.40
CA GLN L 139 58.03 7.83 -0.39
C GLN L 139 59.39 8.07 -1.05
N ASP L 140 60.11 9.07 -0.55
CA ASP L 140 61.52 9.27 -0.89
C ASP L 140 62.46 8.80 0.20
N SER L 141 61.95 8.59 1.41
CA SER L 141 62.72 8.06 2.53
C SER L 141 61.80 7.17 3.35
N PHE L 142 62.38 6.49 4.33
CA PHE L 142 61.61 5.60 5.18
C PHE L 142 60.43 6.34 5.78
N GLY L 143 59.25 6.15 5.21
CA GLY L 143 58.03 6.74 5.76
C GLY L 143 57.99 8.25 5.74
N GLY L 144 58.68 8.88 4.80
CA GLY L 144 58.69 10.34 4.77
C GLY L 144 59.12 10.89 3.43
N ASN L 145 59.23 12.21 3.38
CA ASN L 145 59.63 12.96 2.18
C ASN L 145 58.64 12.71 1.04
N PHE L 146 57.45 13.28 1.22
CA PHE L 146 56.36 13.15 0.24
C PHE L 146 56.38 14.33 -0.71
N GLU L 147 56.10 14.05 -1.99
CA GLU L 147 55.90 15.09 -2.99
C GLU L 147 54.41 15.23 -3.27
N GLY L 148 53.91 16.46 -3.17
CA GLY L 148 52.48 16.68 -3.36
C GLY L 148 52.02 16.44 -4.78
N SER L 149 52.89 16.65 -5.76
CA SER L 149 52.51 16.41 -7.15
C SER L 149 52.44 14.92 -7.48
N GLN L 150 52.87 14.06 -6.57
CA GLN L 150 52.71 12.62 -6.71
C GLN L 150 51.59 12.08 -5.82
N SER L 151 50.82 12.97 -5.20
CA SER L 151 49.71 12.56 -4.35
C SER L 151 48.67 11.81 -5.17
N LEU L 152 47.91 10.95 -4.48
CA LEU L 152 46.75 10.30 -5.07
C LEU L 152 45.49 10.99 -4.53
N VAL L 153 44.65 11.46 -5.45
CA VAL L 153 43.40 12.13 -5.11
C VAL L 153 42.27 11.28 -5.66
N GLY L 154 41.57 10.59 -4.77
CA GLY L 154 40.46 9.74 -5.15
C GLY L 154 40.30 8.61 -4.15
N ASP L 155 39.80 7.49 -4.65
CA ASP L 155 39.49 6.32 -3.84
C ASP L 155 40.53 5.23 -4.06
N ILE L 156 40.86 4.52 -2.99
CA ILE L 156 41.70 3.34 -3.05
C ILE L 156 41.24 2.37 -1.98
N GLY L 157 41.24 1.09 -2.29
CA GLY L 157 40.82 0.10 -1.31
C GLY L 157 41.04 -1.31 -1.80
N ASN L 158 40.63 -2.26 -0.97
CA ASN L 158 40.70 -3.68 -1.29
C ASN L 158 42.13 -4.14 -1.52
N VAL L 159 43.09 -3.50 -0.86
CA VAL L 159 44.50 -3.84 -1.05
C VAL L 159 44.80 -5.14 -0.31
N ASN L 160 45.46 -6.07 -1.00
CA ASN L 160 45.81 -7.35 -0.42
C ASN L 160 47.15 -7.78 -0.99
N MET L 161 48.00 -8.37 -0.13
CA MET L 161 49.36 -8.74 -0.52
C MET L 161 49.65 -10.16 -0.06
N TRP L 162 50.21 -10.95 -0.96
CA TRP L 162 50.71 -12.28 -0.65
C TRP L 162 52.24 -12.28 -0.69
N ASP L 163 52.82 -13.41 -0.30
CA ASP L 163 54.27 -13.60 -0.40
C ASP L 163 54.64 -14.68 -1.41
N PHE L 164 53.73 -15.05 -2.29
CA PHE L 164 54.00 -15.97 -3.38
C PHE L 164 53.29 -15.44 -4.62
N VAL L 165 53.33 -16.22 -5.70
CA VAL L 165 52.79 -15.81 -6.99
C VAL L 165 51.43 -16.48 -7.18
N LEU L 166 50.41 -15.68 -7.47
CA LEU L 166 49.07 -16.19 -7.66
C LEU L 166 48.88 -16.65 -9.10
N SER L 167 48.21 -17.79 -9.25
CA SER L 167 47.96 -18.36 -10.57
C SER L 167 46.79 -17.65 -11.24
N PRO L 168 46.67 -17.77 -12.57
CA PRO L 168 45.50 -17.20 -13.25
C PRO L 168 44.18 -17.53 -12.59
N ASP L 169 43.97 -18.78 -12.20
CA ASP L 169 42.71 -19.16 -11.56
C ASP L 169 42.52 -18.39 -10.26
N GLU L 170 43.59 -18.19 -9.50
CA GLU L 170 43.46 -17.47 -8.24
C GLU L 170 43.15 -15.99 -8.47
N ILE L 171 43.91 -15.34 -9.36
CA ILE L 171 43.66 -13.93 -9.65
C ILE L 171 42.21 -13.69 -10.04
N ASN L 172 41.63 -14.63 -10.80
CA ASN L 172 40.24 -14.46 -11.22
C ASN L 172 39.31 -14.33 -10.03
N THR L 173 39.41 -15.25 -9.07
CA THR L 173 38.51 -15.20 -7.91
C THR L 173 38.71 -13.93 -7.11
N ILE L 174 39.95 -13.44 -7.03
CA ILE L 174 40.20 -12.18 -6.31
C ILE L 174 39.47 -11.04 -7.01
N TYR L 175 39.45 -11.05 -8.34
CA TYR L 175 38.78 -9.99 -9.07
C TYR L 175 37.28 -10.00 -8.78
N LEU L 176 36.66 -11.19 -8.78
CA LEU L 176 35.23 -11.28 -8.58
C LEU L 176 34.79 -11.06 -7.14
N GLY L 177 35.70 -11.15 -6.18
CA GLY L 177 35.33 -10.94 -4.79
C GLY L 177 35.20 -12.24 -4.05
N GLY L 178 36.02 -13.22 -4.39
CA GLY L 178 35.91 -14.54 -3.86
C GLY L 178 36.70 -14.70 -2.58
N PRO L 179 36.60 -15.88 -1.98
CA PRO L 179 37.23 -16.08 -0.67
C PRO L 179 38.73 -16.21 -0.79
N PHE L 180 39.42 -15.08 -0.83
CA PHE L 180 40.88 -15.05 -0.91
C PHE L 180 41.48 -14.88 0.48
N SER L 181 42.65 -15.48 0.68
CA SER L 181 43.37 -15.45 1.96
C SER L 181 44.76 -14.87 1.80
N PRO L 182 44.94 -13.58 2.03
CA PRO L 182 46.31 -13.02 2.05
C PRO L 182 47.10 -13.49 3.25
N ASN L 183 48.42 -13.47 3.11
CA ASN L 183 49.32 -13.86 4.19
C ASN L 183 50.34 -12.78 4.52
N VAL L 184 50.17 -11.56 4.02
CA VAL L 184 51.02 -10.44 4.40
C VAL L 184 50.13 -9.26 4.78
N LEU L 185 49.32 -8.79 3.83
CA LEU L 185 48.37 -7.73 4.06
C LEU L 185 46.97 -8.24 3.74
N ASN L 186 46.04 -8.03 4.66
CA ASN L 186 44.67 -8.54 4.55
C ASN L 186 43.69 -7.41 4.78
N TRP L 187 42.87 -7.12 3.77
CA TRP L 187 41.87 -6.06 3.91
C TRP L 187 40.92 -6.34 5.07
N ARG L 188 40.55 -7.60 5.27
CA ARG L 188 39.61 -7.95 6.35
C ARG L 188 40.26 -7.99 7.72
N ALA L 189 41.56 -7.73 7.82
CA ALA L 189 42.26 -7.72 9.10
C ALA L 189 43.46 -6.79 8.95
N LEU L 190 43.18 -5.52 8.70
CA LEU L 190 44.20 -4.54 8.35
C LEU L 190 44.71 -3.82 9.59
N LYS L 191 46.02 -3.82 9.77
CA LYS L 191 46.70 -3.00 10.76
C LYS L 191 47.29 -1.81 10.01
N TYR L 192 46.66 -0.64 10.15
CA TYR L 192 47.02 0.55 9.38
C TYR L 192 47.15 1.74 10.31
N GLU L 193 47.52 2.88 9.73
CA GLU L 193 47.76 4.12 10.48
C GLU L 193 47.36 5.31 9.62
N VAL L 194 46.40 6.09 10.10
CA VAL L 194 45.88 7.23 9.36
C VAL L 194 46.61 8.48 9.79
N GLN L 195 46.80 9.40 8.85
CA GLN L 195 47.41 10.70 9.14
C GLN L 195 46.91 11.71 8.14
N GLY L 196 46.47 12.87 8.62
CA GLY L 196 46.04 13.94 7.75
C GLY L 196 44.57 13.83 7.37
N GLU L 197 44.24 14.46 6.24
CA GLU L 197 42.86 14.53 5.75
C GLU L 197 42.57 13.30 4.90
N VAL L 198 42.17 12.22 5.56
CA VAL L 198 41.74 10.99 4.89
C VAL L 198 40.55 10.44 5.66
N PHE L 199 39.63 9.82 4.93
CA PHE L 199 38.36 9.38 5.48
C PHE L 199 38.08 7.94 5.05
N THR L 200 37.19 7.29 5.79
CA THR L 200 36.78 5.91 5.51
C THR L 200 35.29 5.91 5.18
N LYS L 201 34.97 5.55 3.95
CA LYS L 201 33.61 5.55 3.45
C LYS L 201 33.36 4.27 2.66
N PRO L 202 32.10 3.92 2.42
CA PRO L 202 31.81 2.72 1.63
C PRO L 202 32.42 2.82 0.24
N GLN L 203 32.86 1.67 -0.27
CA GLN L 203 33.52 1.65 -1.57
C GLN L 203 32.51 1.89 -2.68
N LEU L 204 32.98 2.48 -3.78
CA LEU L 204 32.11 2.87 -4.88
C LEU L 204 31.93 1.76 -5.89
N TRP L 205 32.94 0.93 -6.09
CA TRP L 205 32.86 -0.21 -6.97
C TRP L 205 32.12 -1.35 -6.29
N PRO L 206 31.61 -2.33 -7.05
CA PRO L 206 30.96 -3.48 -6.42
C PRO L 206 31.97 -4.41 -5.74
N GLN M 1 0.16 18.51 -0.79
CA GLN M 1 0.73 17.17 -1.12
C GLN M 1 0.21 16.68 -2.48
N THR M 2 1.12 16.33 -3.38
CA THR M 2 0.75 15.80 -4.68
C THR M 2 1.63 14.62 -5.04
N ASP M 3 1.03 13.52 -5.46
CA ASP M 3 1.76 12.37 -5.98
C ASP M 3 2.06 12.64 -7.45
N MET M 4 3.33 12.84 -7.79
CA MET M 4 3.74 13.18 -9.14
C MET M 4 4.38 12.02 -9.88
N SER M 5 4.09 10.78 -9.46
CA SER M 5 4.66 9.62 -10.12
C SER M 5 4.31 9.61 -11.61
N ARG M 6 5.31 9.30 -12.43
CA ARG M 6 5.23 9.15 -13.88
C ARG M 6 4.95 10.45 -14.62
N LYS M 7 4.88 11.57 -13.92
CA LYS M 7 4.69 12.87 -14.55
C LYS M 7 5.96 13.71 -14.39
N ALA M 8 6.08 14.74 -15.24
CA ALA M 8 7.29 15.54 -15.26
C ALA M 8 6.98 16.97 -15.66
N PHE M 9 7.79 17.90 -15.16
CA PHE M 9 7.69 19.30 -15.54
C PHE M 9 8.43 19.54 -16.85
N VAL M 10 7.79 20.29 -17.75
CA VAL M 10 8.35 20.59 -19.05
C VAL M 10 8.38 22.11 -19.24
N PHE M 11 9.55 22.64 -19.57
CA PHE M 11 9.71 24.05 -19.92
C PHE M 11 9.91 24.14 -21.43
N PRO M 12 8.86 24.38 -22.21
CA PRO M 12 8.98 24.21 -23.67
C PRO M 12 10.02 25.13 -24.30
N LYS M 13 9.96 26.44 -24.02
CA LYS M 13 10.81 27.41 -24.68
C LYS M 13 11.57 28.24 -23.65
N GLU M 14 12.68 28.81 -24.09
CA GLU M 14 13.46 29.70 -23.25
C GLU M 14 12.60 30.87 -22.79
N SER M 15 12.69 31.21 -21.51
CA SER M 15 11.89 32.29 -20.96
C SER M 15 12.58 32.84 -19.73
N ASP M 16 12.08 33.99 -19.27
CA ASP M 16 12.59 34.68 -18.10
C ASP M 16 11.69 34.54 -16.88
N THR M 17 10.45 34.04 -17.06
CA THR M 17 9.44 34.10 -16.02
C THR M 17 8.78 32.75 -15.75
N SER M 18 9.39 31.65 -16.20
CA SER M 18 8.85 30.31 -16.01
C SER M 18 9.69 29.56 -14.98
N TYR M 19 9.03 28.94 -14.00
CA TYR M 19 9.71 28.25 -12.93
C TYR M 19 8.67 27.61 -12.02
N VAL M 20 9.09 26.56 -11.32
CA VAL M 20 8.32 25.96 -10.24
C VAL M 20 9.12 26.09 -8.95
N SER M 21 8.42 26.35 -7.85
CA SER M 21 9.03 26.57 -6.54
C SER M 21 8.67 25.42 -5.62
N LEU M 22 9.68 24.66 -5.19
CA LEU M 22 9.48 23.55 -4.27
C LEU M 22 9.51 24.04 -2.82
N LYS M 23 8.58 23.52 -2.02
CA LYS M 23 8.43 23.92 -0.62
C LYS M 23 8.90 22.77 0.26
N ALA M 24 9.78 23.07 1.21
CA ALA M 24 10.42 22.05 2.02
C ALA M 24 10.13 22.28 3.51
N PRO M 25 9.78 21.21 4.26
CA PRO M 25 9.49 21.32 5.70
C PRO M 25 10.75 21.31 6.58
N LEU M 26 11.63 22.28 6.36
CA LEU M 26 12.91 22.32 7.06
C LEU M 26 12.82 23.06 8.38
N THR M 27 13.52 22.55 9.39
CA THR M 27 13.59 23.19 10.70
C THR M 27 15.01 23.27 11.24
N LYS M 28 15.84 22.23 11.00
CA LYS M 28 17.23 22.27 11.38
C LYS M 28 18.10 22.59 10.17
N PRO M 29 19.21 23.30 10.35
CA PRO M 29 20.14 23.45 9.23
C PRO M 29 20.74 22.10 8.86
N LEU M 30 21.11 21.96 7.59
CA LEU M 30 21.56 20.68 7.06
C LEU M 30 23.06 20.50 7.30
N LYS M 31 23.41 19.40 7.94
CA LYS M 31 24.80 18.98 8.08
C LYS M 31 25.24 18.03 6.97
N ALA M 32 24.33 17.67 6.07
CA ALA M 32 24.58 16.78 4.95
C ALA M 32 23.26 16.59 4.21
N PHE M 33 23.35 16.18 2.95
CA PHE M 33 22.13 15.96 2.15
C PHE M 33 22.48 15.10 0.94
N THR M 34 21.44 14.78 0.18
CA THR M 34 21.57 14.04 -1.08
C THR M 34 20.42 14.45 -1.97
N VAL M 35 20.73 14.79 -3.23
CA VAL M 35 19.74 15.28 -4.18
C VAL M 35 19.80 14.41 -5.43
N CYS M 36 18.64 13.97 -5.91
CA CYS M 36 18.55 13.14 -7.10
C CYS M 36 17.44 13.68 -8.00
N LEU M 37 17.62 13.52 -9.31
CA LEU M 37 16.63 14.01 -10.26
C LEU M 37 16.93 13.50 -11.66
N HIS M 38 15.93 13.61 -12.53
CA HIS M 38 16.04 13.34 -13.95
C HIS M 38 15.89 14.65 -14.73
N PHE M 39 16.52 14.70 -15.91
CA PHE M 39 16.30 15.82 -16.80
C PHE M 39 16.79 15.47 -18.20
N TYR M 40 16.29 16.22 -19.17
CA TYR M 40 16.54 15.93 -20.59
C TYR M 40 16.47 17.24 -21.37
N THR M 41 17.57 17.59 -22.04
CA THR M 41 17.63 18.80 -22.84
C THR M 41 18.78 18.71 -23.83
N GLU M 42 18.66 19.44 -24.93
CA GLU M 42 19.72 19.54 -25.91
C GLU M 42 20.62 20.75 -25.67
N LEU M 43 20.28 21.60 -24.69
CA LEU M 43 21.04 22.83 -24.48
C LEU M 43 22.51 22.56 -24.20
N SER M 44 22.84 21.37 -23.70
CA SER M 44 24.19 21.11 -23.20
C SER M 44 25.26 21.45 -24.23
N SER M 45 24.92 21.50 -25.52
CA SER M 45 25.88 21.83 -26.56
C SER M 45 25.85 23.30 -26.98
N THR M 46 24.81 24.03 -26.59
CA THR M 46 24.65 25.44 -26.97
C THR M 46 25.10 26.41 -25.88
N ARG M 47 24.63 26.22 -24.65
CA ARG M 47 24.97 27.09 -23.55
C ARG M 47 24.89 26.29 -22.25
N GLY M 48 24.95 26.98 -21.12
CA GLY M 48 24.76 26.38 -19.82
C GLY M 48 23.38 26.70 -19.27
N TYR M 49 23.02 25.99 -18.20
CA TYR M 49 21.70 26.14 -17.61
C TYR M 49 21.75 25.72 -16.15
N SER M 50 20.76 26.18 -15.39
CA SER M 50 20.61 25.81 -13.98
C SER M 50 19.76 24.54 -13.89
N ILE M 51 20.23 23.59 -13.10
CA ILE M 51 19.55 22.31 -12.93
C ILE M 51 18.76 22.27 -11.62
N PHE M 52 19.31 22.85 -10.56
CA PHE M 52 18.69 22.78 -9.23
C PHE M 52 19.22 23.95 -8.42
N SER M 53 18.34 24.91 -8.11
CA SER M 53 18.74 26.15 -7.45
C SER M 53 18.15 26.16 -6.04
N TYR M 54 19.03 26.13 -5.05
CA TYR M 54 18.68 26.12 -3.63
C TYR M 54 19.33 27.34 -2.99
N ALA M 55 18.52 28.34 -2.64
CA ALA M 55 19.02 29.63 -2.21
C ALA M 55 18.58 29.95 -0.79
N THR M 56 19.37 30.80 -0.13
CA THR M 56 19.08 31.32 1.20
C THR M 56 19.16 32.84 1.13
N LYS M 57 18.58 33.50 2.14
CA LYS M 57 18.58 34.96 2.14
C LYS M 57 20.01 35.51 2.09
N ARG M 58 20.96 34.81 2.70
CA ARG M 58 22.34 35.25 2.77
C ARG M 58 23.22 34.67 1.67
N GLN M 59 22.77 33.66 0.94
CA GLN M 59 23.61 32.98 -0.05
C GLN M 59 22.76 32.54 -1.23
N ASP M 60 22.97 33.19 -2.38
CA ASP M 60 22.22 32.86 -3.58
C ASP M 60 22.59 31.51 -4.17
N ASN M 61 23.70 30.92 -3.75
CA ASN M 61 24.17 29.62 -4.23
C ASN M 61 24.43 28.69 -3.05
N GLU M 62 23.44 28.54 -2.17
CA GLU M 62 23.62 27.68 -1.01
C GLU M 62 23.95 26.26 -1.45
N ILE M 63 23.22 25.74 -2.42
CA ILE M 63 23.63 24.55 -3.15
C ILE M 63 23.02 24.61 -4.55
N LEU M 64 23.87 24.54 -5.57
CA LEU M 64 23.46 24.73 -6.95
C LEU M 64 24.11 23.64 -7.80
N ILE M 65 23.30 23.00 -8.64
CA ILE M 65 23.78 22.05 -9.64
C ILE M 65 23.62 22.71 -11.00
N PHE M 66 24.72 22.81 -11.75
CA PHE M 66 24.77 23.62 -12.95
C PHE M 66 25.58 22.91 -14.02
N TRP M 67 25.13 23.05 -15.27
CA TRP M 67 25.87 22.55 -16.43
C TRP M 67 26.52 23.74 -17.14
N SER M 68 27.85 23.77 -17.15
CA SER M 68 28.60 24.78 -17.86
C SER M 68 29.07 24.21 -19.18
N LYS M 69 28.67 24.85 -20.29
CA LYS M 69 29.02 24.35 -21.60
C LYS M 69 30.52 24.13 -21.71
N ASP M 70 30.91 23.07 -22.41
CA ASP M 70 32.28 22.74 -22.77
C ASP M 70 33.13 22.35 -21.57
N ILE M 71 32.59 22.41 -20.35
CA ILE M 71 33.32 22.08 -19.14
C ILE M 71 32.75 20.83 -18.48
N GLY M 72 31.45 20.83 -18.20
CA GLY M 72 30.81 19.71 -17.56
C GLY M 72 29.83 20.12 -16.48
N TYR M 73 29.75 19.32 -15.42
CA TYR M 73 28.83 19.58 -14.33
C TYR M 73 29.51 20.47 -13.29
N SER M 74 28.78 21.48 -12.82
CA SER M 74 29.27 22.39 -11.79
C SER M 74 28.42 22.17 -10.53
N PHE M 75 29.10 21.88 -9.42
CA PHE M 75 28.45 21.55 -8.16
C PHE M 75 29.03 22.46 -7.09
N THR M 76 28.21 23.39 -6.59
CA THR M 76 28.65 24.38 -5.62
C THR M 76 27.70 24.40 -4.44
N VAL M 77 28.26 24.32 -3.23
CA VAL M 77 27.51 24.46 -1.99
C VAL M 77 28.15 25.57 -1.17
N GLY M 78 27.33 26.48 -0.68
CA GLY M 78 27.83 27.58 0.12
C GLY M 78 28.71 28.56 -0.63
N GLY M 79 28.53 28.67 -1.95
CA GLY M 79 29.28 29.62 -2.75
C GLY M 79 30.57 29.10 -3.33
N SER M 80 31.07 27.95 -2.87
CA SER M 80 32.31 27.37 -3.37
C SER M 80 31.98 26.28 -4.38
N GLU M 81 32.68 26.31 -5.51
CA GLU M 81 32.36 25.47 -6.65
C GLU M 81 33.35 24.31 -6.78
N ILE M 82 32.83 23.19 -7.28
CA ILE M 82 33.65 22.04 -7.67
C ILE M 82 33.11 21.54 -9.01
N LEU M 83 34.01 21.01 -9.83
CA LEU M 83 33.67 20.62 -11.19
C LEU M 83 33.86 19.12 -11.38
N PHE M 84 32.97 18.53 -12.18
CA PHE M 84 33.10 17.15 -12.65
C PHE M 84 33.16 17.21 -14.18
N GLU M 85 34.35 17.14 -14.74
CA GLU M 85 34.53 17.35 -16.17
C GLU M 85 33.80 16.28 -16.97
N VAL M 86 33.28 16.69 -18.13
CA VAL M 86 32.62 15.77 -19.05
C VAL M 86 33.05 16.17 -20.46
N PRO M 87 33.82 15.33 -21.17
CA PRO M 87 34.27 15.72 -22.51
C PRO M 87 33.23 15.43 -23.58
N GLU M 88 32.78 14.17 -23.64
CA GLU M 88 31.76 13.77 -24.59
C GLU M 88 30.39 14.00 -23.98
N VAL M 89 29.52 14.67 -24.73
CA VAL M 89 28.16 14.98 -24.30
C VAL M 89 27.20 14.41 -25.33
N THR M 90 26.36 13.48 -24.91
CA THR M 90 25.35 12.88 -25.77
C THR M 90 23.97 13.28 -25.26
N VAL M 91 23.10 13.67 -26.18
CA VAL M 91 21.78 14.17 -25.81
C VAL M 91 20.89 12.96 -25.52
N ALA M 92 20.47 12.83 -24.26
CA ALA M 92 19.56 11.78 -23.83
C ALA M 92 19.15 12.08 -22.39
N PRO M 93 18.08 11.45 -21.91
CA PRO M 93 17.75 11.59 -20.49
C PRO M 93 18.92 11.16 -19.62
N VAL M 94 19.09 11.85 -18.49
CA VAL M 94 20.19 11.60 -17.58
C VAL M 94 19.67 11.67 -16.15
N HIS M 95 20.24 10.85 -15.29
CA HIS M 95 19.88 10.78 -13.88
C HIS M 95 21.11 11.11 -13.05
N ILE M 96 21.02 12.13 -12.22
CA ILE M 96 22.14 12.56 -11.38
C ILE M 96 21.73 12.42 -9.92
N CYS M 97 22.67 11.96 -9.10
CA CYS M 97 22.55 11.97 -7.65
C CYS M 97 23.82 12.59 -7.10
N THR M 98 23.69 13.48 -6.12
CA THR M 98 24.83 14.16 -5.54
C THR M 98 24.61 14.36 -4.05
N SER M 99 25.67 14.12 -3.28
CA SER M 99 25.61 14.19 -1.83
C SER M 99 26.80 14.97 -1.30
N TRP M 100 26.63 15.55 -0.12
CA TRP M 100 27.65 16.33 0.55
C TRP M 100 27.59 16.07 2.04
N GLU M 101 28.75 16.04 2.69
CA GLU M 101 28.82 15.85 4.14
C GLU M 101 29.72 16.92 4.73
N SER M 102 29.27 17.52 5.83
CA SER M 102 30.02 18.61 6.47
C SER M 102 31.23 18.08 7.23
N ALA M 103 31.04 17.06 8.06
CA ALA M 103 32.11 16.59 8.92
C ALA M 103 33.37 16.26 8.12
N SER M 104 33.22 15.90 6.85
CA SER M 104 34.33 15.50 6.00
C SER M 104 34.50 16.36 4.77
N GLY M 105 33.48 17.12 4.37
CA GLY M 105 33.53 17.88 3.14
C GLY M 105 33.44 17.06 1.87
N ILE M 106 33.31 15.74 1.99
CA ILE M 106 33.30 14.88 0.81
C ILE M 106 32.02 15.11 0.02
N VAL M 107 32.16 15.22 -1.31
CA VAL M 107 31.03 15.30 -2.22
C VAL M 107 31.12 14.15 -3.20
N GLU M 108 30.01 13.45 -3.38
CA GLU M 108 29.88 12.39 -4.37
C GLU M 108 28.96 12.85 -5.49
N PHE M 109 29.25 12.42 -6.72
CA PHE M 109 28.42 12.77 -7.87
C PHE M 109 28.20 11.52 -8.71
N TRP M 110 26.96 11.07 -8.78
CA TRP M 110 26.57 9.89 -9.54
C TRP M 110 25.85 10.31 -10.83
N VAL M 111 26.26 9.72 -11.95
CA VAL M 111 25.63 9.96 -13.25
C VAL M 111 25.16 8.62 -13.80
N ASP M 112 23.85 8.51 -14.04
CA ASP M 112 23.24 7.29 -14.55
C ASP M 112 23.68 6.07 -13.74
N GLY M 113 23.65 6.23 -12.42
CA GLY M 113 23.96 5.12 -11.53
C GLY M 113 25.42 4.76 -11.42
N LYS M 114 26.31 5.52 -12.05
CA LYS M 114 27.74 5.25 -11.99
C LYS M 114 28.45 6.40 -11.29
N PRO M 115 29.29 6.14 -10.29
CA PRO M 115 29.82 7.23 -9.47
C PRO M 115 31.07 7.88 -10.04
N ARG M 116 31.17 9.18 -9.83
CA ARG M 116 32.42 9.91 -10.08
C ARG M 116 33.26 9.95 -8.81
N VAL M 117 34.55 10.27 -8.99
CA VAL M 117 35.46 10.27 -7.86
C VAL M 117 34.98 11.27 -6.80
N ARG M 118 35.54 11.12 -5.60
CA ARG M 118 35.14 11.95 -4.46
C ARG M 118 36.06 13.16 -4.35
N LYS M 119 35.47 14.31 -4.04
CA LYS M 119 36.17 15.58 -3.91
C LYS M 119 35.73 16.26 -2.63
N SER M 120 36.46 17.31 -2.24
CA SER M 120 36.17 18.07 -1.03
C SER M 120 35.46 19.37 -1.38
N LEU M 121 34.65 19.85 -0.44
CA LEU M 121 33.96 21.12 -0.60
C LEU M 121 33.34 21.57 0.71
N LYS M 122 33.75 22.75 1.19
CA LYS M 122 33.16 23.38 2.37
C LYS M 122 33.04 22.41 3.54
N LYS M 123 34.20 21.94 4.01
CA LYS M 123 34.24 21.12 5.21
C LYS M 123 33.86 21.96 6.42
N GLY M 124 32.96 21.44 7.24
CA GLY M 124 32.50 22.13 8.43
C GLY M 124 31.38 23.11 8.20
N TYR M 125 30.95 23.30 6.97
CA TYR M 125 29.86 24.23 6.66
C TYR M 125 28.54 23.71 7.25
N THR M 126 27.54 24.60 7.23
CA THR M 126 26.20 24.28 7.70
C THR M 126 25.21 24.98 6.78
N VAL M 127 24.41 24.19 6.07
CA VAL M 127 23.50 24.73 5.06
C VAL M 127 22.27 25.29 5.75
N GLY M 128 21.78 26.42 5.23
CA GLY M 128 20.62 27.05 5.81
C GLY M 128 19.34 26.25 5.60
N ALA M 129 18.42 26.40 6.55
CA ALA M 129 17.16 25.65 6.53
C ALA M 129 16.04 26.43 5.84
N GLU M 130 15.99 27.75 6.03
CA GLU M 130 14.97 28.59 5.43
C GLU M 130 15.42 28.94 4.01
N ALA M 131 15.11 28.05 3.08
CA ALA M 131 15.61 28.14 1.71
C ALA M 131 14.46 28.34 0.73
N SER M 132 14.82 28.67 -0.50
CA SER M 132 13.88 28.75 -1.62
C SER M 132 14.42 27.87 -2.73
N ILE M 133 13.67 26.84 -3.10
CA ILE M 133 14.10 25.85 -4.08
C ILE M 133 13.31 26.09 -5.36
N ILE M 134 14.04 26.27 -6.47
CA ILE M 134 13.45 26.65 -7.75
C ILE M 134 14.01 25.75 -8.83
N LEU M 135 13.15 25.36 -9.77
CA LEU M 135 13.50 24.54 -10.91
C LEU M 135 13.22 25.30 -12.20
N GLY M 136 14.17 25.24 -13.13
CA GLY M 136 14.01 25.89 -14.42
C GLY M 136 14.62 27.26 -14.53
N GLN M 137 15.14 27.81 -13.43
CA GLN M 137 15.75 29.14 -13.45
C GLN M 137 16.87 29.16 -12.42
N GLU M 138 17.79 30.11 -12.59
CA GLU M 138 18.88 30.31 -11.65
C GLU M 138 18.57 31.51 -10.77
N GLN M 139 18.73 31.33 -9.46
CA GLN M 139 18.41 32.37 -8.49
C GLN M 139 19.63 33.24 -8.20
N ASP M 140 19.43 34.56 -8.27
CA ASP M 140 20.42 35.51 -7.79
C ASP M 140 20.03 36.13 -6.46
N SER M 141 18.76 36.01 -6.07
CA SER M 141 18.28 36.49 -4.78
C SER M 141 17.20 35.51 -4.31
N PHE M 142 16.72 35.73 -3.10
CA PHE M 142 15.71 34.83 -2.54
C PHE M 142 14.51 34.71 -3.47
N GLY M 143 14.45 33.61 -4.22
CA GLY M 143 13.32 33.33 -5.08
C GLY M 143 13.10 34.31 -6.21
N GLY M 144 14.16 34.96 -6.69
CA GLY M 144 14.00 35.95 -7.73
C GLY M 144 15.31 36.25 -8.44
N ASN M 145 15.23 37.24 -9.33
CA ASN M 145 16.37 37.70 -10.12
C ASN M 145 16.91 36.56 -10.99
N PHE M 146 16.11 36.23 -12.00
CA PHE M 146 16.43 35.16 -12.94
C PHE M 146 17.13 35.72 -14.17
N GLU M 147 18.10 34.96 -14.68
CA GLU M 147 18.76 35.26 -15.94
C GLU M 147 18.20 34.34 -17.02
N GLY M 148 17.74 34.93 -18.13
CA GLY M 148 17.16 34.13 -19.19
C GLY M 148 18.15 33.23 -19.90
N SER M 149 19.41 33.65 -19.97
CA SER M 149 20.45 32.83 -20.61
C SER M 149 20.86 31.65 -19.75
N GLN M 150 20.38 31.56 -18.51
CA GLN M 150 20.58 30.41 -17.65
C GLN M 150 19.34 29.54 -17.54
N SER M 151 18.31 29.81 -18.35
CA SER M 151 17.09 29.04 -18.30
C SER M 151 17.36 27.58 -18.64
N LEU M 152 16.52 26.70 -18.12
CA LEU M 152 16.52 25.30 -18.51
C LEU M 152 15.34 25.05 -19.45
N VAL M 153 15.62 24.55 -20.64
CA VAL M 153 14.61 24.28 -21.66
C VAL M 153 14.59 22.78 -21.90
N GLY M 154 13.56 22.12 -21.42
CA GLY M 154 13.40 20.69 -21.60
C GLY M 154 12.57 20.10 -20.47
N ASP M 155 12.87 18.85 -20.15
CA ASP M 155 12.12 18.09 -19.16
C ASP M 155 12.94 17.97 -17.87
N ILE M 156 12.24 18.01 -16.74
CA ILE M 156 12.85 17.75 -15.44
C ILE M 156 11.79 17.10 -14.56
N GLY M 157 12.22 16.13 -13.74
CA GLY M 157 11.30 15.45 -12.84
C GLY M 157 12.04 14.52 -11.92
N ASN M 158 11.27 13.80 -11.11
CA ASN M 158 11.80 12.78 -10.21
C ASN M 158 12.79 13.36 -9.19
N VAL M 159 12.59 14.61 -8.78
CA VAL M 159 13.50 15.26 -7.85
C VAL M 159 13.21 14.76 -6.44
N ASN M 160 14.27 14.38 -5.71
CA ASN M 160 14.13 13.89 -4.35
C ASN M 160 15.34 14.31 -3.54
N MET M 161 15.12 14.69 -2.28
CA MET M 161 16.18 15.20 -1.42
C MET M 161 16.11 14.54 -0.05
N TRP M 162 17.27 14.12 0.46
CA TRP M 162 17.42 13.61 1.81
C TRP M 162 18.21 14.60 2.65
N ASP M 163 18.33 14.29 3.96
CA ASP M 163 19.15 15.09 4.86
C ASP M 163 20.35 14.30 5.38
N PHE M 164 20.68 13.18 4.73
CA PHE M 164 21.89 12.42 5.04
C PHE M 164 22.51 11.96 3.73
N VAL M 165 23.54 11.13 3.82
CA VAL M 165 24.28 10.67 2.66
C VAL M 165 23.83 9.25 2.35
N LEU M 166 23.45 9.02 1.09
CA LEU M 166 22.98 7.72 0.65
C LEU M 166 24.15 6.82 0.31
N SER M 167 24.05 5.56 0.69
CA SER M 167 25.08 4.58 0.40
C SER M 167 25.01 4.15 -1.06
N PRO M 168 26.10 3.58 -1.58
CA PRO M 168 26.04 3.03 -2.95
C PRO M 168 24.81 2.17 -3.19
N ASP M 169 24.48 1.27 -2.26
CA ASP M 169 23.32 0.40 -2.44
C ASP M 169 22.04 1.20 -2.52
N GLU M 170 21.91 2.27 -1.72
CA GLU M 170 20.69 3.07 -1.76
C GLU M 170 20.59 3.83 -3.09
N ILE M 171 21.67 4.47 -3.51
CA ILE M 171 21.67 5.15 -4.80
C ILE M 171 21.28 4.19 -5.91
N ASN M 172 21.76 2.94 -5.83
CA ASN M 172 21.45 1.95 -6.86
C ASN M 172 19.95 1.75 -6.99
N THR M 173 19.28 1.48 -5.86
CA THR M 173 17.83 1.27 -5.91
C THR M 173 17.11 2.51 -6.42
N ILE M 174 17.60 3.69 -6.04
CA ILE M 174 17.00 4.93 -6.52
C ILE M 174 17.15 5.03 -8.03
N TYR M 175 18.32 4.65 -8.56
CA TYR M 175 18.51 4.70 -10.00
C TYR M 175 17.55 3.71 -10.68
N LEU M 176 17.50 2.49 -10.16
CA LEU M 176 16.66 1.43 -10.71
C LEU M 176 15.21 1.50 -10.18
N GLY M 177 14.58 2.67 -10.28
CA GLY M 177 13.19 2.83 -9.90
C GLY M 177 12.77 2.11 -8.63
N GLY M 178 13.65 2.08 -7.64
CA GLY M 178 13.45 1.30 -6.43
C GLY M 178 12.77 2.04 -5.30
N PRO M 179 12.49 1.34 -4.20
CA PRO M 179 11.76 1.93 -3.08
C PRO M 179 12.67 2.78 -2.21
N PHE M 180 12.41 4.09 -2.18
CA PHE M 180 13.20 5.01 -1.38
C PHE M 180 12.27 5.95 -0.62
N SER M 181 12.72 6.41 0.55
CA SER M 181 11.95 7.28 1.42
C SER M 181 12.67 8.61 1.63
N PRO M 182 12.35 9.64 0.85
CA PRO M 182 12.91 10.96 1.14
C PRO M 182 12.26 11.56 2.39
N ASN M 183 13.02 12.44 3.06
CA ASN M 183 12.52 13.14 4.24
C ASN M 183 12.68 14.65 4.12
N VAL M 184 12.96 15.16 2.92
CA VAL M 184 13.03 16.61 2.68
C VAL M 184 12.13 16.93 1.48
N LEU M 185 12.45 16.35 0.33
CA LEU M 185 11.65 16.49 -0.88
C LEU M 185 11.24 15.10 -1.36
N ASN M 186 9.95 14.92 -1.64
CA ASN M 186 9.41 13.63 -2.06
C ASN M 186 8.55 13.84 -3.30
N TRP M 187 8.96 13.23 -4.41
CA TRP M 187 8.17 13.34 -5.63
C TRP M 187 6.76 12.81 -5.44
N ARG M 188 6.60 11.75 -4.65
CA ARG M 188 5.29 11.15 -4.43
C ARG M 188 4.43 11.94 -3.45
N ALA M 189 4.93 13.04 -2.91
CA ALA M 189 4.19 13.88 -1.98
C ALA M 189 4.77 15.30 -2.08
N LEU M 190 4.65 15.89 -3.26
CA LEU M 190 5.31 17.16 -3.56
C LEU M 190 4.38 18.34 -3.28
N LYS M 191 4.87 19.28 -2.48
CA LYS M 191 4.24 20.58 -2.31
C LYS M 191 5.04 21.57 -3.15
N TYR M 192 4.48 21.98 -4.29
CA TYR M 192 5.20 22.81 -5.25
C TYR M 192 4.34 24.01 -5.64
N GLU M 193 4.93 24.88 -6.46
CA GLU M 193 4.29 26.12 -6.87
C GLU M 193 4.75 26.46 -8.28
N VAL M 194 3.80 26.52 -9.21
CA VAL M 194 4.08 26.75 -10.62
C VAL M 194 3.94 28.23 -10.92
N GLN M 195 4.76 28.72 -11.85
CA GLN M 195 4.68 30.10 -12.31
C GLN M 195 5.18 30.17 -13.75
N GLY M 196 4.43 30.85 -14.61
CA GLY M 196 4.83 31.03 -15.99
C GLY M 196 4.38 29.89 -16.88
N GLU M 197 5.05 29.78 -18.01
CA GLU M 197 4.72 28.78 -19.03
C GLU M 197 5.44 27.49 -18.72
N VAL M 198 4.80 26.67 -17.87
CA VAL M 198 5.30 25.34 -17.52
C VAL M 198 4.12 24.40 -17.47
N PHE M 199 4.36 23.14 -17.84
CA PHE M 199 3.31 22.15 -17.96
C PHE M 199 3.72 20.87 -17.26
N THR M 200 2.72 20.05 -16.94
CA THR M 200 2.92 18.76 -16.28
C THR M 200 2.39 17.68 -17.22
N LYS M 201 3.31 16.85 -17.73
CA LYS M 201 2.98 15.82 -18.69
C LYS M 201 3.69 14.53 -18.30
N PRO M 202 3.28 13.40 -18.88
CA PRO M 202 3.96 12.13 -18.57
C PRO M 202 5.44 12.20 -18.90
N GLN M 203 6.25 11.54 -18.08
CA GLN M 203 7.69 11.59 -18.26
C GLN M 203 8.12 10.78 -19.47
N LEU M 204 9.23 11.18 -20.07
CA LEU M 204 9.73 10.57 -21.29
C LEU M 204 10.63 9.37 -21.03
N TRP M 205 11.36 9.39 -19.92
CA TRP M 205 12.23 8.29 -19.54
C TRP M 205 11.41 7.17 -18.91
N PRO M 206 11.97 5.94 -18.84
CA PRO M 206 11.26 4.84 -18.18
C PRO M 206 11.23 4.99 -16.67
N GLN N 1 -12.19 2.06 -47.83
CA GLN N 1 -11.43 1.33 -46.77
C GLN N 1 -10.59 0.19 -47.36
N THR N 2 -9.30 0.20 -47.07
CA THR N 2 -8.40 -0.86 -47.50
C THR N 2 -7.49 -1.22 -46.33
N ASP N 3 -7.38 -2.52 -46.04
CA ASP N 3 -6.45 -3.00 -45.02
C ASP N 3 -5.06 -3.10 -45.64
N MET N 4 -4.15 -2.22 -45.22
CA MET N 4 -2.81 -2.15 -45.77
C MET N 4 -1.76 -2.73 -44.81
N SER N 5 -2.18 -3.58 -43.87
CA SER N 5 -1.23 -4.20 -42.96
C SER N 5 -0.16 -4.95 -43.73
N ARG N 6 1.09 -4.81 -43.29
CA ARG N 6 2.25 -5.49 -43.85
C ARG N 6 2.58 -5.02 -45.26
N LYS N 7 1.86 -4.04 -45.80
CA LYS N 7 2.14 -3.48 -47.12
C LYS N 7 2.66 -2.06 -46.99
N ALA N 8 3.32 -1.58 -48.04
CA ALA N 8 3.95 -0.28 -48.01
C ALA N 8 3.99 0.31 -49.41
N PHE N 9 3.97 1.64 -49.48
CA PHE N 9 4.12 2.33 -50.75
C PHE N 9 5.61 2.47 -51.08
N VAL N 10 5.96 2.21 -52.33
CA VAL N 10 7.34 2.28 -52.79
C VAL N 10 7.39 3.24 -53.98
N PHE N 11 8.25 4.26 -53.87
CA PHE N 11 8.52 5.20 -54.94
C PHE N 11 9.91 4.89 -55.50
N PRO N 12 10.01 4.08 -56.56
CA PRO N 12 11.34 3.57 -56.95
C PRO N 12 12.34 4.64 -57.32
N LYS N 13 11.96 5.55 -58.22
CA LYS N 13 12.89 6.53 -58.77
C LYS N 13 12.33 7.94 -58.58
N GLU N 14 13.24 8.91 -58.60
CA GLU N 14 12.85 10.31 -58.49
C GLU N 14 11.88 10.68 -59.60
N SER N 15 10.83 11.41 -59.23
CA SER N 15 9.82 11.82 -60.20
C SER N 15 9.10 13.06 -59.68
N ASP N 16 8.35 13.70 -60.57
CA ASP N 16 7.58 14.88 -60.25
C ASP N 16 6.08 14.61 -60.15
N THR N 17 5.63 13.43 -60.59
CA THR N 17 4.21 13.16 -60.77
C THR N 17 3.77 11.89 -60.05
N SER N 18 4.57 11.40 -59.12
CA SER N 18 4.25 10.20 -58.35
C SER N 18 3.89 10.60 -56.93
N TYR N 19 2.76 10.10 -56.44
CA TYR N 19 2.26 10.46 -55.13
C TYR N 19 0.97 9.71 -54.86
N VAL N 20 0.66 9.53 -53.57
CA VAL N 20 -0.62 9.01 -53.12
C VAL N 20 -1.31 10.07 -52.29
N SER N 21 -2.63 10.15 -52.41
CA SER N 21 -3.44 11.15 -51.72
C SER N 21 -4.28 10.45 -50.65
N LEU N 22 -4.00 10.77 -49.38
CA LEU N 22 -4.75 10.21 -48.27
C LEU N 22 -5.98 11.06 -47.99
N LYS N 23 -7.11 10.40 -47.75
CA LYS N 23 -8.39 11.06 -47.54
C LYS N 23 -8.78 10.89 -46.07
N ALA N 24 -9.13 11.99 -45.42
CA ALA N 24 -9.39 12.01 -43.99
C ALA N 24 -10.81 12.47 -43.68
N PRO N 25 -11.51 11.78 -42.77
CA PRO N 25 -12.87 12.17 -42.37
C PRO N 25 -12.89 13.29 -41.31
N LEU N 26 -12.32 14.43 -41.66
CA LEU N 26 -12.17 15.53 -40.71
C LEU N 26 -13.41 16.41 -40.73
N THR N 27 -13.81 16.87 -39.54
CA THR N 27 -14.96 17.77 -39.40
C THR N 27 -14.69 18.95 -38.49
N LYS N 28 -13.95 18.75 -37.41
CA LYS N 28 -13.56 19.85 -36.54
C LYS N 28 -12.10 20.21 -36.82
N PRO N 29 -11.74 21.49 -36.70
CA PRO N 29 -10.31 21.84 -36.79
C PRO N 29 -9.54 21.18 -35.66
N LEU N 30 -8.26 20.91 -35.93
CA LEU N 30 -7.44 20.15 -35.00
C LEU N 30 -6.81 21.10 -33.98
N LYS N 31 -7.05 20.81 -32.70
CA LYS N 31 -6.37 21.48 -31.61
C LYS N 31 -5.14 20.72 -31.15
N ALA N 32 -4.86 19.57 -31.76
CA ALA N 32 -3.73 18.70 -31.45
C ALA N 32 -3.83 17.47 -32.34
N PHE N 33 -2.71 16.78 -32.50
CA PHE N 33 -2.67 15.58 -33.33
C PHE N 33 -1.42 14.79 -33.00
N THR N 34 -1.32 13.62 -33.63
CA THR N 34 -0.14 12.75 -33.51
C THR N 34 -0.02 11.97 -34.80
N VAL N 35 1.18 11.97 -35.38
CA VAL N 35 1.44 11.31 -36.66
C VAL N 35 2.60 10.35 -36.49
N CYS N 36 2.44 9.12 -36.98
CA CYS N 36 3.47 8.10 -36.93
C CYS N 36 3.55 7.42 -38.29
N LEU N 37 4.76 6.96 -38.65
CA LEU N 37 4.95 6.33 -39.95
C LEU N 37 6.32 5.68 -40.01
N HIS N 38 6.48 4.80 -40.99
CA HIS N 38 7.75 4.19 -41.35
C HIS N 38 8.22 4.72 -42.70
N PHE N 39 9.53 4.75 -42.90
CA PHE N 39 10.05 5.08 -44.22
C PHE N 39 11.51 4.66 -44.31
N TYR N 40 12.00 4.54 -45.54
CA TYR N 40 13.33 4.02 -45.81
C TYR N 40 13.83 4.65 -47.11
N THR N 41 14.97 5.34 -47.03
CA THR N 41 15.54 5.95 -48.22
C THR N 41 17.01 6.26 -47.97
N GLU N 42 17.78 6.30 -49.07
CA GLU N 42 19.19 6.67 -49.03
C GLU N 42 19.40 8.15 -49.32
N LEU N 43 18.33 8.88 -49.65
CA LEU N 43 18.46 10.27 -50.05
C LEU N 43 19.08 11.13 -48.96
N SER N 44 18.94 10.70 -47.70
CA SER N 44 19.29 11.56 -46.57
C SER N 44 20.71 12.11 -46.64
N SER N 45 21.60 11.46 -47.39
CA SER N 45 22.98 11.93 -47.54
C SER N 45 23.21 12.76 -48.79
N THR N 46 22.28 12.74 -49.74
CA THR N 46 22.43 13.48 -51.00
C THR N 46 21.67 14.80 -51.00
N ARG N 47 20.40 14.79 -50.60
CA ARG N 47 19.58 16.00 -50.57
C ARG N 47 18.53 15.83 -49.48
N GLY N 48 17.56 16.74 -49.47
CA GLY N 48 16.42 16.64 -48.58
C GLY N 48 15.18 16.15 -49.32
N TYR N 49 14.16 15.81 -48.54
CA TYR N 49 12.94 15.25 -49.13
C TYR N 49 11.77 15.51 -48.20
N SER N 50 10.57 15.43 -48.77
CA SER N 50 9.33 15.56 -48.00
C SER N 50 8.89 14.18 -47.52
N ILE N 51 8.54 14.10 -46.23
CA ILE N 51 8.13 12.86 -45.62
C ILE N 51 6.61 12.77 -45.49
N PHE N 52 5.96 13.88 -45.17
CA PHE N 52 4.52 13.88 -44.91
C PHE N 52 4.02 15.30 -45.16
N SER N 53 3.21 15.48 -46.20
CA SER N 53 2.76 16.79 -46.63
C SER N 53 1.27 16.92 -46.38
N TYR N 54 0.92 17.83 -45.46
CA TYR N 54 -0.46 18.11 -45.07
C TYR N 54 -0.70 19.59 -45.32
N ALA N 55 -1.51 19.90 -46.34
CA ALA N 55 -1.65 21.27 -46.82
C ALA N 55 -3.09 21.75 -46.69
N THR N 56 -3.24 23.06 -46.62
CA THR N 56 -4.53 23.73 -46.60
C THR N 56 -4.55 24.79 -47.70
N LYS N 57 -5.77 25.20 -48.06
CA LYS N 57 -5.91 26.20 -49.12
C LYS N 57 -5.22 27.51 -48.76
N ARG N 58 -5.21 27.88 -47.48
CA ARG N 58 -4.60 29.12 -47.03
C ARG N 58 -3.15 28.95 -46.61
N GLN N 59 -2.69 27.72 -46.41
CA GLN N 59 -1.35 27.48 -45.88
C GLN N 59 -0.80 26.22 -46.53
N ASP N 60 0.19 26.36 -47.41
CA ASP N 60 0.76 25.23 -48.11
C ASP N 60 1.57 24.31 -47.19
N ASN N 61 1.91 24.75 -45.98
CA ASN N 61 2.67 23.95 -45.02
C ASN N 61 1.93 23.88 -43.68
N GLU N 62 0.67 23.45 -43.73
CA GLU N 62 -0.13 23.39 -42.51
C GLU N 62 0.54 22.49 -41.46
N ILE N 63 1.00 21.31 -41.88
CA ILE N 63 1.93 20.52 -41.06
C ILE N 63 2.78 19.67 -41.99
N LEU N 64 4.10 19.82 -41.89
CA LEU N 64 5.02 19.16 -42.79
C LEU N 64 6.19 18.57 -42.01
N ILE N 65 6.52 17.32 -42.29
CA ILE N 65 7.70 16.65 -41.75
C ILE N 65 8.69 16.52 -42.90
N PHE N 66 9.90 17.03 -42.71
CA PHE N 66 10.85 17.22 -43.79
C PHE N 66 12.24 16.87 -43.30
N TRP N 67 13.03 16.26 -44.18
CA TRP N 67 14.43 15.98 -43.92
C TRP N 67 15.28 16.96 -44.73
N SER N 68 16.01 17.82 -44.04
CA SER N 68 16.94 18.76 -44.66
C SER N 68 18.35 18.19 -44.55
N LYS N 69 19.01 18.00 -45.69
CA LYS N 69 20.35 17.42 -45.68
C LYS N 69 21.26 18.19 -44.74
N ASP N 70 22.14 17.46 -44.06
CA ASP N 70 23.21 17.99 -43.22
C ASP N 70 22.69 18.69 -41.96
N ILE N 71 21.38 18.80 -41.78
CA ILE N 71 20.79 19.49 -40.63
C ILE N 71 20.04 18.53 -39.74
N GLY N 72 19.09 17.78 -40.30
CA GLY N 72 18.29 16.85 -39.54
C GLY N 72 16.82 16.88 -39.90
N TYR N 73 15.94 16.66 -38.92
CA TYR N 73 14.50 16.62 -39.16
C TYR N 73 13.91 18.02 -39.02
N SER N 74 13.06 18.38 -39.97
CA SER N 74 12.38 19.67 -39.99
C SER N 74 10.89 19.45 -39.77
N PHE N 75 10.35 20.13 -38.77
CA PHE N 75 8.95 19.98 -38.36
C PHE N 75 8.32 21.37 -38.32
N THR N 76 7.37 21.61 -39.20
CA THR N 76 6.72 22.92 -39.30
C THR N 76 5.22 22.74 -39.29
N VAL N 77 4.55 23.49 -38.41
CA VAL N 77 3.09 23.54 -38.35
C VAL N 77 2.66 24.98 -38.51
N GLY N 78 1.71 25.23 -39.40
CA GLY N 78 1.25 26.59 -39.63
C GLY N 78 2.29 27.51 -40.23
N GLY N 79 3.28 26.95 -40.93
CA GLY N 79 4.30 27.73 -41.58
C GLY N 79 5.52 28.03 -40.74
N SER N 80 5.46 27.77 -39.43
CA SER N 80 6.58 28.04 -38.53
C SER N 80 7.35 26.75 -38.28
N GLU N 81 8.68 26.84 -38.36
CA GLU N 81 9.56 25.67 -38.36
C GLU N 81 10.27 25.52 -37.02
N ILE N 82 10.51 24.26 -36.65
CA ILE N 82 11.37 23.89 -35.54
C ILE N 82 12.23 22.73 -36.00
N LEU N 83 13.46 22.66 -35.48
CA LEU N 83 14.45 21.70 -35.96
C LEU N 83 14.83 20.72 -34.85
N PHE N 84 15.05 19.47 -35.26
CA PHE N 84 15.64 18.43 -34.40
C PHE N 84 16.93 17.98 -35.10
N GLU N 85 18.06 18.53 -34.66
CA GLU N 85 19.32 18.29 -35.33
C GLU N 85 19.72 16.82 -35.26
N VAL N 86 20.37 16.35 -36.31
CA VAL N 86 20.86 14.97 -36.36
C VAL N 86 22.26 14.97 -36.98
N PRO N 87 23.31 14.64 -36.22
CA PRO N 87 24.66 14.68 -36.81
C PRO N 87 25.00 13.45 -37.61
N GLU N 88 24.94 12.28 -36.97
CA GLU N 88 25.21 11.01 -37.63
C GLU N 88 23.95 10.48 -38.29
N VAL N 89 24.05 10.11 -39.56
CA VAL N 89 22.93 9.57 -40.33
C VAL N 89 23.35 8.19 -40.83
N THR N 90 22.61 7.17 -40.42
CA THR N 90 22.84 5.80 -40.85
C THR N 90 21.64 5.31 -41.65
N VAL N 91 21.92 4.64 -42.77
CA VAL N 91 20.86 4.21 -43.68
C VAL N 91 20.19 2.97 -43.12
N ALA N 92 18.91 3.08 -42.79
CA ALA N 92 18.10 1.96 -42.34
C ALA N 92 16.65 2.43 -42.25
N PRO N 93 15.69 1.52 -42.20
CA PRO N 93 14.31 1.92 -41.93
C PRO N 93 14.24 2.65 -40.59
N VAL N 94 13.33 3.63 -40.53
CA VAL N 94 13.20 4.46 -39.33
C VAL N 94 11.71 4.68 -39.07
N HIS N 95 11.38 4.78 -37.78
CA HIS N 95 10.02 5.01 -37.32
C HIS N 95 10.01 6.30 -36.53
N ILE N 96 9.20 7.26 -36.97
CA ILE N 96 9.09 8.55 -36.31
C ILE N 96 7.65 8.74 -35.83
N CYS N 97 7.50 9.33 -34.65
CA CYS N 97 6.21 9.77 -34.14
C CYS N 97 6.37 11.21 -33.67
N THR N 98 5.38 12.04 -34.01
CA THR N 98 5.44 13.45 -33.68
C THR N 98 4.04 13.93 -33.32
N SER N 99 3.96 14.73 -32.25
CA SER N 99 2.70 15.22 -31.73
C SER N 99 2.80 16.71 -31.46
N TRP N 100 1.65 17.38 -31.50
CA TRP N 100 1.58 18.82 -31.27
C TRP N 100 0.31 19.12 -30.49
N GLU N 101 0.39 20.09 -29.60
CA GLU N 101 -0.75 20.52 -28.79
C GLU N 101 -0.89 22.03 -28.87
N SER N 102 -2.13 22.49 -29.04
CA SER N 102 -2.38 23.92 -29.17
C SER N 102 -2.27 24.63 -27.82
N ALA N 103 -2.93 24.08 -26.80
CA ALA N 103 -2.98 24.75 -25.50
C ALA N 103 -1.59 25.08 -24.97
N SER N 104 -0.59 24.28 -25.34
CA SER N 104 0.77 24.46 -24.82
C SER N 104 1.81 24.71 -25.89
N GLY N 105 1.54 24.39 -27.15
CA GLY N 105 2.56 24.48 -28.18
C GLY N 105 3.65 23.43 -28.10
N ILE N 106 3.58 22.52 -27.14
CA ILE N 106 4.63 21.53 -26.96
C ILE N 106 4.62 20.55 -28.13
N VAL N 107 5.81 20.25 -28.64
CA VAL N 107 5.98 19.26 -29.69
C VAL N 107 6.93 18.17 -29.18
N GLU N 108 6.54 16.92 -29.37
CA GLU N 108 7.38 15.77 -29.09
C GLU N 108 7.82 15.15 -30.41
N PHE N 109 9.04 14.63 -30.43
CA PHE N 109 9.58 13.98 -31.61
C PHE N 109 10.26 12.69 -31.17
N TRP N 110 9.68 11.56 -31.55
CA TRP N 110 10.20 10.24 -31.23
C TRP N 110 10.84 9.64 -32.47
N VAL N 111 12.05 9.09 -32.31
CA VAL N 111 12.76 8.42 -33.39
C VAL N 111 13.08 7.00 -32.94
N ASP N 112 12.57 6.01 -33.67
CA ASP N 112 12.76 4.60 -33.34
C ASP N 112 12.43 4.34 -31.86
N GLY N 113 11.30 4.89 -31.43
CA GLY N 113 10.82 4.64 -30.08
C GLY N 113 11.56 5.36 -28.98
N LYS N 114 12.51 6.23 -29.32
CA LYS N 114 13.25 7.00 -28.34
C LYS N 114 12.94 8.48 -28.52
N PRO N 115 12.60 9.20 -27.46
CA PRO N 115 12.09 10.57 -27.63
C PRO N 115 13.18 11.62 -27.69
N ARG N 116 12.93 12.63 -28.50
CA ARG N 116 13.73 13.84 -28.47
C ARG N 116 13.11 14.84 -27.50
N VAL N 117 13.90 15.84 -27.10
CA VAL N 117 13.43 16.80 -26.12
C VAL N 117 12.18 17.50 -26.64
N ARG N 118 11.46 18.15 -25.73
CA ARG N 118 10.23 18.84 -26.06
C ARG N 118 10.53 20.29 -26.37
N LYS N 119 9.89 20.81 -27.42
CA LYS N 119 10.08 22.19 -27.86
C LYS N 119 8.72 22.83 -28.09
N SER N 120 8.73 24.15 -28.24
CA SER N 120 7.51 24.91 -28.44
C SER N 120 7.35 25.29 -29.91
N LEU N 121 6.09 25.44 -30.32
CA LEU N 121 5.78 25.86 -31.68
C LEU N 121 4.30 26.20 -31.85
N LYS N 122 4.03 27.44 -32.27
CA LYS N 122 2.67 27.88 -32.61
C LYS N 122 1.69 27.53 -31.50
N LYS N 123 1.92 28.11 -30.33
CA LYS N 123 0.98 27.99 -29.23
C LYS N 123 -0.30 28.75 -29.54
N GLY N 124 -1.44 28.10 -29.34
CA GLY N 124 -2.73 28.71 -29.61
C GLY N 124 -3.20 28.57 -31.04
N TYR N 125 -2.40 27.98 -31.92
CA TYR N 125 -2.80 27.80 -33.31
C TYR N 125 -3.96 26.82 -33.41
N THR N 126 -4.55 26.77 -34.60
CA THR N 126 -5.64 25.85 -34.89
C THR N 126 -5.47 25.34 -36.31
N VAL N 127 -5.25 24.04 -36.46
CA VAL N 127 -4.95 23.45 -37.76
C VAL N 127 -6.25 23.28 -38.55
N GLY N 128 -6.18 23.56 -39.84
CA GLY N 128 -7.36 23.44 -40.68
C GLY N 128 -7.78 22.00 -40.87
N ALA N 129 -9.08 21.80 -41.06
CA ALA N 129 -9.65 20.47 -41.23
C ALA N 129 -9.75 20.07 -42.69
N GLU N 130 -10.06 21.02 -43.58
CA GLU N 130 -10.19 20.74 -45.01
C GLU N 130 -8.79 20.75 -45.61
N ALA N 131 -8.13 19.60 -45.54
CA ALA N 131 -6.73 19.48 -45.90
C ALA N 131 -6.55 18.55 -47.10
N SER N 132 -5.34 18.57 -47.63
CA SER N 132 -4.90 17.66 -48.68
C SER N 132 -3.63 16.99 -48.21
N ILE N 133 -3.68 15.66 -48.07
CA ILE N 133 -2.58 14.88 -47.52
C ILE N 133 -1.92 14.11 -48.66
N ILE N 134 -0.60 14.28 -48.81
CA ILE N 134 0.14 13.73 -49.93
C ILE N 134 1.40 13.05 -49.42
N LEU N 135 1.72 11.89 -50.00
CA LEU N 135 2.93 11.15 -49.70
C LEU N 135 3.78 11.04 -50.95
N GLY N 136 5.08 11.28 -50.82
CA GLY N 136 6.00 11.20 -51.93
C GLY N 136 6.28 12.51 -52.62
N GLN N 137 5.60 13.59 -52.23
CA GLN N 137 5.82 14.89 -52.84
C GLN N 137 5.58 15.97 -51.79
N GLU N 138 6.15 17.14 -52.04
CA GLU N 138 5.96 18.30 -51.18
C GLU N 138 4.96 19.25 -51.83
N GLN N 139 3.97 19.68 -51.06
CA GLN N 139 2.90 20.53 -51.58
C GLN N 139 3.26 21.99 -51.42
N ASP N 140 3.13 22.75 -52.51
CA ASP N 140 3.20 24.20 -52.46
C ASP N 140 1.84 24.84 -52.57
N SER N 141 0.84 24.09 -53.01
CA SER N 141 -0.54 24.54 -53.09
C SER N 141 -1.42 23.34 -52.79
N PHE N 142 -2.72 23.59 -52.69
CA PHE N 142 -3.65 22.51 -52.38
C PHE N 142 -3.50 21.36 -53.38
N GLY N 143 -2.80 20.31 -52.96
CA GLY N 143 -2.67 19.12 -53.79
C GLY N 143 -1.92 19.32 -55.09
N GLY N 144 -1.00 20.27 -55.13
CA GLY N 144 -0.28 20.51 -56.37
C GLY N 144 1.00 21.29 -56.15
N ASN N 145 1.64 21.62 -57.28
CA ASN N 145 2.90 22.38 -57.29
C ASN N 145 3.99 21.64 -56.53
N PHE N 146 4.41 20.53 -57.12
CA PHE N 146 5.44 19.67 -56.56
C PHE N 146 6.80 20.02 -57.14
N GLU N 147 7.82 19.97 -56.29
CA GLU N 147 9.21 20.11 -56.73
C GLU N 147 9.85 18.73 -56.74
N GLY N 148 10.46 18.37 -57.87
CA GLY N 148 11.08 17.06 -57.98
C GLY N 148 12.25 16.86 -57.06
N SER N 149 12.95 17.94 -56.71
CA SER N 149 14.07 17.85 -55.80
C SER N 149 13.63 17.64 -54.36
N GLN N 150 12.33 17.71 -54.08
CA GLN N 150 11.78 17.40 -52.77
C GLN N 150 11.09 16.04 -52.75
N SER N 151 11.18 15.28 -53.83
CA SER N 151 10.56 13.97 -53.89
C SER N 151 11.18 13.04 -52.86
N LEU N 152 10.39 12.05 -52.42
CA LEU N 152 10.88 10.96 -51.58
C LEU N 152 11.01 9.73 -52.47
N VAL N 153 12.21 9.15 -52.51
CA VAL N 153 12.49 7.97 -53.31
C VAL N 153 12.82 6.83 -52.36
N GLY N 154 11.91 5.90 -52.22
CA GLY N 154 12.10 4.76 -51.35
C GLY N 154 10.75 4.24 -50.86
N ASP N 155 10.77 3.68 -49.66
CA ASP N 155 9.60 3.05 -49.08
C ASP N 155 9.01 3.94 -47.99
N ILE N 156 7.68 3.96 -47.90
CA ILE N 156 6.97 4.62 -46.82
C ILE N 156 5.70 3.82 -46.54
N GLY N 157 5.36 3.68 -45.27
CA GLY N 157 4.17 2.93 -44.91
C GLY N 157 3.89 3.05 -43.43
N ASN N 158 2.84 2.35 -43.01
CA ASN N 158 2.45 2.29 -41.60
C ASN N 158 2.10 3.67 -41.06
N VAL N 159 1.60 4.56 -41.92
CA VAL N 159 1.26 5.92 -41.51
C VAL N 159 -0.08 5.89 -40.80
N ASN N 160 -0.14 6.56 -39.65
CA ASN N 160 -1.35 6.62 -38.84
C ASN N 160 -1.41 7.98 -38.16
N MET N 161 -2.62 8.54 -38.07
CA MET N 161 -2.82 9.87 -37.52
C MET N 161 -3.93 9.85 -36.48
N TRP N 162 -3.67 10.48 -35.34
CA TRP N 162 -4.66 10.70 -34.30
C TRP N 162 -5.02 12.18 -34.26
N ASP N 163 -6.03 12.50 -33.44
CA ASP N 163 -6.41 13.89 -33.20
C ASP N 163 -6.16 14.31 -31.75
N PHE N 164 -5.34 13.54 -31.03
CA PHE N 164 -4.90 13.92 -29.68
C PHE N 164 -3.42 13.55 -29.57
N VAL N 165 -2.87 13.69 -28.37
CA VAL N 165 -1.46 13.47 -28.11
C VAL N 165 -1.27 12.10 -27.47
N LEU N 166 -0.39 11.29 -28.04
CA LEU N 166 -0.12 9.96 -27.52
C LEU N 166 0.89 10.02 -26.38
N SER N 167 0.63 9.24 -25.34
CA SER N 167 1.52 9.19 -24.19
C SER N 167 2.74 8.31 -24.50
N PRO N 168 3.83 8.48 -23.74
CA PRO N 168 4.98 7.57 -23.91
C PRO N 168 4.60 6.11 -23.94
N ASP N 169 3.71 5.67 -23.04
CA ASP N 169 3.30 4.28 -23.04
C ASP N 169 2.62 3.92 -24.35
N GLU N 170 1.83 4.85 -24.90
CA GLU N 170 1.16 4.57 -26.17
C GLU N 170 2.18 4.53 -27.31
N ILE N 171 3.04 5.54 -27.39
CA ILE N 171 4.05 5.58 -28.44
C ILE N 171 4.86 4.28 -28.46
N ASN N 172 5.16 3.74 -27.29
CA ASN N 172 5.94 2.51 -27.22
C ASN N 172 5.23 1.39 -27.97
N THR N 173 3.94 1.20 -27.69
CA THR N 173 3.19 0.14 -28.35
C THR N 173 3.14 0.33 -29.86
N ILE N 174 3.08 1.57 -30.35
CA ILE N 174 3.06 1.79 -31.79
C ILE N 174 4.34 1.29 -32.44
N TYR N 175 5.50 1.65 -31.86
CA TYR N 175 6.78 1.25 -32.45
C TYR N 175 7.06 -0.23 -32.28
N LEU N 176 6.89 -0.75 -31.08
CA LEU N 176 7.28 -2.12 -30.76
C LEU N 176 6.34 -3.16 -31.37
N GLY N 177 5.18 -2.72 -31.85
CA GLY N 177 4.21 -3.63 -32.43
C GLY N 177 3.04 -3.80 -31.48
N GLY N 178 1.92 -3.14 -31.77
CA GLY N 178 0.77 -3.21 -30.91
C GLY N 178 -0.49 -2.65 -31.53
N PRO N 179 -1.64 -2.94 -30.92
CA PRO N 179 -2.93 -2.48 -31.46
C PRO N 179 -3.33 -1.10 -30.94
N PHE N 180 -3.49 -0.15 -31.86
CA PHE N 180 -3.88 1.22 -31.54
C PHE N 180 -5.02 1.63 -32.45
N SER N 181 -5.83 2.59 -31.99
CA SER N 181 -7.00 3.04 -32.73
C SER N 181 -6.85 4.48 -33.16
N PRO N 182 -6.36 4.73 -34.38
CA PRO N 182 -6.39 6.08 -34.92
C PRO N 182 -7.80 6.51 -35.25
N ASN N 183 -8.04 7.82 -35.22
CA ASN N 183 -9.35 8.37 -35.52
C ASN N 183 -9.28 9.43 -36.63
N VAL N 184 -8.16 9.49 -37.36
CA VAL N 184 -8.04 10.41 -38.50
C VAL N 184 -7.56 9.62 -39.71
N LEU N 185 -6.37 9.04 -39.60
CA LEU N 185 -5.81 8.19 -40.66
C LEU N 185 -5.49 6.82 -40.07
N ASN N 186 -5.95 5.77 -40.75
CA ASN N 186 -5.77 4.39 -40.29
C ASN N 186 -5.21 3.55 -41.43
N TRP N 187 -4.01 3.01 -41.22
CA TRP N 187 -3.41 2.15 -42.24
C TRP N 187 -4.30 0.96 -42.54
N ARG N 188 -4.96 0.42 -41.52
CA ARG N 188 -5.83 -0.75 -41.67
C ARG N 188 -7.20 -0.43 -42.25
N ALA N 189 -7.47 0.83 -42.57
CA ALA N 189 -8.73 1.25 -43.17
C ALA N 189 -8.46 2.53 -43.94
N LEU N 190 -7.61 2.42 -44.96
CA LEU N 190 -7.10 3.58 -45.68
C LEU N 190 -7.95 3.87 -46.92
N LYS N 191 -8.42 5.10 -47.01
CA LYS N 191 -9.04 5.63 -48.23
C LYS N 191 -7.98 6.50 -48.91
N TYR N 192 -7.38 5.99 -49.99
CA TYR N 192 -6.28 6.67 -50.66
C TYR N 192 -6.52 6.68 -52.17
N GLU N 193 -5.62 7.36 -52.87
CA GLU N 193 -5.73 7.54 -54.32
C GLU N 193 -4.32 7.61 -54.90
N VAL N 194 -4.02 6.69 -55.82
CA VAL N 194 -2.68 6.57 -56.40
C VAL N 194 -2.61 7.40 -57.68
N GLN N 195 -1.43 7.97 -57.94
CA GLN N 195 -1.19 8.72 -59.17
C GLN N 195 0.29 8.62 -59.49
N GLY N 196 0.61 8.31 -60.74
CA GLY N 196 1.99 8.22 -61.19
C GLY N 196 2.58 6.84 -60.97
N GLU N 197 3.91 6.80 -60.96
CA GLU N 197 4.65 5.55 -60.84
C GLU N 197 4.89 5.24 -59.36
N VAL N 198 3.92 4.56 -58.76
CA VAL N 198 4.03 4.09 -57.37
C VAL N 198 3.41 2.71 -57.27
N PHE N 199 3.97 1.88 -56.39
CA PHE N 199 3.59 0.48 -56.27
C PHE N 199 3.33 0.12 -54.82
N THR N 200 2.60 -0.98 -54.64
CA THR N 200 2.27 -1.52 -53.32
C THR N 200 2.89 -2.90 -53.20
N LYS N 201 3.85 -3.05 -52.31
CA LYS N 201 4.59 -4.29 -52.13
C LYS N 201 4.71 -4.58 -50.63
N PRO N 202 5.05 -5.81 -50.26
CA PRO N 202 5.23 -6.10 -48.84
C PRO N 202 6.31 -5.22 -48.24
N GLN N 203 6.11 -4.85 -46.98
CA GLN N 203 7.02 -3.93 -46.32
C GLN N 203 8.35 -4.62 -46.00
N LEU N 204 9.41 -3.82 -45.96
CA LEU N 204 10.76 -4.32 -45.77
C LEU N 204 11.12 -4.42 -44.30
N TRP N 205 10.62 -3.51 -43.48
CA TRP N 205 10.85 -3.52 -42.05
C TRP N 205 9.95 -4.54 -41.36
N PRO N 206 10.29 -4.97 -40.14
CA PRO N 206 9.40 -5.88 -39.41
C PRO N 206 8.13 -5.18 -38.91
N GLN O 1 22.72 -34.08 -61.40
CA GLN O 1 22.25 -33.72 -60.03
C GLN O 1 23.34 -33.96 -58.99
N THR O 2 23.69 -32.94 -58.21
CA THR O 2 24.66 -33.08 -57.13
C THR O 2 24.17 -32.34 -55.90
N ASP O 3 24.19 -33.01 -54.75
CA ASP O 3 23.88 -32.36 -53.48
C ASP O 3 25.13 -31.68 -52.95
N MET O 4 25.12 -30.34 -52.91
CA MET O 4 26.26 -29.56 -52.48
C MET O 4 26.08 -28.95 -51.09
N SER O 5 25.19 -29.51 -50.27
CA SER O 5 24.99 -28.97 -48.94
C SER O 5 26.29 -28.96 -48.16
N ARG O 6 26.54 -27.84 -47.46
CA ARG O 6 27.70 -27.63 -46.60
C ARG O 6 29.02 -27.59 -47.38
N LYS O 7 28.98 -27.66 -48.71
CA LYS O 7 30.16 -27.59 -49.55
C LYS O 7 30.15 -26.27 -50.32
N ALA O 8 31.33 -25.88 -50.81
CA ALA O 8 31.47 -24.60 -51.49
C ALA O 8 32.57 -24.67 -52.52
N PHE O 9 32.41 -23.88 -53.58
CA PHE O 9 33.46 -23.73 -54.57
C PHE O 9 34.47 -22.69 -54.10
N VAL O 10 35.74 -22.99 -54.26
CA VAL O 10 36.81 -22.09 -53.84
C VAL O 10 37.72 -21.84 -55.04
N PHE O 11 37.95 -20.55 -55.33
CA PHE O 11 38.88 -20.14 -56.37
C PHE O 11 40.13 -19.61 -55.69
N PRO O 12 41.16 -20.44 -55.50
CA PRO O 12 42.28 -20.03 -54.63
C PRO O 12 43.03 -18.79 -55.10
N LYS O 13 43.46 -18.78 -56.36
CA LYS O 13 44.33 -17.73 -56.86
C LYS O 13 43.74 -17.10 -58.11
N GLU O 14 44.18 -15.87 -58.39
CA GLU O 14 43.76 -15.18 -59.60
C GLU O 14 44.13 -16.00 -60.82
N SER O 15 43.18 -16.12 -61.75
CA SER O 15 43.41 -16.91 -62.96
C SER O 15 42.48 -16.41 -64.05
N ASP O 16 42.75 -16.85 -65.27
CA ASP O 16 41.96 -16.48 -66.43
C ASP O 16 41.07 -17.61 -66.92
N THR O 17 41.26 -18.85 -66.42
CA THR O 17 40.62 -20.02 -66.97
C THR O 17 39.91 -20.87 -65.92
N SER O 18 39.66 -20.33 -64.72
CA SER O 18 39.01 -21.07 -63.65
C SER O 18 37.61 -20.54 -63.43
N TYR O 19 36.62 -21.45 -63.41
CA TYR O 19 35.22 -21.12 -63.23
C TYR O 19 34.41 -22.41 -63.30
N VAL O 20 33.20 -22.37 -62.75
CA VAL O 20 32.24 -23.45 -62.89
C VAL O 20 31.05 -22.95 -63.68
N SER O 21 30.47 -23.84 -64.48
CA SER O 21 29.36 -23.51 -65.37
C SER O 21 28.11 -24.20 -64.86
N LEU O 22 27.13 -23.40 -64.45
CA LEU O 22 25.84 -23.92 -63.98
C LEU O 22 24.90 -24.09 -65.16
N LYS O 23 24.19 -25.21 -65.18
CA LYS O 23 23.28 -25.55 -66.27
C LYS O 23 21.85 -25.44 -65.77
N ALA O 24 21.01 -24.72 -66.52
CA ALA O 24 19.67 -24.42 -66.08
C ALA O 24 18.64 -24.98 -67.06
N PRO O 25 17.61 -25.68 -66.56
CA PRO O 25 16.54 -26.24 -67.43
C PRO O 25 15.45 -25.21 -67.77
N LEU O 26 15.85 -24.12 -68.42
CA LEU O 26 14.95 -23.01 -68.69
C LEU O 26 14.18 -23.24 -69.98
N THR O 27 12.91 -22.85 -69.98
CA THR O 27 12.06 -22.99 -71.16
C THR O 27 11.27 -21.72 -71.49
N LYS O 28 10.79 -21.00 -70.47
CA LYS O 28 10.11 -19.74 -70.69
C LYS O 28 11.04 -18.57 -70.38
N PRO O 29 10.92 -17.45 -71.09
CA PRO O 29 11.70 -16.28 -70.70
C PRO O 29 11.27 -15.79 -69.33
N LEU O 30 12.21 -15.17 -68.62
CA LEU O 30 11.99 -14.78 -67.23
C LEU O 30 11.34 -13.40 -67.18
N LYS O 31 10.18 -13.33 -66.52
CA LYS O 31 9.54 -12.06 -66.20
C LYS O 31 9.91 -11.55 -64.81
N ALA O 32 10.69 -12.32 -64.06
CA ALA O 32 11.13 -11.98 -62.72
C ALA O 32 11.98 -13.14 -62.21
N PHE O 33 12.79 -12.85 -61.20
CA PHE O 33 13.65 -13.89 -60.62
C PHE O 33 14.15 -13.41 -59.26
N THR O 34 14.90 -14.29 -58.60
CA THR O 34 15.53 -13.98 -57.32
C THR O 34 16.78 -14.85 -57.21
N VAL O 35 17.91 -14.24 -56.86
CA VAL O 35 19.18 -14.93 -56.78
C VAL O 35 19.77 -14.71 -55.39
N CYS O 36 20.23 -15.79 -54.76
CA CYS O 36 20.85 -15.73 -53.44
C CYS O 36 22.12 -16.57 -53.46
N LEU O 37 23.11 -16.15 -52.66
CA LEU O 37 24.38 -16.87 -52.63
C LEU O 37 25.23 -16.36 -51.48
N HIS O 38 26.25 -17.15 -51.15
CA HIS O 38 27.29 -16.77 -50.19
C HIS O 38 28.60 -16.57 -50.94
N PHE O 39 29.45 -15.70 -50.39
CA PHE O 39 30.81 -15.56 -50.92
C PHE O 39 31.68 -14.85 -49.90
N TYR O 40 32.99 -14.99 -50.08
CA TYR O 40 33.98 -14.50 -49.13
C TYR O 40 35.26 -14.19 -49.90
N THR O 41 35.73 -12.95 -49.83
CA THR O 41 36.97 -12.59 -50.51
C THR O 41 37.55 -11.32 -49.89
N GLU O 42 38.87 -11.19 -49.99
CA GLU O 42 39.58 -9.99 -49.56
C GLU O 42 39.78 -9.00 -50.69
N LEU O 43 39.41 -9.35 -51.92
CA LEU O 43 39.68 -8.51 -53.06
C LEU O 43 39.00 -7.15 -52.95
N SER O 44 37.93 -7.05 -52.17
CA SER O 44 37.09 -5.85 -52.18
C SER O 44 37.87 -4.57 -51.94
N SER O 45 39.05 -4.66 -51.32
CA SER O 45 39.86 -3.47 -51.05
C SER O 45 40.92 -3.22 -52.12
N THR O 46 41.22 -4.20 -52.97
CA THR O 46 42.23 -4.06 -54.01
C THR O 46 41.64 -3.73 -55.38
N ARG O 47 40.64 -4.49 -55.82
CA ARG O 47 40.01 -4.26 -57.11
C ARG O 47 38.56 -4.74 -57.04
N GLY O 48 37.92 -4.81 -58.20
CA GLY O 48 36.58 -5.36 -58.31
C GLY O 48 36.59 -6.78 -58.87
N TYR O 49 35.42 -7.42 -58.78
CA TYR O 49 35.31 -8.81 -59.20
C TYR O 49 33.87 -9.12 -59.57
N SER O 50 33.70 -10.19 -60.33
CA SER O 50 32.39 -10.68 -60.73
C SER O 50 31.88 -11.69 -59.70
N ILE O 51 30.61 -11.53 -59.32
CA ILE O 51 29.99 -12.40 -58.33
C ILE O 51 29.09 -13.44 -58.97
N PHE O 52 28.36 -13.04 -60.03
CA PHE O 52 27.38 -13.94 -60.65
C PHE O 52 27.15 -13.44 -62.08
N SER O 53 27.60 -14.22 -63.07
CA SER O 53 27.56 -13.81 -64.47
C SER O 53 26.57 -14.69 -65.24
N TYR O 54 25.49 -14.08 -65.72
CA TYR O 54 24.43 -14.74 -66.46
C TYR O 54 24.33 -14.08 -67.83
N ALA O 55 24.73 -14.79 -68.88
CA ALA O 55 24.87 -14.19 -70.21
C ALA O 55 23.94 -14.86 -71.21
N THR O 56 23.61 -14.11 -72.26
CA THR O 56 22.81 -14.57 -73.38
C THR O 56 23.57 -14.26 -74.66
N LYS O 57 23.17 -14.93 -75.75
CA LYS O 57 23.85 -14.70 -77.03
C LYS O 57 23.74 -13.24 -77.46
N ARG O 58 22.62 -12.58 -77.13
CA ARG O 58 22.40 -11.20 -77.53
C ARG O 58 22.84 -10.17 -76.49
N GLN O 59 23.08 -10.59 -75.25
CA GLN O 59 23.40 -9.64 -74.19
C GLN O 59 24.37 -10.31 -73.23
N ASP O 60 25.62 -9.84 -73.22
CA ASP O 60 26.66 -10.41 -72.35
C ASP O 60 26.43 -10.10 -70.88
N ASN O 61 25.54 -9.16 -70.55
CA ASN O 61 25.25 -8.79 -69.17
C ASN O 61 23.76 -8.89 -68.90
N GLU O 62 23.18 -10.05 -69.22
CA GLU O 62 21.75 -10.24 -69.04
C GLU O 62 21.34 -10.01 -67.60
N ILE O 63 22.09 -10.61 -66.66
CA ILE O 63 21.99 -10.22 -65.25
C ILE O 63 23.34 -10.50 -64.59
N LEU O 64 23.93 -9.46 -63.99
CA LEU O 64 25.26 -9.54 -63.42
C LEU O 64 25.28 -8.86 -62.06
N ILE O 65 25.89 -9.54 -61.09
CA ILE O 65 26.15 -8.98 -59.76
C ILE O 65 27.66 -8.75 -59.68
N PHE O 66 28.05 -7.52 -59.40
CA PHE O 66 29.44 -7.11 -59.53
C PHE O 66 29.81 -6.19 -58.38
N TRP O 67 31.02 -6.35 -57.86
CA TRP O 67 31.58 -5.46 -56.85
C TRP O 67 32.62 -4.58 -57.50
N SER O 68 32.36 -3.27 -57.54
CA SER O 68 33.30 -2.28 -58.03
C SER O 68 33.96 -1.60 -56.83
N LYS O 69 35.29 -1.71 -56.76
CA LYS O 69 36.02 -1.13 -55.64
C LYS O 69 35.65 0.33 -55.46
N ASP O 70 35.63 0.78 -54.21
CA ASP O 70 35.44 2.17 -53.81
C ASP O 70 34.03 2.69 -54.07
N ILE O 71 33.15 1.89 -54.68
CA ILE O 71 31.80 2.34 -54.99
C ILE O 71 30.78 1.52 -54.22
N GLY O 72 30.84 0.20 -54.35
CA GLY O 72 29.89 -0.67 -53.69
C GLY O 72 29.39 -1.78 -54.59
N TYR O 73 28.12 -2.15 -54.43
CA TYR O 73 27.53 -3.23 -55.21
C TYR O 73 26.96 -2.71 -56.52
N SER O 74 27.25 -3.43 -57.61
CA SER O 74 26.75 -3.10 -58.94
C SER O 74 25.78 -4.18 -59.38
N PHE O 75 24.57 -3.77 -59.75
CA PHE O 75 23.50 -4.69 -60.12
C PHE O 75 22.94 -4.25 -61.47
N THR O 76 23.15 -5.07 -62.50
CA THR O 76 22.73 -4.74 -63.85
C THR O 76 21.97 -5.91 -64.46
N VAL O 77 20.80 -5.61 -65.04
CA VAL O 77 20.00 -6.59 -65.78
C VAL O 77 19.75 -6.02 -67.17
N GLY O 78 19.99 -6.84 -68.19
CA GLY O 78 19.79 -6.41 -69.56
C GLY O 78 20.74 -5.32 -70.03
N GLY O 79 21.91 -5.21 -69.41
CA GLY O 79 22.89 -4.23 -69.81
C GLY O 79 22.81 -2.89 -69.10
N SER O 80 21.72 -2.64 -68.38
CA SER O 80 21.53 -1.39 -67.65
C SER O 80 21.90 -1.59 -66.18
N GLU O 81 22.65 -0.65 -65.63
CA GLU O 81 23.25 -0.79 -64.31
C GLU O 81 22.51 0.04 -63.26
N ILE O 82 22.47 -0.49 -62.04
CA ILE O 82 22.03 0.25 -60.86
C ILE O 82 23.00 -0.08 -59.74
N LEU O 83 23.21 0.88 -58.84
CA LEU O 83 24.23 0.78 -57.81
C LEU O 83 23.61 0.79 -56.42
N PHE O 84 24.21 0.01 -55.52
CA PHE O 84 23.91 0.06 -54.09
C PHE O 84 25.23 0.42 -53.38
N GLU O 85 25.38 1.70 -53.05
CA GLU O 85 26.64 2.19 -52.51
C GLU O 85 26.94 1.56 -51.16
N VAL O 86 28.24 1.35 -50.90
CA VAL O 86 28.69 0.80 -49.62
C VAL O 86 29.93 1.55 -49.19
N PRO O 87 29.89 2.32 -48.08
CA PRO O 87 31.08 3.11 -47.70
C PRO O 87 32.12 2.29 -46.98
N GLU O 88 31.75 1.71 -45.84
CA GLU O 88 32.65 0.88 -45.06
C GLU O 88 32.59 -0.55 -45.57
N VAL O 89 33.76 -1.14 -45.80
CA VAL O 89 33.87 -2.50 -46.31
C VAL O 89 34.70 -3.29 -45.29
N THR O 90 34.08 -4.32 -44.73
CA THR O 90 34.75 -5.21 -43.78
C THR O 90 34.83 -6.61 -44.37
N VAL O 91 36.00 -7.24 -44.22
CA VAL O 91 36.25 -8.54 -44.82
C VAL O 91 35.59 -9.61 -43.94
N ALA O 92 34.61 -10.30 -44.49
CA ALA O 92 33.97 -11.42 -43.83
C ALA O 92 33.03 -12.09 -44.83
N PRO O 93 32.59 -13.32 -44.54
CA PRO O 93 31.55 -13.93 -45.38
C PRO O 93 30.31 -13.06 -45.43
N VAL O 94 29.66 -13.04 -46.59
CA VAL O 94 28.49 -12.20 -46.81
C VAL O 94 27.46 -12.99 -47.61
N HIS O 95 26.19 -12.72 -47.33
CA HIS O 95 25.07 -13.37 -48.00
C HIS O 95 24.23 -12.30 -48.68
N ILE O 96 24.06 -12.43 -50.00
CA ILE O 96 23.31 -11.46 -50.79
C ILE O 96 22.12 -12.16 -51.43
N CYS O 97 20.99 -11.46 -51.47
CA CYS O 97 19.81 -11.86 -52.22
C CYS O 97 19.37 -10.67 -53.05
N THR O 98 19.02 -10.92 -54.31
CA THR O 98 18.62 -9.86 -55.23
C THR O 98 17.50 -10.35 -56.14
N SER O 99 16.50 -9.49 -56.32
CA SER O 99 15.32 -9.83 -57.10
C SER O 99 14.99 -8.68 -58.05
N TRP O 100 14.30 -9.01 -59.13
CA TRP O 100 13.89 -8.04 -60.14
C TRP O 100 12.50 -8.40 -60.63
N GLU O 101 11.69 -7.37 -60.92
CA GLU O 101 10.35 -7.57 -61.44
C GLU O 101 10.16 -6.72 -62.69
N SER O 102 9.59 -7.31 -63.74
CA SER O 102 9.39 -6.60 -64.98
C SER O 102 8.21 -5.63 -64.89
N ALA O 103 7.06 -6.12 -64.41
CA ALA O 103 5.85 -5.30 -64.39
C ALA O 103 6.07 -3.98 -63.66
N SER O 104 6.99 -3.97 -62.69
CA SER O 104 7.25 -2.79 -61.88
C SER O 104 8.68 -2.28 -61.95
N GLY O 105 9.62 -3.09 -62.42
CA GLY O 105 11.02 -2.71 -62.42
C GLY O 105 11.66 -2.67 -61.06
N ILE O 106 10.93 -2.98 -60.00
CA ILE O 106 11.48 -2.90 -58.65
C ILE O 106 12.56 -3.95 -58.47
N VAL O 107 13.68 -3.55 -57.89
CA VAL O 107 14.76 -4.46 -57.53
C VAL O 107 15.03 -4.32 -56.04
N GLU O 108 15.10 -5.45 -55.35
CA GLU O 108 15.45 -5.50 -53.94
C GLU O 108 16.85 -6.08 -53.77
N PHE O 109 17.57 -5.58 -52.78
CA PHE O 109 18.93 -6.03 -52.49
C PHE O 109 19.06 -6.25 -50.99
N TRP O 110 19.22 -7.50 -50.58
CA TRP O 110 19.38 -7.88 -49.19
C TRP O 110 20.84 -8.26 -48.93
N VAL O 111 21.40 -7.73 -47.86
CA VAL O 111 22.77 -8.06 -47.44
C VAL O 111 22.71 -8.56 -46.01
N ASP O 112 23.15 -9.80 -45.81
CA ASP O 112 23.13 -10.42 -44.49
C ASP O 112 21.74 -10.28 -43.84
N GLY O 113 20.72 -10.56 -44.64
CA GLY O 113 19.35 -10.56 -44.14
C GLY O 113 18.73 -9.20 -43.91
N LYS O 114 19.43 -8.12 -44.25
CA LYS O 114 18.91 -6.77 -44.07
C LYS O 114 18.71 -6.10 -45.42
N PRO O 115 17.55 -5.49 -45.68
CA PRO O 115 17.26 -4.99 -47.03
C PRO O 115 17.75 -3.58 -47.27
N ARG O 116 18.19 -3.34 -48.49
CA ARG O 116 18.46 -2.00 -48.98
C ARG O 116 17.22 -1.44 -49.68
N VAL O 117 17.23 -0.12 -49.87
CA VAL O 117 16.06 0.53 -50.47
C VAL O 117 15.79 -0.06 -51.86
N ARG O 118 14.58 0.19 -52.36
CA ARG O 118 14.13 -0.36 -53.63
C ARG O 118 14.43 0.62 -54.76
N LYS O 119 14.87 0.08 -55.89
CA LYS O 119 15.22 0.87 -57.07
C LYS O 119 14.56 0.28 -58.31
N SER O 120 14.57 1.05 -59.39
CA SER O 120 14.00 0.62 -60.65
C SER O 120 15.10 0.22 -61.63
N LEU O 121 14.74 -0.68 -62.55
CA LEU O 121 15.66 -1.09 -63.60
C LEU O 121 14.94 -1.92 -64.67
N LYS O 122 14.98 -1.46 -65.92
CA LYS O 122 14.46 -2.19 -67.06
C LYS O 122 13.03 -2.68 -66.80
N LYS O 123 12.13 -1.71 -66.61
CA LYS O 123 10.72 -2.03 -66.48
C LYS O 123 10.18 -2.55 -67.81
N GLY O 124 9.47 -3.67 -67.76
CA GLY O 124 8.89 -4.28 -68.94
C GLY O 124 9.82 -5.21 -69.70
N TYR O 125 11.07 -5.34 -69.27
CA TYR O 125 12.02 -6.22 -69.94
C TYR O 125 11.61 -7.68 -69.79
N THR O 126 12.28 -8.54 -70.57
CA THR O 126 12.07 -9.98 -70.51
C THR O 126 13.42 -10.65 -70.68
N VAL O 127 13.86 -11.38 -69.65
CA VAL O 127 15.18 -11.96 -69.62
C VAL O 127 15.22 -13.21 -70.49
N GLY O 128 16.31 -13.41 -71.20
CA GLY O 128 16.44 -14.56 -72.08
C GLY O 128 16.55 -15.85 -71.28
N ALA O 129 16.05 -16.93 -71.87
CA ALA O 129 16.05 -18.23 -71.22
C ALA O 129 17.26 -19.08 -71.56
N GLU O 130 17.73 -19.03 -72.80
CA GLU O 130 18.89 -19.83 -73.22
C GLU O 130 20.15 -19.07 -72.81
N ALA O 131 20.58 -19.27 -71.57
CA ALA O 131 21.67 -18.52 -70.97
C ALA O 131 22.84 -19.43 -70.64
N SER O 132 23.96 -18.80 -70.33
CA SER O 132 25.16 -19.49 -69.86
C SER O 132 25.54 -18.85 -68.53
N ILE O 133 25.53 -19.65 -67.46
CA ILE O 133 25.73 -19.17 -66.10
C ILE O 133 27.11 -19.59 -65.63
N ILE O 134 27.91 -18.63 -65.19
CA ILE O 134 29.31 -18.85 -64.86
C ILE O 134 29.61 -18.22 -63.50
N LEU O 135 30.41 -18.92 -62.70
CA LEU O 135 30.83 -18.46 -61.39
C LEU O 135 32.36 -18.35 -61.38
N GLY O 136 32.87 -17.24 -60.85
CA GLY O 136 34.30 -17.03 -60.76
C GLY O 136 34.91 -16.24 -61.90
N GLN O 137 34.13 -15.91 -62.93
CA GLN O 137 34.63 -15.15 -64.06
C GLN O 137 33.50 -14.28 -64.59
N GLU O 138 33.88 -13.23 -65.32
CA GLU O 138 32.93 -12.34 -65.96
C GLU O 138 32.84 -12.66 -67.44
N GLN O 139 31.62 -12.78 -67.95
CA GLN O 139 31.39 -13.14 -69.35
C GLN O 139 31.28 -11.89 -70.20
N ASP O 140 32.04 -11.85 -71.30
CA ASP O 140 31.86 -10.84 -72.33
C ASP O 140 31.16 -11.40 -73.56
N SER O 141 31.10 -12.74 -73.68
CA SER O 141 30.38 -13.42 -74.74
C SER O 141 29.79 -14.68 -74.15
N PHE O 142 28.98 -15.38 -74.95
CA PHE O 142 28.33 -16.59 -74.47
C PHE O 142 29.35 -17.58 -73.92
N GLY O 143 29.48 -17.62 -72.59
CA GLY O 143 30.35 -18.59 -71.94
C GLY O 143 31.82 -18.43 -72.25
N GLY O 144 32.27 -17.21 -72.56
CA GLY O 144 33.66 -17.02 -72.91
C GLY O 144 34.08 -15.57 -72.79
N ASN O 145 35.33 -15.31 -73.20
CA ASN O 145 35.93 -13.99 -73.16
C ASN O 145 35.99 -13.45 -71.73
N PHE O 146 36.87 -14.08 -70.95
CA PHE O 146 37.04 -13.73 -69.55
C PHE O 146 38.17 -12.72 -69.38
N GLU O 147 37.99 -11.77 -68.47
CA GLU O 147 39.04 -10.84 -68.08
C GLU O 147 39.62 -11.29 -66.74
N GLY O 148 40.94 -11.45 -66.69
CA GLY O 148 41.57 -11.90 -65.46
C GLY O 148 41.47 -10.89 -64.34
N SER O 149 41.41 -9.61 -64.68
CA SER O 149 41.29 -8.57 -63.67
C SER O 149 39.88 -8.48 -63.08
N GLN O 150 38.93 -9.23 -63.62
CA GLN O 150 37.59 -9.35 -63.06
C GLN O 150 37.39 -10.67 -62.34
N SER O 151 38.46 -11.46 -62.17
CA SER O 151 38.35 -12.74 -61.50
C SER O 151 37.88 -12.59 -60.06
N LEU O 152 37.23 -13.63 -59.55
CA LEU O 152 36.89 -13.73 -58.14
C LEU O 152 37.83 -14.72 -57.48
N VAL O 153 38.51 -14.29 -56.42
CA VAL O 153 39.45 -15.13 -55.68
C VAL O 153 38.89 -15.30 -54.27
N GLY O 154 38.41 -16.49 -53.98
CA GLY O 154 37.86 -16.80 -52.68
C GLY O 154 36.82 -17.91 -52.77
N ASP O 155 35.86 -17.85 -51.86
CA ASP O 155 34.83 -18.88 -51.73
C ASP O 155 33.50 -18.37 -52.27
N ILE O 156 32.74 -19.27 -52.90
CA ILE O 156 31.36 -18.98 -53.30
C ILE O 156 30.55 -20.27 -53.20
N GLY O 157 29.32 -20.13 -52.75
CA GLY O 157 28.46 -21.30 -52.62
C GLY O 157 27.05 -20.91 -52.24
N ASN O 158 26.21 -21.94 -52.04
CA ASN O 158 24.83 -21.77 -51.60
C ASN O 158 24.00 -20.97 -52.60
N VAL O 159 24.34 -21.07 -53.89
CA VAL O 159 23.64 -20.31 -54.92
C VAL O 159 22.30 -20.96 -55.22
N ASN O 160 21.25 -20.16 -55.28
CA ASN O 160 19.90 -20.63 -55.56
C ASN O 160 19.16 -19.56 -56.35
N MET O 161 18.36 -19.99 -57.32
CA MET O 161 17.66 -19.07 -58.22
C MET O 161 16.20 -19.48 -58.35
N TRP O 162 15.32 -18.50 -58.27
CA TRP O 162 13.89 -18.67 -58.52
C TRP O 162 13.50 -17.95 -59.81
N ASP O 163 12.23 -18.13 -60.20
CA ASP O 163 11.65 -17.42 -61.33
C ASP O 163 10.53 -16.47 -60.88
N PHE O 164 10.46 -16.17 -59.59
CA PHE O 164 9.53 -15.16 -59.07
C PHE O 164 10.27 -14.36 -58.01
N VAL O 165 9.55 -13.48 -57.32
CA VAL O 165 10.13 -12.56 -56.34
C VAL O 165 9.83 -13.09 -54.95
N LEU O 166 10.88 -13.21 -54.14
CA LEU O 166 10.74 -13.69 -52.77
C LEU O 166 10.31 -12.57 -51.84
N SER O 167 9.38 -12.87 -50.95
CA SER O 167 8.89 -11.89 -49.99
C SER O 167 9.88 -11.72 -48.84
N PRO O 168 9.79 -10.61 -48.10
CA PRO O 168 10.65 -10.46 -46.91
C PRO O 168 10.67 -11.69 -46.02
N ASP O 169 9.50 -12.27 -45.77
CA ASP O 169 9.43 -13.45 -44.91
C ASP O 169 10.22 -14.61 -45.51
N GLU O 170 10.17 -14.78 -46.83
CA GLU O 170 10.91 -15.86 -47.47
C GLU O 170 12.41 -15.62 -47.41
N ILE O 171 12.86 -14.40 -47.74
CA ILE O 171 14.28 -14.08 -47.67
C ILE O 171 14.82 -14.40 -46.28
N ASN O 172 14.03 -14.11 -45.25
CA ASN O 172 14.47 -14.35 -43.88
C ASN O 172 14.78 -15.82 -43.65
N THR O 173 13.87 -16.72 -44.04
CA THR O 173 14.08 -18.14 -43.81
C THR O 173 15.33 -18.64 -44.53
N ILE O 174 15.59 -18.13 -45.73
CA ILE O 174 16.78 -18.53 -46.47
C ILE O 174 18.03 -18.13 -45.72
N TYR O 175 18.04 -16.92 -45.16
CA TYR O 175 19.21 -16.44 -44.42
C TYR O 175 19.43 -17.26 -43.15
N LEU O 176 18.36 -17.54 -42.40
CA LEU O 176 18.48 -18.23 -41.13
C LEU O 176 18.75 -19.72 -41.29
N GLY O 177 18.52 -20.30 -42.46
CA GLY O 177 18.82 -21.68 -42.70
C GLY O 177 17.63 -22.61 -42.70
N GLY O 178 16.47 -22.15 -43.14
CA GLY O 178 15.28 -22.97 -43.17
C GLY O 178 15.11 -23.62 -44.52
N PRO O 179 14.22 -24.61 -44.61
CA PRO O 179 14.07 -25.37 -45.86
C PRO O 179 13.12 -24.67 -46.85
N PHE O 180 13.67 -24.30 -48.00
CA PHE O 180 12.93 -23.70 -49.10
C PHE O 180 13.30 -24.44 -50.38
N SER O 181 12.41 -24.42 -51.36
CA SER O 181 12.61 -25.16 -52.62
C SER O 181 12.74 -24.22 -53.80
N PRO O 182 13.95 -23.91 -54.25
CA PRO O 182 14.11 -23.11 -55.47
C PRO O 182 13.61 -23.88 -56.68
N ASN O 183 13.23 -23.14 -57.73
CA ASN O 183 12.68 -23.73 -58.94
C ASN O 183 13.46 -23.35 -60.21
N VAL O 184 14.69 -22.84 -60.06
CA VAL O 184 15.54 -22.59 -61.21
C VAL O 184 16.90 -23.23 -60.97
N LEU O 185 17.59 -22.78 -59.93
CA LEU O 185 18.88 -23.32 -59.51
C LEU O 185 18.78 -23.78 -58.07
N ASN O 186 19.26 -25.00 -57.80
CA ASN O 186 19.15 -25.60 -56.47
C ASN O 186 20.54 -26.07 -56.03
N TRP O 187 21.04 -25.50 -54.93
CA TRP O 187 22.33 -25.92 -54.39
C TRP O 187 22.31 -27.40 -54.02
N ARG O 188 21.18 -27.90 -53.54
CA ARG O 188 21.06 -29.29 -53.14
C ARG O 188 20.89 -30.24 -54.32
N ALA O 189 20.85 -29.73 -55.56
CA ALA O 189 20.67 -30.56 -56.75
C ALA O 189 21.29 -29.83 -57.95
N LEU O 190 22.60 -29.61 -57.90
CA LEU O 190 23.29 -28.78 -58.88
C LEU O 190 23.82 -29.62 -60.05
N LYS O 191 23.46 -29.21 -61.26
CA LYS O 191 24.07 -29.74 -62.49
C LYS O 191 25.08 -28.69 -62.95
N TYR O 192 26.37 -28.97 -62.73
CA TYR O 192 27.44 -28.02 -63.00
C TYR O 192 28.56 -28.69 -63.76
N GLU O 193 29.56 -27.89 -64.14
CA GLU O 193 30.69 -28.37 -64.94
C GLU O 193 31.91 -27.55 -64.56
N VAL O 194 32.94 -28.23 -64.07
CA VAL O 194 34.14 -27.56 -63.57
C VAL O 194 35.18 -27.50 -64.67
N GLN O 195 35.97 -26.42 -64.66
CA GLN O 195 37.07 -26.25 -65.59
C GLN O 195 38.11 -25.36 -64.94
N GLY O 196 39.38 -25.77 -65.01
CA GLY O 196 40.46 -24.98 -64.47
C GLY O 196 40.74 -25.28 -63.01
N GLU O 197 41.38 -24.32 -62.35
CA GLU O 197 41.83 -24.46 -60.97
C GLU O 197 40.72 -24.03 -60.02
N VAL O 198 39.82 -24.97 -59.70
CA VAL O 198 38.76 -24.76 -58.73
C VAL O 198 38.58 -26.03 -57.92
N PHE O 199 38.22 -25.87 -56.65
CA PHE O 199 38.11 -26.98 -55.72
C PHE O 199 36.79 -26.92 -54.96
N THR O 200 36.39 -28.07 -54.42
CA THR O 200 35.16 -28.20 -53.64
C THR O 200 35.55 -28.63 -52.23
N LYS O 201 35.32 -27.75 -51.26
CA LYS O 201 35.71 -27.98 -49.88
C LYS O 201 34.56 -27.56 -48.97
N PRO O 202 34.59 -27.98 -47.70
CA PRO O 202 33.54 -27.56 -46.77
C PRO O 202 33.48 -26.05 -46.65
N GLN O 203 32.27 -25.53 -46.51
CA GLN O 203 32.08 -24.07 -46.46
C GLN O 203 32.56 -23.51 -45.14
N LEU O 204 32.98 -22.24 -45.19
CA LEU O 204 33.55 -21.57 -44.03
C LEU O 204 32.49 -20.90 -43.16
N TRP O 205 31.42 -20.41 -43.78
CA TRP O 205 30.32 -19.78 -43.07
C TRP O 205 29.39 -20.84 -42.49
N PRO O 206 28.58 -20.47 -41.48
CA PRO O 206 27.61 -21.44 -40.96
C PRO O 206 26.46 -21.68 -41.94
N GLN P 1 60.94 -60.22 -40.13
CA GLN P 1 60.21 -58.91 -40.23
C GLN P 1 59.32 -58.86 -41.47
N THR P 2 58.04 -58.58 -41.28
CA THR P 2 57.11 -58.45 -42.39
C THR P 2 56.22 -57.24 -42.18
N ASP P 3 56.13 -56.39 -43.21
CA ASP P 3 55.18 -55.27 -43.18
C ASP P 3 53.82 -55.79 -43.64
N MET P 4 52.86 -55.83 -42.71
CA MET P 4 51.53 -56.37 -42.98
C MET P 4 50.49 -55.27 -43.15
N SER P 5 50.90 -54.05 -43.48
CA SER P 5 49.96 -52.97 -43.65
C SER P 5 48.91 -53.32 -44.70
N ARG P 6 47.65 -53.02 -44.39
CA ARG P 6 46.50 -53.20 -45.26
C ARG P 6 46.17 -54.67 -45.54
N LYS P 7 46.89 -55.61 -44.93
CA LYS P 7 46.63 -57.03 -45.10
C LYS P 7 46.10 -57.63 -43.80
N ALA P 8 45.45 -58.78 -43.92
CA ALA P 8 44.81 -59.43 -42.78
C ALA P 8 44.79 -60.93 -42.96
N PHE P 9 44.81 -61.65 -41.84
CA PHE P 9 44.67 -63.09 -41.85
C PHE P 9 43.20 -63.49 -41.90
N VAL P 10 42.89 -64.48 -42.73
CA VAL P 10 41.52 -64.97 -42.90
C VAL P 10 41.49 -66.47 -42.63
N PHE P 11 40.58 -66.89 -41.74
CA PHE P 11 40.31 -68.30 -41.46
C PHE P 11 38.97 -68.64 -42.09
N PRO P 12 38.96 -69.19 -43.31
CA PRO P 12 37.68 -69.29 -44.04
C PRO P 12 36.64 -70.15 -43.34
N LYS P 13 36.98 -71.36 -42.92
CA LYS P 13 36.03 -72.31 -42.37
C LYS P 13 36.50 -72.80 -41.01
N GLU P 14 35.55 -73.29 -40.23
CA GLU P 14 35.88 -73.86 -38.93
C GLU P 14 36.90 -74.98 -39.10
N SER P 15 37.91 -74.99 -38.24
CA SER P 15 38.96 -75.99 -38.33
C SER P 15 39.60 -76.18 -36.97
N ASP P 16 40.37 -77.26 -36.87
CA ASP P 16 41.09 -77.61 -35.66
C ASP P 16 42.60 -77.37 -35.76
N THR P 17 43.12 -77.13 -36.97
CA THR P 17 44.56 -77.11 -37.19
C THR P 17 45.04 -75.86 -37.91
N SER P 18 44.23 -74.81 -37.95
CA SER P 18 44.59 -73.56 -38.63
C SER P 18 44.88 -72.50 -37.59
N TYR P 19 46.00 -71.81 -37.75
CA TYR P 19 46.44 -70.80 -36.79
C TYR P 19 47.75 -70.20 -37.29
N VAL P 20 48.01 -68.97 -36.84
CA VAL P 20 49.30 -68.32 -37.04
C VAL P 20 49.91 -68.07 -35.67
N SER P 21 51.23 -68.19 -35.58
CA SER P 21 51.96 -68.06 -34.32
C SER P 21 52.79 -66.78 -34.37
N LEU P 22 52.47 -65.84 -33.49
CA LEU P 22 53.21 -64.59 -33.38
C LEU P 22 54.39 -64.77 -32.45
N LYS P 23 55.54 -64.23 -32.86
CA LYS P 23 56.80 -64.37 -32.12
C LYS P 23 57.16 -63.01 -31.52
N ALA P 24 57.46 -62.99 -30.23
CA ALA P 24 57.67 -61.75 -29.50
C ALA P 24 59.07 -61.68 -28.92
N PRO P 25 59.78 -60.55 -29.05
CA PRO P 25 61.13 -60.37 -28.49
C PRO P 25 61.13 -59.98 -27.01
N LEU P 26 60.55 -60.84 -26.17
CA LEU P 26 60.38 -60.54 -24.77
C LEU P 26 61.60 -60.97 -23.96
N THR P 27 61.97 -60.16 -22.97
CA THR P 27 63.07 -60.46 -22.06
C THR P 27 62.72 -60.23 -20.60
N LYS P 28 61.96 -59.19 -20.31
CA LYS P 28 61.49 -58.91 -18.98
C LYS P 28 60.03 -59.30 -18.86
N PRO P 29 59.59 -59.76 -17.70
CA PRO P 29 58.15 -60.00 -17.50
C PRO P 29 57.38 -58.70 -17.59
N LEU P 30 56.12 -58.81 -18.01
CA LEU P 30 55.28 -57.65 -18.26
C LEU P 30 54.62 -57.22 -16.96
N LYS P 31 54.83 -55.96 -16.57
CA LYS P 31 54.10 -55.36 -15.46
C LYS P 31 52.86 -54.61 -15.93
N ALA P 32 52.63 -54.55 -17.24
CA ALA P 32 51.50 -53.86 -17.84
C ALA P 32 51.64 -54.01 -19.34
N PHE P 33 50.52 -53.82 -20.06
CA PHE P 33 50.53 -53.95 -21.51
C PHE P 33 49.27 -53.31 -22.07
N THR P 34 49.19 -53.28 -23.40
CA THR P 34 48.02 -52.82 -24.11
C THR P 34 48.00 -53.54 -25.46
N VAL P 35 46.86 -54.12 -25.81
CA VAL P 35 46.71 -54.90 -27.04
C VAL P 35 45.56 -54.32 -27.83
N CYS P 36 45.79 -54.12 -29.13
CA CYS P 36 44.78 -53.58 -30.04
C CYS P 36 44.77 -54.41 -31.31
N LEU P 37 43.59 -54.50 -31.93
CA LEU P 37 43.46 -55.31 -33.13
C LEU P 37 42.11 -55.04 -33.78
N HIS P 38 41.99 -55.49 -35.03
CA HIS P 38 40.76 -55.49 -35.79
C HIS P 38 40.28 -56.94 -35.95
N PHE P 39 38.98 -57.13 -36.05
CA PHE P 39 38.45 -58.45 -36.40
C PHE P 39 37.01 -58.31 -36.85
N TYR P 40 36.55 -59.34 -37.56
CA TYR P 40 35.24 -59.32 -38.21
C TYR P 40 34.75 -60.75 -38.31
N THR P 41 33.59 -61.04 -37.73
CA THR P 41 33.06 -62.39 -37.79
C THR P 41 31.56 -62.38 -37.50
N GLU P 42 30.86 -63.36 -38.05
CA GLU P 42 29.44 -63.56 -37.81
C GLU P 42 29.15 -64.57 -36.70
N LEU P 43 30.17 -65.26 -36.20
CA LEU P 43 29.95 -66.32 -35.21
C LEU P 43 29.36 -65.80 -33.91
N SER P 44 29.53 -64.52 -33.59
CA SER P 44 29.17 -64.01 -32.27
C SER P 44 27.74 -64.33 -31.86
N SER P 45 26.85 -64.60 -32.81
CA SER P 45 25.47 -64.93 -32.49
C SER P 45 25.22 -66.44 -32.41
N THR P 46 26.15 -67.26 -32.89
CA THR P 46 26.00 -68.71 -32.88
C THR P 46 26.72 -69.35 -31.70
N ARG P 47 28.00 -68.99 -31.49
CA ARG P 47 28.78 -69.53 -30.39
C ARG P 47 29.84 -68.49 -30.01
N GLY P 48 30.79 -68.91 -29.17
CA GLY P 48 31.92 -68.10 -28.82
C GLY P 48 33.19 -68.53 -29.57
N TYR P 49 34.22 -67.70 -29.46
CA TYR P 49 35.46 -67.95 -30.19
C TYR P 49 36.61 -67.25 -29.47
N SER P 50 37.82 -67.71 -29.77
CA SER P 50 39.03 -67.10 -29.23
C SER P 50 39.52 -66.00 -30.16
N ILE P 51 39.85 -64.85 -29.57
CA ILE P 51 40.31 -63.69 -30.33
C ILE P 51 41.82 -63.54 -30.25
N PHE P 52 42.39 -63.78 -29.06
CA PHE P 52 43.83 -63.54 -28.85
C PHE P 52 44.28 -64.41 -27.69
N SER P 53 45.12 -65.41 -27.98
CA SER P 53 45.55 -66.39 -26.99
C SER P 53 47.03 -66.23 -26.70
N TYR P 54 47.35 -65.84 -25.47
CA TYR P 54 48.71 -65.63 -24.99
C TYR P 54 48.93 -66.56 -23.80
N ALA P 55 49.73 -67.60 -24.00
CA ALA P 55 49.86 -68.67 -23.01
C ALA P 55 51.31 -68.80 -22.53
N THR P 56 51.45 -69.35 -21.34
CA THR P 56 52.74 -69.66 -20.74
C THR P 56 52.76 -71.12 -20.32
N LYS P 57 53.96 -71.64 -20.07
CA LYS P 57 54.09 -73.05 -19.68
C LYS P 57 53.30 -73.34 -18.39
N ARG P 58 53.25 -72.38 -17.47
CA ARG P 58 52.57 -72.56 -16.20
C ARG P 58 51.13 -72.10 -16.21
N GLN P 59 50.71 -71.34 -17.21
CA GLN P 59 49.36 -70.76 -17.24
C GLN P 59 48.91 -70.70 -18.69
N ASP P 60 47.94 -71.53 -19.05
CA ASP P 60 47.43 -71.58 -20.41
C ASP P 60 46.62 -70.34 -20.79
N ASN P 61 46.24 -69.51 -19.81
CA ASN P 61 45.45 -68.31 -20.03
C ASN P 61 46.15 -67.10 -19.43
N GLU P 62 47.41 -66.91 -19.79
CA GLU P 62 48.18 -65.79 -19.24
C GLU P 62 47.50 -64.46 -19.55
N ILE P 63 47.09 -64.26 -20.79
CA ILE P 63 46.17 -63.18 -21.13
C ILE P 63 45.38 -63.59 -22.37
N LEU P 64 44.04 -63.58 -22.25
CA LEU P 64 43.17 -64.10 -23.29
C LEU P 64 42.01 -63.14 -23.52
N ILE P 65 41.72 -62.85 -24.78
CA ILE P 65 40.54 -62.08 -25.18
C ILE P 65 39.59 -63.06 -25.86
N PHE P 66 38.36 -63.14 -25.34
CA PHE P 66 37.42 -64.18 -25.72
C PHE P 66 36.02 -63.59 -25.82
N TRP P 67 35.27 -64.06 -26.81
CA TRP P 67 33.86 -63.70 -26.95
C TRP P 67 33.00 -64.87 -26.50
N SER P 68 32.23 -64.68 -25.44
CA SER P 68 31.29 -65.67 -24.95
C SER P 68 29.89 -65.31 -25.45
N LYS P 69 29.28 -66.22 -26.19
CA LYS P 69 27.96 -65.96 -26.76
C LYS P 69 27.00 -65.51 -25.67
N ASP P 70 26.11 -64.59 -26.03
CA ASP P 70 25.01 -64.11 -25.21
C ASP P 70 25.47 -63.31 -24.00
N ILE P 71 26.77 -63.16 -23.79
CA ILE P 71 27.31 -62.45 -22.63
C ILE P 71 28.05 -61.18 -23.06
N GLY P 72 29.04 -61.32 -23.93
CA GLY P 72 29.84 -60.18 -24.37
C GLY P 72 31.32 -60.53 -24.42
N TYR P 73 32.17 -59.56 -24.09
CA TYR P 73 33.61 -59.75 -24.15
C TYR P 73 34.13 -60.32 -22.84
N SER P 74 34.99 -61.33 -22.94
CA SER P 74 35.62 -61.96 -21.79
C SER P 74 37.11 -61.66 -21.82
N PHE P 75 37.62 -61.11 -20.72
CA PHE P 75 39.02 -60.67 -20.62
C PHE P 75 39.61 -61.28 -19.36
N THR P 76 40.58 -62.18 -19.52
CA THR P 76 41.18 -62.89 -18.40
C THR P 76 42.70 -62.80 -18.47
N VAL P 77 43.32 -62.42 -17.36
CA VAL P 77 44.77 -62.39 -17.21
C VAL P 77 45.15 -63.26 -16.02
N GLY P 78 46.12 -64.14 -16.23
CA GLY P 78 46.56 -65.03 -15.16
C GLY P 78 45.50 -66.01 -14.70
N GLY P 79 44.53 -66.35 -15.55
CA GLY P 79 43.51 -67.31 -15.21
C GLY P 79 42.26 -66.74 -14.60
N SER P 80 42.27 -65.46 -14.19
CA SER P 80 41.12 -64.82 -13.58
C SER P 80 40.40 -63.97 -14.63
N GLU P 81 39.08 -64.08 -14.67
CA GLU P 81 38.27 -63.50 -15.74
C GLU P 81 37.52 -62.27 -15.28
N ILE P 82 37.35 -61.33 -16.22
CA ILE P 82 36.47 -60.18 -16.06
C ILE P 82 35.68 -60.02 -17.36
N LEU P 83 34.45 -59.52 -17.24
CA LEU P 83 33.52 -59.46 -18.36
C LEU P 83 33.16 -58.02 -18.69
N PHE P 84 32.97 -57.77 -19.97
CA PHE P 84 32.40 -56.51 -20.47
C PHE P 84 31.11 -56.86 -21.21
N GLU P 85 29.98 -56.67 -20.52
CA GLU P 85 28.70 -57.13 -21.04
C GLU P 85 28.34 -56.40 -22.33
N VAL P 86 27.72 -57.13 -23.25
CA VAL P 86 27.24 -56.55 -24.51
C VAL P 86 25.87 -57.15 -24.81
N PRO P 87 24.79 -56.37 -24.78
CA PRO P 87 23.46 -56.95 -25.03
C PRO P 87 23.16 -57.05 -26.51
N GLU P 88 23.22 -55.93 -27.21
CA GLU P 88 22.97 -55.88 -28.65
C GLU P 88 24.26 -56.14 -29.40
N VAL P 89 24.20 -57.06 -30.36
CA VAL P 89 25.35 -57.42 -31.19
C VAL P 89 24.98 -57.19 -32.64
N THR P 90 25.72 -56.31 -33.31
CA THR P 90 25.54 -56.03 -34.72
C THR P 90 26.79 -56.47 -35.48
N VAL P 91 26.59 -57.15 -36.61
CA VAL P 91 27.69 -57.73 -37.36
C VAL P 91 28.37 -56.66 -38.20
N ALA P 92 29.64 -56.39 -37.91
CA ALA P 92 30.46 -55.48 -38.69
C ALA P 92 31.90 -55.59 -38.19
N PRO P 93 32.87 -55.10 -38.97
CA PRO P 93 34.25 -55.03 -38.46
C PRO P 93 34.31 -54.20 -37.18
N VAL P 94 35.19 -54.61 -36.27
CA VAL P 94 35.31 -53.96 -34.97
C VAL P 94 36.78 -53.86 -34.57
N HIS P 95 37.10 -52.78 -33.85
CA HIS P 95 38.45 -52.51 -33.36
C HIS P 95 38.41 -52.44 -31.84
N ILE P 96 39.20 -53.28 -31.18
CA ILE P 96 39.23 -53.36 -29.74
C ILE P 96 40.62 -53.00 -29.23
N CYS P 97 40.67 -52.26 -28.12
CA CYS P 97 41.90 -51.99 -27.38
C CYS P 97 41.66 -52.30 -25.92
N THR P 98 42.62 -52.98 -25.29
CA THR P 98 42.50 -53.34 -23.89
C THR P 98 43.87 -53.29 -23.23
N SER P 99 43.91 -52.74 -22.01
CA SER P 99 45.16 -52.54 -21.28
C SER P 99 44.98 -52.99 -19.84
N TRP P 100 46.11 -53.35 -19.22
CA TRP P 100 46.13 -53.79 -17.83
C TRP P 100 47.38 -53.26 -17.14
N GLU P 101 47.25 -52.91 -15.86
CA GLU P 101 48.36 -52.42 -15.07
C GLU P 101 48.42 -53.20 -13.77
N SER P 102 49.63 -53.60 -13.38
CA SER P 102 49.81 -54.40 -12.17
C SER P 102 49.66 -53.56 -10.92
N ALA P 103 50.33 -52.40 -10.88
CA ALA P 103 50.34 -51.58 -9.67
C ALA P 103 48.92 -51.26 -9.20
N SER P 104 47.96 -51.22 -10.11
CA SER P 104 46.58 -50.86 -9.78
C SER P 104 45.57 -51.94 -10.14
N GLY P 105 45.91 -52.90 -10.99
CA GLY P 105 44.95 -53.87 -11.46
C GLY P 105 43.90 -53.34 -12.40
N ILE P 106 43.94 -52.04 -12.73
CA ILE P 106 42.92 -51.44 -13.57
C ILE P 106 43.04 -51.98 -14.99
N VAL P 107 41.90 -52.34 -15.57
CA VAL P 107 41.82 -52.76 -16.97
C VAL P 107 40.87 -51.84 -17.70
N GLU P 108 41.30 -51.36 -18.87
CA GLU P 108 40.48 -50.57 -19.77
C GLU P 108 40.12 -51.42 -20.98
N PHE P 109 38.91 -51.23 -21.50
CA PHE P 109 38.47 -51.93 -22.70
C PHE P 109 37.78 -50.92 -23.61
N TRP P 110 38.42 -50.65 -24.75
CA TRP P 110 37.92 -49.72 -25.74
C TRP P 110 37.37 -50.50 -26.93
N VAL P 111 36.17 -50.14 -27.38
CA VAL P 111 35.54 -50.76 -28.54
C VAL P 111 35.23 -49.64 -29.52
N ASP P 112 35.81 -49.74 -30.72
CA ASP P 112 35.63 -48.73 -31.77
C ASP P 112 35.87 -47.32 -31.22
N GLY P 113 36.95 -47.18 -30.46
CA GLY P 113 37.37 -45.89 -29.95
C GLY P 113 36.56 -45.31 -28.82
N LYS P 114 35.59 -46.06 -28.30
CA LYS P 114 34.78 -45.59 -27.20
C LYS P 114 35.05 -46.43 -25.97
N PRO P 115 35.35 -45.84 -24.82
CA PRO P 115 35.82 -46.63 -23.68
C PRO P 115 34.69 -47.20 -22.84
N ARG P 116 34.94 -48.39 -22.34
CA ARG P 116 34.10 -48.99 -21.31
C ARG P 116 34.64 -48.62 -19.94
N VAL P 117 33.79 -48.81 -18.91
CA VAL P 117 34.19 -48.44 -17.57
C VAL P 117 35.44 -49.24 -17.17
N ARG P 118 36.09 -48.78 -16.11
CA ARG P 118 37.32 -49.39 -15.65
C ARG P 118 37.02 -50.43 -14.57
N LYS P 119 37.72 -51.56 -14.63
CA LYS P 119 37.52 -52.66 -13.69
C LYS P 119 38.87 -53.10 -13.16
N SER P 120 38.82 -53.92 -12.11
CA SER P 120 40.03 -54.42 -11.46
C SER P 120 40.27 -55.88 -11.85
N LEU P 121 41.54 -56.28 -11.84
CA LEU P 121 41.90 -57.67 -12.10
C LEU P 121 43.38 -57.93 -11.84
N LYS P 122 43.66 -58.89 -10.95
CA LYS P 122 45.00 -59.37 -10.69
C LYS P 122 45.97 -58.21 -10.42
N LYS P 123 45.68 -57.46 -9.36
CA LYS P 123 46.61 -56.43 -8.91
C LYS P 123 47.86 -57.10 -8.34
N GLY P 124 49.02 -56.63 -8.77
CA GLY P 124 50.28 -57.17 -8.31
C GLY P 124 50.79 -58.38 -9.07
N TYR P 125 50.03 -58.87 -10.05
CA TYR P 125 50.47 -60.01 -10.84
C TYR P 125 51.68 -59.62 -11.69
N THR P 126 52.31 -60.64 -12.27
CA THR P 126 53.46 -60.45 -13.15
C THR P 126 53.36 -61.45 -14.30
N VAL P 127 53.20 -60.93 -15.51
CA VAL P 127 52.96 -61.79 -16.68
C VAL P 127 54.26 -62.39 -17.15
N GLY P 128 54.20 -63.66 -17.57
CA GLY P 128 55.40 -64.34 -18.03
C GLY P 128 55.87 -63.80 -19.37
N ALA P 129 57.19 -63.86 -19.58
CA ALA P 129 57.79 -63.33 -20.79
C ALA P 129 57.93 -64.38 -21.89
N GLU P 130 58.27 -65.62 -21.54
CA GLU P 130 58.43 -66.68 -22.53
C GLU P 130 57.05 -67.29 -22.81
N ALA P 131 56.34 -66.67 -23.75
CA ALA P 131 54.96 -67.01 -24.05
C ALA P 131 54.83 -67.55 -25.47
N SER P 132 53.65 -68.07 -25.78
CA SER P 132 53.30 -68.51 -27.13
C SER P 132 52.02 -67.80 -27.53
N ILE P 133 52.10 -67.00 -28.60
CA ILE P 133 50.99 -66.16 -29.04
C ILE P 133 50.42 -66.79 -30.32
N ILE P 134 49.12 -67.04 -30.31
CA ILE P 134 48.44 -67.75 -31.38
C ILE P 134 47.17 -67.00 -31.74
N LEU P 135 46.87 -66.95 -33.04
CA LEU P 135 45.68 -66.32 -33.56
C LEU P 135 44.84 -67.37 -34.30
N GLY P 136 43.53 -67.36 -34.05
CA GLY P 136 42.63 -68.29 -34.70
C GLY P 136 42.34 -69.55 -33.92
N GLN P 137 42.97 -69.76 -32.78
CA GLN P 137 42.75 -70.94 -31.96
C GLN P 137 42.91 -70.56 -30.50
N GLU P 138 42.35 -71.37 -29.61
CA GLU P 138 42.46 -71.19 -28.18
C GLU P 138 43.48 -72.18 -27.62
N GLN P 139 44.39 -71.69 -26.79
CA GLN P 139 45.45 -72.51 -26.23
C GLN P 139 44.99 -73.13 -24.91
N ASP P 140 45.15 -74.44 -24.80
CA ASP P 140 45.03 -75.13 -23.53
C ASP P 140 46.38 -75.52 -22.95
N SER P 141 47.42 -75.52 -23.79
CA SER P 141 48.79 -75.78 -23.37
C SER P 141 49.70 -74.93 -24.25
N PHE P 142 50.99 -74.93 -23.92
CA PHE P 142 51.95 -74.14 -24.68
C PHE P 142 51.88 -74.46 -26.17
N GLY P 143 51.21 -73.61 -26.94
CA GLY P 143 51.17 -73.76 -28.38
C GLY P 143 50.46 -75.00 -28.88
N GLY P 144 49.51 -75.53 -28.11
CA GLY P 144 48.83 -76.74 -28.53
C GLY P 144 47.53 -76.94 -27.80
N ASN P 145 46.90 -78.09 -28.06
CA ASN P 145 45.64 -78.48 -27.44
C ASN P 145 44.54 -77.46 -27.78
N PHE P 146 44.14 -77.49 -29.05
CA PHE P 146 43.13 -76.59 -29.57
C PHE P 146 41.76 -77.24 -29.53
N GLU P 147 40.75 -76.44 -29.20
CA GLU P 147 39.35 -76.86 -29.27
C GLU P 147 38.72 -76.25 -30.52
N GLY P 148 38.10 -77.10 -31.35
CA GLY P 148 37.52 -76.62 -32.58
C GLY P 148 36.33 -75.71 -32.37
N SER P 149 35.60 -75.90 -31.27
CA SER P 149 34.46 -75.05 -30.97
C SER P 149 34.86 -73.67 -30.48
N GLN P 150 36.15 -73.42 -30.26
CA GLN P 150 36.65 -72.10 -29.93
C GLN P 150 37.37 -71.43 -31.09
N SER P 151 37.31 -72.03 -32.29
CA SER P 151 37.96 -71.45 -33.45
C SER P 151 37.39 -70.08 -33.78
N LEU P 152 38.21 -69.25 -34.43
CA LEU P 152 37.76 -67.99 -35.01
C LEU P 152 37.66 -68.17 -36.51
N VAL P 153 36.48 -67.89 -37.06
CA VAL P 153 36.22 -68.01 -38.48
C VAL P 153 35.90 -66.62 -39.01
N GLY P 154 36.85 -66.03 -39.73
CA GLY P 154 36.67 -64.70 -40.27
C GLY P 154 38.02 -64.02 -40.43
N ASP P 155 37.99 -62.70 -40.29
CA ASP P 155 39.18 -61.86 -40.49
C ASP P 155 39.72 -61.39 -39.15
N ILE P 156 41.05 -61.33 -39.06
CA ILE P 156 41.73 -60.73 -37.91
C ILE P 156 43.02 -60.09 -38.42
N GLY P 157 43.33 -58.91 -37.90
CA GLY P 157 44.52 -58.21 -38.32
C GLY P 157 44.75 -56.98 -37.49
N ASN P 158 45.79 -56.24 -37.85
CA ASN P 158 46.12 -54.97 -37.20
C ASN P 158 46.44 -55.16 -35.72
N VAL P 159 46.95 -56.33 -35.35
CA VAL P 159 47.25 -56.62 -33.95
C VAL P 159 48.56 -55.91 -33.57
N ASN P 160 48.53 -55.22 -32.44
CA ASN P 160 49.70 -54.48 -31.97
C ASN P 160 49.72 -54.54 -30.45
N MET P 161 50.93 -54.69 -29.89
CA MET P 161 51.09 -54.86 -28.45
C MET P 161 52.21 -53.95 -27.96
N TRP P 162 51.93 -53.25 -26.86
CA TRP P 162 52.92 -52.49 -26.13
C TRP P 162 53.17 -53.18 -24.79
N ASP P 163 54.13 -52.65 -24.03
CA ASP P 163 54.42 -53.13 -22.69
C ASP P 163 54.08 -52.09 -21.62
N PHE P 164 53.29 -51.08 -21.96
CA PHE P 164 52.79 -50.10 -21.00
C PHE P 164 51.32 -49.82 -21.34
N VAL P 165 50.74 -48.85 -20.64
CA VAL P 165 49.33 -48.51 -20.77
C VAL P 165 49.19 -47.26 -21.63
N LEU P 166 48.36 -47.34 -22.66
CA LEU P 166 48.14 -46.21 -23.55
C LEU P 166 47.07 -45.28 -22.99
N SER P 167 47.29 -43.98 -23.13
CA SER P 167 46.35 -42.97 -22.68
C SER P 167 45.20 -42.83 -23.68
N PRO P 168 44.08 -42.24 -23.25
CA PRO P 168 42.97 -42.01 -24.19
C PRO P 168 43.41 -41.39 -25.52
N ASP P 169 44.25 -40.36 -25.48
CA ASP P 169 44.67 -39.71 -26.72
C ASP P 169 45.42 -40.69 -27.62
N GLU P 170 46.22 -41.59 -27.03
CA GLU P 170 46.96 -42.56 -27.83
C GLU P 170 46.02 -43.56 -28.49
N ILE P 171 45.06 -44.09 -27.73
CA ILE P 171 44.09 -45.01 -28.31
C ILE P 171 43.39 -44.38 -29.51
N ASN P 172 43.08 -43.08 -29.42
CA ASN P 172 42.37 -42.41 -30.50
C ASN P 172 43.16 -42.47 -31.79
N THR P 173 44.43 -42.09 -31.75
CA THR P 173 45.24 -42.10 -32.97
C THR P 173 45.37 -43.50 -33.55
N ILE P 174 45.45 -44.52 -32.68
CA ILE P 174 45.50 -45.89 -33.16
C ILE P 174 44.22 -46.24 -33.91
N TYR P 175 43.07 -45.84 -33.36
CA TYR P 175 41.80 -46.09 -34.04
C TYR P 175 41.71 -45.27 -35.33
N LEU P 176 42.12 -44.00 -35.26
CA LEU P 176 41.98 -43.11 -36.41
C LEU P 176 42.98 -43.43 -37.51
N GLY P 177 44.03 -44.19 -37.21
CA GLY P 177 45.02 -44.57 -38.18
C GLY P 177 46.34 -43.83 -38.07
N GLY P 178 46.48 -42.95 -37.08
CA GLY P 178 47.68 -42.15 -36.94
C GLY P 178 48.93 -42.99 -36.78
N PRO P 179 50.10 -42.34 -36.83
CA PRO P 179 51.37 -43.09 -36.76
C PRO P 179 51.73 -43.48 -35.33
N PHE P 180 51.84 -44.79 -35.08
CA PHE P 180 52.20 -45.34 -33.78
C PHE P 180 53.33 -46.34 -33.94
N SER P 181 54.15 -46.48 -32.90
CA SER P 181 55.29 -47.40 -32.89
C SER P 181 55.17 -48.42 -31.76
N PRO P 182 54.66 -49.62 -32.02
CA PRO P 182 54.68 -50.67 -30.98
C PRO P 182 56.09 -51.13 -30.66
N ASN P 183 56.26 -51.65 -29.45
CA ASN P 183 57.55 -52.16 -29.00
C ASN P 183 57.49 -53.60 -28.50
N VAL P 184 56.40 -54.32 -28.78
CA VAL P 184 56.32 -55.75 -28.47
C VAL P 184 55.88 -56.49 -29.73
N LEU P 185 54.69 -56.16 -30.22
CA LEU P 185 54.18 -56.70 -31.48
C LEU P 185 53.87 -55.53 -32.41
N ASN P 186 54.36 -55.63 -33.65
CA ASN P 186 54.22 -54.55 -34.63
C ASN P 186 53.70 -55.13 -35.93
N TRP P 187 52.50 -54.67 -36.34
CA TRP P 187 51.94 -55.12 -37.62
C TRP P 187 52.88 -54.79 -38.77
N ARG P 188 53.54 -53.64 -38.71
CA ARG P 188 54.44 -53.20 -39.77
C ARG P 188 55.80 -53.89 -39.70
N ALA P 189 56.02 -54.78 -38.74
CA ALA P 189 57.26 -55.51 -38.59
C ALA P 189 56.96 -56.83 -37.87
N LEU P 190 56.14 -57.66 -38.49
CA LEU P 190 55.63 -58.87 -37.85
C LEU P 190 56.51 -60.07 -38.18
N LYS P 191 56.96 -60.76 -37.14
CA LYS P 191 57.60 -62.07 -37.26
C LYS P 191 56.57 -63.12 -36.87
N TYR P 192 56.02 -63.83 -37.85
CA TYR P 192 54.92 -64.75 -37.63
C TYR P 192 55.21 -66.09 -38.29
N GLU P 193 54.31 -67.04 -38.08
CA GLU P 193 54.45 -68.41 -38.57
C GLU P 193 53.06 -68.95 -38.88
N VAL P 194 52.83 -69.32 -40.13
CA VAL P 194 51.52 -69.79 -40.57
C VAL P 194 51.45 -71.30 -40.49
N GLN P 195 50.26 -71.81 -40.17
CA GLN P 195 50.03 -73.25 -40.15
C GLN P 195 48.55 -73.52 -40.42
N GLY P 196 48.29 -74.47 -41.31
CA GLY P 196 46.92 -74.87 -41.61
C GLY P 196 46.28 -74.03 -42.70
N GLU P 197 44.94 -74.04 -42.68
CA GLU P 197 44.14 -73.36 -43.70
C GLU P 197 43.95 -71.92 -43.28
N VAL P 198 44.92 -71.07 -43.64
CA VAL P 198 44.85 -69.63 -43.42
C VAL P 198 45.46 -68.94 -44.62
N PHE P 199 44.93 -67.77 -44.96
CA PHE P 199 45.32 -67.03 -46.15
C PHE P 199 45.59 -65.58 -45.79
N THR P 200 46.31 -64.90 -46.67
CA THR P 200 46.66 -63.49 -46.50
C THR P 200 46.04 -62.70 -47.65
N LYS P 201 45.09 -61.84 -47.32
CA LYS P 201 44.35 -61.05 -48.30
C LYS P 201 44.23 -59.62 -47.80
N PRO P 202 43.91 -58.68 -48.69
CA PRO P 202 43.73 -57.29 -48.24
C PRO P 202 42.62 -57.18 -47.21
N GLN P 203 42.80 -56.25 -46.27
CA GLN P 203 41.85 -56.08 -45.18
C GLN P 203 40.55 -55.46 -45.69
N LEU P 204 39.47 -55.78 -45.00
CA LEU P 204 38.14 -55.33 -45.40
C LEU P 204 37.77 -53.99 -44.80
N TRP P 205 38.25 -53.71 -43.58
CA TRP P 205 37.99 -52.43 -42.93
C TRP P 205 38.91 -51.34 -43.47
N PRO P 206 38.53 -50.06 -43.32
CA PRO P 206 39.41 -48.97 -43.75
C PRO P 206 40.61 -48.77 -42.83
N GLN Q 1 28.28 -55.77 -78.12
CA GLN Q 1 28.90 -54.50 -77.62
C GLN Q 1 27.85 -53.42 -77.38
N THR Q 2 26.83 -53.74 -76.58
CA THR Q 2 25.77 -52.77 -76.28
C THR Q 2 26.11 -51.95 -75.05
N ASP Q 3 26.02 -50.63 -75.18
CA ASP Q 3 26.16 -49.73 -74.04
C ASP Q 3 24.80 -49.61 -73.34
N MET Q 4 24.68 -50.21 -72.16
CA MET Q 4 23.44 -50.19 -71.40
C MET Q 4 23.54 -49.25 -70.20
N SER Q 5 24.47 -48.31 -70.22
CA SER Q 5 24.61 -47.37 -69.12
C SER Q 5 23.29 -46.64 -68.89
N ARG Q 6 22.92 -46.50 -67.61
CA ARG Q 6 21.71 -45.82 -67.17
C ARG Q 6 20.44 -46.56 -67.55
N LYS Q 7 20.53 -47.73 -68.17
CA LYS Q 7 19.38 -48.54 -68.52
C LYS Q 7 19.37 -49.81 -67.68
N ALA Q 8 18.20 -50.43 -67.57
CA ALA Q 8 18.04 -51.61 -66.73
C ALA Q 8 16.93 -52.48 -67.30
N PHE Q 9 17.05 -53.78 -67.10
CA PHE Q 9 16.02 -54.72 -67.50
C PHE Q 9 14.92 -54.78 -66.45
N VAL Q 10 13.67 -54.77 -66.89
CA VAL Q 10 12.52 -54.79 -66.01
C VAL Q 10 11.63 -55.97 -66.38
N PHE Q 11 11.33 -56.81 -65.39
CA PHE Q 11 10.39 -57.92 -65.53
C PHE Q 11 9.12 -57.53 -64.79
N PRO Q 12 8.11 -56.98 -65.47
CA PRO Q 12 7.00 -56.37 -64.72
C PRO Q 12 6.23 -57.35 -63.85
N LYS Q 13 5.80 -58.47 -64.41
CA LYS Q 13 4.93 -59.41 -63.69
C LYS Q 13 5.53 -60.80 -63.71
N GLU Q 14 5.12 -61.60 -62.74
CA GLU Q 14 5.57 -62.99 -62.66
C GLU Q 14 5.23 -63.73 -63.94
N SER Q 15 6.19 -64.49 -64.44
CA SER Q 15 6.01 -65.22 -65.69
C SER Q 15 6.97 -66.40 -65.70
N ASP Q 16 6.73 -67.32 -66.65
CA ASP Q 16 7.55 -68.50 -66.81
C ASP Q 16 8.46 -68.44 -68.02
N THR Q 17 8.26 -67.47 -68.92
CA THR Q 17 8.92 -67.48 -70.23
C THR Q 17 9.62 -66.17 -70.53
N SER Q 18 9.85 -65.33 -69.52
CA SER Q 18 10.53 -64.04 -69.70
C SER Q 18 11.92 -64.12 -69.08
N TYR Q 19 12.92 -63.68 -69.83
CA TYR Q 19 14.31 -63.75 -69.40
C TYR Q 19 15.18 -63.14 -70.49
N VAL Q 20 16.36 -62.69 -70.10
CA VAL Q 20 17.39 -62.25 -71.03
C VAL Q 20 18.58 -63.19 -70.92
N SER Q 21 19.22 -63.45 -72.05
CA SER Q 21 20.34 -64.39 -72.12
C SER Q 21 21.61 -63.60 -72.41
N LEU Q 22 22.53 -63.61 -71.46
CA LEU Q 22 23.81 -62.94 -71.62
C LEU Q 22 24.82 -63.86 -72.29
N LYS Q 23 25.56 -63.32 -73.25
CA LYS Q 23 26.53 -64.09 -74.02
C LYS Q 23 27.93 -63.65 -73.62
N ALA Q 24 28.78 -64.62 -73.29
CA ALA Q 24 30.11 -64.34 -72.76
C ALA Q 24 31.19 -64.91 -73.64
N PRO Q 25 32.26 -64.15 -73.93
CA PRO Q 25 33.38 -64.62 -74.77
C PRO Q 25 34.40 -65.48 -74.02
N LEU Q 26 33.95 -66.60 -73.48
CA LEU Q 26 34.79 -67.45 -72.66
C LEU Q 26 35.56 -68.46 -73.50
N THR Q 27 36.80 -68.73 -73.10
CA THR Q 27 37.64 -69.73 -73.75
C THR Q 27 38.34 -70.65 -72.77
N LYS Q 28 38.82 -70.12 -71.64
CA LYS Q 28 39.43 -70.91 -70.59
C LYS Q 28 38.45 -71.11 -69.44
N PRO Q 29 38.50 -72.24 -68.75
CA PRO Q 29 37.69 -72.39 -67.53
C PRO Q 29 38.12 -71.39 -66.47
N LEU Q 30 37.19 -71.00 -65.63
CA LEU Q 30 37.40 -69.95 -64.64
C LEU Q 30 37.99 -70.54 -63.37
N LYS Q 31 39.15 -70.02 -62.96
CA LYS Q 31 39.75 -70.35 -61.68
C LYS Q 31 39.34 -69.36 -60.59
N ALA Q 32 38.57 -68.34 -60.94
CA ALA Q 32 38.11 -67.29 -60.03
C ALA Q 32 37.30 -66.30 -60.85
N PHE Q 33 36.46 -65.52 -60.17
CA PHE Q 33 35.63 -64.54 -60.85
C PHE Q 33 35.09 -63.54 -59.83
N THR Q 34 34.38 -62.54 -60.34
CA THR Q 34 33.71 -61.54 -59.50
C THR Q 34 32.51 -61.04 -60.27
N VAL Q 35 31.35 -61.01 -59.61
CA VAL Q 35 30.09 -60.63 -60.23
C VAL Q 35 29.49 -59.50 -59.41
N CYS Q 36 29.05 -58.45 -60.09
CA CYS Q 36 28.42 -57.29 -59.45
C CYS Q 36 27.17 -56.92 -60.23
N LEU Q 37 26.18 -56.38 -59.52
CA LEU Q 37 24.92 -56.02 -60.18
C LEU Q 37 24.04 -55.22 -59.24
N HIS Q 38 23.04 -54.58 -59.83
CA HIS Q 38 21.97 -53.90 -59.12
C HIS Q 38 20.67 -54.66 -59.32
N PHE Q 39 19.77 -54.59 -58.34
CA PHE Q 39 18.44 -55.12 -58.53
C PHE Q 39 17.51 -54.55 -57.47
N TYR Q 40 16.22 -54.63 -57.76
CA TYR Q 40 15.19 -54.00 -56.93
C TYR Q 40 13.90 -54.80 -57.10
N THR Q 41 13.39 -55.33 -55.98
CA THR Q 41 12.15 -56.08 -56.04
C THR Q 41 11.54 -56.14 -54.65
N GLU Q 42 10.22 -56.28 -54.62
CA GLU Q 42 9.48 -56.46 -53.38
C GLU Q 42 9.24 -57.93 -53.04
N LEU Q 43 9.61 -58.83 -53.94
CA LEU Q 43 9.33 -60.25 -53.75
C LEU Q 43 10.01 -60.79 -52.50
N SER Q 44 11.11 -60.16 -52.08
CA SER Q 44 11.94 -60.71 -51.01
C SER Q 44 11.14 -61.01 -49.74
N SER Q 45 9.99 -60.38 -49.56
CA SER Q 45 9.15 -60.62 -48.38
C SER Q 45 8.05 -61.63 -48.63
N THR Q 46 7.75 -61.97 -49.89
CA THR Q 46 6.70 -62.91 -50.22
C THR Q 46 7.24 -64.31 -50.50
N ARG Q 47 8.28 -64.41 -51.33
CA ARG Q 47 8.89 -65.69 -51.66
C ARG Q 47 10.36 -65.44 -51.99
N GLY Q 48 11.03 -66.47 -52.53
CA GLY Q 48 12.38 -66.33 -53.00
C GLY Q 48 12.44 -66.22 -54.51
N TYR Q 49 13.63 -65.86 -55.01
CA TYR Q 49 13.79 -65.64 -56.44
C TYR Q 49 15.26 -65.84 -56.82
N SER Q 50 15.47 -66.07 -58.12
CA SER Q 50 16.81 -66.21 -58.69
C SER Q 50 17.30 -64.84 -59.15
N ILE Q 51 18.55 -64.54 -58.80
CA ILE Q 51 19.15 -63.25 -59.14
C ILE Q 51 20.09 -63.36 -60.34
N PHE Q 52 20.86 -64.44 -60.42
CA PHE Q 52 21.87 -64.58 -61.47
C PHE Q 52 22.13 -66.07 -61.66
N SER Q 53 21.74 -66.61 -62.81
CA SER Q 53 21.80 -68.04 -63.07
C SER Q 53 22.83 -68.32 -64.15
N TYR Q 54 23.90 -69.02 -63.78
CA TYR Q 54 25.01 -69.39 -64.66
C TYR Q 54 25.10 -70.89 -64.67
N ALA Q 55 24.73 -71.51 -65.80
CA ALA Q 55 24.57 -72.95 -65.87
C ALA Q 55 25.53 -73.57 -66.88
N THR Q 56 25.84 -74.85 -66.66
CA THR Q 56 26.65 -75.65 -67.55
C THR Q 56 25.88 -76.93 -67.87
N LYS Q 57 26.28 -77.60 -68.95
CA LYS Q 57 25.60 -78.82 -69.35
C LYS Q 57 25.65 -79.87 -68.25
N ARG Q 58 26.73 -79.90 -67.46
CA ARG Q 58 26.91 -80.90 -66.42
C ARG Q 58 26.39 -80.46 -65.05
N GLN Q 59 26.15 -79.15 -64.87
CA GLN Q 59 25.77 -78.63 -63.55
C GLN Q 59 24.83 -77.46 -63.77
N ASP Q 60 23.55 -77.64 -63.42
CA ASP Q 60 22.56 -76.59 -63.61
C ASP Q 60 22.77 -75.39 -62.67
N ASN Q 61 23.62 -75.53 -61.65
CA ASN Q 61 23.91 -74.46 -60.71
C ASN Q 61 25.41 -74.22 -60.62
N GLU Q 62 26.04 -74.01 -61.77
CA GLU Q 62 27.49 -73.80 -61.79
C GLU Q 62 27.88 -72.61 -60.92
N ILE Q 63 27.18 -71.49 -61.05
CA ILE Q 63 27.25 -70.42 -60.06
C ILE Q 63 25.93 -69.67 -60.06
N LEU Q 64 25.27 -69.62 -58.90
CA LEU Q 64 23.94 -69.07 -58.77
C LEU Q 64 23.86 -68.17 -57.55
N ILE Q 65 23.29 -66.99 -57.72
CA ILE Q 65 22.99 -66.08 -56.61
C ILE Q 65 21.47 -66.08 -56.44
N PHE Q 66 21.02 -66.38 -55.23
CA PHE Q 66 19.61 -66.66 -54.96
C PHE Q 66 19.20 -66.03 -53.65
N TRP Q 67 17.97 -65.51 -53.62
CA TRP Q 67 17.37 -65.00 -52.39
C TRP Q 67 16.34 -66.01 -51.90
N SER Q 68 16.58 -66.60 -50.74
CA SER Q 68 15.65 -67.51 -50.10
C SER Q 68 14.88 -66.76 -49.03
N LYS Q 69 13.56 -66.72 -49.15
CA LYS Q 69 12.73 -65.99 -48.21
C LYS Q 69 13.05 -66.41 -46.78
N ASP Q 70 13.00 -65.45 -45.87
CA ASP Q 70 13.13 -65.66 -44.42
C ASP Q 70 14.52 -66.11 -44.01
N ILE Q 71 15.43 -66.32 -44.96
CA ILE Q 71 16.79 -66.78 -44.67
C ILE Q 71 17.82 -65.73 -45.01
N GLY Q 72 17.83 -65.26 -46.26
CA GLY Q 72 18.80 -64.29 -46.72
C GLY Q 72 19.34 -64.60 -48.09
N TYR Q 73 20.62 -64.30 -48.32
CA TYR Q 73 21.25 -64.53 -49.61
C TYR Q 73 21.82 -65.94 -49.67
N SER Q 74 21.56 -66.64 -50.76
CA SER Q 74 22.08 -67.98 -51.01
C SER Q 74 23.06 -67.94 -52.17
N PHE Q 75 24.27 -68.42 -51.95
CA PHE Q 75 25.35 -68.35 -52.93
C PHE Q 75 25.92 -69.75 -53.10
N THR Q 76 25.76 -70.31 -54.30
CA THR Q 76 26.21 -71.67 -54.58
C THR Q 76 27.06 -71.68 -55.85
N VAL Q 77 28.24 -72.30 -55.75
CA VAL Q 77 29.13 -72.52 -56.88
C VAL Q 77 29.39 -74.01 -57.00
N GLY Q 78 29.23 -74.54 -58.21
CA GLY Q 78 29.45 -75.96 -58.43
C GLY Q 78 28.46 -76.85 -57.71
N GLY Q 79 27.27 -76.33 -57.40
CA GLY Q 79 26.24 -77.11 -56.74
C GLY Q 79 26.28 -77.08 -55.24
N SER Q 80 27.34 -76.56 -54.63
CA SER Q 80 27.48 -76.49 -53.18
C SER Q 80 27.09 -75.10 -52.71
N GLU Q 81 26.28 -75.04 -51.66
CA GLU Q 81 25.65 -73.80 -51.22
C GLU Q 81 26.31 -73.25 -49.96
N ILE Q 82 26.34 -71.92 -49.87
CA ILE Q 82 26.71 -71.20 -48.66
C ILE Q 82 25.72 -70.06 -48.50
N LEU Q 83 25.44 -69.70 -47.26
CA LEU Q 83 24.40 -68.72 -46.95
C LEU Q 83 25.02 -67.50 -46.28
N PHE Q 84 24.45 -66.33 -46.59
CA PHE Q 84 24.74 -65.08 -45.89
C PHE Q 84 23.43 -64.61 -45.27
N GLU Q 85 23.26 -64.90 -43.98
CA GLU Q 85 21.97 -64.64 -43.34
C GLU Q 85 21.66 -63.15 -43.33
N VAL Q 86 20.38 -62.84 -43.44
CA VAL Q 86 19.90 -61.45 -43.40
C VAL Q 86 18.63 -61.42 -42.57
N PRO Q 87 18.62 -60.79 -41.39
CA PRO Q 87 17.40 -60.79 -40.58
C PRO Q 87 16.41 -59.72 -41.00
N GLU Q 88 16.85 -58.47 -41.01
CA GLU Q 88 16.01 -57.36 -41.42
C GLU Q 88 16.11 -57.16 -42.93
N VAL Q 89 14.95 -57.07 -43.58
CA VAL Q 89 14.87 -56.88 -45.03
C VAL Q 89 14.07 -55.62 -45.30
N THR Q 90 14.70 -54.65 -45.97
CA THR Q 90 14.03 -53.43 -46.39
C THR Q 90 14.01 -53.38 -47.91
N VAL Q 91 12.86 -53.01 -48.47
CA VAL Q 91 12.68 -53.01 -49.91
C VAL Q 91 13.29 -51.74 -50.47
N ALA Q 92 14.33 -51.90 -51.28
CA ALA Q 92 14.97 -50.78 -51.98
C ALA Q 92 15.98 -51.36 -52.96
N PRO Q 93 16.43 -50.57 -53.93
CA PRO Q 93 17.53 -51.03 -54.78
C PRO Q 93 18.72 -51.40 -53.92
N VAL Q 94 19.42 -52.45 -54.32
CA VAL Q 94 20.58 -52.95 -53.58
C VAL Q 94 21.64 -53.35 -54.59
N HIS Q 95 22.90 -53.18 -54.20
CA HIS Q 95 24.04 -53.49 -55.06
C HIS Q 95 24.87 -54.57 -54.37
N ILE Q 96 25.07 -55.69 -55.07
CA ILE Q 96 25.80 -56.82 -54.54
C ILE Q 96 27.03 -57.08 -55.41
N CYS Q 97 28.14 -57.41 -54.76
CA CYS Q 97 29.33 -57.90 -55.42
C CYS Q 97 29.77 -59.18 -54.73
N THR Q 98 30.13 -60.19 -55.53
CA THR Q 98 30.53 -61.47 -54.97
C THR Q 98 31.63 -62.08 -55.83
N SER Q 99 32.65 -62.62 -55.18
CA SER Q 99 33.81 -63.19 -55.85
C SER Q 99 34.14 -64.53 -55.21
N TRP Q 100 34.82 -65.38 -55.98
CA TRP Q 100 35.23 -66.69 -55.53
C TRP Q 100 36.61 -67.00 -56.08
N GLU Q 101 37.41 -67.70 -55.28
CA GLU Q 101 38.76 -68.10 -55.67
C GLU Q 101 38.95 -69.58 -55.42
N SER Q 102 39.55 -70.26 -56.40
CA SER Q 102 39.75 -71.70 -56.30
C SER Q 102 40.89 -72.03 -55.35
N ALA Q 103 42.04 -71.36 -55.51
CA ALA Q 103 43.22 -71.70 -54.73
C ALA Q 103 42.93 -71.68 -53.23
N SER Q 104 41.96 -70.87 -52.80
CA SER Q 104 41.65 -70.71 -51.39
C SER Q 104 40.22 -71.09 -51.03
N GLY Q 105 39.31 -71.16 -52.01
CA GLY Q 105 37.92 -71.40 -51.73
C GLY Q 105 37.21 -70.22 -51.08
N ILE Q 106 37.92 -69.11 -50.83
CA ILE Q 106 37.34 -67.98 -50.16
C ILE Q 106 36.30 -67.32 -51.04
N VAL Q 107 35.15 -66.97 -50.46
CA VAL Q 107 34.11 -66.23 -51.14
C VAL Q 107 33.84 -64.95 -50.36
N GLU Q 108 33.79 -63.82 -51.06
CA GLU Q 108 33.44 -62.54 -50.48
C GLU Q 108 32.06 -62.14 -50.98
N PHE Q 109 31.29 -61.48 -50.12
CA PHE Q 109 29.95 -61.02 -50.48
C PHE Q 109 29.79 -59.59 -49.98
N TRP Q 110 29.71 -58.64 -50.90
CA TRP Q 110 29.55 -57.23 -50.58
C TRP Q 110 28.12 -56.82 -50.90
N VAL Q 111 27.47 -56.12 -49.97
CA VAL Q 111 26.12 -55.59 -50.16
C VAL Q 111 26.16 -54.09 -49.92
N ASP Q 112 25.78 -53.31 -50.92
CA ASP Q 112 25.79 -51.86 -50.85
C ASP Q 112 27.15 -51.35 -50.38
N GLY Q 113 28.21 -51.90 -50.95
CA GLY Q 113 29.56 -51.44 -50.71
C GLY Q 113 30.14 -51.79 -49.37
N LYS Q 114 29.46 -52.56 -48.54
CA LYS Q 114 29.96 -52.95 -47.23
C LYS Q 114 30.15 -54.46 -47.20
N PRO Q 115 31.30 -54.96 -46.76
CA PRO Q 115 31.61 -56.38 -46.94
C PRO Q 115 31.05 -57.29 -45.85
N ARG Q 116 30.66 -58.48 -46.27
CA ARG Q 116 30.36 -59.56 -45.34
C ARG Q 116 31.61 -60.38 -45.09
N VAL Q 117 31.60 -61.14 -44.00
CA VAL Q 117 32.77 -61.92 -43.64
C VAL Q 117 33.07 -62.92 -44.78
N ARG Q 118 34.29 -63.46 -44.74
CA ARG Q 118 34.75 -64.38 -45.76
C ARG Q 118 34.47 -65.82 -45.34
N LYS Q 119 34.02 -66.62 -46.29
CA LYS Q 119 33.69 -68.02 -46.06
C LYS Q 119 34.33 -68.88 -47.14
N SER Q 120 34.32 -70.19 -46.92
CA SER Q 120 34.93 -71.13 -47.86
C SER Q 120 33.88 -71.82 -48.70
N LEU Q 121 34.29 -72.22 -49.91
CA LEU Q 121 33.41 -72.96 -50.82
C LEU Q 121 34.17 -73.53 -52.01
N LYS Q 122 34.08 -74.84 -52.20
CA LYS Q 122 34.63 -75.51 -53.38
C LYS Q 122 36.06 -75.08 -53.66
N LYS Q 123 36.93 -75.37 -52.71
CA LYS Q 123 38.36 -75.13 -52.92
C LYS Q 123 38.89 -76.10 -53.96
N GLY Q 124 39.61 -75.56 -54.94
CA GLY Q 124 40.17 -76.37 -56.00
C GLY Q 124 39.25 -76.66 -57.16
N TYR Q 125 37.99 -76.22 -57.09
CA TYR Q 125 37.05 -76.46 -58.18
C TYR Q 125 37.48 -75.68 -59.43
N THR Q 126 36.82 -75.99 -60.53
CA THR Q 126 37.08 -75.33 -61.80
C THR Q 126 35.76 -75.13 -62.53
N VAL Q 127 35.38 -73.87 -62.74
CA VAL Q 127 34.08 -73.53 -63.32
C VAL Q 127 34.15 -73.70 -64.84
N GLY Q 128 33.06 -74.22 -65.41
CA GLY Q 128 33.01 -74.43 -66.84
C GLY Q 128 32.96 -73.14 -67.62
N ALA Q 129 33.49 -73.18 -68.84
CA ALA Q 129 33.57 -71.99 -69.69
C ALA Q 129 32.37 -71.86 -70.63
N GLU Q 130 31.88 -72.95 -71.19
CA GLU Q 130 30.74 -72.91 -72.12
C GLU Q 130 29.46 -72.90 -71.30
N ALA Q 131 29.03 -71.70 -70.92
CA ALA Q 131 27.91 -71.53 -70.00
C ALA Q 131 26.75 -70.82 -70.68
N SER Q 132 25.61 -70.83 -69.98
CA SER Q 132 24.41 -70.10 -70.37
C SER Q 132 24.00 -69.24 -69.19
N ILE Q 133 24.00 -67.91 -69.38
CA ILE Q 133 23.75 -66.95 -68.32
C ILE Q 133 22.36 -66.36 -68.55
N ILE Q 134 21.51 -66.44 -67.53
CA ILE Q 134 20.11 -66.04 -67.65
C ILE Q 134 19.74 -65.15 -66.47
N LEU Q 135 18.95 -64.11 -66.76
CA LEU Q 135 18.44 -63.18 -65.77
C LEU Q 135 16.92 -63.23 -65.78
N GLY Q 136 16.32 -63.26 -64.60
CA GLY Q 136 14.87 -63.29 -64.48
C GLY Q 136 14.27 -64.66 -64.33
N GLN Q 137 15.06 -65.73 -64.43
CA GLN Q 137 14.58 -67.09 -64.30
C GLN Q 137 15.69 -67.94 -63.70
N GLU Q 138 15.30 -69.06 -63.10
CA GLU Q 138 16.25 -70.03 -62.56
C GLU Q 138 16.37 -71.20 -63.51
N GLN Q 139 17.61 -71.59 -63.81
CA GLN Q 139 17.86 -72.67 -64.76
C GLN Q 139 17.95 -74.01 -64.06
N ASP Q 140 17.18 -74.98 -64.58
CA ASP Q 140 17.33 -76.38 -64.20
C ASP Q 140 18.07 -77.19 -65.26
N SER Q 141 18.18 -76.64 -66.47
CA SER Q 141 18.93 -77.26 -67.55
C SER Q 141 19.59 -76.16 -68.36
N PHE Q 142 20.43 -76.55 -69.30
CA PHE Q 142 21.16 -75.58 -70.12
C PHE Q 142 20.18 -74.63 -70.80
N GLY Q 143 20.04 -73.42 -70.25
CA GLY Q 143 19.22 -72.39 -70.87
C GLY Q 143 17.75 -72.74 -70.97
N GLY Q 144 17.25 -73.59 -70.07
CA GLY Q 144 15.86 -74.00 -70.14
C GLY Q 144 15.39 -74.56 -68.82
N ASN Q 145 14.15 -75.05 -68.82
CA ASN Q 145 13.52 -75.62 -67.64
C ASN Q 145 13.44 -74.59 -66.51
N PHE Q 146 12.57 -73.61 -66.74
CA PHE Q 146 12.37 -72.51 -65.80
C PHE Q 146 11.22 -72.83 -64.85
N GLU Q 147 11.38 -72.42 -63.59
CA GLU Q 147 10.32 -72.48 -62.61
C GLU Q 147 9.74 -71.08 -62.42
N GLY Q 148 8.41 -70.96 -62.56
CA GLY Q 148 7.77 -69.66 -62.43
C GLY Q 148 7.84 -69.11 -61.02
N SER Q 149 7.85 -70.00 -60.02
CA SER Q 149 7.93 -69.57 -58.63
C SER Q 149 9.32 -69.08 -58.24
N GLN Q 150 10.32 -69.23 -59.11
CA GLN Q 150 11.64 -68.68 -58.90
C GLN Q 150 11.90 -67.45 -59.77
N SER Q 151 10.86 -66.95 -60.46
CA SER Q 151 11.02 -65.78 -61.30
C SER Q 151 11.43 -64.57 -60.47
N LEU Q 152 12.09 -63.62 -61.14
CA LEU Q 152 12.39 -62.32 -60.58
C LEU Q 152 11.44 -61.30 -61.19
N VAL Q 153 10.72 -60.58 -60.33
CA VAL Q 153 9.75 -59.57 -60.74
C VAL Q 153 10.26 -58.23 -60.24
N GLY Q 154 10.77 -57.41 -61.15
CA GLY Q 154 11.27 -56.09 -60.81
C GLY Q 154 12.35 -55.69 -61.79
N ASP Q 155 13.29 -54.89 -61.28
CA ASP Q 155 14.38 -54.35 -62.09
C ASP Q 155 15.69 -55.07 -61.77
N ILE Q 156 16.51 -55.27 -62.79
CA ILE Q 156 17.86 -55.77 -62.62
C ILE Q 156 18.72 -55.14 -63.71
N GLY Q 157 19.95 -54.78 -63.34
CA GLY Q 157 20.84 -54.16 -64.31
C GLY Q 157 22.22 -53.97 -63.73
N ASN Q 158 23.07 -53.35 -64.55
CA ASN Q 158 24.44 -53.01 -64.17
C ASN Q 158 25.26 -54.26 -63.85
N VAL Q 159 24.94 -55.37 -64.50
CA VAL Q 159 25.65 -56.63 -64.24
C VAL Q 159 26.99 -56.59 -64.95
N ASN Q 160 28.05 -56.96 -64.22
CA ASN Q 160 29.40 -56.96 -64.76
C ASN Q 160 30.15 -58.12 -64.13
N MET Q 161 30.97 -58.79 -64.93
CA MET Q 161 31.68 -59.98 -64.49
C MET Q 161 33.14 -59.90 -64.86
N TRP Q 162 34.01 -60.22 -63.91
CA TRP Q 162 35.44 -60.34 -64.14
C TRP Q 162 35.84 -61.81 -64.09
N ASP Q 163 37.11 -62.08 -64.43
CA ASP Q 163 37.68 -63.42 -64.33
C ASP Q 163 38.77 -63.51 -63.27
N PHE Q 164 38.82 -62.53 -62.36
CA PHE Q 164 39.72 -62.56 -61.21
C PHE Q 164 38.95 -62.02 -60.01
N VAL Q 165 39.65 -61.83 -58.90
CA VAL Q 165 39.05 -61.36 -57.65
C VAL Q 165 39.37 -59.88 -57.49
N LEU Q 166 38.34 -59.08 -57.25
CA LEU Q 166 38.52 -57.64 -57.09
C LEU Q 166 38.92 -57.32 -55.65
N SER Q 167 39.85 -56.39 -55.50
CA SER Q 167 40.29 -55.97 -54.18
C SER Q 167 39.26 -55.01 -53.57
N PRO Q 168 39.30 -54.82 -52.24
CA PRO Q 168 38.39 -53.85 -51.62
C PRO Q 168 38.37 -52.51 -52.33
N ASP Q 169 39.53 -51.97 -52.70
CA ASP Q 169 39.57 -50.67 -53.37
C ASP Q 169 38.83 -50.70 -54.71
N GLU Q 170 38.95 -51.81 -55.44
CA GLU Q 170 38.28 -51.92 -56.73
C GLU Q 170 36.76 -52.00 -56.56
N ILE Q 171 36.29 -52.84 -55.64
CA ILE Q 171 34.86 -52.94 -55.38
C ILE Q 171 34.27 -51.57 -55.06
N ASN Q 172 35.00 -50.76 -54.29
CA ASN Q 172 34.48 -49.46 -53.90
C ASN Q 172 34.19 -48.59 -55.11
N THR Q 173 35.15 -48.48 -56.03
CA THR Q 173 34.94 -47.63 -57.20
C THR Q 173 33.76 -48.11 -58.02
N ILE Q 174 33.57 -49.43 -58.12
CA ILE Q 174 32.41 -49.96 -58.82
C ILE Q 174 31.13 -49.56 -58.09
N TYR Q 175 31.15 -49.62 -56.76
CA TYR Q 175 29.96 -49.23 -56.00
C TYR Q 175 29.68 -47.75 -56.14
N LEU Q 176 30.72 -46.91 -56.06
CA LEU Q 176 30.51 -45.47 -56.14
C LEU Q 176 30.22 -45.04 -57.58
N GLY Q 177 30.49 -45.89 -58.56
CA GLY Q 177 30.18 -45.60 -59.94
C GLY Q 177 31.36 -45.22 -60.79
N GLY Q 178 32.54 -45.73 -60.49
CA GLY Q 178 33.73 -45.38 -61.22
C GLY Q 178 34.00 -46.37 -62.33
N PRO Q 179 34.87 -46.01 -63.27
CA PRO Q 179 35.11 -46.89 -64.42
C PRO Q 179 36.15 -47.97 -64.19
N PHE Q 180 35.75 -49.23 -64.23
CA PHE Q 180 36.68 -50.35 -64.21
C PHE Q 180 36.25 -51.26 -65.36
N SER Q 181 37.23 -51.77 -66.10
CA SER Q 181 36.97 -52.54 -67.32
C SER Q 181 36.79 -54.03 -67.07
N PRO Q 182 35.55 -54.54 -67.06
CA PRO Q 182 35.36 -55.98 -66.96
C PRO Q 182 35.87 -56.70 -68.19
N ASN Q 183 36.21 -57.98 -68.01
CA ASN Q 183 36.74 -58.79 -69.10
C ASN Q 183 35.94 -60.07 -69.34
N VAL Q 184 34.72 -60.17 -68.82
CA VAL Q 184 33.85 -61.30 -69.13
C VAL Q 184 32.49 -60.78 -69.57
N LEU Q 185 31.82 -60.04 -68.69
CA LEU Q 185 30.55 -59.39 -69.01
C LEU Q 185 30.70 -57.90 -68.77
N ASN Q 186 30.28 -57.09 -69.74
CA ASN Q 186 30.42 -55.64 -69.67
C ASN Q 186 29.08 -55.00 -69.98
N TRP Q 187 28.53 -54.27 -69.00
CA TRP Q 187 27.26 -53.58 -69.20
C TRP Q 187 27.38 -52.58 -70.35
N ARG Q 188 28.53 -51.93 -70.48
CA ARG Q 188 28.74 -50.95 -71.54
C ARG Q 188 29.03 -51.59 -72.89
N ALA Q 189 29.05 -52.92 -72.97
CA ALA Q 189 29.30 -53.65 -74.21
C ALA Q 189 28.63 -55.02 -74.08
N LEU Q 190 27.30 -55.02 -73.95
CA LEU Q 190 26.55 -56.22 -73.65
C LEU Q 190 26.06 -56.88 -74.93
N LYS Q 191 26.38 -58.15 -75.10
CA LYS Q 191 25.79 -59.01 -76.12
C LYS Q 191 24.75 -59.89 -75.44
N TYR Q 192 23.47 -59.58 -75.62
CA TYR Q 192 22.40 -60.25 -74.91
C TYR Q 192 21.30 -60.66 -75.89
N GLU Q 193 20.30 -61.36 -75.35
CA GLU Q 193 19.19 -61.87 -76.15
C GLU Q 193 17.94 -61.91 -75.27
N VAL Q 194 16.92 -61.17 -75.67
CA VAL Q 194 15.69 -61.00 -74.91
C VAL Q 194 14.66 -62.03 -75.38
N GLN Q 195 13.81 -62.47 -74.46
CA GLN Q 195 12.73 -63.38 -74.78
C GLN Q 195 11.58 -63.15 -73.80
N GLY Q 196 10.37 -63.03 -74.32
CA GLY Q 196 9.20 -62.85 -73.49
C GLY Q 196 8.91 -61.39 -73.16
N GLU Q 197 8.15 -61.21 -72.08
CA GLU Q 197 7.71 -59.88 -71.65
C GLU Q 197 8.78 -59.28 -70.74
N VAL Q 198 9.76 -58.61 -71.35
CA VAL Q 198 10.79 -57.88 -70.63
C VAL Q 198 11.07 -56.60 -71.40
N PHE Q 199 11.40 -55.54 -70.68
CA PHE Q 199 11.55 -54.21 -71.27
C PHE Q 199 12.85 -53.58 -70.81
N THR Q 200 13.29 -52.57 -71.56
CA THR Q 200 14.50 -51.81 -71.25
C THR Q 200 14.10 -50.36 -71.01
N LYS Q 201 14.27 -49.91 -69.77
CA LYS Q 201 13.88 -48.58 -69.34
C LYS Q 201 14.99 -47.98 -68.51
N PRO Q 202 14.98 -46.66 -68.31
CA PRO Q 202 16.02 -46.04 -67.48
C PRO Q 202 16.01 -46.63 -66.08
N GLN Q 203 17.20 -46.76 -65.49
CA GLN Q 203 17.33 -47.37 -64.19
C GLN Q 203 16.80 -46.44 -63.09
N LEU Q 204 16.34 -47.04 -62.00
CA LEU Q 204 15.71 -46.32 -60.91
C LEU Q 204 16.71 -45.85 -59.87
N TRP Q 205 17.78 -46.61 -59.65
CA TRP Q 205 18.82 -46.24 -58.71
C TRP Q 205 19.75 -45.21 -59.33
N PRO Q 206 20.54 -44.49 -58.52
CA PRO Q 206 21.49 -43.54 -59.09
C PRO Q 206 22.65 -44.23 -59.81
N GLN R 1 -6.22 -19.80 -66.30
CA GLN R 1 -4.74 -19.70 -66.28
C GLN R 1 -4.25 -18.95 -65.04
N THR R 2 -4.55 -19.48 -63.86
CA THR R 2 -4.08 -18.87 -62.61
C THR R 2 -2.73 -19.50 -62.23
N ASP R 3 -1.76 -18.66 -61.90
CA ASP R 3 -0.47 -19.14 -61.41
C ASP R 3 -0.67 -19.46 -59.93
N MET R 4 -0.61 -20.75 -59.60
CA MET R 4 -0.89 -21.22 -58.25
C MET R 4 0.38 -21.57 -57.49
N SER R 5 1.51 -20.98 -57.87
CA SER R 5 2.75 -21.23 -57.15
C SER R 5 2.58 -20.90 -55.68
N ARG R 6 3.10 -21.78 -54.82
CA ARG R 6 3.11 -21.62 -53.37
C ARG R 6 1.73 -21.65 -52.74
N LYS R 7 0.67 -21.90 -53.52
CA LYS R 7 -0.69 -22.00 -53.00
C LYS R 7 -1.17 -23.44 -53.12
N ALA R 8 -2.19 -23.77 -52.33
CA ALA R 8 -2.70 -25.13 -52.27
C ALA R 8 -4.18 -25.11 -51.94
N PHE R 9 -4.89 -26.13 -52.42
CA PHE R 9 -6.29 -26.31 -52.09
C PHE R 9 -6.39 -27.04 -50.75
N VAL R 10 -7.27 -26.56 -49.88
CA VAL R 10 -7.44 -27.13 -48.55
C VAL R 10 -8.91 -27.50 -48.37
N PHE R 11 -9.16 -28.75 -48.01
CA PHE R 11 -10.49 -29.23 -47.67
C PHE R 11 -10.56 -29.40 -46.15
N PRO R 12 -11.04 -28.41 -45.41
CA PRO R 12 -10.87 -28.45 -43.94
C PRO R 12 -11.56 -29.62 -43.27
N LYS R 13 -12.83 -29.86 -43.56
CA LYS R 13 -13.63 -30.86 -42.85
C LYS R 13 -14.25 -31.83 -43.85
N GLU R 14 -14.59 -33.01 -43.36
CA GLU R 14 -15.26 -33.99 -44.19
C GLU R 14 -16.55 -33.41 -44.76
N SER R 15 -16.78 -33.66 -46.04
CA SER R 15 -17.98 -33.14 -46.70
C SER R 15 -18.29 -34.02 -47.90
N ASP R 16 -19.51 -33.85 -48.42
CA ASP R 16 -19.98 -34.58 -49.59
C ASP R 16 -20.01 -33.73 -50.84
N THR R 17 -19.86 -32.40 -50.71
CA THR R 17 -20.10 -31.48 -51.80
C THR R 17 -18.92 -30.52 -52.04
N SER R 18 -17.75 -30.83 -51.52
CA SER R 18 -16.57 -29.99 -51.68
C SER R 18 -15.59 -30.66 -52.65
N TYR R 19 -15.14 -29.90 -53.63
CA TYR R 19 -14.25 -30.41 -54.67
C TYR R 19 -13.91 -29.28 -55.63
N VAL R 20 -12.77 -29.42 -56.30
CA VAL R 20 -12.38 -28.54 -57.40
C VAL R 20 -12.28 -29.39 -58.67
N SER R 21 -12.67 -28.81 -59.80
CA SER R 21 -12.72 -29.50 -61.07
C SER R 21 -11.62 -28.92 -61.96
N LEU R 22 -10.63 -29.74 -62.30
CA LEU R 22 -9.55 -29.32 -63.17
C LEU R 22 -9.96 -29.50 -64.61
N LYS R 23 -9.66 -28.49 -65.43
CA LYS R 23 -10.03 -28.48 -66.84
C LYS R 23 -8.77 -28.66 -67.66
N ALA R 24 -8.78 -29.62 -68.56
CA ALA R 24 -7.60 -29.99 -69.32
C ALA R 24 -7.83 -29.82 -70.80
N PRO R 25 -6.87 -29.22 -71.53
CA PRO R 25 -7.02 -29.08 -72.99
C PRO R 25 -6.67 -30.36 -73.74
N LEU R 26 -7.38 -31.44 -73.43
CA LEU R 26 -7.07 -32.75 -73.97
C LEU R 26 -7.75 -32.92 -75.31
N THR R 27 -7.05 -33.53 -76.25
CA THR R 27 -7.61 -33.76 -77.58
C THR R 27 -7.35 -35.16 -78.09
N LYS R 28 -6.19 -35.73 -77.79
CA LYS R 28 -5.92 -37.12 -78.13
C LYS R 28 -6.11 -37.98 -76.90
N PRO R 29 -6.57 -39.22 -77.05
CA PRO R 29 -6.55 -40.14 -75.91
C PRO R 29 -5.12 -40.43 -75.50
N LEU R 30 -4.93 -40.74 -74.22
CA LEU R 30 -3.60 -40.90 -73.66
C LEU R 30 -3.09 -42.33 -73.89
N LYS R 31 -1.94 -42.44 -74.53
CA LYS R 31 -1.21 -43.71 -74.64
C LYS R 31 -0.22 -43.89 -73.50
N ALA R 32 -0.11 -42.91 -72.63
CA ALA R 32 0.79 -42.89 -71.47
C ALA R 32 0.62 -41.54 -70.80
N PHE R 33 0.99 -41.46 -69.53
CA PHE R 33 0.88 -40.20 -68.80
C PHE R 33 1.74 -40.27 -67.55
N THR R 34 1.79 -39.14 -66.85
CA THR R 34 2.50 -39.03 -65.58
C THR R 34 1.78 -37.97 -64.75
N VAL R 35 1.47 -38.31 -63.50
CA VAL R 35 0.74 -37.42 -62.61
C VAL R 35 1.56 -37.25 -61.34
N CYS R 36 1.73 -36.01 -60.91
CA CYS R 36 2.49 -35.68 -59.71
C CYS R 36 1.71 -34.68 -58.88
N LEU R 37 1.89 -34.74 -57.56
CA LEU R 37 1.15 -33.86 -56.67
C LEU R 37 1.71 -33.95 -55.26
N HIS R 38 1.35 -32.96 -54.45
CA HIS R 38 1.60 -32.93 -53.01
C HIS R 38 0.28 -33.08 -52.27
N PHE R 39 0.33 -33.64 -51.07
CA PHE R 39 -0.84 -33.66 -50.22
C PHE R 39 -0.45 -33.99 -48.79
N TYR R 40 -1.36 -33.66 -47.86
CA TYR R 40 -1.10 -33.77 -46.44
C TYR R 40 -2.42 -34.01 -45.72
N THR R 41 -2.52 -35.12 -44.99
CA THR R 41 -3.74 -35.42 -44.28
C THR R 41 -3.47 -36.45 -43.18
N GLU R 42 -4.31 -36.42 -42.14
CA GLU R 42 -4.25 -37.40 -41.07
C GLU R 42 -5.20 -38.58 -41.28
N LEU R 43 -6.02 -38.55 -42.32
CA LEU R 43 -7.04 -39.59 -42.51
C LEU R 43 -6.42 -40.97 -42.70
N SER R 44 -5.17 -41.04 -43.17
CA SER R 44 -4.59 -42.32 -43.58
C SER R 44 -4.67 -43.40 -42.51
N SER R 45 -4.80 -43.02 -41.23
CA SER R 45 -4.90 -44.00 -40.15
C SER R 45 -6.33 -44.32 -39.75
N THR R 46 -7.31 -43.51 -40.18
CA THR R 46 -8.71 -43.73 -39.85
C THR R 46 -9.48 -44.43 -40.95
N ARG R 47 -9.36 -43.95 -42.18
CA ARG R 47 -10.06 -44.54 -43.32
C ARG R 47 -9.24 -44.26 -44.58
N GLY R 48 -9.84 -44.55 -45.74
CA GLY R 48 -9.25 -44.24 -47.02
C GLY R 48 -9.88 -43.00 -47.64
N TYR R 49 -9.24 -42.52 -48.70
CA TYR R 49 -9.69 -41.29 -49.35
C TYR R 49 -9.22 -41.28 -50.79
N SER R 50 -9.89 -40.44 -51.59
CA SER R 50 -9.52 -40.26 -52.98
C SER R 50 -8.48 -39.14 -53.11
N ILE R 51 -7.43 -39.40 -53.87
CA ILE R 51 -6.35 -38.43 -54.05
C ILE R 51 -6.46 -37.72 -55.39
N PHE R 52 -6.86 -38.44 -56.43
CA PHE R 52 -6.91 -37.89 -57.79
C PHE R 52 -7.88 -38.74 -58.60
N SER R 53 -9.02 -38.16 -58.97
CA SER R 53 -10.09 -38.89 -59.64
C SER R 53 -10.23 -38.36 -61.06
N TYR R 54 -9.94 -39.21 -62.03
CA TYR R 54 -10.00 -38.90 -63.46
C TYR R 54 -10.99 -39.88 -64.07
N ALA R 55 -12.16 -39.38 -64.46
CA ALA R 55 -13.27 -40.22 -64.87
C ALA R 55 -13.64 -39.95 -66.32
N THR R 56 -14.25 -40.95 -66.95
CA THR R 56 -14.77 -40.87 -68.31
C THR R 56 -16.22 -41.31 -68.31
N LYS R 57 -16.95 -40.94 -69.37
CA LYS R 57 -18.35 -41.31 -69.47
C LYS R 57 -18.54 -42.81 -69.43
N ARG R 58 -17.58 -43.57 -69.98
CA ARG R 58 -17.69 -45.02 -70.04
C ARG R 58 -17.02 -45.72 -68.87
N GLN R 59 -16.17 -45.03 -68.12
CA GLN R 59 -15.42 -45.66 -67.03
C GLN R 59 -15.23 -44.64 -65.93
N ASP R 60 -15.90 -44.85 -64.79
CA ASP R 60 -15.81 -43.91 -63.67
C ASP R 60 -14.45 -43.91 -62.99
N ASN R 61 -13.58 -44.88 -63.29
CA ASN R 61 -12.24 -44.96 -62.72
C ASN R 61 -11.21 -45.07 -63.82
N GLU R 62 -11.26 -44.14 -64.77
CA GLU R 62 -10.33 -44.19 -65.90
C GLU R 62 -8.89 -44.15 -65.41
N ILE R 63 -8.59 -43.25 -64.48
CA ILE R 63 -7.34 -43.33 -63.71
C ILE R 63 -7.59 -42.70 -62.34
N LEU R 64 -7.35 -43.47 -61.29
CA LEU R 64 -7.65 -43.08 -59.92
C LEU R 64 -6.47 -43.44 -59.03
N ILE R 65 -6.06 -42.47 -58.20
CA ILE R 65 -5.05 -42.70 -57.17
C ILE R 65 -5.77 -42.64 -55.84
N PHE R 66 -5.63 -43.70 -55.04
CA PHE R 66 -6.45 -43.89 -53.86
C PHE R 66 -5.61 -44.46 -52.72
N TRP R 67 -5.89 -44.00 -51.51
CA TRP R 67 -5.28 -44.54 -50.29
C TRP R 67 -6.32 -45.41 -49.58
N SER R 68 -6.05 -46.70 -49.49
CA SER R 68 -6.89 -47.64 -48.77
C SER R 68 -6.27 -47.91 -47.40
N LYS R 69 -7.03 -47.62 -46.34
CA LYS R 69 -6.52 -47.78 -44.99
C LYS R 69 -5.96 -49.18 -44.78
N ASP R 70 -4.88 -49.26 -44.01
CA ASP R 70 -4.26 -50.51 -43.54
C ASP R 70 -3.64 -51.31 -44.68
N ILE R 71 -3.77 -50.85 -45.92
CA ILE R 71 -3.25 -51.56 -47.09
C ILE R 71 -2.14 -50.76 -47.75
N GLY R 72 -2.40 -49.51 -48.11
CA GLY R 72 -1.44 -48.68 -48.78
C GLY R 72 -2.03 -47.89 -49.93
N TYR R 73 -1.24 -47.68 -50.98
CA TYR R 73 -1.67 -46.91 -52.14
C TYR R 73 -2.35 -47.81 -53.15
N SER R 74 -3.48 -47.37 -53.68
CA SER R 74 -4.22 -48.08 -54.71
C SER R 74 -4.18 -47.27 -56.00
N PHE R 75 -3.73 -47.90 -57.08
CA PHE R 75 -3.53 -47.24 -58.37
C PHE R 75 -4.27 -48.05 -59.42
N THR R 76 -5.31 -47.47 -60.01
CA THR R 76 -6.15 -48.17 -60.97
C THR R 76 -6.32 -47.34 -62.23
N VAL R 77 -6.11 -47.98 -63.38
CA VAL R 77 -6.34 -47.37 -64.70
C VAL R 77 -7.33 -48.25 -65.44
N GLY R 78 -8.37 -47.64 -66.00
CA GLY R 78 -9.36 -48.39 -66.76
C GLY R 78 -10.14 -49.39 -65.94
N GLY R 79 -10.26 -49.18 -64.64
CA GLY R 79 -11.01 -50.07 -63.78
C GLY R 79 -10.22 -51.19 -63.16
N SER R 80 -8.99 -51.43 -63.62
CA SER R 80 -8.15 -52.50 -63.09
C SER R 80 -7.18 -51.91 -62.07
N GLU R 81 -7.06 -52.58 -60.93
CA GLU R 81 -6.34 -52.05 -59.77
C GLU R 81 -5.00 -52.72 -59.59
N ILE R 82 -4.03 -51.95 -59.09
CA ILE R 82 -2.74 -52.46 -58.63
C ILE R 82 -2.42 -51.77 -57.32
N LEU R 83 -1.70 -52.47 -56.45
CA LEU R 83 -1.44 -52.00 -55.10
C LEU R 83 0.06 -51.79 -54.89
N PHE R 84 0.39 -50.74 -54.14
CA PHE R 84 1.74 -50.51 -53.63
C PHE R 84 1.63 -50.49 -52.11
N GLU R 85 1.96 -51.61 -51.48
CA GLU R 85 1.74 -51.77 -50.05
C GLU R 85 2.59 -50.81 -49.24
N VAL R 86 2.03 -50.34 -48.13
CA VAL R 86 2.75 -49.47 -47.19
C VAL R 86 2.42 -49.92 -45.77
N PRO R 87 3.38 -50.45 -45.01
CA PRO R 87 3.05 -50.92 -43.66
C PRO R 87 3.03 -49.81 -42.64
N GLU R 88 4.14 -49.08 -42.52
CA GLU R 88 4.24 -47.96 -41.59
C GLU R 88 3.74 -46.70 -42.25
N VAL R 89 2.87 -45.97 -41.56
CA VAL R 89 2.29 -44.72 -42.06
C VAL R 89 2.61 -43.63 -41.06
N THR R 90 3.35 -42.62 -41.50
CA THR R 90 3.70 -41.46 -40.69
C THR R 90 3.05 -40.21 -41.26
N VAL R 91 2.48 -39.39 -40.39
CA VAL R 91 1.74 -38.20 -40.82
C VAL R 91 2.72 -37.09 -41.15
N ALA R 92 2.75 -36.69 -42.42
CA ALA R 92 3.55 -35.57 -42.87
C ALA R 92 3.19 -35.28 -44.32
N PRO R 93 3.56 -34.10 -44.83
CA PRO R 93 3.39 -33.86 -46.28
C PRO R 93 4.14 -34.90 -47.09
N VAL R 94 3.56 -35.27 -48.22
CA VAL R 94 4.14 -36.31 -49.08
C VAL R 94 3.99 -35.88 -50.53
N HIS R 95 4.96 -36.27 -51.35
CA HIS R 95 4.99 -35.96 -52.77
C HIS R 95 5.00 -37.26 -53.55
N ILE R 96 4.01 -37.44 -54.43
CA ILE R 96 3.85 -38.65 -55.21
C ILE R 96 3.94 -38.31 -56.69
N CYS R 97 4.60 -39.19 -57.46
CA CYS R 97 4.59 -39.18 -58.91
C CYS R 97 4.26 -40.58 -59.40
N THR R 98 3.40 -40.67 -60.41
CA THR R 98 3.00 -41.96 -60.94
C THR R 98 2.79 -41.83 -62.46
N SER R 99 3.29 -42.82 -63.19
CA SER R 99 3.24 -42.82 -64.65
C SER R 99 2.78 -44.18 -65.15
N TRP R 100 2.23 -44.16 -66.36
CA TRP R 100 1.72 -45.37 -67.01
C TRP R 100 2.04 -45.32 -68.49
N GLU R 101 2.37 -46.48 -69.06
CA GLU R 101 2.65 -46.60 -70.49
C GLU R 101 1.85 -47.75 -71.08
N SER R 102 1.22 -47.52 -72.23
CA SER R 102 0.40 -48.54 -72.86
C SER R 102 1.24 -49.61 -73.55
N ALA R 103 2.23 -49.20 -74.34
CA ALA R 103 2.99 -50.15 -75.15
C ALA R 103 3.58 -51.27 -74.29
N SER R 104 3.86 -51.01 -73.02
CA SER R 104 4.47 -51.98 -72.13
C SER R 104 3.62 -52.28 -70.90
N GLY R 105 2.66 -51.43 -70.56
CA GLY R 105 1.89 -51.56 -69.34
C GLY R 105 2.63 -51.23 -68.06
N ILE R 106 3.90 -50.85 -68.14
CA ILE R 106 4.68 -50.58 -66.94
C ILE R 106 4.16 -49.32 -66.26
N VAL R 107 4.01 -49.39 -64.94
CA VAL R 107 3.63 -48.24 -64.11
C VAL R 107 4.72 -48.04 -63.08
N GLU R 108 5.15 -46.80 -62.92
CA GLU R 108 6.10 -46.41 -61.88
C GLU R 108 5.37 -45.62 -60.82
N PHE R 109 5.78 -45.79 -59.55
CA PHE R 109 5.18 -45.08 -58.43
C PHE R 109 6.30 -44.55 -57.55
N TRP R 110 6.45 -43.23 -57.53
CA TRP R 110 7.48 -42.55 -56.75
C TRP R 110 6.84 -41.88 -55.54
N VAL R 111 7.44 -42.08 -54.37
CA VAL R 111 6.99 -41.45 -53.13
C VAL R 111 8.17 -40.68 -52.55
N ASP R 112 8.00 -39.37 -52.38
CA ASP R 112 9.05 -38.50 -51.86
C ASP R 112 10.36 -38.71 -52.62
N GLY R 113 10.23 -38.77 -53.95
CA GLY R 113 11.40 -38.86 -54.81
C GLY R 113 12.08 -40.21 -54.85
N LYS R 114 11.52 -41.23 -54.20
CA LYS R 114 12.11 -42.56 -54.20
C LYS R 114 11.18 -43.55 -54.90
N PRO R 115 11.68 -44.35 -55.84
CA PRO R 115 10.78 -45.17 -56.67
C PRO R 115 10.46 -46.51 -56.05
N ARG R 116 9.22 -46.95 -56.30
CA ARG R 116 8.83 -48.31 -56.00
C ARG R 116 9.08 -49.20 -57.22
N VAL R 117 9.10 -50.52 -56.98
CA VAL R 117 9.38 -51.43 -58.08
C VAL R 117 8.34 -51.24 -59.18
N ARG R 118 8.66 -51.75 -60.35
CA ARG R 118 7.80 -51.57 -61.52
C ARG R 118 6.81 -52.73 -61.65
N LYS R 119 5.57 -52.39 -61.97
CA LYS R 119 4.49 -53.36 -62.09
C LYS R 119 3.74 -53.12 -63.39
N SER R 120 2.91 -54.09 -63.76
CA SER R 120 2.13 -54.03 -64.99
C SER R 120 0.67 -53.68 -64.70
N LEU R 121 0.02 -53.07 -65.69
CA LEU R 121 -1.39 -52.75 -65.61
C LEU R 121 -1.94 -52.30 -66.95
N LYS R 122 -2.96 -53.00 -67.45
CA LYS R 122 -3.67 -52.62 -68.67
C LYS R 122 -2.70 -52.31 -69.82
N LYS R 123 -1.97 -53.34 -70.23
CA LYS R 123 -1.10 -53.22 -71.40
C LYS R 123 -1.96 -53.09 -72.66
N GLY R 124 -1.65 -52.07 -73.48
CA GLY R 124 -2.38 -51.84 -74.70
C GLY R 124 -3.64 -51.00 -74.56
N TYR R 125 -4.00 -50.60 -73.34
CA TYR R 125 -5.19 -49.80 -73.13
C TYR R 125 -5.01 -48.41 -73.74
N THR R 126 -6.11 -47.67 -73.83
CA THR R 126 -6.11 -46.31 -74.34
C THR R 126 -7.09 -45.48 -73.51
N VAL R 127 -6.56 -44.48 -72.81
CA VAL R 127 -7.35 -43.68 -71.88
C VAL R 127 -8.17 -42.66 -72.65
N GLY R 128 -9.40 -42.45 -72.19
CA GLY R 128 -10.28 -41.50 -72.87
C GLY R 128 -9.80 -40.07 -72.70
N ALA R 129 -10.12 -39.24 -73.70
CA ALA R 129 -9.66 -37.86 -73.69
C ALA R 129 -10.67 -36.89 -73.06
N GLU R 130 -11.96 -37.07 -73.30
CA GLU R 130 -12.97 -36.18 -72.72
C GLU R 130 -13.29 -36.66 -71.31
N ALA R 131 -12.52 -36.17 -70.35
CA ALA R 131 -12.55 -36.63 -68.98
C ALA R 131 -13.03 -35.53 -68.04
N SER R 132 -13.29 -35.92 -66.79
CA SER R 132 -13.63 -35.02 -65.71
C SER R 132 -12.64 -35.26 -64.58
N ILE R 133 -11.86 -34.23 -64.24
CA ILE R 133 -10.79 -34.33 -63.26
C ILE R 133 -11.23 -33.62 -61.99
N ILE R 134 -11.20 -34.33 -60.87
CA ILE R 134 -11.74 -33.85 -59.61
C ILE R 134 -10.74 -34.09 -58.50
N LEU R 135 -10.62 -33.11 -57.60
CA LEU R 135 -9.77 -33.19 -56.42
C LEU R 135 -10.64 -33.06 -55.18
N GLY R 136 -10.41 -33.92 -54.19
CA GLY R 136 -11.16 -33.88 -52.95
C GLY R 136 -12.36 -34.80 -52.89
N GLN R 137 -12.69 -35.48 -53.98
CA GLN R 137 -13.83 -36.39 -53.99
C GLN R 137 -13.53 -37.54 -54.95
N GLU R 138 -14.25 -38.64 -54.76
CA GLU R 138 -14.15 -39.80 -55.63
C GLU R 138 -15.35 -39.84 -56.56
N GLN R 139 -15.09 -40.02 -57.85
CA GLN R 139 -16.13 -40.02 -58.86
C GLN R 139 -16.67 -41.43 -59.09
N ASP R 140 -17.99 -41.56 -59.05
CA ASP R 140 -18.68 -42.77 -59.50
C ASP R 140 -19.31 -42.59 -60.87
N SER R 141 -19.48 -41.35 -61.31
CA SER R 141 -20.01 -41.03 -62.62
C SER R 141 -19.30 -39.77 -63.11
N PHE R 142 -19.57 -39.42 -64.37
CA PHE R 142 -18.93 -38.25 -64.97
C PHE R 142 -19.17 -37.01 -64.10
N GLY R 143 -18.17 -36.63 -63.32
CA GLY R 143 -18.25 -35.41 -62.53
C GLY R 143 -19.33 -35.41 -61.47
N GLY R 144 -19.70 -36.58 -60.95
CA GLY R 144 -20.75 -36.64 -59.96
C GLY R 144 -20.73 -37.94 -59.18
N ASN R 145 -21.73 -38.08 -58.30
CA ASN R 145 -21.90 -39.26 -57.45
C ASN R 145 -20.69 -39.45 -56.53
N PHE R 146 -20.61 -38.54 -55.56
CA PHE R 146 -19.52 -38.55 -54.59
C PHE R 146 -19.93 -39.32 -53.34
N GLU R 147 -18.99 -40.07 -52.78
CA GLU R 147 -19.17 -40.73 -51.50
C GLU R 147 -18.41 -39.95 -50.43
N GLY R 148 -19.11 -39.59 -49.35
CA GLY R 148 -18.49 -38.80 -48.30
C GLY R 148 -17.40 -39.55 -47.55
N SER R 149 -17.52 -40.88 -47.45
CA SER R 149 -16.50 -41.65 -46.76
C SER R 149 -15.22 -41.78 -47.58
N GLN R 150 -15.22 -41.33 -48.83
CA GLN R 150 -14.03 -41.27 -49.65
C GLN R 150 -13.49 -39.85 -49.80
N SER R 151 -14.06 -38.90 -49.04
CA SER R 151 -13.60 -37.51 -49.11
C SER R 151 -12.14 -37.41 -48.69
N LEU R 152 -11.48 -36.36 -49.19
CA LEU R 152 -10.14 -36.01 -48.75
C LEU R 152 -10.24 -34.78 -47.84
N VAL R 153 -9.72 -34.91 -46.63
CA VAL R 153 -9.73 -33.84 -45.64
C VAL R 153 -8.28 -33.46 -45.36
N GLY R 154 -7.86 -32.32 -45.86
CA GLY R 154 -6.50 -31.84 -45.68
C GLY R 154 -6.09 -30.94 -46.82
N ASP R 155 -4.80 -30.94 -47.13
CA ASP R 155 -4.21 -30.09 -48.14
C ASP R 155 -3.86 -30.91 -49.38
N ILE R 156 -4.04 -30.31 -50.55
CA ILE R 156 -3.57 -30.89 -51.81
C ILE R 156 -3.18 -29.75 -52.74
N GLY R 157 -2.09 -29.95 -53.47
CA GLY R 157 -1.62 -28.93 -54.39
C GLY R 157 -0.47 -29.45 -55.21
N ASN R 158 0.08 -28.56 -56.02
CA ASN R 158 1.25 -28.87 -56.84
C ASN R 158 0.95 -30.00 -57.83
N VAL R 159 -0.31 -30.12 -58.24
CA VAL R 159 -0.69 -31.20 -59.16
C VAL R 159 -0.27 -30.80 -60.57
N ASN R 160 0.39 -31.72 -61.26
CA ASN R 160 0.87 -31.49 -62.61
C ASN R 160 0.77 -32.81 -63.36
N MET R 161 0.38 -32.74 -64.62
CA MET R 161 0.15 -33.94 -65.43
C MET R 161 0.83 -33.78 -66.79
N TRP R 162 1.53 -34.83 -67.21
CA TRP R 162 2.10 -34.92 -68.54
C TRP R 162 1.34 -35.98 -69.34
N ASP R 163 1.66 -36.05 -70.63
CA ASP R 163 1.10 -37.08 -71.51
C ASP R 163 2.16 -38.06 -71.99
N PHE R 164 3.31 -38.11 -71.32
CA PHE R 164 4.34 -39.10 -71.60
C PHE R 164 4.90 -39.58 -70.26
N VAL R 165 5.96 -40.38 -70.32
CA VAL R 165 6.55 -40.99 -69.13
C VAL R 165 7.78 -40.20 -68.75
N LEU R 166 7.84 -39.75 -67.49
CA LEU R 166 8.97 -38.98 -67.00
C LEU R 166 10.10 -39.89 -66.56
N SER R 167 11.32 -39.49 -66.88
CA SER R 167 12.50 -40.26 -66.53
C SER R 167 12.84 -40.08 -65.06
N PRO R 168 13.60 -41.01 -64.47
CA PRO R 168 14.05 -40.82 -63.09
C PRO R 168 14.66 -39.44 -62.84
N ASP R 169 15.54 -38.99 -63.74
CA ASP R 169 16.16 -37.68 -63.55
C ASP R 169 15.12 -36.57 -63.57
N GLU R 170 14.10 -36.69 -64.42
CA GLU R 170 13.05 -35.68 -64.48
C GLU R 170 12.22 -35.66 -63.21
N ILE R 171 11.81 -36.83 -62.72
CA ILE R 171 11.07 -36.91 -61.47
C ILE R 171 11.83 -36.23 -60.35
N ASN R 172 13.16 -36.37 -60.35
CA ASN R 172 13.97 -35.79 -59.28
C ASN R 172 13.77 -34.28 -59.19
N THR R 173 13.92 -33.58 -60.30
CA THR R 173 13.76 -32.12 -60.29
C THR R 173 12.37 -31.71 -59.84
N ILE R 174 11.35 -32.51 -60.17
CA ILE R 174 10.00 -32.20 -59.76
C ILE R 174 9.88 -32.21 -58.24
N TYR R 175 10.44 -33.24 -57.61
CA TYR R 175 10.36 -33.36 -56.16
C TYR R 175 11.24 -32.33 -55.44
N LEU R 176 12.50 -32.23 -55.84
CA LEU R 176 13.46 -31.41 -55.11
C LEU R 176 13.27 -29.93 -55.32
N GLY R 177 12.48 -29.53 -56.32
CA GLY R 177 12.25 -28.13 -56.58
C GLY R 177 12.96 -27.69 -57.84
N GLY R 178 12.28 -27.81 -58.99
CA GLY R 178 12.87 -27.45 -60.25
C GLY R 178 11.82 -27.12 -61.29
N PRO R 179 12.24 -26.50 -62.39
CA PRO R 179 11.27 -26.08 -63.43
C PRO R 179 10.95 -27.14 -64.47
N PHE R 180 9.67 -27.46 -64.60
CA PHE R 180 9.17 -28.43 -65.56
C PHE R 180 8.04 -27.79 -66.35
N SER R 181 7.81 -28.28 -67.57
CA SER R 181 6.77 -27.75 -68.43
C SER R 181 5.73 -28.84 -68.65
N PRO R 182 4.65 -28.85 -67.86
CA PRO R 182 3.58 -29.81 -68.12
C PRO R 182 2.86 -29.48 -69.42
N ASN R 183 2.27 -30.52 -70.03
CA ASN R 183 1.54 -30.36 -71.27
C ASN R 183 0.11 -30.89 -71.20
N VAL R 184 -0.39 -31.17 -69.99
CA VAL R 184 -1.79 -31.58 -69.79
C VAL R 184 -2.38 -30.70 -68.70
N LEU R 185 -1.80 -30.78 -67.51
CA LEU R 185 -2.19 -29.95 -66.37
C LEU R 185 -0.97 -29.21 -65.88
N ASN R 186 -1.12 -27.90 -65.68
CA ASN R 186 -0.03 -27.03 -65.26
C ASN R 186 -0.46 -26.23 -64.05
N TRP R 187 0.23 -26.45 -62.92
CA TRP R 187 -0.07 -25.68 -61.72
C TRP R 187 0.13 -24.19 -61.97
N ARG R 188 1.13 -23.83 -62.78
CA ARG R 188 1.43 -22.43 -63.07
C ARG R 188 0.46 -21.81 -64.07
N ALA R 189 -0.50 -22.60 -64.57
CA ALA R 189 -1.49 -22.11 -65.51
C ALA R 189 -2.72 -22.99 -65.41
N LEU R 190 -3.34 -23.01 -64.23
CA LEU R 190 -4.41 -23.96 -63.95
C LEU R 190 -5.76 -23.34 -64.29
N LYS R 191 -6.52 -24.04 -65.11
CA LYS R 191 -7.92 -23.71 -65.38
C LYS R 191 -8.77 -24.67 -64.55
N TYR R 192 -9.34 -24.16 -63.46
CA TYR R 192 -10.07 -25.00 -62.51
C TYR R 192 -11.41 -24.35 -62.18
N GLU R 193 -12.19 -25.07 -61.38
CA GLU R 193 -13.54 -24.64 -61.01
C GLU R 193 -13.82 -25.13 -59.60
N VAL R 194 -14.08 -24.21 -58.71
CA VAL R 194 -14.27 -24.53 -57.29
C VAL R 194 -15.75 -24.72 -57.02
N GLN R 195 -16.05 -25.63 -56.09
CA GLN R 195 -17.43 -25.87 -55.67
C GLN R 195 -17.40 -26.37 -54.23
N GLY R 196 -18.24 -25.77 -53.39
CA GLY R 196 -18.35 -26.19 -52.01
C GLY R 196 -17.36 -25.50 -51.10
N GLU R 197 -17.13 -26.15 -49.95
CA GLU R 197 -16.28 -25.60 -48.90
C GLU R 197 -14.82 -26.01 -49.15
N VAL R 198 -14.13 -25.22 -49.97
CA VAL R 198 -12.70 -25.39 -50.20
C VAL R 198 -12.08 -24.00 -50.30
N PHE R 199 -10.83 -23.89 -49.86
CA PHE R 199 -10.15 -22.62 -49.75
C PHE R 199 -8.77 -22.71 -50.40
N THR R 200 -8.22 -21.55 -50.72
CA THR R 200 -6.90 -21.43 -51.34
C THR R 200 -6.00 -20.66 -50.39
N LYS R 201 -4.99 -21.33 -49.85
CA LYS R 201 -4.08 -20.75 -48.88
C LYS R 201 -2.66 -21.16 -49.25
N PRO R 202 -1.65 -20.47 -48.70
CA PRO R 202 -0.27 -20.85 -49.00
C PRO R 202 0.01 -22.29 -48.57
N GLN R 203 0.85 -22.96 -49.34
CA GLN R 203 1.14 -24.36 -49.07
C GLN R 203 2.00 -24.49 -47.83
N LEU R 204 1.87 -25.64 -47.16
CA LEU R 204 2.55 -25.88 -45.90
C LEU R 204 3.94 -26.46 -46.08
N TRP R 205 4.13 -27.28 -47.10
CA TRP R 205 5.42 -27.87 -47.42
C TRP R 205 6.31 -26.86 -48.15
N PRO R 206 7.63 -27.10 -48.16
CA PRO R 206 8.52 -26.21 -48.92
C PRO R 206 8.39 -26.39 -50.42
N GLN S 1 5.11 -1.49 -19.88
CA GLN S 1 5.97 -2.14 -20.92
C GLN S 1 7.25 -2.72 -20.31
N THR S 2 7.49 -4.01 -20.55
CA THR S 2 8.69 -4.67 -20.07
C THR S 2 9.26 -5.53 -21.19
N ASP S 3 10.57 -5.39 -21.44
CA ASP S 3 11.27 -6.25 -22.39
C ASP S 3 11.63 -7.56 -21.68
N MET S 4 10.99 -8.65 -22.11
CA MET S 4 11.19 -9.96 -21.50
C MET S 4 12.08 -10.84 -22.35
N SER S 5 12.88 -10.25 -23.23
CA SER S 5 13.78 -11.03 -24.07
C SER S 5 14.71 -11.88 -23.22
N ARG S 6 14.87 -13.14 -23.63
CA ARG S 6 15.76 -14.13 -23.01
C ARG S 6 15.30 -14.53 -21.61
N LYS S 7 14.17 -14.03 -21.14
CA LYS S 7 13.63 -14.38 -19.83
C LYS S 7 12.34 -15.17 -20.01
N ALA S 8 11.95 -15.89 -18.94
CA ALA S 8 10.79 -16.77 -19.01
C ALA S 8 10.15 -16.88 -17.63
N PHE S 9 8.84 -17.11 -17.63
CA PHE S 9 8.11 -17.38 -16.40
C PHE S 9 8.22 -18.85 -16.05
N VAL S 10 8.47 -19.13 -14.77
CA VAL S 10 8.61 -20.50 -14.28
C VAL S 10 7.62 -20.72 -13.14
N PHE S 11 6.82 -21.77 -13.25
CA PHE S 11 5.89 -22.18 -12.21
C PHE S 11 6.45 -23.43 -11.53
N PRO S 12 7.18 -23.29 -10.42
CA PRO S 12 7.96 -24.43 -9.91
C PRO S 12 7.13 -25.65 -9.51
N LYS S 13 6.10 -25.47 -8.69
CA LYS S 13 5.34 -26.59 -8.15
C LYS S 13 3.86 -26.40 -8.42
N GLU S 14 3.14 -27.52 -8.40
CA GLU S 14 1.70 -27.49 -8.58
C GLU S 14 1.06 -26.57 -7.55
N SER S 15 0.14 -25.73 -8.01
CA SER S 15 -0.53 -24.77 -7.13
C SER S 15 -1.86 -24.40 -7.73
N ASP S 16 -2.69 -23.75 -6.91
CA ASP S 16 -4.02 -23.31 -7.30
C ASP S 16 -4.11 -21.81 -7.53
N THR S 17 -3.10 -21.05 -7.10
CA THR S 17 -3.20 -19.60 -7.05
C THR S 17 -2.03 -18.89 -7.74
N SER S 18 -1.27 -19.60 -8.58
CA SER S 18 -0.13 -19.03 -9.27
C SER S 18 -0.47 -18.83 -10.74
N TYR S 19 -0.18 -17.63 -11.25
CA TYR S 19 -0.52 -17.28 -12.62
C TYR S 19 -0.02 -15.86 -12.87
N VAL S 20 0.19 -15.55 -14.15
CA VAL S 20 0.46 -14.18 -14.60
C VAL S 20 -0.68 -13.77 -15.51
N SER S 21 -1.06 -12.50 -15.44
CA SER S 21 -2.19 -11.96 -16.18
C SER S 21 -1.66 -11.00 -17.24
N LEU S 22 -1.84 -11.36 -18.50
CA LEU S 22 -1.42 -10.52 -19.61
C LEU S 22 -2.50 -9.50 -19.94
N LYS S 23 -2.08 -8.26 -20.16
CA LYS S 23 -3.00 -7.16 -20.40
C LYS S 23 -2.89 -6.73 -21.86
N ALA S 24 -4.03 -6.65 -22.54
CA ALA S 24 -4.07 -6.38 -23.96
C ALA S 24 -4.87 -5.12 -24.24
N PRO S 25 -4.35 -4.19 -25.03
CA PRO S 25 -5.11 -2.98 -25.42
C PRO S 25 -6.04 -3.22 -26.61
N LEU S 26 -6.99 -4.14 -26.43
CA LEU S 26 -7.86 -4.55 -27.53
C LEU S 26 -9.06 -3.62 -27.64
N THR S 27 -9.47 -3.35 -28.88
CA THR S 27 -10.61 -2.47 -29.13
C THR S 27 -11.61 -3.05 -30.12
N LYS S 28 -11.14 -3.72 -31.16
CA LYS S 28 -12.05 -4.35 -32.09
C LYS S 28 -12.11 -5.85 -31.80
N PRO S 29 -13.26 -6.49 -32.00
CA PRO S 29 -13.31 -7.95 -31.85
C PRO S 29 -12.44 -8.62 -32.91
N LEU S 30 -11.93 -9.79 -32.56
CA LEU S 30 -10.98 -10.50 -33.40
C LEU S 30 -11.74 -11.35 -34.41
N LYS S 31 -11.47 -11.13 -35.69
CA LYS S 31 -11.97 -11.99 -36.76
C LYS S 31 -10.98 -13.08 -37.12
N ALA S 32 -9.80 -13.09 -36.51
CA ALA S 32 -8.74 -14.06 -36.75
C ALA S 32 -7.57 -13.66 -35.86
N PHE S 33 -6.68 -14.62 -35.60
CA PHE S 33 -5.54 -14.35 -34.73
C PHE S 33 -4.49 -15.44 -34.93
N THR S 34 -3.36 -15.25 -34.24
CA THR S 34 -2.29 -16.23 -34.23
C THR S 34 -1.56 -16.10 -32.91
N VAL S 35 -1.33 -17.22 -32.22
CA VAL S 35 -0.69 -17.24 -30.91
C VAL S 35 0.49 -18.20 -30.97
N CYS S 36 1.64 -17.75 -30.47
CA CYS S 36 2.86 -18.54 -30.45
C CYS S 36 3.50 -18.41 -29.08
N LEU S 37 4.19 -19.47 -28.64
CA LEU S 37 4.82 -19.47 -27.32
C LEU S 37 5.73 -20.67 -27.19
N HIS S 38 6.58 -20.61 -26.17
CA HIS S 38 7.44 -21.71 -25.75
C HIS S 38 6.95 -22.25 -24.42
N PHE S 39 7.19 -23.54 -24.18
CA PHE S 39 6.92 -24.10 -22.86
C PHE S 39 7.64 -25.43 -22.71
N TYR S 40 7.81 -25.84 -21.45
CA TYR S 40 8.58 -27.03 -21.12
C TYR S 40 8.05 -27.60 -19.81
N THR S 41 7.62 -28.85 -19.85
CA THR S 41 7.11 -29.50 -18.64
C THR S 41 7.11 -31.01 -18.82
N GLU S 42 7.22 -31.73 -17.70
CA GLU S 42 7.14 -33.18 -17.70
C GLU S 42 5.73 -33.69 -17.42
N LEU S 43 4.79 -32.80 -17.13
CA LEU S 43 3.45 -33.22 -16.74
C LEU S 43 2.75 -34.01 -17.84
N SER S 44 3.15 -33.81 -19.09
CA SER S 44 2.41 -34.36 -20.23
C SER S 44 2.16 -35.86 -20.11
N SER S 45 2.96 -36.57 -19.32
CA SER S 45 2.77 -38.01 -19.14
C SER S 45 1.98 -38.35 -17.89
N THR S 46 1.78 -37.39 -16.98
CA THR S 46 1.04 -37.62 -15.74
C THR S 46 -0.40 -37.15 -15.84
N ARG S 47 -0.62 -35.93 -16.30
CA ARG S 47 -1.97 -35.38 -16.44
C ARG S 47 -1.96 -34.35 -17.57
N GLY S 48 -3.06 -33.59 -17.68
CA GLY S 48 -3.14 -32.50 -18.61
C GLY S 48 -2.94 -31.15 -17.92
N TYR S 49 -2.78 -30.12 -18.74
CA TYR S 49 -2.49 -28.79 -18.22
C TYR S 49 -2.96 -27.74 -19.21
N SER S 50 -3.13 -26.52 -18.71
CA SER S 50 -3.51 -25.38 -19.53
C SER S 50 -2.25 -24.70 -20.07
N ILE S 51 -2.25 -24.41 -21.36
CA ILE S 51 -1.11 -23.77 -22.01
C ILE S 51 -1.35 -22.29 -22.23
N PHE S 52 -2.58 -21.92 -22.59
CA PHE S 52 -2.89 -20.51 -22.90
C PHE S 52 -4.38 -20.33 -22.69
N SER S 53 -4.75 -19.54 -21.68
CA SER S 53 -6.16 -19.37 -21.30
C SER S 53 -6.56 -17.93 -21.60
N TYR S 54 -7.45 -17.77 -22.58
CA TYR S 54 -7.97 -16.47 -23.02
C TYR S 54 -9.48 -16.53 -22.86
N ALA S 55 -10.01 -15.82 -21.88
CA ALA S 55 -11.40 -15.94 -21.50
C ALA S 55 -12.13 -14.61 -21.67
N THR S 56 -13.44 -14.73 -21.88
CA THR S 56 -14.34 -13.58 -21.95
C THR S 56 -15.47 -13.84 -20.97
N LYS S 57 -16.18 -12.78 -20.62
CA LYS S 57 -17.28 -12.93 -19.67
C LYS S 57 -18.31 -13.93 -20.17
N ARG S 58 -18.52 -14.00 -21.49
CA ARG S 58 -19.57 -14.85 -22.04
C ARG S 58 -19.11 -16.26 -22.33
N GLN S 59 -17.80 -16.51 -22.35
CA GLN S 59 -17.28 -17.82 -22.73
C GLN S 59 -15.99 -18.04 -21.96
N ASP S 60 -16.03 -18.99 -21.02
CA ASP S 60 -14.84 -19.28 -20.22
C ASP S 60 -13.72 -19.91 -21.04
N ASN S 61 -14.03 -20.35 -22.27
CA ASN S 61 -13.06 -20.95 -23.18
C ASN S 61 -13.12 -20.22 -24.52
N GLU S 62 -13.00 -18.90 -24.50
CA GLU S 62 -13.08 -18.12 -25.74
C GLU S 62 -12.01 -18.58 -26.72
N ILE S 63 -10.77 -18.74 -26.25
CA ILE S 63 -9.75 -19.47 -26.99
C ILE S 63 -8.78 -20.07 -25.97
N LEU S 64 -8.62 -21.39 -26.02
CA LEU S 64 -7.84 -22.13 -25.04
C LEU S 64 -6.95 -23.15 -25.74
N ILE S 65 -5.69 -23.20 -25.33
CA ILE S 65 -4.75 -24.21 -25.78
C ILE S 65 -4.50 -25.15 -24.60
N PHE S 66 -4.75 -26.44 -24.81
CA PHE S 66 -4.77 -27.41 -23.74
C PHE S 66 -4.12 -28.71 -24.20
N TRP S 67 -3.38 -29.34 -23.29
CA TRP S 67 -2.81 -30.66 -23.52
C TRP S 67 -3.59 -31.67 -22.68
N SER S 68 -4.27 -32.59 -23.34
CA SER S 68 -4.99 -33.67 -22.66
C SER S 68 -4.14 -34.93 -22.71
N LYS S 69 -3.82 -35.46 -21.53
CA LYS S 69 -2.97 -36.64 -21.45
C LYS S 69 -3.50 -37.75 -22.36
N ASP S 70 -2.57 -38.49 -22.95
CA ASP S 70 -2.82 -39.69 -23.74
C ASP S 70 -3.53 -39.40 -25.06
N ILE S 71 -3.89 -38.15 -25.33
CA ILE S 71 -4.62 -37.77 -26.55
C ILE S 71 -3.77 -36.87 -27.43
N GLY S 72 -3.30 -35.75 -26.88
CA GLY S 72 -2.52 -34.79 -27.65
C GLY S 72 -2.91 -33.35 -27.35
N TYR S 73 -2.84 -32.50 -28.37
CA TYR S 73 -3.14 -31.08 -28.20
C TYR S 73 -4.63 -30.82 -28.42
N SER S 74 -5.21 -30.02 -27.53
CA SER S 74 -6.63 -29.64 -27.60
C SER S 74 -6.72 -28.15 -27.90
N PHE S 75 -7.45 -27.81 -28.94
CA PHE S 75 -7.58 -26.43 -29.41
C PHE S 75 -9.06 -26.10 -29.51
N THR S 76 -9.52 -25.18 -28.68
CA THR S 76 -10.93 -24.80 -28.63
C THR S 76 -11.05 -23.29 -28.69
N VAL S 77 -11.88 -22.79 -29.61
CA VAL S 77 -12.22 -21.37 -29.72
C VAL S 77 -13.73 -21.26 -29.65
N GLY S 78 -14.21 -20.37 -28.79
CA GLY S 78 -15.64 -20.18 -28.62
C GLY S 78 -16.37 -21.37 -28.04
N GLY S 79 -15.68 -22.21 -27.28
CA GLY S 79 -16.29 -23.36 -26.63
C GLY S 79 -16.31 -24.64 -27.43
N SER S 80 -16.00 -24.59 -28.73
CA SER S 80 -15.99 -25.78 -29.58
C SER S 80 -14.56 -26.26 -29.74
N GLU S 81 -14.36 -27.57 -29.59
CA GLU S 81 -13.03 -28.15 -29.51
C GLU S 81 -12.66 -28.89 -30.79
N ILE S 82 -11.37 -28.86 -31.10
CA ILE S 82 -10.77 -29.68 -32.15
C ILE S 82 -9.46 -30.22 -31.59
N LEU S 83 -9.07 -31.41 -32.06
CA LEU S 83 -7.94 -32.14 -31.50
C LEU S 83 -6.85 -32.33 -32.53
N PHE S 84 -5.60 -32.27 -32.08
CA PHE S 84 -4.43 -32.65 -32.87
C PHE S 84 -3.72 -33.78 -32.11
N GLU S 85 -3.99 -35.01 -32.53
CA GLU S 85 -3.48 -36.17 -31.80
C GLU S 85 -1.96 -36.22 -31.84
N VAL S 86 -1.38 -36.71 -30.76
CA VAL S 86 0.07 -36.90 -30.67
C VAL S 86 0.31 -38.24 -29.98
N PRO S 87 0.87 -39.25 -30.67
CA PRO S 87 1.02 -40.56 -30.03
C PRO S 87 2.23 -40.61 -29.10
N GLU S 88 3.41 -40.35 -29.65
CA GLU S 88 4.64 -40.34 -28.86
C GLU S 88 4.86 -38.97 -28.25
N VAL S 89 5.15 -38.96 -26.95
CA VAL S 89 5.38 -37.73 -26.21
C VAL S 89 6.78 -37.81 -25.61
N THR S 90 7.66 -36.89 -26.03
CA THR S 90 9.01 -36.81 -25.53
C THR S 90 9.21 -35.51 -24.77
N VAL S 91 9.88 -35.58 -23.63
CA VAL S 91 10.06 -34.42 -22.76
C VAL S 91 11.18 -33.57 -23.33
N ALA S 92 10.84 -32.36 -23.74
CA ALA S 92 11.81 -31.37 -24.21
C ALA S 92 11.09 -30.04 -24.40
N PRO S 93 11.83 -28.94 -24.48
CA PRO S 93 11.18 -27.67 -24.83
C PRO S 93 10.48 -27.79 -26.18
N VAL S 94 9.34 -27.11 -26.31
CA VAL S 94 8.53 -27.18 -27.51
C VAL S 94 7.99 -25.79 -27.85
N HIS S 95 7.87 -25.53 -29.14
CA HIS S 95 7.37 -24.26 -29.67
C HIS S 95 6.13 -24.53 -30.51
N ILE S 96 5.01 -23.89 -30.13
CA ILE S 96 3.74 -24.07 -30.82
C ILE S 96 3.28 -22.73 -31.39
N CYS S 97 2.71 -22.78 -32.59
CA CYS S 97 2.03 -21.63 -33.19
C CYS S 97 0.66 -22.11 -33.68
N THR S 98 -0.37 -21.31 -33.44
CA THR S 98 -1.72 -21.68 -33.83
C THR S 98 -2.50 -20.44 -34.26
N SER S 99 -3.27 -20.58 -35.33
CA SER S 99 -4.03 -19.48 -35.90
C SER S 99 -5.46 -19.94 -36.17
N TRP S 100 -6.37 -18.97 -36.22
CA TRP S 100 -7.77 -19.24 -36.50
C TRP S 100 -8.32 -18.12 -37.38
N GLU S 101 -9.19 -18.47 -38.32
CA GLU S 101 -9.81 -17.49 -39.21
C GLU S 101 -11.32 -17.71 -39.24
N SER S 102 -12.06 -16.61 -39.16
CA SER S 102 -13.52 -16.69 -39.16
C SER S 102 -14.07 -16.96 -40.54
N ALA S 103 -13.62 -16.18 -41.54
CA ALA S 103 -14.18 -16.29 -42.89
C ALA S 103 -14.11 -17.72 -43.42
N SER S 104 -13.15 -18.50 -42.94
CA SER S 104 -12.95 -19.87 -43.42
C SER S 104 -13.04 -20.92 -42.32
N GLY S 105 -12.93 -20.54 -41.05
CA GLY S 105 -12.88 -21.51 -39.99
C GLY S 105 -11.62 -22.35 -39.94
N ILE S 106 -10.68 -22.11 -40.85
CA ILE S 106 -9.47 -22.91 -40.92
C ILE S 106 -8.61 -22.63 -39.68
N VAL S 107 -8.09 -23.70 -39.08
CA VAL S 107 -7.15 -23.59 -37.97
C VAL S 107 -5.88 -24.33 -38.37
N GLU S 108 -4.74 -23.69 -38.19
CA GLU S 108 -3.43 -24.27 -38.40
C GLU S 108 -2.76 -24.49 -37.05
N PHE S 109 -1.99 -25.56 -36.94
CA PHE S 109 -1.25 -25.86 -35.71
C PHE S 109 0.17 -26.24 -36.10
N TRP S 110 1.13 -25.41 -35.73
CA TRP S 110 2.54 -25.63 -36.02
C TRP S 110 3.24 -26.06 -34.74
N VAL S 111 4.03 -27.13 -34.83
CA VAL S 111 4.83 -27.61 -33.71
C VAL S 111 6.28 -27.64 -34.15
N ASP S 112 7.12 -26.89 -33.43
CA ASP S 112 8.54 -26.80 -33.74
C ASP S 112 8.77 -26.51 -35.22
N GLY S 113 8.00 -25.54 -35.74
CA GLY S 113 8.18 -25.09 -37.10
C GLY S 113 7.70 -26.03 -38.19
N LYS S 114 7.05 -27.13 -37.83
CA LYS S 114 6.52 -28.08 -38.80
C LYS S 114 5.00 -28.13 -38.68
N PRO S 115 4.26 -28.02 -39.78
CA PRO S 115 2.81 -27.86 -39.68
C PRO S 115 2.04 -29.16 -39.61
N ARG S 116 0.95 -29.12 -38.84
CA ARG S 116 -0.06 -30.16 -38.86
C ARG S 116 -1.15 -29.83 -39.87
N VAL S 117 -1.96 -30.84 -40.20
CA VAL S 117 -3.01 -30.62 -41.20
C VAL S 117 -3.98 -29.53 -40.73
N ARG S 118 -4.74 -29.00 -41.69
CA ARG S 118 -5.68 -27.92 -41.41
C ARG S 118 -7.06 -28.48 -41.13
N LYS S 119 -7.74 -27.89 -40.15
CA LYS S 119 -9.07 -28.32 -39.73
C LYS S 119 -9.99 -27.11 -39.63
N SER S 120 -11.28 -27.37 -39.50
CA SER S 120 -12.28 -26.32 -39.37
C SER S 120 -12.72 -26.18 -37.92
N LEU S 121 -13.15 -24.96 -37.58
CA LEU S 121 -13.68 -24.69 -36.25
C LEU S 121 -14.32 -23.31 -36.20
N LYS S 122 -15.62 -23.27 -35.86
CA LYS S 122 -16.35 -22.02 -35.65
C LYS S 122 -16.15 -21.04 -36.80
N LYS S 123 -16.58 -21.47 -37.99
CA LYS S 123 -16.57 -20.58 -39.15
C LYS S 123 -17.62 -19.48 -38.95
N GLY S 124 -17.22 -18.24 -39.19
CA GLY S 124 -18.10 -17.11 -39.04
C GLY S 124 -18.18 -16.54 -37.64
N TYR S 125 -17.50 -17.16 -36.67
CA TYR S 125 -17.50 -16.68 -35.31
C TYR S 125 -16.78 -15.32 -35.22
N THR S 126 -16.93 -14.68 -34.07
CA THR S 126 -16.27 -13.40 -33.80
C THR S 126 -15.83 -13.42 -32.34
N VAL S 127 -14.52 -13.38 -32.11
CA VAL S 127 -13.97 -13.53 -30.77
C VAL S 127 -14.10 -12.21 -30.02
N GLY S 128 -14.43 -12.30 -28.73
CA GLY S 128 -14.61 -11.11 -27.93
C GLY S 128 -13.29 -10.39 -27.69
N ALA S 129 -13.37 -9.07 -27.55
CA ALA S 129 -12.19 -8.25 -27.37
C ALA S 129 -11.86 -8.01 -25.89
N GLU S 130 -12.86 -7.82 -25.04
CA GLU S 130 -12.63 -7.57 -23.62
C GLU S 130 -12.43 -8.92 -22.94
N ALA S 131 -11.18 -9.37 -22.95
CA ALA S 131 -10.82 -10.70 -22.49
C ALA S 131 -9.90 -10.63 -21.29
N SER S 132 -9.68 -11.80 -20.68
CA SER S 132 -8.73 -11.98 -19.59
C SER S 132 -7.77 -13.08 -19.99
N ILE S 133 -6.48 -12.75 -20.08
CA ILE S 133 -5.45 -13.65 -20.56
C ILE S 133 -4.62 -14.10 -19.36
N ILE S 134 -4.52 -15.41 -19.17
CA ILE S 134 -3.88 -15.98 -17.99
C ILE S 134 -2.94 -17.09 -18.43
N LEU S 135 -1.78 -17.16 -17.77
CA LEU S 135 -0.78 -18.20 -18.00
C LEU S 135 -0.58 -18.99 -16.72
N GLY S 136 -0.55 -20.31 -16.84
CA GLY S 136 -0.33 -21.17 -15.70
C GLY S 136 -1.58 -21.71 -15.03
N GLN S 137 -2.77 -21.28 -15.46
CA GLN S 137 -4.01 -21.74 -14.87
C GLN S 137 -5.09 -21.78 -15.95
N GLU S 138 -6.13 -22.56 -15.68
CA GLU S 138 -7.28 -22.66 -16.57
C GLU S 138 -8.44 -21.88 -15.97
N GLN S 139 -9.08 -21.04 -16.80
CA GLN S 139 -10.17 -20.18 -16.35
C GLN S 139 -11.52 -20.86 -16.54
N ASP S 140 -12.32 -20.86 -15.48
CA ASP S 140 -13.73 -21.22 -15.57
C ASP S 140 -14.64 -20.00 -15.56
N SER S 141 -14.11 -18.85 -15.13
CA SER S 141 -14.82 -17.58 -15.15
C SER S 141 -13.79 -16.50 -15.43
N PHE S 142 -14.27 -15.27 -15.60
CA PHE S 142 -13.37 -14.16 -15.91
C PHE S 142 -12.24 -14.02 -14.90
N GLY S 143 -11.04 -14.47 -15.26
CA GLY S 143 -9.87 -14.30 -14.42
C GLY S 143 -9.94 -15.00 -13.09
N GLY S 144 -10.69 -16.09 -13.00
CA GLY S 144 -10.84 -16.77 -11.73
C GLY S 144 -11.35 -18.19 -11.93
N ASN S 145 -11.61 -18.84 -10.79
CA ASN S 145 -12.11 -20.21 -10.75
C ASN S 145 -11.11 -21.16 -11.43
N PHE S 146 -9.97 -21.31 -10.76
CA PHE S 146 -8.89 -22.16 -11.25
C PHE S 146 -9.01 -23.54 -10.65
N GLU S 147 -8.71 -24.55 -11.45
CA GLU S 147 -8.60 -25.92 -10.98
C GLU S 147 -7.13 -26.28 -10.85
N GLY S 148 -6.73 -26.80 -9.69
CA GLY S 148 -5.32 -27.12 -9.49
C GLY S 148 -4.85 -28.24 -10.38
N SER S 149 -5.75 -29.15 -10.77
CA SER S 149 -5.39 -30.24 -11.67
C SER S 149 -5.19 -29.77 -13.10
N GLN S 150 -5.48 -28.51 -13.40
CA GLN S 150 -5.20 -27.92 -14.69
C GLN S 150 -4.00 -26.99 -14.65
N SER S 151 -3.28 -26.95 -13.53
CA SER S 151 -2.11 -26.11 -13.41
C SER S 151 -1.04 -26.52 -14.41
N LEU S 152 -0.21 -25.56 -14.80
CA LEU S 152 0.99 -25.81 -15.59
C LEU S 152 2.21 -25.69 -14.67
N VAL S 153 3.01 -26.75 -14.64
CA VAL S 153 4.21 -26.80 -13.79
C VAL S 153 5.41 -26.89 -14.71
N GLY S 154 6.15 -25.80 -14.82
CA GLY S 154 7.34 -25.76 -15.64
C GLY S 154 7.60 -24.34 -16.11
N ASP S 155 8.21 -24.24 -17.28
CA ASP S 155 8.62 -22.97 -17.87
C ASP S 155 7.69 -22.62 -19.03
N ILE S 156 7.40 -21.33 -19.17
CA ILE S 156 6.66 -20.82 -20.32
C ILE S 156 7.18 -19.42 -20.65
N GLY S 157 7.28 -19.12 -21.94
CA GLY S 157 7.76 -17.82 -22.34
C GLY S 157 7.62 -17.64 -23.84
N ASN S 158 8.09 -16.48 -24.31
CA ASN S 158 8.10 -16.16 -25.73
C ASN S 158 6.69 -16.11 -26.31
N VAL S 159 5.71 -15.77 -25.49
CA VAL S 159 4.32 -15.73 -25.94
C VAL S 159 4.10 -14.47 -26.77
N ASN S 160 3.47 -14.63 -27.93
CA ASN S 160 3.20 -13.51 -28.82
C ASN S 160 1.88 -13.78 -29.53
N MET S 161 1.09 -12.72 -29.72
CA MET S 161 -0.23 -12.85 -30.32
C MET S 161 -0.41 -11.80 -31.42
N TRP S 162 -0.91 -12.24 -32.56
CA TRP S 162 -1.29 -11.35 -33.66
C TRP S 162 -2.81 -11.33 -33.79
N ASP S 163 -3.29 -10.44 -34.67
CA ASP S 163 -4.71 -10.34 -34.96
C ASP S 163 -5.02 -10.72 -36.41
N PHE S 164 -4.09 -11.38 -37.09
CA PHE S 164 -4.32 -11.94 -38.42
C PHE S 164 -3.65 -13.30 -38.45
N VAL S 165 -3.63 -13.93 -39.62
CA VAL S 165 -3.09 -15.27 -39.78
C VAL S 165 -1.69 -15.15 -40.37
N LEU S 166 -0.73 -15.80 -39.72
CA LEU S 166 0.65 -15.76 -40.18
C LEU S 166 0.87 -16.80 -41.27
N SER S 167 1.59 -16.42 -42.31
CA SER S 167 1.89 -17.34 -43.39
C SER S 167 3.00 -18.29 -42.96
N PRO S 168 3.13 -19.43 -43.65
CA PRO S 168 4.26 -20.33 -43.34
C PRO S 168 5.59 -19.60 -43.22
N ASP S 169 5.88 -18.68 -44.13
CA ASP S 169 7.16 -17.97 -44.09
C ASP S 169 7.28 -17.14 -42.81
N GLU S 170 6.18 -16.52 -42.36
CA GLU S 170 6.24 -15.73 -41.13
C GLU S 170 6.46 -16.63 -39.92
N ILE S 171 5.70 -17.73 -39.84
CA ILE S 171 5.89 -18.68 -38.75
C ILE S 171 7.35 -19.11 -38.66
N ASN S 172 7.98 -19.31 -39.83
CA ASN S 172 9.38 -19.77 -39.84
C ASN S 172 10.29 -18.76 -39.15
N THR S 173 10.19 -17.49 -39.52
CA THR S 173 11.07 -16.48 -38.94
C THR S 173 10.88 -16.37 -37.43
N ILE S 174 9.63 -16.51 -36.96
CA ILE S 174 9.36 -16.45 -35.53
C ILE S 174 10.07 -17.59 -34.81
N TYR S 175 10.02 -18.79 -35.39
CA TYR S 175 10.68 -19.95 -34.80
C TYR S 175 12.19 -19.82 -34.90
N LEU S 176 12.70 -19.41 -36.05
CA LEU S 176 14.14 -19.35 -36.28
C LEU S 176 14.83 -18.19 -35.59
N GLY S 177 14.08 -17.17 -35.17
CA GLY S 177 14.67 -16.07 -34.41
C GLY S 177 14.87 -14.75 -35.14
N GLY S 178 13.98 -14.43 -36.08
CA GLY S 178 14.09 -13.20 -36.83
C GLY S 178 13.27 -12.10 -36.19
N PRO S 179 13.45 -10.85 -36.63
CA PRO S 179 12.72 -9.74 -36.00
C PRO S 179 11.29 -9.64 -36.53
N PHE S 180 10.32 -9.81 -35.63
CA PHE S 180 8.91 -9.73 -35.95
C PHE S 180 8.21 -8.81 -34.95
N SER S 181 7.11 -8.19 -35.40
CA SER S 181 6.35 -7.23 -34.58
C SER S 181 4.93 -7.71 -34.32
N PRO S 182 4.64 -8.30 -33.16
CA PRO S 182 3.26 -8.64 -32.81
C PRO S 182 2.44 -7.38 -32.65
N ASN S 183 1.11 -7.51 -32.81
CA ASN S 183 0.20 -6.38 -32.68
C ASN S 183 -0.88 -6.58 -31.63
N VAL S 184 -0.77 -7.61 -30.79
CA VAL S 184 -1.71 -7.79 -29.68
C VAL S 184 -0.92 -8.02 -28.41
N LEU S 185 -0.12 -9.10 -28.39
CA LEU S 185 0.76 -9.41 -27.29
C LEU S 185 2.20 -9.49 -27.80
N ASN S 186 3.11 -8.80 -27.11
CA ASN S 186 4.51 -8.71 -27.52
C ASN S 186 5.41 -9.06 -26.35
N TRP S 187 6.20 -10.12 -26.50
CA TRP S 187 7.14 -10.50 -25.45
C TRP S 187 8.10 -9.37 -25.13
N ARG S 188 8.52 -8.62 -26.15
CA ARG S 188 9.45 -7.51 -25.97
C ARG S 188 8.79 -6.27 -25.40
N ALA S 189 7.49 -6.31 -25.14
CA ALA S 189 6.77 -5.18 -24.58
C ALA S 189 5.53 -5.67 -23.84
N LEU S 190 5.75 -6.46 -22.78
CA LEU S 190 4.66 -7.14 -22.10
C LEU S 190 4.15 -6.29 -20.93
N LYS S 191 2.84 -6.04 -20.94
CA LYS S 191 2.15 -5.46 -19.80
C LYS S 191 1.44 -6.63 -19.10
N TYR S 192 2.01 -7.08 -17.98
CA TYR S 192 1.53 -8.26 -17.29
C TYR S 192 1.40 -7.96 -15.80
N GLU S 193 0.92 -8.96 -15.07
CA GLU S 193 0.66 -8.84 -13.64
C GLU S 193 0.93 -10.20 -13.02
N VAL S 194 1.88 -10.26 -12.09
CA VAL S 194 2.33 -11.52 -11.51
C VAL S 194 1.52 -11.81 -10.26
N GLN S 195 1.28 -13.10 -10.01
CA GLN S 195 0.54 -13.50 -8.82
C GLN S 195 0.94 -14.89 -8.38
N GLY S 196 1.20 -15.05 -7.08
CA GLY S 196 1.50 -16.35 -6.52
C GLY S 196 2.96 -16.71 -6.61
N GLU S 197 3.22 -18.02 -6.54
CA GLU S 197 4.58 -18.54 -6.57
C GLU S 197 4.97 -18.72 -8.03
N VAL S 198 5.46 -17.66 -8.64
CA VAL S 198 5.97 -17.67 -10.00
C VAL S 198 7.19 -16.77 -10.03
N PHE S 199 8.17 -17.14 -10.85
CA PHE S 199 9.45 -16.46 -10.89
C PHE S 199 9.82 -16.15 -12.34
N THR S 200 10.72 -15.18 -12.50
CA THR S 200 11.22 -14.78 -13.80
C THR S 200 12.72 -15.07 -13.83
N LYS S 201 13.11 -16.02 -14.67
CA LYS S 201 14.48 -16.49 -14.76
C LYS S 201 14.87 -16.59 -16.22
N PRO S 202 16.17 -16.71 -16.51
CA PRO S 202 16.59 -16.85 -17.91
C PRO S 202 15.96 -18.08 -18.55
N GLN S 203 15.65 -17.95 -19.82
CA GLN S 203 14.97 -19.03 -20.53
C GLN S 203 15.93 -20.19 -20.76
N LEU S 204 15.35 -21.40 -20.82
CA LEU S 204 16.14 -22.61 -20.97
C LEU S 204 16.39 -22.98 -22.42
N TRP S 205 15.45 -22.68 -23.30
CA TRP S 205 15.61 -22.95 -24.72
C TRP S 205 16.48 -21.87 -25.38
N PRO S 206 17.05 -22.16 -26.55
CA PRO S 206 17.82 -21.14 -27.27
C PRO S 206 16.93 -20.07 -27.88
N GLN T 1 46.62 -27.60 -2.84
CA GLN T 1 46.17 -27.25 -4.21
C GLN T 1 46.78 -28.18 -5.25
N THR T 2 45.93 -28.80 -6.06
CA THR T 2 46.39 -29.68 -7.14
C THR T 2 45.59 -29.40 -8.40
N ASP T 3 46.30 -29.22 -9.52
CA ASP T 3 45.65 -29.09 -10.82
C ASP T 3 45.35 -30.49 -11.34
N MET T 4 44.07 -30.84 -11.39
CA MET T 4 43.63 -32.16 -11.80
C MET T 4 43.05 -32.17 -13.21
N SER T 5 43.40 -31.18 -14.03
CA SER T 5 42.91 -31.12 -15.39
C SER T 5 43.26 -32.41 -16.13
N ARG T 6 42.29 -32.94 -16.88
CA ARG T 6 42.42 -34.14 -17.69
C ARG T 6 42.59 -35.40 -16.86
N LYS T 7 42.52 -35.33 -15.53
CA LYS T 7 42.64 -36.48 -14.67
C LYS T 7 41.31 -36.78 -14.00
N ALA T 8 41.17 -38.03 -13.52
CA ALA T 8 39.92 -38.47 -12.93
C ALA T 8 40.19 -39.54 -11.88
N PHE T 9 39.31 -39.60 -10.87
CA PHE T 9 39.35 -40.65 -9.87
C PHE T 9 38.60 -41.87 -10.38
N VAL T 10 39.18 -43.05 -10.17
CA VAL T 10 38.58 -44.30 -10.62
C VAL T 10 38.47 -45.23 -9.42
N PHE T 11 37.26 -45.76 -9.20
CA PHE T 11 37.00 -46.75 -8.18
C PHE T 11 36.83 -48.11 -8.84
N PRO T 12 37.88 -48.94 -8.91
CA PRO T 12 37.82 -50.13 -9.77
C PRO T 12 36.72 -51.12 -9.40
N LYS T 13 36.65 -51.53 -8.14
CA LYS T 13 35.74 -52.60 -7.73
C LYS T 13 34.88 -52.12 -6.57
N GLU T 14 33.73 -52.79 -6.40
CA GLU T 14 32.85 -52.49 -5.28
C GLU T 14 33.60 -52.66 -3.97
N SER T 15 33.46 -51.69 -3.07
CA SER T 15 34.16 -51.72 -1.80
C SER T 15 33.41 -50.88 -0.80
N ASP T 16 33.78 -51.03 0.47
CA ASP T 16 33.19 -50.29 1.57
C ASP T 16 34.09 -49.19 2.12
N THR T 17 35.36 -49.16 1.74
CA THR T 17 36.35 -48.31 2.40
C THR T 17 37.11 -47.40 1.43
N SER T 18 36.60 -47.20 0.22
CA SER T 18 37.26 -46.37 -0.78
C SER T 18 36.47 -45.08 -0.96
N TYR T 19 37.18 -43.94 -0.93
CA TYR T 19 36.55 -42.64 -1.05
C TYR T 19 37.63 -41.56 -1.03
N VAL T 20 37.32 -40.41 -1.62
CA VAL T 20 38.13 -39.21 -1.54
C VAL T 20 37.32 -38.13 -0.84
N SER T 21 38.01 -37.31 -0.06
CA SER T 21 37.39 -36.25 0.73
C SER T 21 37.77 -34.90 0.16
N LEU T 22 36.79 -34.18 -0.37
CA LEU T 22 37.00 -32.84 -0.89
C LEU T 22 36.86 -31.82 0.24
N LYS T 23 37.79 -30.87 0.29
CA LYS T 23 37.83 -29.86 1.34
C LYS T 23 37.45 -28.51 0.76
N ALA T 24 36.52 -27.82 1.41
CA ALA T 24 35.96 -26.59 0.88
C ALA T 24 36.23 -25.43 1.82
N PRO T 25 36.68 -24.27 1.31
CA PRO T 25 36.94 -23.09 2.15
C PRO T 25 35.68 -22.28 2.46
N LEU T 26 34.70 -22.93 3.07
CA LEU T 26 33.40 -22.32 3.31
C LEU T 26 33.40 -21.59 4.65
N THR T 27 32.73 -20.43 4.68
CA THR T 27 32.61 -19.64 5.90
C THR T 27 31.19 -19.16 6.14
N LYS T 28 30.48 -18.80 5.08
CA LYS T 28 29.08 -18.42 5.20
C LYS T 28 28.20 -19.59 4.78
N PRO T 29 27.02 -19.75 5.39
CA PRO T 29 26.10 -20.77 4.89
C PRO T 29 25.66 -20.43 3.48
N LEU T 30 25.33 -21.48 2.72
CA LEU T 30 25.01 -21.33 1.31
C LEU T 30 23.53 -21.00 1.15
N LYS T 31 23.25 -19.88 0.48
CA LYS T 31 21.90 -19.53 0.08
C LYS T 31 21.56 -20.00 -1.32
N ALA T 32 22.52 -20.64 -2.00
CA ALA T 32 22.37 -21.17 -3.35
C ALA T 32 23.72 -21.77 -3.74
N PHE T 33 23.69 -22.66 -4.73
CA PHE T 33 24.92 -23.29 -5.19
C PHE T 33 24.67 -23.93 -6.54
N THR T 34 25.74 -24.47 -7.12
CA THR T 34 25.68 -25.20 -8.38
C THR T 34 26.80 -26.22 -8.37
N VAL T 35 26.47 -27.47 -8.73
CA VAL T 35 27.42 -28.56 -8.73
C VAL T 35 27.41 -29.20 -10.11
N CYS T 36 28.60 -29.41 -10.68
CA CYS T 36 28.76 -30.03 -11.98
C CYS T 36 29.88 -31.07 -11.89
N LEU T 37 29.76 -32.13 -12.68
CA LEU T 37 30.75 -33.20 -12.63
C LEU T 37 30.52 -34.17 -13.78
N HIS T 38 31.53 -35.00 -14.02
CA HIS T 38 31.48 -36.11 -14.96
C HIS T 38 31.52 -37.42 -14.18
N PHE T 39 30.92 -38.46 -14.75
CA PHE T 39 31.03 -39.79 -14.16
C PHE T 39 30.63 -40.84 -15.19
N TYR T 40 31.06 -42.07 -14.94
CA TYR T 40 30.88 -43.18 -15.88
C TYR T 40 30.81 -44.48 -15.10
N THR T 41 29.71 -45.21 -15.24
CA THR T 41 29.58 -46.49 -14.55
C THR T 41 28.51 -47.33 -15.23
N GLU T 42 28.63 -48.65 -15.09
CA GLU T 42 27.65 -49.59 -15.60
C GLU T 42 26.63 -50.00 -14.53
N LEU T 43 26.81 -49.55 -13.29
CA LEU T 43 25.95 -49.99 -12.19
C LEU T 43 24.49 -49.58 -12.41
N SER T 44 24.26 -48.52 -13.18
CA SER T 44 22.93 -47.92 -13.24
C SER T 44 21.82 -48.91 -13.56
N SER T 45 22.15 -50.05 -14.17
CA SER T 45 21.15 -51.06 -14.48
C SER T 45 21.06 -52.17 -13.44
N THR T 46 22.04 -52.27 -12.55
CA THR T 46 22.06 -53.31 -11.52
C THR T 46 21.55 -52.80 -10.18
N ARG T 47 22.03 -51.66 -9.73
CA ARG T 47 21.61 -51.08 -8.46
C ARG T 47 21.74 -49.56 -8.55
N GLY T 48 21.56 -48.90 -7.41
CA GLY T 48 21.79 -47.47 -7.31
C GLY T 48 23.11 -47.17 -6.64
N TYR T 49 23.51 -45.89 -6.71
CA TYR T 49 24.80 -45.50 -6.16
C TYR T 49 24.77 -44.01 -5.84
N SER T 50 25.70 -43.60 -4.97
CA SER T 50 25.86 -42.21 -4.59
C SER T 50 26.82 -41.52 -5.55
N ILE T 51 26.45 -40.35 -6.03
CA ILE T 51 27.25 -39.59 -6.98
C ILE T 51 28.02 -38.47 -6.30
N PHE T 52 27.40 -37.79 -5.34
CA PHE T 52 28.02 -36.63 -4.71
C PHE T 52 27.38 -36.46 -3.33
N SER T 53 28.15 -36.69 -2.27
CA SER T 53 27.64 -36.69 -0.91
C SER T 53 28.21 -35.52 -0.13
N TYR T 54 27.33 -34.59 0.24
CA TYR T 54 27.67 -33.39 1.00
C TYR T 54 26.86 -33.41 2.29
N ALA T 55 27.52 -33.71 3.40
CA ALA T 55 26.84 -33.93 4.68
C ALA T 55 27.34 -32.94 5.72
N THR T 56 26.51 -32.77 6.74
CA THR T 56 26.82 -31.94 7.90
C THR T 56 26.67 -32.81 9.14
N LYS T 57 27.24 -32.34 10.25
CA LYS T 57 27.17 -33.11 11.49
C LYS T 57 25.72 -33.40 11.86
N ARG T 58 24.82 -32.48 11.53
CA ARG T 58 23.41 -32.57 11.86
C ARG T 58 22.55 -33.17 10.75
N GLN T 59 23.07 -33.26 9.53
CA GLN T 59 22.25 -33.70 8.40
C GLN T 59 23.15 -34.50 7.46
N ASP T 60 22.93 -35.82 7.42
CA ASP T 60 23.74 -36.70 6.59
C ASP T 60 23.50 -36.52 5.10
N ASN T 61 22.44 -35.83 4.70
CA ASN T 61 22.11 -35.59 3.30
C ASN T 61 21.88 -34.11 3.05
N GLU T 62 22.85 -33.28 3.45
CA GLU T 62 22.70 -31.83 3.28
C GLU T 62 22.47 -31.49 1.82
N ILE T 63 23.27 -32.07 0.92
CA ILE T 63 22.94 -32.10 -0.50
C ILE T 63 23.56 -33.35 -1.09
N LEU T 64 22.73 -34.19 -1.70
CA LEU T 64 23.13 -35.50 -2.18
C LEU T 64 22.57 -35.71 -3.57
N ILE T 65 23.43 -36.16 -4.48
CA ILE T 65 23.04 -36.56 -5.83
C ILE T 65 23.14 -38.08 -5.90
N PHE T 66 22.05 -38.73 -6.27
CA PHE T 66 21.92 -40.17 -6.16
C PHE T 66 21.21 -40.73 -7.38
N TRP T 67 21.66 -41.90 -7.84
CA TRP T 67 21.00 -42.63 -8.90
C TRP T 67 20.27 -43.83 -8.30
N SER T 68 18.94 -43.82 -8.42
CA SER T 68 18.11 -44.93 -7.99
C SER T 68 17.75 -45.78 -9.20
N LYS T 69 18.10 -47.07 -9.14
CA LYS T 69 17.85 -47.96 -10.27
C LYS T 69 16.37 -47.88 -10.68
N ASP T 70 16.14 -47.97 -11.98
CA ASP T 70 14.81 -48.06 -12.59
C ASP T 70 14.01 -46.77 -12.46
N ILE T 71 14.54 -45.74 -11.81
CA ILE T 71 13.82 -44.49 -11.57
C ILE T 71 14.47 -43.34 -12.31
N GLY T 72 15.75 -43.08 -12.07
CA GLY T 72 16.43 -41.97 -12.67
C GLY T 72 17.31 -41.26 -11.65
N TYR T 73 17.41 -39.94 -11.76
CA TYR T 73 18.25 -39.15 -10.87
C TYR T 73 17.47 -38.71 -9.63
N SER T 74 18.08 -38.87 -8.47
CA SER T 74 17.51 -38.45 -7.20
C SER T 74 18.33 -37.30 -6.64
N PHE T 75 17.66 -36.18 -6.35
CA PHE T 75 18.32 -34.95 -5.93
C PHE T 75 17.66 -34.49 -4.63
N THR T 76 18.42 -34.52 -3.53
CA THR T 76 17.89 -34.15 -2.22
C THR T 76 18.83 -33.14 -1.57
N VAL T 77 18.23 -32.05 -1.08
CA VAL T 77 18.94 -31.04 -0.29
C VAL T 77 18.22 -30.89 1.04
N GLY T 78 18.99 -30.92 2.13
CA GLY T 78 18.41 -30.80 3.46
C GLY T 78 17.50 -31.94 3.85
N GLY T 79 17.69 -33.12 3.26
CA GLY T 79 16.90 -34.29 3.59
C GLY T 79 15.65 -34.48 2.76
N SER T 80 15.23 -33.48 1.98
CA SER T 80 14.03 -33.57 1.16
C SER T 80 14.42 -33.92 -0.27
N GLU T 81 13.70 -34.87 -0.86
CA GLU T 81 14.06 -35.47 -2.13
C GLU T 81 13.15 -34.97 -3.26
N ILE T 82 13.75 -34.86 -4.44
CA ILE T 82 13.01 -34.65 -5.68
C ILE T 82 13.63 -35.55 -6.74
N LEU T 83 12.81 -36.00 -7.68
CA LEU T 83 13.22 -36.98 -8.68
C LEU T 83 13.15 -36.39 -10.07
N PHE T 84 14.10 -36.78 -10.92
CA PHE T 84 14.07 -36.49 -12.36
C PHE T 84 14.03 -37.85 -13.06
N GLU T 85 12.84 -38.27 -13.45
CA GLU T 85 12.66 -39.62 -13.99
C GLU T 85 13.42 -39.79 -15.29
N VAL T 86 13.95 -41.00 -15.49
CA VAL T 86 14.67 -41.35 -16.71
C VAL T 86 14.27 -42.77 -17.11
N PRO T 87 13.58 -42.98 -18.23
CA PRO T 87 13.15 -44.34 -18.58
C PRO T 87 14.25 -45.16 -19.22
N GLU T 88 14.82 -44.65 -20.31
CA GLU T 88 15.88 -45.34 -21.01
C GLU T 88 17.23 -44.95 -20.41
N VAL T 89 18.05 -45.95 -20.12
CA VAL T 89 19.39 -45.75 -19.56
C VAL T 89 20.39 -46.41 -20.50
N THR T 90 21.29 -45.61 -21.05
CA THR T 90 22.34 -46.09 -21.93
C THR T 90 23.69 -45.85 -21.27
N VAL T 91 24.57 -46.84 -21.33
CA VAL T 91 25.85 -46.78 -20.64
C VAL T 91 26.80 -45.91 -21.45
N ALA T 92 27.21 -44.79 -20.88
CA ALA T 92 28.19 -43.90 -21.48
C ALA T 92 28.55 -42.83 -20.45
N PRO T 93 29.66 -42.12 -20.66
CA PRO T 93 29.95 -40.98 -19.79
C PRO T 93 28.81 -39.97 -19.84
N VAL T 94 28.56 -39.34 -18.70
CA VAL T 94 27.46 -38.38 -18.58
C VAL T 94 27.94 -37.18 -17.76
N HIS T 95 27.42 -36.01 -18.13
CA HIS T 95 27.75 -34.75 -17.48
C HIS T 95 26.48 -34.14 -16.90
N ILE T 96 26.48 -33.89 -15.60
CA ILE T 96 25.34 -33.33 -14.91
C ILE T 96 25.70 -31.98 -14.31
N CYS T 97 24.78 -31.04 -14.38
CA CYS T 97 24.86 -29.77 -13.66
C CYS T 97 23.55 -29.56 -12.94
N THR T 98 23.62 -29.15 -11.67
CA THR T 98 22.44 -28.94 -10.87
C THR T 98 22.66 -27.78 -9.92
N SER T 99 21.64 -26.93 -9.79
CA SER T 99 21.71 -25.72 -8.98
C SER T 99 20.46 -25.62 -8.12
N TRP T 100 20.60 -24.90 -7.02
CA TRP T 100 19.50 -24.70 -6.07
C TRP T 100 19.55 -23.26 -5.57
N GLU T 101 18.37 -22.68 -5.36
CA GLU T 101 18.25 -21.32 -4.84
C GLU T 101 17.28 -21.33 -3.67
N SER T 102 17.65 -20.63 -2.60
CA SER T 102 16.81 -20.61 -1.41
C SER T 102 15.59 -19.72 -1.61
N ALA T 103 15.80 -18.50 -2.10
CA ALA T 103 14.71 -17.54 -2.21
C ALA T 103 13.52 -18.08 -3.00
N SER T 104 13.77 -19.01 -3.92
CA SER T 104 12.73 -19.54 -4.79
C SER T 104 12.51 -21.04 -4.67
N GLY T 105 13.46 -21.79 -4.11
CA GLY T 105 13.37 -23.23 -4.09
C GLY T 105 13.56 -23.90 -5.44
N ILE T 106 13.78 -23.13 -6.49
CA ILE T 106 13.90 -23.69 -7.84
C ILE T 106 15.16 -24.53 -7.94
N VAL T 107 15.03 -25.72 -8.53
CA VAL T 107 16.15 -26.59 -8.82
C VAL T 107 16.16 -26.88 -10.31
N GLU T 108 17.33 -26.71 -10.94
CA GLU T 108 17.55 -27.07 -12.34
C GLU T 108 18.45 -28.30 -12.40
N PHE T 109 18.21 -29.15 -13.40
CA PHE T 109 19.01 -30.35 -13.60
C PHE T 109 19.35 -30.46 -15.08
N TRP T 110 20.63 -30.30 -15.41
CA TRP T 110 21.11 -30.39 -16.78
C TRP T 110 21.84 -31.71 -16.95
N VAL T 111 21.52 -32.42 -18.03
CA VAL T 111 22.18 -33.67 -18.37
C VAL T 111 22.78 -33.53 -19.76
N ASP T 112 24.10 -33.69 -19.85
CA ASP T 112 24.82 -33.53 -21.11
C ASP T 112 24.45 -32.22 -21.80
N GLY T 113 24.41 -31.14 -21.01
CA GLY T 113 24.14 -29.83 -21.53
C GLY T 113 22.71 -29.55 -21.91
N LYS T 114 21.80 -30.48 -21.62
CA LYS T 114 20.39 -30.30 -21.92
C LYS T 114 19.58 -30.24 -20.64
N PRO T 115 18.73 -29.23 -20.46
CA PRO T 115 18.09 -29.02 -19.16
C PRO T 115 16.80 -29.81 -18.98
N ARG T 116 16.59 -30.23 -17.74
CA ARG T 116 15.29 -30.75 -17.33
C ARG T 116 14.43 -29.62 -16.78
N VAL T 117 13.13 -29.88 -16.70
CA VAL T 117 12.22 -28.84 -16.23
C VAL T 117 12.61 -28.41 -14.81
N ARG T 118 12.08 -27.25 -14.41
CA ARG T 118 12.42 -26.67 -13.11
C ARG T 118 11.40 -27.11 -12.07
N LYS T 119 11.89 -27.44 -10.88
CA LYS T 119 11.07 -27.91 -9.77
C LYS T 119 11.46 -27.18 -8.49
N SER T 120 10.64 -27.37 -7.45
CA SER T 120 10.86 -26.75 -6.16
C SER T 120 11.47 -27.73 -5.17
N LEU T 121 12.22 -27.19 -4.21
CA LEU T 121 12.79 -27.99 -3.13
C LEU T 121 13.38 -27.11 -2.05
N LYS T 122 12.87 -27.25 -0.82
CA LYS T 122 13.40 -26.57 0.35
C LYS T 122 13.61 -25.08 0.09
N LYS T 123 12.52 -24.41 -0.21
CA LYS T 123 12.54 -22.95 -0.35
C LYS T 123 12.76 -22.31 1.01
N GLY T 124 13.69 -21.36 1.08
CA GLY T 124 14.00 -20.67 2.30
C GLY T 124 15.01 -21.38 3.18
N TYR T 125 15.47 -22.56 2.79
CA TYR T 125 16.46 -23.30 3.55
C TYR T 125 17.80 -22.57 3.52
N THR T 126 18.72 -23.02 4.35
CA THR T 126 20.07 -22.47 4.41
C THR T 126 21.03 -23.63 4.66
N VAL T 127 21.91 -23.89 3.70
CA VAL T 127 22.79 -25.05 3.75
C VAL T 127 23.96 -24.76 4.69
N GLY T 128 24.36 -25.77 5.46
CA GLY T 128 25.46 -25.60 6.38
C GLY T 128 26.78 -25.44 5.66
N ALA T 129 27.69 -24.71 6.32
CA ALA T 129 28.99 -24.41 5.73
C ALA T 129 30.06 -25.42 6.13
N GLU T 130 30.04 -25.89 7.38
CA GLU T 130 31.04 -26.85 7.86
C GLU T 130 30.59 -28.24 7.44
N ALA T 131 30.98 -28.64 6.23
CA ALA T 131 30.51 -29.86 5.61
C ALA T 131 31.64 -30.85 5.40
N SER T 132 31.25 -32.07 5.05
CA SER T 132 32.18 -33.13 4.68
C SER T 132 31.76 -33.64 3.31
N ILE T 133 32.65 -33.50 2.33
CA ILE T 133 32.35 -33.83 0.94
C ILE T 133 33.08 -35.11 0.60
N ILE T 134 32.34 -36.12 0.13
CA ILE T 134 32.88 -37.44 -0.13
C ILE T 134 32.42 -37.91 -1.51
N LEU T 135 33.33 -38.56 -2.24
CA LEU T 135 33.05 -39.11 -3.55
C LEU T 135 33.28 -40.61 -3.50
N GLY T 136 32.35 -41.37 -4.07
CA GLY T 136 32.45 -42.82 -4.10
C GLY T 136 31.73 -43.53 -2.98
N GLN T 137 31.18 -42.80 -2.01
CA GLN T 137 30.48 -43.41 -0.90
C GLN T 137 29.36 -42.48 -0.47
N GLU T 138 28.37 -43.04 0.22
CA GLU T 138 27.25 -42.29 0.76
C GLU T 138 27.43 -42.12 2.26
N GLN T 139 27.27 -40.88 2.74
CA GLN T 139 27.48 -40.56 4.14
C GLN T 139 26.18 -40.71 4.92
N ASP T 140 26.24 -41.43 6.04
CA ASP T 140 25.18 -41.44 7.03
C ASP T 140 25.53 -40.60 8.24
N SER T 141 26.80 -40.24 8.40
CA SER T 141 27.27 -39.35 9.45
C SER T 141 28.40 -38.51 8.87
N PHE T 142 28.85 -37.52 9.65
CA PHE T 142 29.90 -36.63 9.18
C PHE T 142 31.14 -37.42 8.77
N GLY T 143 31.30 -37.62 7.46
CA GLY T 143 32.48 -38.26 6.92
C GLY T 143 32.68 -39.71 7.28
N GLY T 144 31.60 -40.45 7.54
CA GLY T 144 31.76 -41.85 7.91
C GLY T 144 30.49 -42.64 7.76
N ASN T 145 30.56 -43.92 8.16
CA ASN T 145 29.44 -44.84 8.14
C ASN T 145 28.90 -45.01 6.71
N PHE T 146 29.69 -45.71 5.90
CA PHE T 146 29.37 -45.96 4.50
C PHE T 146 28.65 -47.28 4.32
N GLU T 147 27.71 -47.31 3.38
CA GLU T 147 27.05 -48.55 2.95
C GLU T 147 27.70 -49.00 1.65
N GLY T 148 28.16 -50.26 1.61
CA GLY T 148 28.84 -50.75 0.43
C GLY T 148 27.94 -50.88 -0.77
N SER T 149 26.65 -51.13 -0.56
CA SER T 149 25.71 -51.25 -1.67
C SER T 149 25.36 -49.89 -2.28
N GLN T 150 25.82 -48.79 -1.67
CA GLN T 150 25.68 -47.46 -2.26
C GLN T 150 26.98 -46.96 -2.85
N SER T 151 28.02 -47.79 -2.88
CA SER T 151 29.29 -47.39 -3.45
C SER T 151 29.15 -47.08 -4.93
N LEU T 152 30.06 -46.23 -5.42
CA LEU T 152 30.20 -45.97 -6.85
C LEU T 152 31.40 -46.72 -7.37
N VAL T 153 31.19 -47.54 -8.39
CA VAL T 153 32.25 -48.33 -9.02
C VAL T 153 32.40 -47.82 -10.45
N GLY T 154 33.46 -47.07 -10.70
CA GLY T 154 33.72 -46.53 -12.01
C GLY T 154 34.52 -45.24 -11.91
N ASP T 155 34.28 -44.36 -12.87
CA ASP T 155 35.03 -43.12 -13.00
C ASP T 155 34.19 -41.94 -12.54
N ILE T 156 34.84 -40.98 -11.89
CA ILE T 156 34.24 -39.69 -11.55
C ILE T 156 35.31 -38.63 -11.57
N GLY T 157 34.97 -37.45 -12.06
CA GLY T 157 35.93 -36.37 -12.14
C GLY T 157 35.26 -35.09 -12.58
N ASN T 158 36.08 -34.05 -12.74
CA ASN T 158 35.63 -32.75 -13.24
C ASN T 158 34.59 -32.13 -12.32
N VAL T 159 34.65 -32.44 -11.02
CA VAL T 159 33.67 -31.90 -10.08
C VAL T 159 34.05 -30.46 -9.76
N ASN T 160 33.07 -29.57 -9.84
CA ASN T 160 33.28 -28.15 -9.58
C ASN T 160 32.02 -27.60 -8.94
N MET T 161 32.19 -26.71 -7.97
CA MET T 161 31.07 -26.19 -7.19
C MET T 161 31.16 -24.68 -7.10
N TRP T 162 30.02 -24.01 -7.32
CA TRP T 162 29.86 -22.59 -7.10
C TRP T 162 28.97 -22.36 -5.88
N ASP T 163 28.84 -21.09 -5.51
CA ASP T 163 27.92 -20.69 -4.44
C ASP T 163 26.78 -19.83 -4.96
N PHE T 164 26.55 -19.83 -6.28
CA PHE T 164 25.41 -19.15 -6.88
C PHE T 164 24.84 -20.04 -7.98
N VAL T 165 23.88 -19.51 -8.72
CA VAL T 165 23.17 -20.26 -9.75
C VAL T 165 23.72 -19.88 -11.11
N LEU T 166 24.10 -20.87 -11.90
CA LEU T 166 24.65 -20.64 -13.23
C LEU T 166 23.53 -20.48 -14.25
N SER T 167 23.70 -19.53 -15.16
CA SER T 167 22.72 -19.30 -16.20
C SER T 167 22.86 -20.34 -17.31
N PRO T 168 21.80 -20.52 -18.12
CA PRO T 168 21.93 -21.44 -19.27
C PRO T 168 23.18 -21.18 -20.10
N ASP T 169 23.46 -19.92 -20.41
CA ASP T 169 24.64 -19.61 -21.23
C ASP T 169 25.92 -20.07 -20.53
N GLU T 170 25.98 -19.92 -19.21
CA GLU T 170 27.17 -20.37 -18.49
C GLU T 170 27.27 -21.89 -18.52
N ILE T 171 26.17 -22.59 -18.20
CA ILE T 171 26.18 -24.05 -18.22
C ILE T 171 26.68 -24.56 -19.57
N ASN T 172 26.29 -23.88 -20.65
CA ASN T 172 26.71 -24.31 -21.98
C ASN T 172 28.23 -24.35 -22.10
N THR T 173 28.89 -23.24 -21.72
CA THR T 173 30.34 -23.19 -21.85
C THR T 173 31.04 -24.25 -21.01
N ILE T 174 30.51 -24.55 -19.81
CA ILE T 174 31.14 -25.58 -18.98
C ILE T 174 31.08 -26.94 -19.69
N TYR T 175 29.91 -27.27 -20.26
CA TYR T 175 29.76 -28.57 -20.91
C TYR T 175 30.55 -28.63 -22.21
N LEU T 176 30.48 -27.59 -23.03
CA LEU T 176 31.10 -27.61 -24.35
C LEU T 176 32.62 -27.54 -24.28
N GLY T 177 33.17 -27.22 -23.12
CA GLY T 177 34.61 -27.17 -22.92
C GLY T 177 35.11 -25.74 -22.84
N GLY T 178 34.28 -24.86 -22.30
CA GLY T 178 34.61 -23.46 -22.20
C GLY T 178 35.22 -23.09 -20.86
N PRO T 179 35.74 -21.87 -20.74
CA PRO T 179 36.42 -21.43 -19.52
C PRO T 179 35.44 -20.99 -18.44
N PHE T 180 35.47 -21.67 -17.30
CA PHE T 180 34.63 -21.36 -16.16
C PHE T 180 35.47 -21.25 -14.89
N SER T 181 35.00 -20.41 -13.95
CA SER T 181 35.72 -20.14 -12.70
C SER T 181 34.92 -20.51 -11.46
N PRO T 182 35.11 -21.69 -10.88
CA PRO T 182 34.46 -22.01 -9.61
C PRO T 182 35.00 -21.19 -8.44
N ASN T 183 34.14 -21.03 -7.41
CA ASN T 183 34.53 -20.33 -6.19
C ASN T 183 34.27 -21.13 -4.93
N VAL T 184 34.00 -22.44 -5.03
CA VAL T 184 33.85 -23.31 -3.87
C VAL T 184 34.74 -24.52 -4.04
N LEU T 185 34.51 -25.29 -5.11
CA LEU T 185 35.35 -26.43 -5.48
C LEU T 185 35.89 -26.17 -6.88
N ASN T 186 37.20 -26.35 -7.04
CA ASN T 186 37.87 -26.07 -8.31
C ASN T 186 38.71 -27.28 -8.68
N TRP T 187 38.38 -27.91 -9.81
CA TRP T 187 39.16 -29.05 -10.27
C TRP T 187 40.62 -28.67 -10.51
N ARG T 188 40.86 -27.45 -11.00
CA ARG T 188 42.21 -26.99 -11.29
C ARG T 188 42.96 -26.56 -10.04
N ALA T 189 42.34 -26.62 -8.87
CA ALA T 189 42.99 -26.23 -7.63
C ALA T 189 42.33 -26.97 -6.46
N LEU T 190 42.40 -28.29 -6.49
CA LEU T 190 41.66 -29.13 -5.55
C LEU T 190 42.51 -29.50 -4.34
N LYS T 191 41.96 -29.24 -3.16
CA LYS T 191 42.52 -29.74 -1.91
C LYS T 191 41.68 -30.95 -1.49
N TYR T 192 42.24 -32.14 -1.67
CA TYR T 192 41.50 -33.38 -1.46
C TYR T 192 42.33 -34.35 -0.61
N GLU T 193 41.72 -35.49 -0.29
CA GLU T 193 42.32 -36.50 0.58
C GLU T 193 41.81 -37.87 0.16
N VAL T 194 42.73 -38.78 -0.20
CA VAL T 194 42.39 -40.10 -0.70
C VAL T 194 42.38 -41.10 0.45
N GLN T 195 41.52 -42.10 0.35
CA GLN T 195 41.44 -43.19 1.33
C GLN T 195 40.92 -44.43 0.64
N GLY T 196 41.59 -45.56 0.86
CA GLY T 196 41.15 -46.83 0.30
C GLY T 196 41.70 -47.09 -1.08
N GLU T 197 41.00 -47.98 -1.79
CA GLU T 197 41.41 -48.43 -3.13
C GLU T 197 40.83 -47.47 -4.16
N VAL T 198 41.55 -46.39 -4.42
CA VAL T 198 41.18 -45.42 -5.45
C VAL T 198 42.44 -44.96 -6.17
N PHE T 199 42.29 -44.67 -7.46
CA PHE T 199 43.43 -44.33 -8.31
C PHE T 199 43.11 -43.07 -9.10
N THR T 200 44.18 -42.43 -9.59
CA THR T 200 44.08 -41.21 -10.40
C THR T 200 44.68 -41.52 -11.77
N LYS T 201 43.84 -41.52 -12.80
CA LYS T 201 44.27 -41.86 -14.15
C LYS T 201 43.69 -40.87 -15.15
N PRO T 202 44.20 -40.82 -16.38
CA PRO T 202 43.62 -39.91 -17.38
C PRO T 202 42.14 -40.19 -17.58
N GLN T 203 41.38 -39.12 -17.81
CA GLN T 203 39.94 -39.25 -17.93
C GLN T 203 39.57 -39.93 -19.24
N LEU T 204 38.43 -40.62 -19.23
CA LEU T 204 38.00 -41.41 -20.38
C LEU T 204 37.15 -40.61 -21.35
N TRP T 205 36.34 -39.69 -20.84
CA TRP T 205 35.50 -38.85 -21.67
C TRP T 205 36.29 -37.69 -22.25
N PRO T 206 35.78 -37.07 -23.33
CA PRO T 206 36.43 -35.87 -23.86
C PRO T 206 36.22 -34.66 -22.94
#